data_8AE1
#
_entry.id   8AE1
#
_cell.length_a   1.00
_cell.length_b   1.00
_cell.length_c   1.00
_cell.angle_alpha   90.00
_cell.angle_beta   90.00
_cell.angle_gamma   90.00
#
_symmetry.space_group_name_H-M   'P 1'
#
loop_
_entity.id
_entity.type
_entity.pdbx_description
1 polymer 'S-layer protein SlpA'
2 non-polymer 'CALCIUM ION'
#
_entity_poly.entity_id   1
_entity_poly.type   'polypeptide(L)'
_entity_poly.pdbx_seq_one_letter_code
;MKKSLIALTTALSFGLAAAQTAAPVSAPQVPALTDVPAGHWAKDAIDRLVSRGVILGYPDGTFRGTQNLTRYEAAIIIAR
LLDQMRDGETPAGMTAEDMTALQNAIQELAADLAALGVRVSDLEANAVSKDDFARLEARIEEVAAAGGEQGATEALQGQI
DDLTARVDEYDALRADVDDNASSIAALNDLTVLLNQDILDLQDRVSAVEAAQADFVQRSDFDALGGRVTTVETRVETVNN
SLTGRIAALERNAFSVKPSLTIGYSVSRTSRNFDVDRLFPLNADGTVANNAFTSGGIDTDTGAQRRDFGDFGNASDPVVA
GAAGLYGFADGVSYTVYFTDGSTATFDGLNPADYKVPTGKVIDTTKGRNGFGFNNLARYKEGSTDIGISLGFDTSGQFSQ
VTSGTGGSLFSTAGRLQVNQIDLNFGLVTGLPSDAYVDTNGNGKKDDGEATGRGTYLGSGGTAAILRDPAGNVYRPVFFR
FKNATTQFSVGNNPVIVTLGQQQKFYFSDYVFDNNYDGRGDGFTVTVDGSNVPVIGAWKPQIKGVYGSRSGLDGTAEAGY
GVYYRGVRAQITPVGTLTAGIHYAQEGRDMFGAAQNTTSTPSDVTTYGADLHGKAFGVELHSEYATSRVRPNTANAAVQT
SNAFYARVATRKDNLAFDLNTPAAKFGNDTFGVSLYDLNYRKIDAGYNNVAGISEYGYGSYSRTSAQNIAYNPDTGVTAP
FANLDRQAYTDANNDGTSDRNADGTVVATNTKIGQMGFGVKAAANLGPVAIGGYYDTSTGANGDNANRMTEAGGSAKVAY
SIFSLRGTYNTLDSNRPQIYRDAAGTQIIGDAKVRRYAVQADVTPGLGLFVGAYYRDVNVNGVRSTTDRGLLGRGYLASS
FEPGVGNNAYRTGLRCADNNFGTGTRDIDGVGGVLNPAVNLDQSRTATCFTSYGVEAGHAGDNANALVKDLFFRVGYSRV
YVPTTATATTGDFSGSVTYGDARYDRKVGVANVRLAGSFSTTNTQLDSRPAGTRGAVGLIVRTDPLENVPFRPQFNGQVG
YYTADNRVAAGNYNANATKYGAGVVLNDFLLPQTKIGVRYDGYMAQNRQYTPFDGDGTQGYFSDANNNRRTNLNGVYVEG
AYQDLIFSYGTYTLSQKDLNGVEYGSGINNGQPARGQTFKISYKVNF
;
_entity_poly.pdbx_strand_id   A,B,C
#
loop_
_chem_comp.id
_chem_comp.type
_chem_comp.name
_chem_comp.formula
CA non-polymer 'CALCIUM ION' 'Ca 2'
#
# COMPACT_ATOMS: atom_id res chain seq x y z
N PHE A 215 -22.48 -74.69 2.26
CA PHE A 215 -23.12 -73.57 2.95
C PHE A 215 -22.13 -72.86 3.87
N VAL A 216 -22.61 -71.89 4.63
CA VAL A 216 -21.77 -71.08 5.51
C VAL A 216 -22.34 -71.13 6.92
N GLN A 217 -21.45 -71.18 7.90
CA GLN A 217 -21.85 -71.26 9.29
C GLN A 217 -22.31 -69.90 9.81
N ARG A 218 -22.98 -69.93 10.97
CA ARG A 218 -23.48 -68.70 11.56
C ARG A 218 -22.36 -67.79 12.05
N SER A 219 -21.27 -68.38 12.55
CA SER A 219 -20.17 -67.57 13.09
C SER A 219 -19.54 -66.69 12.02
N ASP A 220 -19.34 -67.24 10.82
CA ASP A 220 -18.75 -66.45 9.73
C ASP A 220 -19.65 -65.31 9.33
N PHE A 221 -20.96 -65.55 9.26
CA PHE A 221 -21.90 -64.48 8.91
C PHE A 221 -21.91 -63.40 9.98
N ASP A 222 -21.90 -63.78 11.25
CA ASP A 222 -21.89 -62.79 12.32
C ASP A 222 -20.56 -62.04 12.35
N ALA A 223 -19.47 -62.73 12.04
CA ALA A 223 -18.16 -62.06 11.99
C ALA A 223 -18.15 -60.99 10.90
N LEU A 224 -18.73 -61.30 9.74
CA LEU A 224 -18.81 -60.32 8.66
C LEU A 224 -19.75 -59.18 9.00
N GLY A 225 -20.77 -59.45 9.84
CA GLY A 225 -21.67 -58.39 10.26
C GLY A 225 -20.98 -57.31 11.06
N GLY A 226 -19.96 -57.68 11.85
CA GLY A 226 -19.22 -56.69 12.59
C GLY A 226 -18.44 -55.74 11.71
N ARG A 227 -17.82 -56.28 10.65
CA ARG A 227 -17.07 -55.43 9.73
C ARG A 227 -17.97 -54.44 9.02
N VAL A 228 -19.15 -54.88 8.58
CA VAL A 228 -20.08 -53.99 7.91
C VAL A 228 -20.52 -52.87 8.84
N THR A 229 -20.85 -53.21 10.09
CA THR A 229 -21.24 -52.20 11.05
C THR A 229 -20.10 -51.24 11.36
N THR A 230 -18.88 -51.76 11.47
CA THR A 230 -17.73 -50.92 11.75
C THR A 230 -17.48 -49.92 10.62
N VAL A 231 -17.59 -50.38 9.37
CA VAL A 231 -17.37 -49.49 8.23
C VAL A 231 -18.43 -48.40 8.19
N GLU A 232 -19.69 -48.76 8.50
CA GLU A 232 -20.76 -47.78 8.52
C GLU A 232 -20.46 -46.65 9.49
N THR A 233 -19.75 -46.93 10.59
CA THR A 233 -19.35 -45.88 11.50
C THR A 233 -18.23 -45.03 10.91
N ARG A 234 -17.23 -45.66 10.30
CA ARG A 234 -16.07 -44.93 9.79
C ARG A 234 -16.45 -44.04 8.61
N VAL A 235 -17.36 -44.52 7.74
CA VAL A 235 -17.73 -43.74 6.55
C VAL A 235 -18.40 -42.44 6.95
N GLU A 236 -18.99 -42.37 8.14
CA GLU A 236 -19.59 -41.14 8.63
C GLU A 236 -18.65 -40.34 9.50
N THR A 237 -17.80 -41.01 10.28
CA THR A 237 -16.79 -40.31 11.05
C THR A 237 -15.81 -39.59 10.13
N VAL A 238 -15.38 -40.25 9.05
CA VAL A 238 -14.47 -39.62 8.10
C VAL A 238 -15.12 -38.41 7.45
N ASN A 239 -16.39 -38.55 7.04
CA ASN A 239 -17.09 -37.43 6.43
C ASN A 239 -17.23 -36.26 7.40
N ASN A 240 -17.58 -36.56 8.66
CA ASN A 240 -17.72 -35.48 9.65
C ASN A 240 -16.37 -34.86 9.99
N SER A 241 -15.32 -35.68 10.09
CA SER A 241 -14.00 -35.15 10.43
C SER A 241 -13.48 -34.21 9.36
N LEU A 242 -13.65 -34.57 8.09
CA LEU A 242 -13.18 -33.71 7.00
C LEU A 242 -14.06 -32.49 6.81
N THR A 243 -15.37 -32.62 7.03
CA THR A 243 -16.26 -31.47 6.92
C THR A 243 -15.94 -30.43 7.99
N GLY A 244 -15.42 -30.85 9.13
CA GLY A 244 -15.01 -29.90 10.15
C GLY A 244 -13.80 -29.08 9.73
N ARG A 245 -12.84 -29.71 9.05
CA ARG A 245 -11.63 -29.01 8.63
C ARG A 245 -11.92 -28.07 7.46
N ILE A 246 -12.80 -28.49 6.55
CA ILE A 246 -13.12 -27.65 5.40
C ILE A 246 -13.90 -26.43 5.83
N ALA A 247 -14.79 -26.58 6.83
CA ALA A 247 -15.58 -25.45 7.30
C ALA A 247 -14.69 -24.36 7.88
N ALA A 248 -13.66 -24.75 8.64
CA ALA A 248 -12.74 -23.76 9.19
C ALA A 248 -11.93 -23.08 8.10
N LEU A 249 -11.55 -23.83 7.06
CA LEU A 249 -10.79 -23.24 5.95
C LEU A 249 -11.63 -22.21 5.20
N GLU A 250 -12.92 -22.51 5.00
CA GLU A 250 -13.79 -21.57 4.27
C GLU A 250 -14.05 -20.32 5.08
N ARG A 251 -14.00 -20.41 6.41
CA ARG A 251 -14.21 -19.24 7.25
C ARG A 251 -13.12 -18.20 7.05
N ASN A 252 -11.87 -18.65 6.90
CA ASN A 252 -10.73 -17.77 6.71
C ASN A 252 -10.31 -17.65 5.25
N ALA A 253 -11.27 -17.68 4.33
CA ALA A 253 -10.99 -17.67 2.90
C ALA A 253 -11.43 -16.35 2.27
N PHE A 254 -10.76 -15.99 1.18
CA PHE A 254 -11.07 -14.79 0.42
C PHE A 254 -11.69 -15.17 -0.91
N SER A 255 -12.80 -14.53 -1.24
CA SER A 255 -13.50 -14.78 -2.50
C SER A 255 -13.00 -13.78 -3.54
N VAL A 256 -12.17 -14.25 -4.46
CA VAL A 256 -11.60 -13.39 -5.50
C VAL A 256 -12.65 -13.15 -6.56
N LYS A 257 -12.95 -11.88 -6.85
CA LYS A 257 -13.92 -11.50 -7.85
C LYS A 257 -13.34 -10.42 -8.76
N PRO A 258 -12.62 -10.82 -9.81
CA PRO A 258 -12.12 -9.85 -10.78
C PRO A 258 -13.24 -9.33 -11.66
N SER A 259 -12.98 -8.18 -12.28
CA SER A 259 -13.95 -7.52 -13.15
C SER A 259 -13.28 -7.09 -14.43
N LEU A 260 -14.08 -6.97 -15.49
CA LEU A 260 -13.58 -6.58 -16.80
C LEU A 260 -14.66 -5.81 -17.53
N THR A 261 -14.26 -4.72 -18.19
CA THR A 261 -15.17 -3.89 -18.97
C THR A 261 -14.62 -3.72 -20.39
N ILE A 262 -15.53 -3.56 -21.33
CA ILE A 262 -15.16 -3.41 -22.74
C ILE A 262 -16.27 -2.65 -23.45
N GLY A 263 -15.87 -1.75 -24.34
CA GLY A 263 -16.84 -0.98 -25.10
C GLY A 263 -16.21 0.16 -25.88
N TYR A 264 -16.86 0.56 -26.96
CA TYR A 264 -16.39 1.64 -27.83
C TYR A 264 -17.42 2.75 -27.84
N SER A 265 -16.95 3.99 -27.97
CA SER A 265 -17.85 5.13 -27.93
C SER A 265 -17.22 6.31 -28.66
N VAL A 266 -18.04 7.03 -29.41
CA VAL A 266 -17.66 8.28 -30.06
C VAL A 266 -18.87 9.19 -30.07
N SER A 267 -18.65 10.49 -29.88
CA SER A 267 -19.75 11.43 -29.81
C SER A 267 -19.28 12.81 -30.22
N ARG A 268 -20.09 13.49 -31.02
CA ARG A 268 -19.80 14.83 -31.49
C ARG A 268 -21.05 15.68 -31.37
N THR A 269 -20.86 16.97 -31.06
CA THR A 269 -21.99 17.88 -30.95
C THR A 269 -21.51 19.32 -31.14
N SER A 270 -22.30 20.10 -31.88
CA SER A 270 -22.02 21.52 -32.02
C SER A 270 -22.36 22.26 -30.74
N ARG A 271 -23.46 21.89 -30.10
CA ARG A 271 -23.86 22.44 -28.81
C ARG A 271 -24.51 21.31 -28.00
N ASN A 272 -24.28 21.31 -26.71
CA ASN A 272 -24.73 20.22 -25.85
C ASN A 272 -26.14 20.51 -25.34
N PHE A 273 -27.10 19.68 -25.74
CA PHE A 273 -28.49 19.83 -25.34
C PHE A 273 -29.02 18.48 -24.86
N ASP A 274 -30.27 18.48 -24.41
CA ASP A 274 -30.87 17.32 -23.78
C ASP A 274 -31.89 16.66 -24.71
N VAL A 275 -31.91 15.33 -24.71
CA VAL A 275 -32.82 14.56 -25.53
C VAL A 275 -33.68 13.60 -24.73
N ASP A 276 -33.53 13.55 -23.40
CA ASP A 276 -34.35 12.67 -22.58
C ASP A 276 -35.80 13.11 -22.50
N ARG A 277 -36.11 14.33 -22.96
CA ARG A 277 -37.48 14.82 -22.98
C ARG A 277 -38.27 14.34 -24.19
N LEU A 278 -37.64 13.58 -25.09
CA LEU A 278 -38.30 13.05 -26.26
C LEU A 278 -38.80 11.63 -26.10
N PHE A 279 -38.33 10.92 -25.08
CA PHE A 279 -38.60 9.50 -24.93
C PHE A 279 -39.89 9.26 -24.16
N PRO A 280 -40.54 8.12 -24.38
CA PRO A 280 -41.82 7.86 -23.71
C PRO A 280 -41.68 7.73 -22.21
N LEU A 281 -42.76 8.05 -21.51
CA LEU A 281 -42.82 8.01 -20.06
C LEU A 281 -43.55 6.75 -19.61
N ASN A 282 -42.91 5.99 -18.72
CA ASN A 282 -43.52 4.76 -18.21
C ASN A 282 -44.68 5.10 -17.27
N ALA A 283 -45.42 4.06 -16.89
CA ALA A 283 -46.57 4.25 -16.01
C ALA A 283 -46.16 4.76 -14.64
N ASP A 284 -44.95 4.45 -14.18
CA ASP A 284 -44.46 4.92 -12.90
C ASP A 284 -43.92 6.34 -12.96
N GLY A 285 -43.85 6.95 -14.14
CA GLY A 285 -43.40 8.31 -14.28
C GLY A 285 -41.96 8.50 -14.66
N THR A 286 -41.26 7.45 -15.07
CA THR A 286 -39.86 7.52 -15.48
C THR A 286 -39.75 7.38 -16.98
N VAL A 287 -38.81 8.11 -17.58
CA VAL A 287 -38.61 8.03 -19.02
C VAL A 287 -37.98 6.69 -19.39
N ALA A 288 -38.19 6.29 -20.64
CA ALA A 288 -37.64 5.03 -21.13
C ALA A 288 -36.12 5.11 -21.21
N ASN A 289 -35.48 3.96 -21.04
CA ASN A 289 -34.02 3.89 -21.07
C ASN A 289 -33.50 4.06 -22.50
N ASN A 290 -32.31 4.64 -22.59
CA ASN A 290 -31.60 4.75 -23.86
C ASN A 290 -30.11 4.74 -23.58
N ALA A 291 -29.32 4.53 -24.63
CA ALA A 291 -27.88 4.41 -24.50
C ALA A 291 -27.18 5.76 -24.46
N PHE A 292 -27.89 6.87 -24.67
CA PHE A 292 -27.31 8.19 -24.76
C PHE A 292 -27.79 9.09 -23.63
N THR A 293 -27.82 8.58 -22.40
CA THR A 293 -28.30 9.34 -21.26
C THR A 293 -27.17 9.55 -20.26
N SER A 294 -26.66 10.77 -20.22
CA SER A 294 -25.76 11.20 -19.15
C SER A 294 -26.54 11.97 -18.09
N GLY A 295 -27.58 11.31 -17.56
CA GLY A 295 -28.52 11.96 -16.69
C GLY A 295 -28.30 11.61 -15.23
N GLY A 296 -28.18 12.65 -14.41
CA GLY A 296 -28.04 12.47 -12.98
C GLY A 296 -29.34 12.67 -12.25
N ILE A 297 -29.97 11.57 -11.84
CA ILE A 297 -31.22 11.64 -11.08
C ILE A 297 -30.86 11.82 -9.61
N ASP A 298 -31.39 12.89 -9.01
CA ASP A 298 -31.14 13.20 -7.60
C ASP A 298 -32.43 13.73 -6.99
N THR A 299 -33.09 12.89 -6.20
CA THR A 299 -34.34 13.31 -5.57
C THR A 299 -34.11 14.33 -4.45
N ASP A 300 -32.90 14.43 -3.93
CA ASP A 300 -32.63 15.39 -2.86
C ASP A 300 -32.67 16.82 -3.38
N THR A 301 -32.10 17.06 -4.56
CA THR A 301 -32.03 18.40 -5.12
C THR A 301 -33.00 18.60 -6.28
N GLY A 302 -33.87 17.63 -6.56
CA GLY A 302 -34.83 17.76 -7.63
C GLY A 302 -34.28 17.55 -9.01
N ALA A 303 -33.04 17.13 -9.14
CA ALA A 303 -32.45 16.90 -10.45
C ALA A 303 -33.11 15.69 -11.13
N GLN A 304 -33.18 15.75 -12.45
CA GLN A 304 -33.76 14.68 -13.25
C GLN A 304 -32.89 14.45 -14.48
N ARG A 305 -33.20 13.39 -15.21
CA ARG A 305 -32.41 13.05 -16.40
C ARG A 305 -32.62 14.02 -17.55
N ARG A 306 -33.66 14.86 -17.49
CA ARG A 306 -33.94 15.82 -18.55
C ARG A 306 -33.28 17.17 -18.32
N ASP A 307 -32.50 17.33 -17.26
CA ASP A 307 -31.91 18.60 -16.89
C ASP A 307 -30.44 18.71 -17.29
N PHE A 308 -29.91 17.75 -18.03
CA PHE A 308 -28.48 17.73 -18.35
C PHE A 308 -28.28 17.30 -19.80
N GLY A 309 -27.21 17.81 -20.39
CA GLY A 309 -26.87 17.44 -21.75
C GLY A 309 -26.40 16.00 -21.86
N ASP A 310 -26.44 15.47 -23.08
CA ASP A 310 -26.23 14.04 -23.30
C ASP A 310 -25.33 13.72 -24.48
N PHE A 311 -24.72 14.72 -25.13
CA PHE A 311 -24.09 14.47 -26.42
C PHE A 311 -22.58 14.58 -26.44
N GLY A 312 -21.97 15.21 -25.46
CA GLY A 312 -20.53 15.22 -25.35
C GLY A 312 -20.03 14.14 -24.41
N ASN A 313 -18.89 14.40 -23.78
CA ASN A 313 -18.44 13.60 -22.65
C ASN A 313 -18.72 14.30 -21.33
N ALA A 314 -19.40 15.44 -21.36
CA ALA A 314 -19.72 16.21 -20.17
C ALA A 314 -21.23 16.31 -20.01
N SER A 315 -21.68 16.38 -18.77
CA SER A 315 -23.10 16.51 -18.45
C SER A 315 -23.40 17.98 -18.18
N ASP A 316 -23.49 18.74 -19.25
CA ASP A 316 -23.73 20.19 -19.13
C ASP A 316 -25.18 20.45 -18.77
N PRO A 317 -25.46 21.10 -17.63
CA PRO A 317 -26.85 21.39 -17.29
C PRO A 317 -27.44 22.45 -18.19
N VAL A 318 -28.71 22.26 -18.55
CA VAL A 318 -29.40 23.26 -19.37
C VAL A 318 -29.56 24.55 -18.57
N VAL A 319 -29.75 25.64 -19.31
CA VAL A 319 -29.80 26.98 -18.73
C VAL A 319 -31.08 27.67 -19.16
N ALA A 320 -31.79 28.24 -18.20
CA ALA A 320 -33.02 28.98 -18.49
C ALA A 320 -32.70 30.35 -19.06
N GLY A 321 -33.63 30.88 -19.83
CA GLY A 321 -33.48 32.18 -20.45
C GLY A 321 -32.92 32.08 -21.86
N ALA A 322 -32.84 33.25 -22.49
CA ALA A 322 -32.38 33.32 -23.88
C ALA A 322 -30.96 32.81 -24.05
N ALA A 323 -30.15 32.84 -23.00
CA ALA A 323 -28.77 32.36 -23.09
C ALA A 323 -28.73 30.85 -23.36
N GLY A 324 -29.63 30.09 -22.73
CA GLY A 324 -29.63 28.65 -22.88
C GLY A 324 -30.78 28.13 -23.71
N LEU A 325 -31.23 28.91 -24.69
CA LEU A 325 -32.33 28.52 -25.57
C LEU A 325 -33.59 28.21 -24.78
N TYR A 326 -33.81 28.95 -23.70
CA TYR A 326 -35.00 28.81 -22.84
C TYR A 326 -35.10 27.39 -22.27
N GLY A 327 -34.03 26.95 -21.62
CA GLY A 327 -34.02 25.68 -20.93
C GLY A 327 -33.90 24.45 -21.81
N PHE A 328 -33.57 24.62 -23.09
CA PHE A 328 -33.47 23.50 -24.01
C PHE A 328 -32.03 23.11 -24.35
N ALA A 329 -31.04 23.93 -24.01
CA ALA A 329 -29.66 23.65 -24.39
C ALA A 329 -28.72 24.34 -23.42
N ASP A 330 -27.44 24.01 -23.53
CA ASP A 330 -26.42 24.62 -22.69
C ASP A 330 -26.34 26.11 -22.94
N GLY A 331 -26.06 26.88 -21.88
CA GLY A 331 -26.11 28.32 -21.96
C GLY A 331 -24.81 28.95 -22.43
N VAL A 332 -24.96 30.07 -23.15
CA VAL A 332 -23.80 30.83 -23.61
C VAL A 332 -23.14 31.52 -22.44
N SER A 333 -21.81 31.63 -22.49
CA SER A 333 -21.07 32.31 -21.45
C SER A 333 -19.79 32.89 -22.04
N TYR A 334 -19.22 33.86 -21.34
CA TYR A 334 -17.98 34.51 -21.74
C TYR A 334 -17.01 34.50 -20.57
N THR A 335 -15.72 34.60 -20.89
CA THR A 335 -14.69 34.78 -19.89
C THR A 335 -14.22 36.23 -19.90
N VAL A 336 -13.92 36.76 -18.72
CA VAL A 336 -13.58 38.17 -18.54
C VAL A 336 -12.09 38.26 -18.23
N TYR A 337 -11.38 39.06 -19.02
CA TYR A 337 -9.93 39.18 -18.91
C TYR A 337 -9.60 40.43 -18.09
N PHE A 338 -9.35 40.24 -16.81
CA PHE A 338 -8.98 41.33 -15.93
C PHE A 338 -7.48 41.62 -16.02
N THR A 339 -7.11 42.82 -15.60
CA THR A 339 -5.70 43.17 -15.50
C THR A 339 -5.08 42.45 -14.31
N ASP A 340 -3.74 42.35 -14.32
CA ASP A 340 -2.96 41.70 -13.27
C ASP A 340 -3.25 40.20 -13.24
N GLY A 341 -3.41 39.61 -14.41
CA GLY A 341 -3.47 38.17 -14.57
C GLY A 341 -4.57 37.45 -13.81
N SER A 342 -5.79 37.96 -13.88
CA SER A 342 -6.94 37.30 -13.28
C SER A 342 -8.08 37.24 -14.29
N THR A 343 -8.91 36.21 -14.16
CA THR A 343 -10.01 35.99 -15.08
C THR A 343 -11.28 35.65 -14.31
N ALA A 344 -12.42 35.93 -14.92
CA ALA A 344 -13.73 35.61 -14.36
C ALA A 344 -14.66 35.20 -15.49
N THR A 345 -15.71 34.47 -15.13
CA THR A 345 -16.65 33.93 -16.09
C THR A 345 -17.98 34.70 -16.01
N PHE A 346 -18.43 35.20 -17.15
CA PHE A 346 -19.71 35.87 -17.26
C PHE A 346 -20.70 34.93 -17.93
N ASP A 347 -21.83 34.69 -17.25
CA ASP A 347 -22.78 33.65 -17.66
C ASP A 347 -23.99 34.21 -18.40
N GLY A 348 -23.79 35.23 -19.22
CA GLY A 348 -24.89 35.81 -19.96
C GLY A 348 -24.73 35.74 -21.47
N LEU A 349 -25.64 36.38 -22.20
CA LEU A 349 -25.61 36.39 -23.65
C LEU A 349 -25.03 37.67 -24.24
N ASN A 350 -25.22 38.80 -23.56
CA ASN A 350 -24.73 40.09 -24.05
C ASN A 350 -23.58 40.56 -23.17
N PRO A 351 -22.38 40.78 -23.71
CA PRO A 351 -21.26 41.21 -22.86
C PRO A 351 -21.35 42.67 -22.43
N ALA A 352 -22.34 43.43 -22.92
CA ALA A 352 -22.53 44.82 -22.54
C ALA A 352 -23.38 44.97 -21.29
N ASP A 353 -23.70 43.88 -20.62
CA ASP A 353 -24.50 43.92 -19.40
C ASP A 353 -23.75 43.39 -18.18
N TYR A 354 -22.42 43.33 -18.24
CA TYR A 354 -21.61 42.85 -17.13
C TYR A 354 -21.23 44.01 -16.23
N LYS A 355 -21.41 43.83 -14.92
CA LYS A 355 -20.94 44.80 -13.94
C LYS A 355 -19.52 44.44 -13.52
N VAL A 356 -18.65 45.43 -13.48
CA VAL A 356 -17.24 45.25 -13.12
C VAL A 356 -17.14 45.36 -11.61
N PRO A 357 -16.66 44.33 -10.90
CA PRO A 357 -16.48 44.45 -9.45
C PRO A 357 -15.46 45.53 -9.11
N THR A 358 -15.71 46.21 -7.99
CA THR A 358 -14.82 47.27 -7.56
C THR A 358 -13.45 46.71 -7.20
N GLY A 359 -12.40 47.38 -7.66
CA GLY A 359 -11.04 46.94 -7.45
C GLY A 359 -10.41 46.19 -8.60
N LYS A 360 -11.14 46.00 -9.70
CA LYS A 360 -10.64 45.30 -10.87
C LYS A 360 -10.98 46.08 -12.13
N VAL A 361 -10.15 45.92 -13.15
CA VAL A 361 -10.36 46.54 -14.46
C VAL A 361 -10.03 45.52 -15.54
N ILE A 362 -10.85 45.49 -16.59
CA ILE A 362 -10.68 44.52 -17.66
C ILE A 362 -9.57 44.98 -18.59
N ASP A 363 -8.81 44.03 -19.13
CA ASP A 363 -7.77 44.32 -20.11
C ASP A 363 -8.40 44.29 -21.50
N THR A 364 -8.44 45.46 -22.16
CA THR A 364 -9.12 45.56 -23.44
C THR A 364 -8.38 44.80 -24.54
N THR A 365 -7.06 44.68 -24.44
CA THR A 365 -6.27 44.08 -25.51
C THR A 365 -6.62 42.62 -25.71
N LYS A 366 -6.74 41.86 -24.62
CA LYS A 366 -7.03 40.43 -24.73
C LYS A 366 -8.48 40.21 -25.12
N GLY A 367 -8.69 39.35 -26.12
CA GLY A 367 -10.03 39.03 -26.56
C GLY A 367 -10.74 40.22 -27.20
N ARG A 368 -12.06 40.13 -27.25
CA ARG A 368 -12.90 41.21 -27.75
C ARG A 368 -13.25 42.10 -26.56
N ASN A 369 -12.44 43.14 -26.34
CA ASN A 369 -12.64 44.08 -25.25
C ASN A 369 -12.64 43.38 -23.90
N GLY A 370 -11.78 42.37 -23.75
CA GLY A 370 -11.66 41.65 -22.51
C GLY A 370 -12.65 40.52 -22.32
N PHE A 371 -13.47 40.22 -23.32
CA PHE A 371 -14.49 39.19 -23.23
C PHE A 371 -14.21 38.13 -24.28
N GLY A 372 -13.88 36.92 -23.83
CA GLY A 372 -13.59 35.80 -24.71
C GLY A 372 -14.74 34.81 -24.72
N PHE A 373 -15.23 34.51 -25.91
CA PHE A 373 -16.31 33.55 -26.06
C PHE A 373 -15.84 32.14 -25.70
N ASN A 374 -16.66 31.43 -24.93
CA ASN A 374 -16.38 30.04 -24.58
C ASN A 374 -17.07 29.13 -25.58
N ASN A 375 -16.29 28.30 -26.27
CA ASN A 375 -16.84 27.45 -27.31
C ASN A 375 -17.79 26.42 -26.71
N LEU A 376 -18.81 26.06 -27.48
CA LEU A 376 -19.87 25.18 -27.01
C LEU A 376 -19.76 23.76 -27.51
N ALA A 377 -18.91 23.50 -28.51
CA ALA A 377 -18.78 22.16 -29.07
C ALA A 377 -18.13 21.22 -28.06
N ARG A 378 -18.62 19.99 -28.02
CA ARG A 378 -18.06 18.93 -27.19
C ARG A 378 -17.70 17.74 -28.07
N TYR A 379 -16.53 17.15 -27.81
CA TYR A 379 -16.03 16.05 -28.62
C TYR A 379 -15.55 14.93 -27.72
N LYS A 380 -15.92 13.70 -28.09
CA LYS A 380 -15.42 12.49 -27.46
C LYS A 380 -14.83 11.65 -28.58
N GLU A 381 -13.51 11.60 -28.67
CA GLU A 381 -12.85 10.91 -29.76
C GLU A 381 -13.07 9.41 -29.65
N GLY A 382 -13.28 8.76 -30.79
CA GLY A 382 -13.58 7.34 -30.81
C GLY A 382 -12.49 6.47 -30.22
N SER A 383 -12.83 5.68 -29.21
CA SER A 383 -11.87 4.81 -28.56
C SER A 383 -12.59 3.69 -27.85
N THR A 384 -11.91 2.57 -27.69
CA THR A 384 -12.41 1.45 -26.90
C THR A 384 -11.64 1.37 -25.59
N ASP A 385 -12.37 1.20 -24.50
CA ASP A 385 -11.80 1.24 -23.16
C ASP A 385 -11.93 -0.13 -22.52
N ILE A 386 -10.79 -0.67 -22.06
CA ILE A 386 -10.75 -1.92 -21.32
C ILE A 386 -10.33 -1.60 -19.89
N GLY A 387 -11.21 -1.87 -18.94
CA GLY A 387 -10.95 -1.60 -17.54
C GLY A 387 -10.89 -2.90 -16.75
N ILE A 388 -9.84 -3.05 -15.96
CA ILE A 388 -9.61 -4.24 -15.15
C ILE A 388 -9.55 -3.82 -13.69
N SER A 389 -10.36 -4.45 -12.86
CA SER A 389 -10.36 -4.22 -11.42
C SER A 389 -10.47 -5.56 -10.71
N LEU A 390 -10.24 -5.54 -9.41
CA LEU A 390 -10.29 -6.77 -8.63
C LEU A 390 -10.58 -6.41 -7.17
N GLY A 391 -11.22 -7.34 -6.47
CA GLY A 391 -11.53 -7.13 -5.07
C GLY A 391 -11.62 -8.45 -4.33
N PHE A 392 -11.20 -8.43 -3.08
CA PHE A 392 -11.23 -9.59 -2.21
C PHE A 392 -12.33 -9.42 -1.17
N ASP A 393 -13.20 -10.41 -1.05
CA ASP A 393 -14.28 -10.39 -0.09
C ASP A 393 -14.23 -11.65 0.77
N THR A 394 -14.32 -11.47 2.08
CA THR A 394 -14.35 -12.58 3.01
C THR A 394 -15.79 -12.98 3.32
N SER A 395 -15.95 -14.09 4.02
CA SER A 395 -17.26 -14.58 4.41
C SER A 395 -17.81 -13.74 5.57
N GLY A 396 -18.98 -14.12 6.06
CA GLY A 396 -19.65 -13.34 7.08
C GLY A 396 -19.62 -13.94 8.47
N GLN A 397 -18.67 -14.85 8.73
CA GLN A 397 -18.58 -15.45 10.05
C GLN A 397 -18.17 -14.46 11.12
N PHE A 398 -17.50 -13.38 10.74
CA PHE A 398 -17.03 -12.38 11.71
C PHE A 398 -18.12 -11.32 11.95
N SER A 399 -19.22 -11.77 12.54
CA SER A 399 -20.36 -10.91 12.83
C SER A 399 -20.87 -11.13 14.25
N GLN A 400 -19.99 -11.55 15.16
CA GLN A 400 -20.39 -11.79 16.54
C GLN A 400 -19.14 -11.76 17.41
N VAL A 401 -19.24 -11.13 18.58
CA VAL A 401 -18.15 -11.04 19.53
C VAL A 401 -18.64 -11.50 20.90
N THR A 402 -17.70 -11.91 21.74
CA THR A 402 -17.99 -12.36 23.09
C THR A 402 -17.13 -11.58 24.08
N SER A 403 -17.65 -11.44 25.29
CA SER A 403 -16.98 -10.63 26.31
C SER A 403 -15.76 -11.36 26.86
N GLY A 404 -14.92 -10.60 27.58
CA GLY A 404 -13.73 -11.15 28.20
C GLY A 404 -13.60 -10.69 29.63
N THR A 405 -12.74 -11.40 30.37
CA THR A 405 -12.55 -11.11 31.78
C THR A 405 -11.84 -9.76 31.95
N GLY A 406 -12.12 -9.11 33.08
CA GLY A 406 -11.50 -7.84 33.37
C GLY A 406 -11.77 -7.43 34.81
N GLY A 407 -11.06 -6.40 35.24
CA GLY A 407 -11.20 -5.88 36.59
C GLY A 407 -9.87 -5.75 37.31
N SER A 408 -9.84 -4.88 38.32
CA SER A 408 -8.61 -4.65 39.10
C SER A 408 -8.78 -5.14 40.54
N LEU A 409 -9.79 -4.67 41.25
CA LEU A 409 -10.06 -5.18 42.60
C LEU A 409 -10.53 -6.62 42.58
N PHE A 410 -11.00 -7.11 41.44
CA PHE A 410 -11.51 -8.46 41.32
C PHE A 410 -11.43 -8.88 39.87
N SER A 411 -11.52 -10.19 39.64
CA SER A 411 -11.52 -10.75 38.30
C SER A 411 -12.88 -11.39 38.02
N THR A 412 -13.46 -11.05 36.89
CA THR A 412 -14.76 -11.56 36.48
C THR A 412 -14.59 -12.77 35.56
N ALA A 413 -15.66 -13.54 35.42
CA ALA A 413 -15.66 -14.70 34.55
C ALA A 413 -15.89 -14.26 33.11
N GLY A 414 -15.05 -14.76 32.20
CA GLY A 414 -15.17 -14.39 30.80
C GLY A 414 -16.28 -15.14 30.08
N ARG A 415 -16.54 -14.69 28.85
CA ARG A 415 -17.52 -15.31 27.96
C ARG A 415 -18.90 -15.36 28.61
N LEU A 416 -19.37 -14.21 29.08
CA LEU A 416 -20.68 -14.09 29.71
C LEU A 416 -21.73 -13.47 28.79
N GLN A 417 -21.32 -12.86 27.69
CA GLN A 417 -22.26 -12.18 26.80
C GLN A 417 -21.75 -12.27 25.37
N VAL A 418 -22.66 -12.40 24.42
CA VAL A 418 -22.35 -12.39 23.00
C VAL A 418 -23.08 -11.21 22.36
N ASN A 419 -22.35 -10.41 21.60
CA ASN A 419 -22.89 -9.20 20.99
C ASN A 419 -22.81 -9.31 19.48
N GLN A 420 -23.91 -9.02 18.80
CA GLN A 420 -23.94 -9.01 17.35
C GLN A 420 -23.46 -7.67 16.82
N ILE A 421 -22.52 -7.71 15.87
CA ILE A 421 -21.93 -6.51 15.29
C ILE A 421 -22.09 -6.57 13.77
N ASP A 422 -21.99 -5.41 13.15
CA ASP A 422 -22.15 -5.27 11.70
C ASP A 422 -20.87 -4.69 11.12
N LEU A 423 -19.93 -5.57 10.78
CA LEU A 423 -18.70 -5.21 10.09
C LEU A 423 -18.76 -5.71 8.66
N ASN A 424 -18.44 -4.83 7.71
CA ASN A 424 -18.34 -5.18 6.30
C ASN A 424 -16.94 -4.77 5.85
N PHE A 425 -16.01 -5.71 5.85
CA PHE A 425 -14.63 -5.41 5.52
C PHE A 425 -14.14 -6.34 4.42
N GLY A 426 -13.15 -5.86 3.68
CA GLY A 426 -12.56 -6.63 2.60
C GLY A 426 -11.48 -5.83 1.92
N LEU A 427 -10.58 -6.54 1.27
CA LEU A 427 -9.47 -5.90 0.58
C LEU A 427 -9.91 -5.35 -0.76
N VAL A 428 -9.39 -4.16 -1.10
CA VAL A 428 -9.68 -3.50 -2.37
C VAL A 428 -8.36 -3.08 -3.00
N THR A 429 -8.34 -3.05 -4.33
CA THR A 429 -7.13 -2.77 -5.08
C THR A 429 -7.01 -1.32 -5.52
N GLY A 430 -7.97 -0.47 -5.18
CA GLY A 430 -7.90 0.92 -5.59
C GLY A 430 -8.85 1.78 -4.78
N LEU A 431 -8.70 3.09 -4.96
CA LEU A 431 -9.50 4.07 -4.26
C LEU A 431 -10.49 4.73 -5.21
N PRO A 432 -11.73 4.96 -4.78
CA PRO A 432 -12.68 5.70 -5.61
C PRO A 432 -12.30 7.17 -5.69
N SER A 433 -12.84 7.83 -6.72
CA SER A 433 -12.62 9.26 -6.88
C SER A 433 -13.25 10.09 -5.77
N ASP A 434 -14.13 9.49 -4.97
CA ASP A 434 -14.81 10.20 -3.90
C ASP A 434 -14.00 10.21 -2.61
N ALA A 435 -12.93 9.44 -2.54
CA ALA A 435 -12.14 9.36 -1.31
C ALA A 435 -11.36 10.64 -1.07
N TYR A 436 -11.05 10.89 0.20
CA TYR A 436 -10.27 12.05 0.60
C TYR A 436 -9.54 11.73 1.89
N VAL A 437 -8.70 12.67 2.33
CA VAL A 437 -7.95 12.53 3.58
C VAL A 437 -8.52 13.54 4.58
N ASP A 438 -9.12 13.03 5.65
CA ASP A 438 -9.76 13.86 6.66
C ASP A 438 -8.74 14.17 7.75
N THR A 439 -8.24 15.41 7.77
CA THR A 439 -7.20 15.80 8.71
C THR A 439 -7.75 16.39 10.00
N ASN A 440 -8.88 17.08 9.94
CA ASN A 440 -9.43 17.73 11.14
C ASN A 440 -10.39 16.84 11.92
N GLY A 441 -10.70 15.65 11.43
CA GLY A 441 -11.54 14.72 12.17
C GLY A 441 -13.01 15.03 12.17
N ASN A 442 -13.47 16.00 11.38
CA ASN A 442 -14.89 16.36 11.37
C ASN A 442 -15.74 15.40 10.56
N GLY A 443 -15.13 14.48 9.81
CA GLY A 443 -15.88 13.54 9.01
C GLY A 443 -16.41 14.06 7.70
N LYS A 444 -15.96 15.23 7.26
CA LYS A 444 -16.40 15.83 6.01
C LYS A 444 -15.19 16.31 5.22
N LYS A 445 -15.36 16.40 3.91
CA LYS A 445 -14.28 16.85 3.02
C LYS A 445 -14.35 18.36 2.92
N ASP A 446 -13.59 19.04 3.78
CA ASP A 446 -13.50 20.49 3.72
C ASP A 446 -12.63 20.91 2.55
N ASP A 447 -12.62 22.22 2.28
CA ASP A 447 -11.84 22.75 1.18
C ASP A 447 -10.35 22.69 1.50
N GLY A 448 -9.56 22.18 0.55
CA GLY A 448 -8.13 22.09 0.69
C GLY A 448 -7.61 20.71 1.08
N GLU A 449 -8.48 19.84 1.60
CA GLU A 449 -8.05 18.50 1.96
C GLU A 449 -7.75 17.68 0.70
N ALA A 450 -6.62 16.99 0.72
CA ALA A 450 -6.15 16.28 -0.47
C ALA A 450 -7.06 15.11 -0.81
N THR A 451 -7.25 14.88 -2.11
CA THR A 451 -8.06 13.77 -2.56
C THR A 451 -7.32 12.45 -2.33
N GLY A 452 -8.10 11.36 -2.34
CA GLY A 452 -7.52 10.05 -2.08
C GLY A 452 -6.56 9.60 -3.16
N ARG A 453 -6.91 9.82 -4.43
CA ARG A 453 -6.06 9.38 -5.53
C ARG A 453 -4.85 10.27 -5.74
N GLY A 454 -4.90 11.51 -5.23
CA GLY A 454 -3.77 12.41 -5.38
C GLY A 454 -2.62 12.15 -4.43
N THR A 455 -2.87 11.45 -3.32
CA THR A 455 -1.82 11.13 -2.37
C THR A 455 -1.17 9.77 -2.65
N TYR A 456 -1.96 8.80 -3.09
CA TYR A 456 -1.46 7.48 -3.44
C TYR A 456 -1.50 7.37 -4.97
N LEU A 457 -0.39 7.74 -5.59
CA LEU A 457 -0.31 7.71 -7.05
C LEU A 457 -0.38 6.28 -7.56
N GLY A 458 -1.12 6.09 -8.65
CA GLY A 458 -1.34 4.79 -9.22
C GLY A 458 -2.49 4.01 -8.63
N SER A 459 -3.26 4.60 -7.71
CA SER A 459 -4.38 3.93 -7.07
C SER A 459 -5.69 4.13 -7.82
N GLY A 460 -5.68 4.83 -8.94
CA GLY A 460 -6.89 5.04 -9.71
C GLY A 460 -6.74 6.20 -10.66
N GLY A 461 -7.78 6.38 -11.47
CA GLY A 461 -7.81 7.47 -12.43
C GLY A 461 -7.00 7.18 -13.67
N THR A 462 -6.96 8.18 -14.56
CA THR A 462 -6.20 8.10 -15.80
C THR A 462 -4.80 8.68 -15.67
N ALA A 463 -4.65 9.75 -14.89
CA ALA A 463 -3.34 10.33 -14.67
C ALA A 463 -2.56 9.51 -13.64
N ALA A 464 -1.23 9.53 -13.78
CA ALA A 464 -0.31 8.92 -12.83
C ALA A 464 -0.58 7.42 -12.68
N ILE A 465 -0.35 6.71 -13.78
CA ILE A 465 -0.43 5.25 -13.79
C ILE A 465 0.95 4.70 -13.44
N LEU A 466 1.02 3.94 -12.34
CA LEU A 466 2.26 3.31 -11.91
C LEU A 466 2.42 2.00 -12.67
N ARG A 467 3.28 1.98 -13.67
CA ARG A 467 3.42 0.84 -14.56
C ARG A 467 4.88 0.42 -14.62
N ASP A 468 5.16 -0.50 -15.56
CA ASP A 468 6.47 -1.09 -15.74
C ASP A 468 6.52 -1.51 -17.21
N PRO A 469 7.60 -1.19 -17.94
CA PRO A 469 7.74 -1.74 -19.29
C PRO A 469 7.78 -3.27 -19.23
N ALA A 470 7.34 -3.88 -20.33
CA ALA A 470 6.88 -5.27 -20.45
C ALA A 470 5.44 -5.40 -19.99
N GLY A 471 4.74 -4.28 -19.78
CA GLY A 471 3.30 -4.30 -19.61
C GLY A 471 2.77 -4.42 -18.19
N ASN A 472 3.64 -4.59 -17.20
CA ASN A 472 3.17 -4.77 -15.84
C ASN A 472 2.59 -3.46 -15.29
N VAL A 473 1.47 -3.57 -14.60
CA VAL A 473 0.81 -2.43 -13.97
C VAL A 473 0.60 -2.74 -12.50
N TYR A 474 0.99 -1.80 -11.63
CA TYR A 474 0.93 -1.99 -10.19
C TYR A 474 -0.11 -1.06 -9.58
N ARG A 475 -0.89 -1.59 -8.64
CA ARG A 475 -1.87 -0.82 -7.90
C ARG A 475 -1.77 -1.18 -6.42
N PRO A 476 -1.74 -0.19 -5.53
CA PRO A 476 -1.65 -0.49 -4.11
C PRO A 476 -2.89 -1.20 -3.60
N VAL A 477 -2.70 -2.02 -2.57
CA VAL A 477 -3.78 -2.80 -1.95
C VAL A 477 -4.19 -2.12 -0.67
N PHE A 478 -5.49 -1.89 -0.50
CA PHE A 478 -6.04 -1.20 0.65
C PHE A 478 -7.00 -2.09 1.41
N PHE A 479 -7.17 -1.80 2.70
CA PHE A 479 -8.10 -2.51 3.56
C PHE A 479 -9.29 -1.58 3.82
N ARG A 480 -10.47 -2.00 3.37
CA ARG A 480 -11.69 -1.21 3.48
C ARG A 480 -12.60 -1.84 4.52
N PHE A 481 -13.18 -1.01 5.38
CA PHE A 481 -14.11 -1.49 6.38
C PHE A 481 -15.09 -0.38 6.72
N LYS A 482 -16.24 -0.77 7.26
CA LYS A 482 -17.28 0.17 7.67
C LYS A 482 -18.13 -0.49 8.73
N ASN A 483 -18.13 0.08 9.93
CA ASN A 483 -18.92 -0.45 11.04
C ASN A 483 -20.20 0.36 11.19
N ALA A 484 -21.34 -0.33 11.18
CA ALA A 484 -22.63 0.29 11.38
C ALA A 484 -23.16 0.09 12.79
N THR A 485 -22.36 -0.47 13.69
CA THR A 485 -22.75 -0.72 15.07
C THR A 485 -21.94 0.16 16.00
N THR A 486 -22.62 0.79 16.96
CA THR A 486 -21.96 1.63 17.95
C THR A 486 -22.39 1.34 19.39
N GLN A 487 -23.49 0.63 19.61
CA GLN A 487 -23.95 0.30 20.94
C GLN A 487 -23.57 -1.13 21.29
N PHE A 488 -23.49 -1.40 22.60
CA PHE A 488 -23.13 -2.72 23.10
C PHE A 488 -23.95 -2.98 24.36
N SER A 489 -25.04 -3.72 24.20
CA SER A 489 -25.95 -4.01 25.30
C SER A 489 -25.48 -5.25 26.04
N VAL A 490 -25.26 -5.13 27.34
CA VAL A 490 -24.82 -6.24 28.18
C VAL A 490 -25.91 -6.55 29.18
N GLY A 491 -25.94 -7.80 29.63
CA GLY A 491 -26.92 -8.23 30.61
C GLY A 491 -28.23 -8.65 29.97
N ASN A 492 -29.06 -9.28 30.79
CA ASN A 492 -30.40 -9.71 30.40
C ASN A 492 -31.39 -9.21 31.45
N ASN A 493 -32.67 -9.52 31.23
CA ASN A 493 -33.70 -9.00 32.12
C ASN A 493 -33.43 -9.43 33.55
N PRO A 494 -33.71 -8.58 34.55
CA PRO A 494 -34.35 -7.26 34.44
C PRO A 494 -33.45 -6.12 33.96
N VAL A 495 -32.17 -6.14 34.35
CA VAL A 495 -31.30 -4.99 34.17
C VAL A 495 -30.51 -5.14 32.87
N ILE A 496 -30.63 -4.15 31.99
CA ILE A 496 -29.90 -4.11 30.73
C ILE A 496 -29.14 -2.79 30.66
N VAL A 497 -27.85 -2.87 30.33
CA VAL A 497 -26.98 -1.70 30.27
C VAL A 497 -26.44 -1.60 28.85
N THR A 498 -26.47 -0.39 28.29
CA THR A 498 -26.05 -0.14 26.91
C THR A 498 -24.96 0.91 26.90
N LEU A 499 -23.86 0.62 26.21
CA LEU A 499 -22.75 1.55 26.04
C LEU A 499 -22.62 1.86 24.55
N GLY A 500 -22.69 3.14 24.20
CA GLY A 500 -22.74 3.53 22.81
C GLY A 500 -22.01 4.83 22.54
N GLN A 501 -22.01 5.23 21.27
CA GLN A 501 -21.26 6.39 20.81
C GLN A 501 -22.12 7.59 20.46
N GLN A 502 -23.39 7.39 20.15
CA GLN A 502 -24.33 8.51 20.00
C GLN A 502 -25.67 8.01 20.53
N GLN A 503 -25.90 8.23 21.82
CA GLN A 503 -27.01 7.61 22.51
C GLN A 503 -28.33 8.30 22.14
N LYS A 504 -29.32 7.50 21.75
CA LYS A 504 -30.66 7.99 21.46
C LYS A 504 -31.59 7.61 22.59
N PHE A 505 -32.31 8.59 23.11
CA PHE A 505 -33.20 8.36 24.24
C PHE A 505 -34.33 9.37 24.20
N TYR A 506 -35.38 9.08 24.97
CA TYR A 506 -36.60 9.87 24.91
C TYR A 506 -37.35 9.71 26.23
N PHE A 507 -37.46 10.80 26.99
CA PHE A 507 -38.20 10.78 28.24
C PHE A 507 -39.66 11.15 28.02
N SER A 508 -39.91 12.32 27.45
CA SER A 508 -41.27 12.77 27.14
C SER A 508 -41.20 13.75 25.98
N ASP A 509 -42.36 14.31 25.63
CA ASP A 509 -42.43 15.19 24.47
C ASP A 509 -41.65 16.48 24.69
N TYR A 510 -41.88 17.15 25.82
CA TYR A 510 -41.26 18.43 26.10
C TYR A 510 -39.98 18.34 26.91
N VAL A 511 -39.60 17.16 27.38
CA VAL A 511 -38.48 17.00 28.30
C VAL A 511 -37.53 15.93 27.76
N PHE A 512 -36.30 16.35 27.45
CA PHE A 512 -35.17 15.42 27.34
C PHE A 512 -35.39 14.43 26.21
N ASP A 513 -35.96 14.90 25.10
CA ASP A 513 -36.27 14.09 23.93
C ASP A 513 -35.12 14.22 22.94
N ASN A 514 -34.30 13.19 22.83
CA ASN A 514 -33.13 13.22 21.96
C ASN A 514 -33.01 11.91 21.19
N ASN A 515 -34.11 11.46 20.59
CA ASN A 515 -34.13 10.20 19.87
C ASN A 515 -34.02 10.37 18.35
N TYR A 516 -33.65 11.55 17.87
CA TYR A 516 -33.49 11.78 16.45
C TYR A 516 -32.05 11.52 16.00
N ASP A 517 -31.10 12.26 16.56
CA ASP A 517 -29.69 12.10 16.24
C ASP A 517 -28.82 11.71 17.42
N GLY A 518 -29.28 11.90 18.65
CA GLY A 518 -28.49 11.59 19.83
C GLY A 518 -27.81 12.81 20.41
N ARG A 519 -27.17 12.61 21.57
CA ARG A 519 -26.48 13.67 22.26
C ARG A 519 -24.98 13.46 22.32
N GLY A 520 -24.52 12.33 22.86
CA GLY A 520 -23.10 12.12 22.99
C GLY A 520 -22.75 10.78 23.58
N ASP A 521 -21.52 10.69 24.06
CA ASP A 521 -20.92 9.44 24.51
C ASP A 521 -21.33 9.18 25.97
N GLY A 522 -21.91 8.01 26.23
CA GLY A 522 -22.30 7.66 27.59
C GLY A 522 -22.83 6.26 27.73
N PHE A 523 -23.72 6.04 28.70
CA PHE A 523 -24.32 4.73 28.92
C PHE A 523 -25.78 4.91 29.33
N THR A 524 -26.55 3.83 29.15
CA THR A 524 -27.97 3.82 29.47
C THR A 524 -28.31 2.53 30.19
N VAL A 525 -29.04 2.62 31.30
CA VAL A 525 -29.44 1.47 32.08
C VAL A 525 -30.96 1.42 32.14
N THR A 526 -31.53 0.24 31.95
CA THR A 526 -32.97 0.03 31.98
C THR A 526 -33.30 -1.10 32.94
N VAL A 527 -34.18 -0.84 33.89
CA VAL A 527 -34.62 -1.84 34.86
C VAL A 527 -36.11 -2.08 34.65
N ASP A 528 -36.47 -3.33 34.41
CA ASP A 528 -37.86 -3.71 34.14
C ASP A 528 -38.33 -4.65 35.25
N GLY A 529 -39.40 -4.26 35.93
CA GLY A 529 -39.90 -5.04 37.05
C GLY A 529 -41.21 -5.76 36.75
N SER A 530 -41.33 -6.31 35.55
CA SER A 530 -42.55 -7.04 35.19
C SER A 530 -42.72 -8.27 36.07
N ASN A 531 -41.63 -8.98 36.36
CA ASN A 531 -41.67 -10.18 37.19
C ASN A 531 -41.19 -9.83 38.59
N VAL A 532 -42.14 -9.73 39.52
CA VAL A 532 -41.87 -9.37 40.91
C VAL A 532 -43.17 -9.67 41.66
N PRO A 533 -43.11 -10.18 42.90
CA PRO A 533 -44.34 -10.68 43.56
C PRO A 533 -45.47 -9.66 43.70
N VAL A 534 -45.22 -8.53 44.35
CA VAL A 534 -46.29 -7.62 44.75
C VAL A 534 -46.68 -6.67 43.61
N ILE A 535 -45.71 -6.09 42.92
CA ILE A 535 -45.99 -5.06 41.92
C ILE A 535 -45.70 -5.58 40.51
N GLY A 536 -45.83 -6.88 40.28
CA GLY A 536 -45.60 -7.43 38.95
C GLY A 536 -46.68 -7.11 37.95
N ALA A 537 -47.89 -6.79 38.42
CA ALA A 537 -49.00 -6.49 37.53
C ALA A 537 -48.99 -5.05 37.04
N TRP A 538 -48.21 -4.18 37.68
CA TRP A 538 -48.15 -2.76 37.30
C TRP A 538 -47.02 -2.46 36.32
N LYS A 539 -46.19 -3.45 35.99
CA LYS A 539 -45.09 -3.29 35.06
C LYS A 539 -44.23 -2.05 35.34
N PRO A 540 -43.57 -1.98 36.49
CA PRO A 540 -42.68 -0.85 36.76
C PRO A 540 -41.48 -0.87 35.84
N GLN A 541 -40.90 0.31 35.63
CA GLN A 541 -39.74 0.45 34.76
C GLN A 541 -38.97 1.71 35.14
N ILE A 542 -37.66 1.60 35.25
CA ILE A 542 -36.80 2.73 35.60
C ILE A 542 -35.70 2.85 34.54
N LYS A 543 -35.50 4.05 34.03
CA LYS A 543 -34.46 4.34 33.05
C LYS A 543 -33.40 5.24 33.66
N GLY A 544 -32.17 5.11 33.15
CA GLY A 544 -31.08 5.95 33.58
C GLY A 544 -30.19 6.36 32.43
N VAL A 545 -29.75 7.60 32.40
CA VAL A 545 -29.00 8.14 31.26
C VAL A 545 -27.83 8.97 31.79
N TYR A 546 -26.65 8.75 31.22
CA TYR A 546 -25.50 9.60 31.45
C TYR A 546 -24.72 9.72 30.14
N GLY A 547 -24.06 10.85 29.94
CA GLY A 547 -23.26 11.01 28.75
C GLY A 547 -22.57 12.36 28.73
N SER A 548 -21.61 12.47 27.82
CA SER A 548 -20.92 13.72 27.53
C SER A 548 -21.36 14.20 26.16
N ARG A 549 -21.84 15.44 26.09
CA ARG A 549 -22.44 15.95 24.86
C ARG A 549 -21.41 16.00 23.73
N SER A 550 -21.71 15.28 22.65
CA SER A 550 -20.91 15.23 21.42
C SER A 550 -19.52 14.65 21.63
N GLY A 551 -19.24 14.09 22.79
CA GLY A 551 -17.91 13.51 23.03
C GLY A 551 -16.84 14.57 22.98
N LEU A 552 -15.82 14.33 22.17
CA LEU A 552 -14.72 15.28 22.02
C LEU A 552 -15.14 16.44 21.14
N ASP A 553 -14.90 17.66 21.60
CA ASP A 553 -15.25 18.86 20.86
C ASP A 553 -14.14 19.89 21.00
N GLY A 554 -14.10 20.80 20.03
CA GLY A 554 -13.20 21.93 20.12
C GLY A 554 -13.69 22.94 21.14
N THR A 555 -12.81 23.90 21.46
CA THR A 555 -13.15 24.90 22.47
C THR A 555 -14.27 25.82 22.02
N ALA A 556 -14.54 25.92 20.72
CA ALA A 556 -15.57 26.82 20.21
C ALA A 556 -16.90 26.13 19.97
N GLU A 557 -16.99 24.82 20.18
CA GLU A 557 -18.23 24.09 19.97
C GLU A 557 -19.06 24.09 21.23
N ALA A 558 -20.38 23.98 21.06
CA ALA A 558 -21.30 24.07 22.18
C ALA A 558 -21.19 22.88 23.13
N GLY A 559 -20.60 21.78 22.70
CA GLY A 559 -20.56 20.58 23.52
C GLY A 559 -19.25 20.36 24.25
N TYR A 560 -18.45 21.41 24.38
CA TYR A 560 -17.16 21.30 25.06
C TYR A 560 -17.37 21.33 26.57
N GLY A 561 -17.08 20.21 27.22
CA GLY A 561 -17.24 20.11 28.66
C GLY A 561 -18.67 20.22 29.14
N VAL A 562 -19.60 19.58 28.45
CA VAL A 562 -21.01 19.61 28.80
C VAL A 562 -21.49 18.17 29.01
N TYR A 563 -22.10 17.91 30.16
CA TYR A 563 -22.51 16.58 30.55
C TYR A 563 -23.97 16.60 30.99
N TYR A 564 -24.68 15.52 30.70
CA TYR A 564 -26.10 15.40 31.02
C TYR A 564 -26.35 14.13 31.81
N ARG A 565 -27.50 14.09 32.48
CA ARG A 565 -27.90 12.95 33.30
C ARG A 565 -29.40 13.04 33.55
N GLY A 566 -29.99 11.88 33.84
CA GLY A 566 -31.43 11.85 34.05
C GLY A 566 -31.88 10.48 34.52
N VAL A 567 -33.15 10.43 34.94
CA VAL A 567 -33.75 9.21 35.45
C VAL A 567 -35.27 9.34 35.33
N ARG A 568 -35.94 8.22 35.10
CA ARG A 568 -37.38 8.21 34.91
C ARG A 568 -37.99 6.94 35.48
N ALA A 569 -39.09 7.10 36.22
CA ALA A 569 -39.89 5.98 36.71
C ALA A 569 -41.20 5.90 35.95
N GLN A 570 -41.86 4.75 36.05
CA GLN A 570 -43.05 4.53 35.23
C GLN A 570 -43.81 3.32 35.75
N ILE A 571 -45.15 3.41 35.75
CA ILE A 571 -46.03 2.30 36.08
C ILE A 571 -47.22 2.33 35.13
N THR A 572 -47.91 1.18 35.05
CA THR A 572 -49.11 1.03 34.23
C THR A 572 -50.20 0.40 35.08
N PRO A 573 -50.82 1.17 35.98
CA PRO A 573 -51.77 0.58 36.94
C PRO A 573 -52.97 -0.09 36.30
N VAL A 574 -53.76 0.64 35.52
CA VAL A 574 -55.02 0.15 34.99
C VAL A 574 -55.01 0.32 33.47
N GLY A 575 -55.43 -0.72 32.76
CA GLY A 575 -55.53 -0.66 31.31
C GLY A 575 -54.20 -0.33 30.67
N THR A 576 -54.24 0.54 29.67
CA THR A 576 -53.05 1.04 29.00
C THR A 576 -52.52 2.31 29.65
N LEU A 577 -53.26 2.88 30.61
CA LEU A 577 -52.92 4.16 31.21
C LEU A 577 -51.56 4.11 31.89
N THR A 578 -50.60 4.84 31.33
CA THR A 578 -49.21 4.81 31.77
C THR A 578 -48.86 6.14 32.42
N ALA A 579 -48.51 6.11 33.70
CA ALA A 579 -48.07 7.28 34.42
C ALA A 579 -46.58 7.20 34.71
N GLY A 580 -45.93 8.35 34.80
CA GLY A 580 -44.50 8.37 35.06
C GLY A 580 -44.02 9.74 35.44
N ILE A 581 -42.83 9.77 36.05
CA ILE A 581 -42.13 10.99 36.42
C ILE A 581 -40.69 10.87 35.96
N HIS A 582 -40.03 12.01 35.80
CA HIS A 582 -38.66 12.02 35.31
C HIS A 582 -37.92 13.25 35.82
N TYR A 583 -36.60 13.19 35.70
CA TYR A 583 -35.72 14.27 36.09
C TYR A 583 -34.61 14.37 35.05
N ALA A 584 -34.14 15.59 34.80
CA ALA A 584 -33.13 15.83 33.79
C ALA A 584 -32.19 16.92 34.25
N GLN A 585 -30.99 16.92 33.69
CA GLN A 585 -29.95 17.86 34.10
C GLN A 585 -28.88 17.92 33.00
N GLU A 586 -28.37 19.12 32.74
CA GLU A 586 -27.24 19.28 31.84
C GLU A 586 -26.49 20.54 32.24
N GLY A 587 -25.19 20.42 32.44
CA GLY A 587 -24.40 21.56 32.86
C GLY A 587 -22.96 21.54 32.38
N ARG A 588 -22.16 22.48 32.89
CA ARG A 588 -20.75 22.61 32.55
C ARG A 588 -19.90 22.16 33.73
N ASP A 589 -18.84 21.41 33.44
CA ASP A 589 -17.85 21.08 34.46
C ASP A 589 -16.91 22.28 34.62
N MET A 590 -15.87 22.12 35.43
CA MET A 590 -14.98 23.23 35.71
C MET A 590 -14.13 23.62 34.50
N PHE A 591 -13.80 22.64 33.65
CA PHE A 591 -13.05 22.96 32.43
C PHE A 591 -13.95 23.55 31.37
N GLY A 592 -15.19 23.07 31.27
CA GLY A 592 -16.11 23.63 30.30
C GLY A 592 -16.54 25.04 30.64
N ALA A 593 -16.71 25.33 31.93
CA ALA A 593 -17.20 26.64 32.34
C ALA A 593 -16.23 27.77 32.06
N ALA A 594 -14.98 27.48 31.71
CA ALA A 594 -13.97 28.50 31.54
C ALA A 594 -13.38 28.58 30.13
N GLN A 595 -13.71 27.63 29.23
CA GLN A 595 -13.14 27.62 27.90
C GLN A 595 -14.17 27.32 26.81
N ASN A 596 -15.45 27.27 27.14
CA ASN A 596 -16.45 26.86 26.16
C ASN A 596 -16.75 27.96 25.14
N THR A 597 -16.57 29.22 25.52
CA THR A 597 -16.75 30.41 24.67
C THR A 597 -17.95 30.31 23.73
N THR A 598 -19.07 29.80 24.22
CA THR A 598 -20.29 29.69 23.44
C THR A 598 -21.46 30.16 24.29
N SER A 599 -22.68 29.92 23.81
CA SER A 599 -23.89 30.39 24.47
C SER A 599 -24.60 29.30 25.25
N THR A 600 -23.96 28.16 25.49
CA THR A 600 -24.57 27.09 26.26
C THR A 600 -24.79 27.56 27.70
N PRO A 601 -25.96 27.33 28.27
CA PRO A 601 -26.21 27.77 29.66
C PRO A 601 -25.33 27.02 30.65
N SER A 602 -25.14 27.65 31.81
CA SER A 602 -24.30 27.05 32.85
C SER A 602 -24.87 25.72 33.30
N ASP A 603 -26.19 25.67 33.54
CA ASP A 603 -26.85 24.40 33.81
C ASP A 603 -28.34 24.55 33.55
N VAL A 604 -28.98 23.41 33.27
CA VAL A 604 -30.42 23.32 33.07
C VAL A 604 -30.94 22.19 33.93
N THR A 605 -32.00 22.44 34.68
CA THR A 605 -32.64 21.43 35.53
C THR A 605 -34.11 21.34 35.15
N THR A 606 -34.55 20.16 34.73
CA THR A 606 -35.91 19.96 34.28
C THR A 606 -36.49 18.70 34.92
N TYR A 607 -37.75 18.77 35.31
CA TYR A 607 -38.47 17.61 35.82
C TYR A 607 -39.94 17.79 35.52
N GLY A 608 -40.66 16.67 35.50
CA GLY A 608 -42.07 16.72 35.19
C GLY A 608 -42.72 15.37 35.32
N ALA A 609 -43.87 15.24 34.67
CA ALA A 609 -44.66 14.01 34.71
C ALA A 609 -45.55 13.97 33.48
N ASP A 610 -46.11 12.79 33.22
CA ASP A 610 -47.03 12.61 32.10
C ASP A 610 -47.97 11.46 32.41
N LEU A 611 -49.01 11.33 31.58
CA LEU A 611 -50.00 10.28 31.75
C LEU A 611 -50.62 10.00 30.37
N HIS A 612 -50.18 8.93 29.74
CA HIS A 612 -50.62 8.56 28.41
C HIS A 612 -51.22 7.16 28.44
N GLY A 613 -52.40 7.01 27.86
CA GLY A 613 -53.01 5.70 27.77
C GLY A 613 -54.51 5.78 27.57
N LYS A 614 -55.12 4.61 27.52
CA LYS A 614 -56.55 4.45 27.29
C LYS A 614 -57.13 3.60 28.42
N ALA A 615 -58.01 4.20 29.22
CA ALA A 615 -58.62 3.50 30.34
C ALA A 615 -60.13 3.72 30.32
N PHE A 616 -60.88 2.65 30.60
CA PHE A 616 -62.34 2.69 30.68
C PHE A 616 -62.98 3.17 29.38
N GLY A 617 -62.34 2.88 28.25
CA GLY A 617 -62.86 3.29 26.97
C GLY A 617 -62.61 4.73 26.59
N VAL A 618 -61.86 5.47 27.40
CA VAL A 618 -61.56 6.88 27.16
C VAL A 618 -60.06 7.03 27.06
N GLU A 619 -59.59 7.67 25.98
CA GLU A 619 -58.17 7.90 25.76
C GLU A 619 -57.82 9.29 26.28
N LEU A 620 -56.84 9.36 27.18
CA LEU A 620 -56.45 10.59 27.82
C LEU A 620 -54.94 10.77 27.74
N HIS A 621 -54.50 11.99 27.46
CA HIS A 621 -53.09 12.33 27.39
C HIS A 621 -52.86 13.63 28.13
N SER A 622 -51.75 13.69 28.87
CA SER A 622 -51.40 14.89 29.63
C SER A 622 -49.91 14.88 29.89
N GLU A 623 -49.39 16.06 30.26
CA GLU A 623 -47.98 16.21 30.57
C GLU A 623 -47.76 17.55 31.26
N TYR A 624 -46.91 17.54 32.28
CA TYR A 624 -46.48 18.75 32.97
C TYR A 624 -44.97 18.76 33.04
N ALA A 625 -44.37 19.94 32.92
CA ALA A 625 -42.91 20.06 32.88
C ALA A 625 -42.50 21.42 33.41
N THR A 626 -41.43 21.43 34.20
CA THR A 626 -40.88 22.66 34.76
C THR A 626 -39.38 22.70 34.49
N SER A 627 -38.88 23.87 34.13
CA SER A 627 -37.48 24.05 33.76
C SER A 627 -36.88 25.24 34.49
N ARG A 628 -35.57 25.15 34.75
CA ARG A 628 -34.82 26.23 35.37
C ARG A 628 -33.49 26.36 34.63
N VAL A 629 -33.28 27.51 33.97
CA VAL A 629 -32.10 27.75 33.16
C VAL A 629 -31.27 28.85 33.80
N ARG A 630 -29.98 28.60 33.98
CA ARG A 630 -29.06 29.60 34.49
C ARG A 630 -28.11 30.00 33.38
N PRO A 631 -28.14 31.25 32.92
CA PRO A 631 -27.33 31.64 31.76
C PRO A 631 -25.85 31.61 32.09
N ASN A 632 -25.04 31.71 31.03
CA ASN A 632 -23.59 31.64 31.16
C ASN A 632 -23.00 32.91 31.75
N THR A 633 -23.67 34.04 31.62
CA THR A 633 -23.12 35.31 32.09
C THR A 633 -22.98 35.30 33.60
N ALA A 634 -22.03 36.10 34.10
CA ALA A 634 -21.73 36.14 35.52
C ALA A 634 -22.94 36.65 36.31
N ASN A 635 -23.12 36.08 37.51
CA ASN A 635 -24.17 36.41 38.47
C ASN A 635 -25.51 36.71 37.82
N ALA A 636 -25.89 35.91 36.83
CA ALA A 636 -27.17 36.08 36.16
C ALA A 636 -28.28 35.37 36.93
N ALA A 637 -29.49 35.90 36.83
CA ALA A 637 -30.63 35.32 37.52
C ALA A 637 -31.10 34.05 36.82
N VAL A 638 -31.69 33.15 37.61
CA VAL A 638 -32.21 31.90 37.07
C VAL A 638 -33.58 32.16 36.44
N GLN A 639 -33.79 31.62 35.25
CA GLN A 639 -35.04 31.78 34.53
C GLN A 639 -35.88 30.52 34.64
N THR A 640 -37.15 30.68 34.99
CA THR A 640 -38.06 29.56 35.16
C THR A 640 -39.13 29.60 34.08
N SER A 641 -39.32 28.48 33.40
CA SER A 641 -40.33 28.36 32.36
C SER A 641 -40.91 26.96 32.41
N ASN A 642 -42.24 26.86 32.40
CA ASN A 642 -42.91 25.58 32.54
C ASN A 642 -43.99 25.43 31.48
N ALA A 643 -44.29 24.19 31.14
CA ALA A 643 -45.27 23.85 30.11
C ALA A 643 -46.24 22.82 30.66
N PHE A 644 -47.47 22.85 30.14
CA PHE A 644 -48.50 21.93 30.60
C PHE A 644 -49.57 21.80 29.52
N TYR A 645 -50.12 20.60 29.37
CA TYR A 645 -51.21 20.37 28.45
C TYR A 645 -51.95 19.12 28.88
N ALA A 646 -53.19 18.98 28.39
CA ALA A 646 -54.03 17.84 28.74
C ALA A 646 -55.07 17.66 27.65
N ARG A 647 -55.07 16.49 27.02
CA ARG A 647 -55.94 16.20 25.89
C ARG A 647 -56.81 15.00 26.17
N VAL A 648 -57.91 14.91 25.42
CA VAL A 648 -58.73 13.71 25.33
C VAL A 648 -58.88 13.42 23.84
N ALA A 649 -57.96 12.63 23.30
CA ALA A 649 -57.92 12.37 21.87
C ALA A 649 -57.11 11.11 21.61
N THR A 650 -57.29 10.55 20.42
CA THR A 650 -56.58 9.34 20.04
C THR A 650 -55.19 9.68 19.49
N ARG A 651 -54.22 8.85 19.85
CA ARG A 651 -52.84 9.02 19.42
C ARG A 651 -52.38 7.77 18.69
N LYS A 652 -51.64 7.97 17.61
CA LYS A 652 -51.16 6.86 16.79
C LYS A 652 -49.79 6.40 17.27
N ASP A 653 -49.36 5.25 16.76
CA ASP A 653 -48.01 4.78 17.02
C ASP A 653 -46.96 5.73 16.44
N ASN A 654 -47.35 6.56 15.46
CA ASN A 654 -46.52 7.63 14.94
C ASN A 654 -46.33 8.74 15.96
N LEU A 655 -47.07 8.72 17.06
CA LEU A 655 -47.07 9.75 18.11
C LEU A 655 -47.68 11.06 17.63
N ALA A 656 -48.50 11.02 16.60
CA ALA A 656 -49.25 12.17 16.13
C ALA A 656 -50.74 11.93 16.37
N PHE A 657 -51.43 12.95 16.87
CA PHE A 657 -52.83 12.80 17.21
C PHE A 657 -53.67 12.67 15.94
N ASP A 658 -54.70 11.82 16.01
CA ASP A 658 -55.49 11.49 14.83
C ASP A 658 -56.60 12.50 14.59
N LEU A 659 -57.42 12.77 15.61
CA LEU A 659 -58.50 13.75 15.55
C LEU A 659 -59.56 13.38 14.53
N ASN A 660 -59.51 12.16 13.98
CA ASN A 660 -60.55 11.65 13.11
C ASN A 660 -61.27 10.45 13.68
N THR A 661 -60.69 9.76 14.66
CA THR A 661 -61.32 8.65 15.37
C THR A 661 -61.72 9.11 16.77
N PRO A 662 -62.98 8.91 17.17
CA PRO A 662 -63.44 9.46 18.45
C PRO A 662 -62.63 8.92 19.63
N ALA A 663 -62.38 9.79 20.60
CA ALA A 663 -61.71 9.35 21.83
C ALA A 663 -62.70 8.71 22.79
N ALA A 664 -63.89 9.27 22.92
CA ALA A 664 -64.93 8.72 23.78
C ALA A 664 -66.25 8.75 23.03
N LYS A 665 -66.92 7.62 22.96
CA LYS A 665 -68.18 7.49 22.23
C LYS A 665 -69.32 7.23 23.22
N PHE A 666 -70.53 7.13 22.67
CA PHE A 666 -71.71 6.82 23.47
C PHE A 666 -72.82 6.40 22.51
N GLY A 667 -73.62 5.43 22.95
CA GLY A 667 -74.68 4.95 22.08
C GLY A 667 -74.13 4.15 20.91
N ASN A 668 -74.97 4.03 19.88
CA ASN A 668 -74.63 3.27 18.69
C ASN A 668 -74.75 4.12 17.43
N ASP A 669 -74.66 3.48 16.26
CA ASP A 669 -74.70 4.24 15.01
C ASP A 669 -76.02 4.98 14.82
N THR A 670 -77.12 4.42 15.34
CA THR A 670 -78.41 5.10 15.21
C THR A 670 -78.43 6.40 16.02
N PHE A 671 -78.29 6.29 17.33
CA PHE A 671 -78.25 7.44 18.23
C PHE A 671 -76.89 7.42 18.91
N GLY A 672 -75.93 8.17 18.36
CA GLY A 672 -74.60 8.19 18.92
C GLY A 672 -74.00 9.58 19.03
N VAL A 673 -73.31 9.84 20.13
CA VAL A 673 -72.61 11.10 20.35
C VAL A 673 -71.15 10.77 20.62
N SER A 674 -70.25 11.29 19.79
CA SER A 674 -68.83 10.98 19.90
C SER A 674 -68.04 12.28 20.07
N LEU A 675 -67.00 12.22 20.90
CA LEU A 675 -66.11 13.34 21.13
C LEU A 675 -64.77 13.06 20.48
N TYR A 676 -64.28 14.01 19.68
CA TYR A 676 -63.04 13.84 18.95
C TYR A 676 -61.85 14.49 19.64
N ASP A 677 -62.05 15.62 20.32
CA ASP A 677 -60.95 16.31 20.97
C ASP A 677 -61.49 17.20 22.08
N LEU A 678 -60.70 17.33 23.14
CA LEU A 678 -60.99 18.26 24.22
C LEU A 678 -59.68 18.49 24.96
N ASN A 679 -59.12 19.70 24.84
CA ASN A 679 -57.77 19.93 25.32
C ASN A 679 -57.66 21.29 25.98
N TYR A 680 -56.60 21.42 26.79
CA TYR A 680 -56.20 22.68 27.39
C TYR A 680 -54.68 22.72 27.44
N ARG A 681 -54.09 23.88 27.17
CA ARG A 681 -52.65 24.00 27.04
C ARG A 681 -52.18 25.30 27.69
N LYS A 682 -50.93 25.30 28.15
CA LYS A 682 -50.29 26.52 28.62
C LYS A 682 -48.78 26.35 28.48
N ILE A 683 -48.22 26.94 27.43
CA ILE A 683 -46.79 26.88 27.15
C ILE A 683 -46.19 28.25 27.46
N ASP A 684 -45.12 28.26 28.23
CA ASP A 684 -44.50 29.53 28.61
C ASP A 684 -43.71 30.11 27.44
N ALA A 685 -43.44 31.42 27.55
CA ALA A 685 -42.77 32.13 26.46
C ALA A 685 -41.32 31.70 26.32
N GLY A 686 -40.69 31.31 27.41
CA GLY A 686 -39.28 30.98 27.38
C GLY A 686 -38.96 29.50 27.27
N TYR A 687 -39.94 28.71 26.85
CA TYR A 687 -39.75 27.27 26.71
C TYR A 687 -39.31 26.96 25.29
N ASN A 688 -38.17 26.30 25.15
CA ASN A 688 -37.63 25.91 23.84
C ASN A 688 -36.84 24.63 24.02
N ASN A 689 -36.01 24.28 23.04
CA ASN A 689 -35.21 23.07 23.13
C ASN A 689 -34.18 23.16 24.25
N VAL A 690 -33.61 24.35 24.47
CA VAL A 690 -32.62 24.51 25.54
C VAL A 690 -33.25 24.26 26.90
N ALA A 691 -34.44 24.84 27.13
CA ALA A 691 -35.08 24.69 28.42
C ALA A 691 -35.57 23.27 28.67
N GLY A 692 -35.89 22.54 27.61
CA GLY A 692 -36.32 21.16 27.73
C GLY A 692 -35.24 20.13 27.53
N ILE A 693 -34.01 20.55 27.25
CA ILE A 693 -32.87 19.67 27.02
C ILE A 693 -33.21 18.70 25.90
N SER A 694 -33.73 19.22 24.80
CA SER A 694 -34.03 18.44 23.61
C SER A 694 -33.10 18.87 22.48
N GLU A 695 -33.33 18.30 21.30
CA GLU A 695 -32.53 18.65 20.14
C GLU A 695 -33.13 19.82 19.36
N TYR A 696 -34.44 19.81 19.14
CA TYR A 696 -35.11 20.81 18.32
C TYR A 696 -36.22 21.48 19.10
N GLY A 697 -36.41 22.77 18.87
CA GLY A 697 -37.30 23.59 19.66
C GLY A 697 -38.77 23.23 19.45
N TYR A 698 -39.62 24.05 20.02
CA TYR A 698 -41.06 23.83 20.03
C TYR A 698 -41.80 25.00 19.38
N GLY A 699 -41.23 25.54 18.31
CA GLY A 699 -41.93 26.53 17.52
C GLY A 699 -42.92 25.89 16.58
N SER A 700 -43.76 26.74 15.98
CA SER A 700 -44.76 26.25 15.05
C SER A 700 -44.10 25.59 13.84
N TYR A 701 -44.64 24.44 13.44
CA TYR A 701 -44.12 23.76 12.25
C TYR A 701 -44.31 24.61 11.01
N SER A 702 -45.48 25.23 10.87
CA SER A 702 -45.73 26.20 9.81
C SER A 702 -46.60 27.30 10.39
N ARG A 703 -46.36 28.53 9.93
CA ARG A 703 -47.11 29.68 10.40
C ARG A 703 -48.36 29.96 9.58
N THR A 704 -48.62 29.17 8.53
CA THR A 704 -49.79 29.36 7.69
C THR A 704 -50.81 28.24 7.82
N SER A 705 -50.38 27.01 8.13
CA SER A 705 -51.28 25.88 8.30
C SER A 705 -51.00 25.24 9.65
N ALA A 706 -52.06 25.03 10.43
CA ALA A 706 -51.95 24.50 11.79
C ALA A 706 -50.94 25.31 12.61
N GLN A 707 -51.27 26.58 12.79
CA GLN A 707 -50.36 27.52 13.42
C GLN A 707 -50.04 27.17 14.87
N ASN A 708 -50.93 26.44 15.54
CA ASN A 708 -50.78 26.13 16.96
C ASN A 708 -50.08 24.81 17.23
N ILE A 709 -49.67 24.07 16.19
CA ILE A 709 -49.17 22.71 16.33
C ILE A 709 -47.68 22.70 16.05
N ALA A 710 -46.92 22.06 16.95
CA ALA A 710 -45.47 22.01 16.86
C ALA A 710 -44.95 20.68 16.33
N TYR A 711 -45.83 19.78 15.90
CA TYR A 711 -45.41 18.46 15.45
C TYR A 711 -44.62 18.58 14.15
N ASN A 712 -43.34 18.23 14.19
CA ASN A 712 -42.45 18.38 13.04
C ASN A 712 -41.92 17.01 12.62
N PRO A 713 -42.49 16.40 11.58
CA PRO A 713 -41.95 15.10 11.13
C PRO A 713 -40.51 15.15 10.67
N ASP A 714 -40.07 16.27 10.09
CA ASP A 714 -38.71 16.34 9.55
C ASP A 714 -37.66 16.26 10.64
N THR A 715 -37.85 17.00 11.74
CA THR A 715 -36.89 17.04 12.83
C THR A 715 -37.28 16.11 13.98
N GLY A 716 -38.34 15.32 13.81
CA GLY A 716 -38.75 14.38 14.84
C GLY A 716 -39.22 15.01 16.13
N VAL A 717 -39.99 16.09 16.04
CA VAL A 717 -40.57 16.74 17.21
C VAL A 717 -42.00 16.24 17.36
N THR A 718 -42.30 15.66 18.53
CA THR A 718 -43.61 15.08 18.79
C THR A 718 -44.45 15.94 19.73
N ALA A 719 -43.99 17.13 20.09
CA ALA A 719 -44.77 17.99 20.97
C ALA A 719 -46.07 18.39 20.29
N PRO A 720 -47.21 18.27 20.97
CA PRO A 720 -48.50 18.55 20.31
C PRO A 720 -48.81 20.03 20.17
N PHE A 721 -48.18 20.91 20.94
CA PHE A 721 -48.50 22.33 20.92
C PHE A 721 -47.23 23.15 20.84
N ALA A 722 -47.34 24.35 20.27
CA ALA A 722 -46.20 25.15 19.87
C ALA A 722 -46.05 26.40 20.74
N ASN A 723 -44.92 27.07 20.56
CA ASN A 723 -44.64 28.35 21.17
C ASN A 723 -44.86 29.43 20.11
N LEU A 724 -45.94 30.19 20.25
CA LEU A 724 -46.41 31.05 19.16
C LEU A 724 -45.44 32.20 18.91
N ASP A 725 -45.51 32.74 17.69
CA ASP A 725 -44.73 33.88 17.28
C ASP A 725 -45.67 35.03 16.92
N ARG A 726 -45.33 36.23 17.36
CA ARG A 726 -46.02 37.44 16.93
C ARG A 726 -45.15 38.18 15.93
N GLN A 727 -45.71 38.48 14.77
CA GLN A 727 -44.95 39.06 13.67
C GLN A 727 -45.29 40.54 13.50
N ALA A 728 -44.33 41.28 12.95
CA ALA A 728 -44.48 42.71 12.75
C ALA A 728 -43.59 43.15 11.60
N TYR A 729 -43.84 44.37 11.13
CA TYR A 729 -43.05 44.92 10.04
C TYR A 729 -41.61 45.16 10.47
N THR A 730 -40.70 45.13 9.50
CA THR A 730 -39.27 45.34 9.74
C THR A 730 -38.79 46.50 8.89
N ASP A 731 -38.01 47.39 9.50
CA ASP A 731 -37.44 48.56 8.82
C ASP A 731 -35.97 48.65 9.21
N ALA A 732 -35.11 47.97 8.44
CA ALA A 732 -33.69 47.95 8.77
C ALA A 732 -33.02 49.28 8.44
N ASN A 733 -33.33 49.86 7.28
CA ASN A 733 -32.68 51.09 6.85
C ASN A 733 -33.33 52.34 7.44
N ASN A 734 -34.45 52.19 8.14
CA ASN A 734 -35.14 53.31 8.79
C ASN A 734 -35.42 54.42 7.77
N ASP A 735 -35.97 54.04 6.63
CA ASP A 735 -36.36 54.97 5.59
C ASP A 735 -37.83 55.36 5.67
N GLY A 736 -38.55 54.88 6.68
CA GLY A 736 -39.96 55.15 6.82
C GLY A 736 -40.89 54.15 6.15
N THR A 737 -40.34 53.21 5.37
CA THR A 737 -41.11 52.20 4.68
C THR A 737 -40.67 50.82 5.15
N SER A 738 -41.64 49.95 5.43
CA SER A 738 -41.32 48.61 5.89
C SER A 738 -40.60 47.83 4.79
N ASP A 739 -39.57 47.10 5.20
CA ASP A 739 -38.73 46.37 4.24
C ASP A 739 -39.51 45.24 3.60
N ARG A 740 -39.27 45.02 2.31
CA ARG A 740 -39.82 43.89 1.57
C ARG A 740 -38.71 43.23 0.76
N ASN A 741 -38.90 41.96 0.46
CA ASN A 741 -37.92 41.21 -0.29
C ASN A 741 -37.93 41.65 -1.76
N ALA A 742 -37.06 41.04 -2.56
CA ALA A 742 -36.97 41.37 -3.97
C ALA A 742 -38.24 40.98 -4.73
N ASP A 743 -38.94 39.95 -4.27
CA ASP A 743 -40.12 39.44 -4.94
C ASP A 743 -41.42 40.06 -4.42
N GLY A 744 -41.33 41.08 -3.56
CA GLY A 744 -42.49 41.75 -3.04
C GLY A 744 -43.02 41.19 -1.73
N THR A 745 -42.50 40.06 -1.26
CA THR A 745 -42.94 39.52 0.02
C THR A 745 -42.39 40.38 1.17
N VAL A 746 -43.20 40.53 2.21
CA VAL A 746 -42.80 41.38 3.34
C VAL A 746 -41.74 40.66 4.16
N VAL A 747 -40.93 41.44 4.87
CA VAL A 747 -39.93 40.92 5.79
C VAL A 747 -40.42 41.17 7.20
N ALA A 748 -40.55 40.10 7.99
CA ALA A 748 -41.17 40.16 9.30
C ALA A 748 -40.16 39.79 10.38
N THR A 749 -40.34 40.38 11.56
CA THR A 749 -39.57 40.04 12.75
C THR A 749 -40.45 39.29 13.74
N ASN A 750 -39.88 38.26 14.36
CA ASN A 750 -40.64 37.33 15.18
C ASN A 750 -40.23 37.48 16.64
N THR A 751 -41.22 37.64 17.51
CA THR A 751 -41.03 37.63 18.95
C THR A 751 -41.77 36.43 19.53
N LYS A 752 -41.23 35.86 20.60
CA LYS A 752 -41.75 34.63 21.16
C LYS A 752 -42.77 34.95 22.24
N ILE A 753 -44.02 34.59 21.99
CA ILE A 753 -45.05 34.60 23.00
C ILE A 753 -45.41 33.16 23.32
N GLY A 754 -46.00 32.94 24.48
CA GLY A 754 -46.37 31.60 24.87
C GLY A 754 -47.61 31.11 24.15
N GLN A 755 -48.37 30.23 24.79
CA GLN A 755 -49.65 29.77 24.27
C GLN A 755 -50.52 29.35 25.43
N MET A 756 -51.81 29.68 25.35
CA MET A 756 -52.75 29.32 26.42
C MET A 756 -54.15 29.37 25.85
N GLY A 757 -54.82 28.23 25.80
CA GLY A 757 -56.16 28.20 25.25
C GLY A 757 -56.79 26.84 25.46
N PHE A 758 -57.89 26.62 24.74
CA PHE A 758 -58.62 25.36 24.82
C PHE A 758 -59.36 25.13 23.53
N GLY A 759 -59.81 23.89 23.33
CA GLY A 759 -60.54 23.53 22.14
C GLY A 759 -61.44 22.34 22.40
N VAL A 760 -62.33 22.09 21.45
CA VAL A 760 -63.28 20.99 21.55
C VAL A 760 -63.78 20.67 20.15
N LYS A 761 -64.10 19.39 19.93
CA LYS A 761 -64.65 18.95 18.65
C LYS A 761 -65.51 17.73 18.91
N ALA A 762 -66.76 17.75 18.42
CA ALA A 762 -67.70 16.68 18.70
C ALA A 762 -68.55 16.43 17.47
N ALA A 763 -69.46 15.47 17.58
CA ALA A 763 -70.39 15.14 16.51
C ALA A 763 -71.54 14.35 17.12
N ALA A 764 -72.59 14.15 16.33
CA ALA A 764 -73.77 13.44 16.82
C ALA A 764 -74.51 12.86 15.64
N ASN A 765 -74.51 11.53 15.53
CA ASN A 765 -75.25 10.83 14.49
C ASN A 765 -76.66 10.56 15.00
N LEU A 766 -77.65 10.73 14.12
CA LEU A 766 -79.06 10.63 14.47
C LEU A 766 -79.81 9.81 13.45
N GLY A 767 -79.15 8.81 12.88
CA GLY A 767 -79.73 8.01 11.82
C GLY A 767 -79.27 8.50 10.46
N PRO A 768 -80.17 9.12 9.71
CA PRO A 768 -79.75 9.76 8.44
C PRO A 768 -79.10 11.10 8.66
N VAL A 769 -79.55 11.83 9.68
CA VAL A 769 -79.09 13.19 9.96
C VAL A 769 -77.83 13.12 10.82
N ALA A 770 -76.80 13.85 10.43
CA ALA A 770 -75.57 13.98 11.19
C ALA A 770 -75.20 15.45 11.33
N ILE A 771 -74.74 15.83 12.52
CA ILE A 771 -74.32 17.20 12.78
C ILE A 771 -72.96 17.17 13.48
N GLY A 772 -72.30 18.32 13.48
CA GLY A 772 -71.00 18.44 14.12
C GLY A 772 -70.70 19.85 14.56
N GLY A 773 -69.47 20.08 15.00
CA GLY A 773 -69.06 21.41 15.42
C GLY A 773 -67.68 21.36 16.03
N TYR A 774 -67.10 22.55 16.21
CA TYR A 774 -65.78 22.66 16.81
C TYR A 774 -65.62 24.06 17.37
N TYR A 775 -64.61 24.22 18.22
CA TYR A 775 -64.29 25.51 18.82
C TYR A 775 -62.84 25.46 19.29
N ASP A 776 -62.14 26.59 19.18
CA ASP A 776 -60.76 26.65 19.58
C ASP A 776 -60.36 28.11 19.76
N THR A 777 -59.67 28.40 20.86
CA THR A 777 -59.19 29.74 21.14
C THR A 777 -57.76 29.66 21.65
N SER A 778 -57.00 30.73 21.43
CA SER A 778 -55.61 30.77 21.82
C SER A 778 -55.20 32.22 22.06
N THR A 779 -54.09 32.38 22.76
CA THR A 779 -53.52 33.70 23.06
C THR A 779 -52.11 33.50 23.57
N GLY A 780 -51.48 34.59 23.99
CA GLY A 780 -50.17 34.49 24.60
C GLY A 780 -50.24 33.91 25.99
N ALA A 781 -49.05 33.58 26.53
CA ALA A 781 -48.99 33.01 27.86
C ALA A 781 -49.48 33.99 28.92
N ASN A 782 -49.29 35.29 28.69
CA ASN A 782 -49.74 36.30 29.65
C ASN A 782 -51.24 36.47 29.65
N GLY A 783 -51.93 36.02 28.59
CA GLY A 783 -53.37 36.13 28.53
C GLY A 783 -53.90 37.39 27.89
N ASP A 784 -53.06 38.16 27.20
CA ASP A 784 -53.51 39.39 26.56
C ASP A 784 -54.44 39.08 25.40
N ASN A 785 -55.37 40.01 25.15
CA ASN A 785 -56.32 39.88 24.05
C ASN A 785 -55.78 40.42 22.74
N ALA A 786 -54.54 40.92 22.73
CA ALA A 786 -53.92 41.41 21.52
C ALA A 786 -53.30 40.30 20.68
N ASN A 787 -53.38 39.05 21.13
CA ASN A 787 -52.90 37.92 20.37
C ASN A 787 -53.96 36.82 20.24
N ARG A 788 -55.22 37.15 20.55
CA ARG A 788 -56.28 36.14 20.54
C ARG A 788 -56.65 35.74 19.12
N MET A 789 -56.75 34.44 18.88
CA MET A 789 -57.23 33.89 17.61
C MET A 789 -58.28 32.84 17.92
N THR A 790 -59.53 33.12 17.57
CA THR A 790 -60.65 32.25 17.88
C THR A 790 -61.25 31.72 16.59
N GLU A 791 -61.46 30.41 16.52
CA GLU A 791 -62.14 29.77 15.40
C GLU A 791 -63.32 28.96 15.91
N ALA A 792 -64.38 28.93 15.12
CA ALA A 792 -65.57 28.17 15.46
C ALA A 792 -66.30 27.83 14.17
N GLY A 793 -67.22 26.88 14.26
CA GLY A 793 -67.97 26.48 13.08
C GLY A 793 -68.91 25.35 13.39
N GLY A 794 -69.51 24.83 12.32
CA GLY A 794 -70.44 23.73 12.46
C GLY A 794 -70.64 23.05 11.12
N SER A 795 -71.65 22.19 11.09
CA SER A 795 -71.98 21.45 9.86
C SER A 795 -73.33 20.77 10.06
N ALA A 796 -73.79 20.12 9.01
CA ALA A 796 -75.03 19.35 9.02
C ALA A 796 -75.02 18.46 7.80
N LYS A 797 -75.88 17.44 7.81
CA LYS A 797 -75.93 16.50 6.71
C LYS A 797 -77.20 15.67 6.81
N VAL A 798 -77.81 15.41 5.65
CA VAL A 798 -78.92 14.47 5.54
C VAL A 798 -78.70 13.66 4.26
N ALA A 799 -78.88 12.35 4.36
CA ALA A 799 -78.57 11.46 3.24
C ALA A 799 -79.51 10.26 3.29
N TYR A 800 -80.56 10.29 2.49
CA TYR A 800 -81.48 9.18 2.34
C TYR A 800 -81.40 8.66 0.90
N SER A 801 -81.24 7.35 0.75
CA SER A 801 -81.16 6.69 -0.55
C SER A 801 -79.92 7.24 -1.27
N ILE A 802 -80.03 7.69 -2.52
CA ILE A 802 -78.85 8.19 -3.24
C ILE A 802 -78.61 9.66 -2.99
N PHE A 803 -79.60 10.41 -2.52
CA PHE A 803 -79.47 11.85 -2.38
C PHE A 803 -78.57 12.21 -1.20
N SER A 804 -78.22 13.49 -1.13
CA SER A 804 -77.39 14.01 -0.05
C SER A 804 -77.58 15.51 0.02
N LEU A 805 -77.13 16.09 1.14
CA LEU A 805 -77.22 17.53 1.36
C LEU A 805 -76.35 17.89 2.55
N ARG A 806 -75.61 19.00 2.43
CA ARG A 806 -74.67 19.39 3.46
C ARG A 806 -74.70 20.90 3.66
N GLY A 807 -74.44 21.32 4.90
CA GLY A 807 -74.28 22.72 5.21
C GLY A 807 -73.02 22.93 6.01
N THR A 808 -72.54 24.17 6.01
CA THR A 808 -71.28 24.47 6.67
C THR A 808 -71.29 25.91 7.14
N TYR A 809 -70.46 26.19 8.14
CA TYR A 809 -70.21 27.54 8.61
C TYR A 809 -68.82 27.57 9.22
N ASN A 810 -68.11 28.68 9.05
CA ASN A 810 -66.75 28.80 9.53
C ASN A 810 -66.53 30.22 10.03
N THR A 811 -65.42 30.42 10.75
CA THR A 811 -65.18 31.70 11.40
C THR A 811 -63.72 31.78 11.83
N LEU A 812 -63.10 32.93 11.63
CA LEU A 812 -61.77 33.23 12.16
C LEU A 812 -61.77 34.66 12.67
N ASP A 813 -61.16 34.88 13.83
CA ASP A 813 -61.16 36.18 14.49
C ASP A 813 -59.76 36.52 15.00
N SER A 814 -58.77 36.37 14.13
CA SER A 814 -57.37 36.50 14.53
C SER A 814 -57.02 37.96 14.78
N ASN A 815 -57.03 38.37 16.05
CA ASN A 815 -56.41 39.64 16.42
C ASN A 815 -54.90 39.58 16.29
N ARG A 816 -54.33 38.38 16.34
CA ARG A 816 -52.90 38.20 16.17
C ARG A 816 -52.49 38.55 14.75
N PRO A 817 -51.44 39.32 14.55
CA PRO A 817 -51.02 39.68 13.19
C PRO A 817 -50.63 38.45 12.38
N GLN A 818 -51.14 38.38 11.15
CA GLN A 818 -50.88 37.25 10.26
C GLN A 818 -50.60 37.77 8.86
N ILE A 819 -49.77 37.02 8.13
CA ILE A 819 -49.29 37.42 6.82
C ILE A 819 -50.26 36.89 5.77
N TYR A 820 -50.93 37.80 5.08
CA TYR A 820 -51.86 37.42 4.01
C TYR A 820 -51.90 38.55 2.98
N ARG A 821 -52.30 38.20 1.76
CA ARG A 821 -52.39 39.19 0.70
C ARG A 821 -53.69 39.97 0.81
N ASP A 822 -53.64 41.22 0.35
CA ASP A 822 -54.78 42.12 0.42
C ASP A 822 -55.61 42.02 -0.86
N ALA A 823 -56.65 42.85 -0.94
CA ALA A 823 -57.54 42.82 -2.09
C ALA A 823 -56.80 43.19 -3.37
N ALA A 824 -55.96 44.21 -3.32
CA ALA A 824 -55.17 44.58 -4.50
C ALA A 824 -54.18 43.48 -4.88
N GLY A 825 -53.53 42.88 -3.88
CA GLY A 825 -52.57 41.82 -4.13
C GLY A 825 -51.25 42.05 -3.44
N THR A 826 -51.20 43.01 -2.53
CA THR A 826 -49.98 43.34 -1.79
C THR A 826 -49.99 42.61 -0.46
N GLN A 827 -48.88 41.94 -0.15
CA GLN A 827 -48.79 41.17 1.09
C GLN A 827 -48.71 42.11 2.28
N ILE A 828 -49.55 41.86 3.29
CA ILE A 828 -49.63 42.72 4.46
C ILE A 828 -49.58 41.87 5.73
N ILE A 829 -49.56 42.55 6.87
CA ILE A 829 -49.56 41.92 8.19
C ILE A 829 -50.56 42.66 9.05
N GLY A 830 -51.54 41.93 9.59
CA GLY A 830 -52.52 42.58 10.45
C GLY A 830 -53.68 41.66 10.76
N ASP A 831 -54.73 42.28 11.33
CA ASP A 831 -55.92 41.57 11.75
C ASP A 831 -56.56 40.85 10.57
N ALA A 832 -57.34 39.81 10.88
CA ALA A 832 -58.04 39.03 9.87
C ALA A 832 -59.35 38.51 10.43
N LYS A 833 -60.41 38.59 9.62
CA LYS A 833 -61.71 38.05 9.97
C LYS A 833 -62.31 37.38 8.74
N VAL A 834 -62.74 36.13 8.88
CA VAL A 834 -63.27 35.36 7.77
C VAL A 834 -64.58 34.71 8.19
N ARG A 835 -65.57 34.74 7.30
CA ARG A 835 -66.84 34.05 7.50
C ARG A 835 -67.19 33.32 6.21
N ARG A 836 -67.40 32.02 6.30
CA ARG A 836 -67.68 31.18 5.14
C ARG A 836 -68.85 30.25 5.43
N TYR A 837 -69.72 30.07 4.44
CA TYR A 837 -70.78 29.08 4.53
C TYR A 837 -71.01 28.48 3.15
N ALA A 838 -71.30 27.18 3.12
CA ALA A 838 -71.45 26.46 1.87
C ALA A 838 -72.61 25.48 1.95
N VAL A 839 -73.25 25.26 0.81
CA VAL A 839 -74.34 24.29 0.67
C VAL A 839 -74.03 23.43 -0.55
N GLN A 840 -74.02 22.12 -0.37
CA GLN A 840 -73.65 21.19 -1.43
C GLN A 840 -74.67 20.07 -1.54
N ALA A 841 -75.24 19.89 -2.72
CA ALA A 841 -76.15 18.80 -3.00
C ALA A 841 -75.47 17.76 -3.88
N ASP A 842 -75.93 16.52 -3.75
CA ASP A 842 -75.30 15.39 -4.44
C ASP A 842 -76.37 14.39 -4.84
N VAL A 843 -76.02 13.54 -5.81
CA VAL A 843 -76.88 12.44 -6.23
C VAL A 843 -76.00 11.42 -6.97
N THR A 844 -76.26 10.15 -6.71
CA THR A 844 -75.53 9.05 -7.32
C THR A 844 -76.54 8.07 -7.91
N PRO A 845 -76.95 8.28 -9.17
CA PRO A 845 -78.06 7.52 -9.74
C PRO A 845 -77.71 6.10 -10.15
N GLY A 846 -76.58 5.56 -9.72
CA GLY A 846 -76.18 4.22 -10.07
C GLY A 846 -75.04 4.22 -11.08
N LEU A 847 -74.58 3.02 -11.38
CA LEU A 847 -73.41 2.82 -12.25
C LEU A 847 -72.24 3.59 -11.65
N GLY A 848 -71.37 4.14 -12.48
CA GLY A 848 -70.32 5.01 -11.99
C GLY A 848 -70.66 6.48 -12.00
N LEU A 849 -71.91 6.83 -12.32
CA LEU A 849 -72.29 8.22 -12.48
C LEU A 849 -72.32 8.94 -11.14
N PHE A 850 -72.17 10.26 -11.20
CA PHE A 850 -72.32 11.12 -10.03
C PHE A 850 -72.56 12.54 -10.52
N VAL A 851 -73.40 13.28 -9.81
CA VAL A 851 -73.72 14.66 -10.12
C VAL A 851 -73.66 15.47 -8.83
N GLY A 852 -73.07 16.67 -8.92
CA GLY A 852 -72.97 17.52 -7.73
C GLY A 852 -73.09 18.99 -8.02
N ALA A 853 -73.89 19.68 -7.21
CA ALA A 853 -74.03 21.13 -7.27
C ALA A 853 -73.63 21.73 -5.93
N TYR A 854 -73.21 22.98 -5.95
CA TYR A 854 -72.71 23.61 -4.74
C TYR A 854 -72.95 25.12 -4.79
N TYR A 855 -72.83 25.73 -3.62
CA TYR A 855 -72.92 27.18 -3.48
C TYR A 855 -72.05 27.58 -2.30
N ARG A 856 -71.02 28.38 -2.55
CA ARG A 856 -70.07 28.79 -1.52
C ARG A 856 -70.00 30.30 -1.46
N ASP A 857 -69.77 30.82 -0.26
CA ASP A 857 -69.67 32.25 -0.02
C ASP A 857 -68.57 32.51 1.00
N VAL A 858 -67.72 33.49 0.71
CA VAL A 858 -66.61 33.86 1.58
C VAL A 858 -66.66 35.36 1.80
N ASN A 859 -66.51 35.79 3.05
CA ASN A 859 -66.64 37.20 3.42
C ASN A 859 -65.52 37.52 4.39
N VAL A 860 -64.42 38.07 3.87
CA VAL A 860 -63.24 38.39 4.68
C VAL A 860 -63.23 39.88 4.97
N ASN A 861 -63.03 40.24 6.24
CA ASN A 861 -62.92 41.63 6.68
C ASN A 861 -64.18 42.44 6.35
N GLY A 862 -65.34 41.79 6.36
CA GLY A 862 -66.60 42.47 6.17
C GLY A 862 -67.03 42.70 4.74
N VAL A 863 -66.23 42.29 3.76
CA VAL A 863 -66.57 42.47 2.35
C VAL A 863 -66.47 41.13 1.64
N ARG A 864 -67.37 40.92 0.67
CA ARG A 864 -67.33 39.71 -0.14
C ARG A 864 -66.02 39.65 -0.92
N SER A 865 -65.45 38.47 -1.02
CA SER A 865 -64.17 38.28 -1.66
C SER A 865 -64.20 37.07 -2.59
N THR A 866 -63.35 37.11 -3.62
CA THR A 866 -63.22 35.97 -4.51
C THR A 866 -62.58 34.79 -3.80
N THR A 867 -61.53 35.05 -3.02
CA THR A 867 -60.77 34.00 -2.34
C THR A 867 -60.63 34.40 -0.88
N ASP A 868 -60.46 33.39 -0.02
CA ASP A 868 -60.24 33.64 1.40
C ASP A 868 -58.78 33.92 1.73
N ARG A 869 -57.89 33.85 0.75
CA ARG A 869 -56.46 34.17 0.92
C ARG A 869 -55.77 33.27 1.92
N GLY A 870 -56.28 32.04 2.09
CA GLY A 870 -55.64 31.07 2.94
C GLY A 870 -55.79 31.30 4.42
N LEU A 871 -56.64 32.24 4.84
CA LEU A 871 -56.78 32.53 6.25
C LEU A 871 -57.48 31.42 7.02
N LEU A 872 -58.39 30.70 6.37
CA LEU A 872 -59.11 29.64 7.05
C LEU A 872 -58.22 28.46 7.39
N GLY A 873 -57.06 28.34 6.75
CA GLY A 873 -56.14 27.25 7.02
C GLY A 873 -55.25 27.44 8.22
N ARG A 874 -55.35 28.56 8.92
CA ARG A 874 -54.49 28.79 10.08
C ARG A 874 -54.88 27.89 11.25
N GLY A 875 -56.15 27.49 11.32
CA GLY A 875 -56.60 26.62 12.39
C GLY A 875 -56.23 25.17 12.17
N TYR A 876 -56.54 24.35 13.18
CA TYR A 876 -56.25 22.92 13.13
C TYR A 876 -57.47 22.06 13.48
N LEU A 877 -58.63 22.68 13.71
CA LEU A 877 -59.83 21.94 14.09
C LEU A 877 -60.92 21.96 13.05
N ALA A 878 -60.76 22.71 11.96
CA ALA A 878 -61.79 22.78 10.94
C ALA A 878 -62.07 21.40 10.36
N SER A 879 -63.35 21.07 10.22
CA SER A 879 -63.76 19.73 9.83
C SER A 879 -65.02 19.80 8.98
N SER A 880 -65.25 18.73 8.22
CA SER A 880 -66.42 18.64 7.35
C SER A 880 -66.75 17.18 7.12
N PHE A 881 -67.98 16.95 6.66
CA PHE A 881 -68.45 15.60 6.36
C PHE A 881 -68.09 15.22 4.93
N GLU A 882 -68.52 14.02 4.52
CA GLU A 882 -68.25 13.51 3.18
C GLU A 882 -69.55 13.08 2.53
N PRO A 883 -69.65 13.18 1.20
CA PRO A 883 -70.86 12.71 0.53
C PRO A 883 -71.00 11.20 0.62
N GLY A 884 -72.25 10.75 0.63
CA GLY A 884 -72.56 9.34 0.70
C GLY A 884 -73.52 9.04 1.83
N VAL A 885 -73.81 7.74 1.99
CA VAL A 885 -74.73 7.25 3.00
C VAL A 885 -73.99 6.24 3.87
N GLY A 886 -74.03 6.44 5.18
CA GLY A 886 -73.43 5.55 6.13
C GLY A 886 -72.07 6.00 6.65
N ASN A 887 -71.41 6.91 5.95
CA ASN A 887 -70.11 7.45 6.38
C ASN A 887 -70.35 8.86 6.92
N ASN A 888 -70.60 8.94 8.22
CA ASN A 888 -70.84 10.22 8.89
C ASN A 888 -69.66 10.66 9.73
N ALA A 889 -68.44 10.28 9.33
CA ALA A 889 -67.25 10.67 10.08
C ALA A 889 -66.95 12.15 9.87
N TYR A 890 -66.56 12.81 10.96
CA TYR A 890 -66.28 14.25 10.95
C TYR A 890 -64.77 14.46 10.87
N ARG A 891 -64.22 14.25 9.67
CA ARG A 891 -62.79 14.36 9.48
C ARG A 891 -62.34 15.81 9.40
N THR A 892 -61.12 16.06 9.84
CA THR A 892 -60.55 17.40 9.83
C THR A 892 -60.32 17.89 8.41
N GLY A 893 -60.42 19.21 8.24
CA GLY A 893 -60.14 19.84 6.97
C GLY A 893 -61.39 20.25 6.20
N LEU A 894 -61.42 21.49 5.74
CA LEU A 894 -62.52 21.96 4.92
C LEU A 894 -62.48 21.29 3.55
N ARG A 895 -63.66 21.00 3.01
CA ARG A 895 -63.76 20.40 1.68
C ARG A 895 -63.90 21.49 0.61
N CYS A 896 -62.91 22.38 0.60
CA CYS A 896 -62.87 23.44 -0.41
C CYS A 896 -62.43 22.92 -1.77
N ALA A 897 -61.92 21.70 -1.86
CA ALA A 897 -61.42 21.14 -3.10
C ALA A 897 -62.38 20.09 -3.68
N ASP A 898 -63.67 20.22 -3.41
CA ASP A 898 -64.68 19.30 -3.93
C ASP A 898 -65.44 19.97 -5.06
N ASN A 899 -65.55 19.28 -6.19
CA ASN A 899 -66.22 19.76 -7.40
C ASN A 899 -65.54 20.99 -8.00
N ASN A 900 -64.33 21.31 -7.57
CA ASN A 900 -63.61 22.43 -8.16
C ASN A 900 -62.94 22.03 -9.47
N PHE A 901 -62.60 23.05 -10.23
CA PHE A 901 -61.81 22.94 -11.45
C PHE A 901 -60.32 22.85 -11.10
N GLY A 902 -59.47 22.89 -12.11
CA GLY A 902 -58.03 22.81 -11.92
C GLY A 902 -57.35 24.08 -12.35
N THR A 903 -56.19 24.35 -11.75
CA THR A 903 -55.40 25.53 -12.07
C THR A 903 -53.97 25.15 -12.43
N GLY A 904 -53.78 23.95 -12.97
CA GLY A 904 -52.44 23.50 -13.30
C GLY A 904 -51.83 24.30 -14.42
N THR A 905 -50.51 24.52 -14.33
CA THR A 905 -49.77 25.22 -15.36
C THR A 905 -48.48 24.51 -15.73
N ARG A 906 -47.96 23.63 -14.89
CA ARG A 906 -46.67 22.99 -15.10
C ARG A 906 -46.86 21.53 -15.49
N ASP A 907 -45.90 21.00 -16.24
CA ASP A 907 -45.94 19.63 -16.72
C ASP A 907 -44.52 19.19 -17.07
N ILE A 908 -44.36 17.90 -17.31
CA ILE A 908 -43.06 17.34 -17.64
C ILE A 908 -43.02 16.70 -19.02
N ASP A 909 -44.14 16.25 -19.58
CA ASP A 909 -44.12 15.69 -20.92
C ASP A 909 -44.03 16.77 -22.00
N GLY A 910 -44.56 17.95 -21.73
CA GLY A 910 -44.46 19.07 -22.66
C GLY A 910 -45.70 19.33 -23.48
N VAL A 911 -46.78 18.58 -23.29
CA VAL A 911 -47.99 18.79 -24.07
C VAL A 911 -49.20 18.90 -23.14
N GLY A 912 -48.97 19.26 -21.88
CA GLY A 912 -50.04 19.47 -20.93
C GLY A 912 -50.32 18.32 -19.99
N GLY A 913 -49.50 17.28 -19.99
CA GLY A 913 -49.72 16.15 -19.13
C GLY A 913 -50.58 15.06 -19.70
N VAL A 914 -50.93 15.13 -20.99
CA VAL A 914 -51.79 14.11 -21.59
C VAL A 914 -51.00 12.89 -22.01
N LEU A 915 -49.68 12.99 -22.13
CA LEU A 915 -48.83 11.86 -22.46
C LEU A 915 -48.11 11.29 -21.25
N ASN A 916 -48.59 11.61 -20.05
CA ASN A 916 -47.98 11.12 -18.80
C ASN A 916 -48.93 10.12 -18.16
N PRO A 917 -48.65 8.81 -18.24
CA PRO A 917 -49.56 7.83 -17.64
C PRO A 917 -49.67 7.94 -16.13
N ALA A 918 -48.70 8.56 -15.46
CA ALA A 918 -48.69 8.65 -14.00
C ALA A 918 -49.51 9.81 -13.46
N VAL A 919 -50.10 10.63 -14.33
CA VAL A 919 -50.87 11.80 -13.92
C VAL A 919 -52.29 11.66 -14.45
N ASN A 920 -53.26 11.72 -13.54
CA ASN A 920 -54.67 11.71 -13.89
C ASN A 920 -55.16 13.15 -14.00
N LEU A 921 -55.55 13.55 -15.21
CA LEU A 921 -55.95 14.93 -15.42
C LEU A 921 -57.33 15.22 -14.85
N ASP A 922 -58.20 14.21 -14.78
CA ASP A 922 -59.55 14.40 -14.28
C ASP A 922 -59.62 14.53 -12.76
N GLN A 923 -58.50 14.31 -12.06
CA GLN A 923 -58.47 14.39 -10.60
C GLN A 923 -57.67 15.60 -10.10
N SER A 924 -57.44 16.58 -10.97
CA SER A 924 -56.70 17.78 -10.59
C SER A 924 -57.69 18.85 -10.15
N ARG A 925 -57.65 19.19 -8.86
CA ARG A 925 -58.60 20.15 -8.29
C ARG A 925 -57.83 21.15 -7.44
N THR A 926 -58.19 22.42 -7.59
CA THR A 926 -57.54 23.48 -6.81
C THR A 926 -58.07 23.49 -5.38
N ALA A 927 -57.18 23.80 -4.44
CA ALA A 927 -57.51 23.75 -3.02
C ALA A 927 -58.01 25.08 -2.47
N THR A 928 -57.93 26.16 -3.25
CA THR A 928 -58.35 27.46 -2.76
C THR A 928 -59.86 27.53 -2.62
N CYS A 929 -60.32 28.29 -1.63
CA CYS A 929 -61.75 28.44 -1.34
C CYS A 929 -62.26 29.65 -2.09
N PHE A 930 -63.04 29.42 -3.15
CA PHE A 930 -63.58 30.49 -3.96
C PHE A 930 -64.96 30.89 -3.45
N THR A 931 -65.57 31.86 -4.12
CA THR A 931 -66.95 32.29 -3.87
C THR A 931 -67.70 32.07 -5.18
N SER A 932 -68.23 30.86 -5.36
CA SER A 932 -68.81 30.48 -6.64
C SER A 932 -69.99 29.55 -6.42
N TYR A 933 -70.70 29.27 -7.52
CA TYR A 933 -71.74 28.27 -7.54
C TYR A 933 -71.73 27.60 -8.91
N GLY A 934 -71.89 26.28 -8.92
CA GLY A 934 -71.82 25.57 -10.17
C GLY A 934 -72.45 24.20 -10.08
N VAL A 935 -72.07 23.35 -11.04
CA VAL A 935 -72.58 21.99 -11.13
C VAL A 935 -71.54 21.15 -11.85
N GLU A 936 -71.40 19.89 -11.43
CA GLU A 936 -70.43 18.99 -12.02
C GLU A 936 -71.03 17.61 -12.21
N ALA A 937 -70.76 17.01 -13.36
CA ALA A 937 -71.18 15.65 -13.66
C ALA A 937 -69.99 14.87 -14.18
N GLY A 938 -69.93 13.59 -13.85
CA GLY A 938 -68.78 12.79 -14.22
C GLY A 938 -69.09 11.31 -14.26
N HIS A 939 -68.04 10.53 -14.06
CA HIS A 939 -68.09 9.07 -14.16
C HIS A 939 -66.79 8.52 -13.59
N ALA A 940 -66.88 7.35 -12.99
CA ALA A 940 -65.71 6.67 -12.40
C ALA A 940 -65.77 5.20 -12.79
N GLY A 941 -64.89 4.78 -13.70
CA GLY A 941 -64.86 3.42 -14.17
C GLY A 941 -64.15 2.44 -13.28
N ASP A 942 -63.57 2.89 -12.16
CA ASP A 942 -62.90 2.00 -11.22
C ASP A 942 -63.87 1.32 -10.26
N ASN A 943 -65.12 1.78 -10.19
CA ASN A 943 -66.09 1.17 -9.30
C ASN A 943 -66.48 -0.22 -9.80
N ALA A 944 -66.99 -1.04 -8.88
CA ALA A 944 -67.43 -2.38 -9.24
C ALA A 944 -68.56 -2.32 -10.25
N ASN A 945 -69.51 -1.41 -10.05
CA ASN A 945 -70.61 -1.19 -10.97
C ASN A 945 -70.32 0.08 -11.76
N ALA A 946 -70.26 -0.03 -13.09
CA ALA A 946 -69.97 1.10 -13.95
C ALA A 946 -70.52 0.82 -15.33
N LEU A 947 -71.06 1.86 -15.98
CA LEU A 947 -71.62 1.70 -17.32
C LEU A 947 -70.54 1.30 -18.31
N VAL A 948 -69.39 1.96 -18.27
CA VAL A 948 -68.26 1.64 -19.12
C VAL A 948 -67.04 1.44 -18.23
N LYS A 949 -66.36 0.30 -18.40
CA LYS A 949 -65.21 -0.02 -17.58
C LYS A 949 -63.98 0.77 -18.04
N ASP A 950 -63.20 1.23 -17.07
CA ASP A 950 -61.94 1.94 -17.33
C ASP A 950 -62.17 3.21 -18.13
N LEU A 951 -63.24 3.94 -17.81
CA LEU A 951 -63.52 5.23 -18.43
C LEU A 951 -63.73 6.26 -17.31
N PHE A 952 -62.94 7.32 -17.32
CA PHE A 952 -63.07 8.41 -16.36
C PHE A 952 -63.24 9.72 -17.12
N PHE A 953 -64.23 10.51 -16.73
CA PHE A 953 -64.43 11.81 -17.35
C PHE A 953 -65.25 12.68 -16.40
N ARG A 954 -65.20 13.98 -16.64
CA ARG A 954 -65.94 14.94 -15.84
C ARG A 954 -66.18 16.19 -16.66
N VAL A 955 -67.17 16.97 -16.25
CA VAL A 955 -67.49 18.23 -16.90
C VAL A 955 -68.22 19.11 -15.90
N GLY A 956 -67.91 20.40 -15.92
CA GLY A 956 -68.47 21.32 -14.94
C GLY A 956 -68.60 22.72 -15.49
N TYR A 957 -69.24 23.57 -14.69
CA TYR A 957 -69.47 24.97 -15.07
C TYR A 957 -69.75 25.75 -13.80
N SER A 958 -68.88 26.71 -13.48
CA SER A 958 -68.99 27.49 -12.26
C SER A 958 -68.83 28.96 -12.56
N ARG A 959 -69.43 29.80 -11.72
CA ARG A 959 -69.37 31.25 -11.86
C ARG A 959 -68.75 31.84 -10.60
N VAL A 960 -67.57 32.42 -10.75
CA VAL A 960 -66.79 32.95 -9.65
C VAL A 960 -67.17 34.41 -9.42
N TYR A 961 -67.10 34.86 -8.17
CA TYR A 961 -67.43 36.23 -7.82
C TYR A 961 -66.24 37.15 -8.03
N VAL A 962 -66.47 38.27 -8.71
CA VAL A 962 -65.44 39.26 -8.98
C VAL A 962 -66.00 40.63 -8.64
N PRO A 963 -65.38 41.39 -7.74
CA PRO A 963 -65.91 42.70 -7.37
C PRO A 963 -65.79 43.69 -8.52
N THR A 964 -66.48 44.82 -8.35
CA THR A 964 -66.51 45.84 -9.40
C THR A 964 -65.11 46.30 -9.77
N THR A 965 -64.32 46.70 -8.77
CA THR A 965 -62.92 47.04 -8.97
C THR A 965 -62.08 46.10 -8.11
N ALA A 966 -60.77 46.38 -8.06
CA ALA A 966 -59.87 45.53 -7.29
C ALA A 966 -60.19 45.57 -5.80
N THR A 967 -60.52 46.75 -5.28
CA THR A 967 -60.76 46.93 -3.85
C THR A 967 -62.16 47.50 -3.58
N ALA A 968 -63.13 47.18 -4.45
CA ALA A 968 -64.48 47.67 -4.26
C ALA A 968 -65.25 46.76 -3.30
N THR A 969 -66.44 47.22 -2.92
CA THR A 969 -67.34 46.46 -2.06
C THR A 969 -68.40 45.72 -2.86
N THR A 970 -69.06 46.39 -3.79
CA THR A 970 -70.09 45.79 -4.60
C THR A 970 -69.47 44.94 -5.72
N GLY A 971 -70.30 44.11 -6.33
CA GLY A 971 -69.83 43.26 -7.40
C GLY A 971 -70.90 42.26 -7.79
N ASP A 972 -70.51 41.32 -8.65
CA ASP A 972 -71.40 40.27 -9.10
C ASP A 972 -70.57 39.09 -9.60
N PHE A 973 -71.26 37.98 -9.85
CA PHE A 973 -70.62 36.75 -10.33
C PHE A 973 -70.31 36.89 -11.82
N SER A 974 -69.34 37.76 -12.12
CA SER A 974 -68.97 38.00 -13.50
C SER A 974 -68.12 36.88 -14.07
N GLY A 975 -67.30 36.22 -13.24
CA GLY A 975 -66.47 35.16 -13.73
C GLY A 975 -67.26 33.96 -14.21
N SER A 976 -66.65 33.17 -15.08
CA SER A 976 -67.30 32.00 -15.65
C SER A 976 -66.23 31.01 -16.09
N VAL A 977 -66.37 29.76 -15.65
CA VAL A 977 -65.41 28.71 -15.97
C VAL A 977 -66.19 27.52 -16.54
N THR A 978 -65.71 26.99 -17.66
CA THR A 978 -66.23 25.75 -18.21
C THR A 978 -65.06 24.82 -18.47
N TYR A 979 -65.12 23.61 -17.90
CA TYR A 979 -64.00 22.69 -17.98
C TYR A 979 -64.53 21.28 -18.23
N GLY A 980 -63.63 20.42 -18.71
CA GLY A 980 -63.97 19.04 -18.97
C GLY A 980 -62.74 18.19 -19.18
N ASP A 981 -62.71 16.99 -18.61
CA ASP A 981 -61.57 16.09 -18.73
C ASP A 981 -62.07 14.71 -19.11
N ALA A 982 -61.14 13.87 -19.55
CA ALA A 982 -61.47 12.50 -19.93
C ALA A 982 -60.22 11.65 -19.89
N ARG A 983 -60.42 10.34 -19.86
CA ARG A 983 -59.35 9.36 -19.85
C ARG A 983 -59.95 7.99 -20.11
N TYR A 984 -59.31 7.20 -20.96
CA TYR A 984 -59.84 5.90 -21.33
C TYR A 984 -58.70 4.97 -21.68
N ASP A 985 -58.54 3.88 -20.92
CA ASP A 985 -57.51 2.89 -21.15
C ASP A 985 -58.21 1.61 -21.59
N ARG A 986 -57.65 0.95 -22.60
CA ARG A 986 -58.27 -0.23 -23.18
C ARG A 986 -57.19 -1.12 -23.77
N LYS A 987 -57.55 -2.38 -24.02
CA LYS A 987 -56.67 -3.34 -24.68
C LYS A 987 -57.46 -3.98 -25.82
N VAL A 988 -57.23 -3.50 -27.04
CA VAL A 988 -57.85 -4.06 -28.24
C VAL A 988 -56.85 -4.95 -28.93
N GLY A 989 -57.19 -6.21 -29.12
CA GLY A 989 -56.26 -7.16 -29.70
C GLY A 989 -55.02 -7.28 -28.82
N VAL A 990 -53.85 -7.06 -29.43
CA VAL A 990 -52.59 -7.07 -28.72
C VAL A 990 -52.14 -5.67 -28.33
N ALA A 991 -52.88 -4.64 -28.73
CA ALA A 991 -52.48 -3.25 -28.52
C ALA A 991 -53.13 -2.70 -27.26
N ASN A 992 -52.33 -2.04 -26.42
CA ASN A 992 -52.82 -1.35 -25.24
C ASN A 992 -52.95 0.13 -25.57
N VAL A 993 -54.18 0.58 -25.79
CA VAL A 993 -54.45 1.94 -26.25
C VAL A 993 -54.87 2.78 -25.06
N ARG A 994 -54.27 3.96 -24.94
CA ARG A 994 -54.64 4.94 -23.91
C ARG A 994 -54.73 6.32 -24.53
N LEU A 995 -55.84 7.01 -24.29
CA LEU A 995 -56.03 8.35 -24.79
C LEU A 995 -56.62 9.23 -23.69
N ALA A 996 -56.26 10.51 -23.72
CA ALA A 996 -56.70 11.47 -22.71
C ALA A 996 -56.98 12.81 -23.37
N GLY A 997 -57.64 13.69 -22.63
CA GLY A 997 -57.98 15.01 -23.14
C GLY A 997 -58.31 15.95 -21.99
N SER A 998 -58.44 17.23 -22.35
CA SER A 998 -58.78 18.25 -21.37
C SER A 998 -59.34 19.46 -22.11
N PHE A 999 -59.89 20.39 -21.33
CA PHE A 999 -60.47 21.60 -21.88
C PHE A 999 -60.65 22.61 -20.76
N SER A 1000 -60.69 23.88 -21.12
CA SER A 1000 -60.90 24.97 -20.17
C SER A 1000 -61.17 26.25 -20.93
N THR A 1001 -61.98 27.13 -20.33
CA THR A 1001 -62.25 28.43 -20.92
C THR A 1001 -62.76 29.36 -19.82
N THR A 1002 -62.00 30.41 -19.53
CA THR A 1002 -62.34 31.36 -18.48
C THR A 1002 -62.17 32.78 -19.01
N ASN A 1003 -62.81 33.72 -18.33
CA ASN A 1003 -62.62 35.14 -18.59
C ASN A 1003 -62.02 35.87 -17.39
N THR A 1004 -61.54 35.14 -16.39
CA THR A 1004 -60.86 35.72 -15.24
C THR A 1004 -59.62 34.90 -14.94
N GLN A 1005 -58.66 35.53 -14.26
CA GLN A 1005 -57.45 34.85 -13.83
C GLN A 1005 -57.69 34.17 -12.50
N LEU A 1006 -57.41 32.88 -12.43
CA LEU A 1006 -57.67 32.07 -11.25
C LEU A 1006 -56.37 31.38 -10.84
N ASP A 1007 -55.96 31.61 -9.59
CA ASP A 1007 -54.67 31.13 -9.07
C ASP A 1007 -53.58 31.67 -9.99
N SER A 1008 -52.71 30.82 -10.55
CA SER A 1008 -51.67 31.27 -11.45
C SER A 1008 -52.00 31.03 -12.92
N ARG A 1009 -53.23 30.58 -13.22
CA ARG A 1009 -53.60 30.28 -14.60
C ARG A 1009 -54.27 31.49 -15.23
N PRO A 1010 -53.72 32.06 -16.30
CA PRO A 1010 -54.34 33.24 -16.93
C PRO A 1010 -55.63 32.91 -17.64
N ALA A 1011 -56.32 33.94 -18.15
CA ALA A 1011 -57.58 33.73 -18.83
C ALA A 1011 -57.36 33.15 -20.23
N GLY A 1012 -58.46 32.83 -20.89
CA GLY A 1012 -58.42 32.30 -22.24
C GLY A 1012 -58.62 30.79 -22.27
N THR A 1013 -58.98 30.31 -23.46
CA THR A 1013 -59.26 28.89 -23.64
C THR A 1013 -57.97 28.07 -23.65
N ARG A 1014 -58.12 26.76 -23.54
CA ARG A 1014 -56.99 25.84 -23.44
C ARG A 1014 -57.49 24.42 -23.64
N GLY A 1015 -56.72 23.62 -24.38
CA GLY A 1015 -57.08 22.24 -24.62
C GLY A 1015 -55.88 21.41 -25.00
N ALA A 1016 -56.01 20.10 -24.82
CA ALA A 1016 -54.93 19.17 -25.13
C ALA A 1016 -55.50 17.77 -25.30
N VAL A 1017 -54.88 16.99 -26.19
CA VAL A 1017 -55.24 15.60 -26.41
C VAL A 1017 -53.96 14.77 -26.52
N GLY A 1018 -54.10 13.46 -26.31
CA GLY A 1018 -52.97 12.57 -26.37
C GLY A 1018 -53.40 11.17 -26.74
N LEU A 1019 -52.39 10.31 -26.96
CA LEU A 1019 -52.61 8.93 -27.33
C LEU A 1019 -51.33 8.12 -27.21
N ILE A 1020 -51.41 6.92 -26.62
CA ILE A 1020 -50.27 6.03 -26.47
C ILE A 1020 -50.68 4.63 -26.89
N VAL A 1021 -49.90 4.00 -27.76
CA VAL A 1021 -50.17 2.66 -28.24
C VAL A 1021 -48.93 1.79 -28.04
N ARG A 1022 -49.12 0.63 -27.40
CA ARG A 1022 -48.06 -0.35 -27.25
C ARG A 1022 -48.62 -1.72 -27.62
N THR A 1023 -47.83 -2.51 -28.34
CA THR A 1023 -48.26 -3.82 -28.80
C THR A 1023 -47.27 -4.88 -28.35
N ASP A 1024 -47.82 -6.06 -28.04
CA ASP A 1024 -47.00 -7.24 -27.79
C ASP A 1024 -46.46 -7.80 -29.11
N PRO A 1025 -45.41 -8.60 -29.06
CA PRO A 1025 -44.86 -9.16 -30.31
C PRO A 1025 -45.89 -9.99 -31.05
N LEU A 1026 -45.88 -9.88 -32.37
CA LEU A 1026 -46.83 -10.57 -33.24
C LEU A 1026 -46.18 -11.88 -33.70
N GLU A 1027 -46.62 -13.00 -33.12
CA GLU A 1027 -46.04 -14.29 -33.45
C GLU A 1027 -46.51 -14.81 -34.81
N ASN A 1028 -47.54 -14.21 -35.40
CA ASN A 1028 -48.15 -14.73 -36.61
C ASN A 1028 -47.48 -14.22 -37.89
N VAL A 1029 -46.59 -13.24 -37.80
CA VAL A 1029 -45.99 -12.62 -38.98
C VAL A 1029 -44.51 -12.91 -39.01
N PRO A 1030 -43.83 -12.78 -40.16
CA PRO A 1030 -42.38 -13.00 -40.18
C PRO A 1030 -41.66 -12.05 -39.24
N PHE A 1031 -40.48 -12.49 -38.80
CA PHE A 1031 -39.75 -11.88 -37.68
C PHE A 1031 -40.68 -11.96 -36.46
N ARG A 1032 -40.63 -11.00 -35.54
CA ARG A 1032 -41.56 -10.93 -34.42
C ARG A 1032 -41.72 -9.47 -34.02
N PRO A 1033 -42.32 -8.64 -34.88
CA PRO A 1033 -42.31 -7.20 -34.64
C PRO A 1033 -43.29 -6.79 -33.54
N GLN A 1034 -42.84 -5.87 -32.70
CA GLN A 1034 -43.70 -5.19 -31.74
C GLN A 1034 -43.55 -3.69 -31.94
N PHE A 1035 -44.68 -2.99 -32.05
CA PHE A 1035 -44.66 -1.58 -32.42
C PHE A 1035 -44.92 -0.70 -31.21
N ASN A 1036 -44.70 0.59 -31.42
CA ASN A 1036 -44.92 1.60 -30.39
C ASN A 1036 -45.27 2.91 -31.08
N GLY A 1037 -45.91 3.81 -30.33
CA GLY A 1037 -46.28 5.09 -30.89
C GLY A 1037 -46.95 5.95 -29.87
N GLN A 1038 -46.90 7.26 -30.11
CA GLN A 1038 -47.57 8.24 -29.26
C GLN A 1038 -47.69 9.53 -30.04
N VAL A 1039 -48.68 10.34 -29.64
CA VAL A 1039 -48.92 11.63 -30.29
C VAL A 1039 -49.66 12.50 -29.30
N GLY A 1040 -49.40 13.81 -29.37
CA GLY A 1040 -50.06 14.75 -28.48
C GLY A 1040 -50.07 16.17 -29.01
N TYR A 1041 -51.19 16.86 -28.87
CA TYR A 1041 -51.34 18.21 -29.35
C TYR A 1041 -51.85 19.09 -28.21
N TYR A 1042 -51.21 20.22 -28.00
CA TYR A 1042 -51.56 21.14 -26.92
C TYR A 1042 -51.63 22.55 -27.47
N THR A 1043 -52.77 23.21 -27.26
CA THR A 1043 -52.97 24.59 -27.65
C THR A 1043 -53.46 25.39 -26.45
N ALA A 1044 -53.15 26.67 -26.45
CA ALA A 1044 -53.53 27.53 -25.33
C ALA A 1044 -53.52 28.98 -25.79
N ASP A 1045 -54.68 29.62 -25.74
CA ASP A 1045 -54.81 31.05 -26.02
C ASP A 1045 -54.87 31.78 -24.69
N ASN A 1046 -53.89 32.64 -24.43
CA ASN A 1046 -53.74 33.31 -23.14
C ASN A 1046 -54.12 34.77 -23.28
N ARG A 1047 -55.10 35.20 -22.49
CA ARG A 1047 -55.52 36.60 -22.43
C ARG A 1047 -54.82 37.36 -21.32
N VAL A 1048 -53.48 37.29 -21.31
CA VAL A 1048 -52.73 38.00 -20.27
C VAL A 1048 -52.76 39.50 -20.54
N ALA A 1049 -52.59 40.27 -19.45
CA ALA A 1049 -52.70 41.72 -19.55
C ALA A 1049 -51.61 42.32 -20.43
N ALA A 1050 -50.39 41.79 -20.35
CA ALA A 1050 -49.26 42.35 -21.09
C ALA A 1050 -49.43 42.21 -22.60
N GLY A 1051 -50.30 41.33 -23.06
CA GLY A 1051 -50.54 41.16 -24.48
C GLY A 1051 -50.94 39.75 -24.84
N ASN A 1052 -51.98 39.61 -25.66
CA ASN A 1052 -52.52 38.30 -25.99
C ASN A 1052 -51.54 37.54 -26.88
N TYR A 1053 -51.26 36.30 -26.51
CA TYR A 1053 -50.36 35.44 -27.28
C TYR A 1053 -50.92 34.03 -27.32
N ASN A 1054 -50.25 33.17 -28.08
CA ASN A 1054 -50.69 31.80 -28.29
C ASN A 1054 -49.52 30.86 -28.07
N ALA A 1055 -49.81 29.69 -27.48
CA ALA A 1055 -48.80 28.67 -27.22
C ALA A 1055 -49.22 27.36 -27.85
N ASN A 1056 -48.25 26.66 -28.43
CA ASN A 1056 -48.51 25.41 -29.14
C ASN A 1056 -47.55 24.34 -28.67
N ALA A 1057 -47.89 23.09 -28.97
CA ALA A 1057 -47.02 21.96 -28.70
C ALA A 1057 -47.46 20.80 -29.57
N THR A 1058 -46.50 19.96 -29.95
CA THR A 1058 -46.79 18.78 -30.75
C THR A 1058 -45.66 17.78 -30.54
N LYS A 1059 -45.99 16.58 -30.09
CA LYS A 1059 -45.00 15.55 -29.79
C LYS A 1059 -45.47 14.24 -30.41
N TYR A 1060 -44.55 13.53 -31.06
CA TYR A 1060 -44.88 12.27 -31.69
C TYR A 1060 -43.71 11.30 -31.56
N GLY A 1061 -44.02 10.02 -31.70
CA GLY A 1061 -43.01 8.98 -31.61
C GLY A 1061 -43.44 7.74 -32.36
N ALA A 1062 -42.45 6.92 -32.69
CA ALA A 1062 -42.70 5.67 -33.41
C ALA A 1062 -41.49 4.77 -33.24
N GLY A 1063 -41.73 3.47 -33.12
CA GLY A 1063 -40.66 2.52 -32.93
C GLY A 1063 -41.04 1.10 -33.26
N VAL A 1064 -40.20 0.41 -34.03
CA VAL A 1064 -40.41 -0.98 -34.42
C VAL A 1064 -39.23 -1.80 -33.96
N VAL A 1065 -39.51 -2.90 -33.26
CA VAL A 1065 -38.49 -3.82 -32.79
C VAL A 1065 -38.73 -5.18 -33.43
N LEU A 1066 -37.76 -5.66 -34.19
CA LEU A 1066 -37.83 -6.96 -34.85
C LEU A 1066 -37.10 -7.97 -33.96
N ASN A 1067 -37.88 -8.75 -33.20
CA ASN A 1067 -37.30 -9.64 -32.19
C ASN A 1067 -36.55 -10.82 -32.81
N ASP A 1068 -36.72 -11.10 -34.09
CA ASP A 1068 -36.03 -12.21 -34.75
C ASP A 1068 -35.61 -11.75 -36.15
N PHE A 1069 -34.34 -11.40 -36.30
CA PHE A 1069 -33.82 -10.91 -37.57
C PHE A 1069 -33.31 -12.13 -38.34
N LEU A 1070 -32.57 -11.90 -39.44
CA LEU A 1070 -32.16 -13.01 -40.30
C LEU A 1070 -31.29 -14.01 -39.56
N LEU A 1071 -30.32 -13.55 -38.79
CA LEU A 1071 -29.50 -14.48 -38.04
C LEU A 1071 -30.30 -15.04 -36.86
N PRO A 1072 -29.94 -16.24 -36.38
CA PRO A 1072 -30.76 -16.86 -35.32
C PRO A 1072 -30.89 -16.04 -34.05
N GLN A 1073 -29.83 -15.34 -33.64
CA GLN A 1073 -29.82 -14.62 -32.38
C GLN A 1073 -29.57 -13.13 -32.59
N THR A 1074 -30.27 -12.54 -33.56
CA THR A 1074 -30.11 -11.14 -33.91
C THR A 1074 -31.45 -10.43 -33.86
N LYS A 1075 -31.47 -9.23 -33.29
CA LYS A 1075 -32.65 -8.40 -33.25
C LYS A 1075 -32.25 -6.94 -33.46
N ILE A 1076 -33.13 -6.18 -34.08
CA ILE A 1076 -32.87 -4.78 -34.42
C ILE A 1076 -34.09 -3.95 -34.03
N GLY A 1077 -33.84 -2.68 -33.74
CA GLY A 1077 -34.92 -1.76 -33.39
C GLY A 1077 -34.63 -0.38 -33.90
N VAL A 1078 -35.70 0.38 -34.13
CA VAL A 1078 -35.63 1.76 -34.61
C VAL A 1078 -36.53 2.60 -33.73
N ARG A 1079 -36.28 3.91 -33.72
CA ARG A 1079 -37.04 4.82 -32.88
C ARG A 1079 -36.92 6.22 -33.45
N TYR A 1080 -38.07 6.84 -33.75
CA TYR A 1080 -38.12 8.22 -34.24
C TYR A 1080 -38.94 9.06 -33.27
N ASP A 1081 -38.41 10.22 -32.91
CA ASP A 1081 -39.07 11.12 -31.97
C ASP A 1081 -39.01 12.54 -32.50
N GLY A 1082 -39.94 13.36 -32.02
CA GLY A 1082 -39.98 14.75 -32.45
C GLY A 1082 -40.73 15.61 -31.45
N TYR A 1083 -40.53 16.92 -31.57
CA TYR A 1083 -41.18 17.87 -30.68
C TYR A 1083 -41.19 19.23 -31.34
N MET A 1084 -42.38 19.82 -31.47
CA MET A 1084 -42.54 21.17 -32.02
C MET A 1084 -43.26 22.02 -31.00
N ALA A 1085 -42.60 23.09 -30.55
CA ALA A 1085 -43.18 24.01 -29.59
C ALA A 1085 -43.25 25.41 -30.20
N GLN A 1086 -43.97 26.29 -29.51
CA GLN A 1086 -44.11 27.67 -29.94
C GLN A 1086 -44.58 28.48 -28.74
N ASN A 1087 -43.78 29.44 -28.30
CA ASN A 1087 -44.06 30.23 -27.10
C ASN A 1087 -44.14 29.34 -25.85
N ARG A 1088 -43.19 28.42 -25.72
CA ARG A 1088 -43.07 27.58 -24.53
C ARG A 1088 -41.61 27.54 -24.10
N GLN A 1089 -41.39 27.25 -22.83
CA GLN A 1089 -40.06 27.21 -22.25
C GLN A 1089 -39.99 26.10 -21.22
N TYR A 1090 -38.77 25.77 -20.81
CA TYR A 1090 -38.52 24.80 -19.75
C TYR A 1090 -37.65 25.45 -18.68
N THR A 1091 -38.11 25.43 -17.43
CA THR A 1091 -37.34 25.97 -16.32
C THR A 1091 -36.65 24.84 -15.60
N PRO A 1092 -35.32 24.79 -15.56
CA PRO A 1092 -34.63 23.65 -14.95
C PRO A 1092 -34.89 23.56 -13.46
N PHE A 1093 -34.40 22.47 -12.87
CA PHE A 1093 -34.66 22.17 -11.48
C PHE A 1093 -34.05 23.22 -10.56
N ASP A 1094 -34.75 23.52 -9.49
CA ASP A 1094 -34.20 24.37 -8.43
C ASP A 1094 -33.37 23.51 -7.49
N GLY A 1095 -32.29 24.10 -6.99
CA GLY A 1095 -31.37 23.35 -6.13
C GLY A 1095 -31.94 22.95 -4.79
N ASP A 1096 -33.07 23.52 -4.39
CA ASP A 1096 -33.67 23.19 -3.10
C ASP A 1096 -34.36 21.84 -3.11
N GLY A 1097 -34.86 21.40 -4.24
CA GLY A 1097 -35.56 20.13 -4.31
C GLY A 1097 -36.77 20.14 -5.23
N THR A 1098 -37.05 21.29 -5.83
CA THR A 1098 -38.17 21.44 -6.75
C THR A 1098 -37.72 21.02 -8.16
N GLN A 1099 -38.52 20.17 -8.80
CA GLN A 1099 -38.18 19.66 -10.11
C GLN A 1099 -38.48 20.70 -11.19
N GLY A 1100 -37.99 20.43 -12.40
CA GLY A 1100 -38.25 21.31 -13.52
C GLY A 1100 -39.62 21.08 -14.14
N TYR A 1101 -39.99 21.97 -15.05
CA TYR A 1101 -41.30 21.90 -15.67
C TYR A 1101 -41.32 22.78 -16.92
N PHE A 1102 -42.26 22.47 -17.80
CA PHE A 1102 -42.54 23.30 -18.96
C PHE A 1102 -43.67 24.28 -18.62
N SER A 1103 -43.64 25.43 -19.28
CA SER A 1103 -44.65 26.45 -19.02
C SER A 1103 -44.74 27.38 -20.23
N ASP A 1104 -45.84 28.13 -20.28
CA ASP A 1104 -46.04 29.10 -21.35
C ASP A 1104 -45.23 30.36 -21.08
N ALA A 1105 -44.75 30.97 -22.16
CA ALA A 1105 -44.01 32.22 -22.08
C ALA A 1105 -44.07 32.92 -23.43
N ASN A 1106 -44.13 34.24 -23.39
CA ASN A 1106 -44.23 35.05 -24.61
C ASN A 1106 -42.83 35.45 -25.10
N ASN A 1107 -42.04 34.44 -25.44
CA ASN A 1107 -40.70 34.67 -25.95
C ASN A 1107 -40.64 34.78 -27.47
N ASN A 1108 -41.75 34.50 -28.16
CA ASN A 1108 -41.85 34.61 -29.61
C ASN A 1108 -40.78 33.76 -30.31
N ARG A 1109 -40.72 32.48 -29.94
CA ARG A 1109 -39.72 31.58 -30.49
C ARG A 1109 -40.34 30.22 -30.75
N ARG A 1110 -39.98 29.62 -31.87
CA ARG A 1110 -40.47 28.30 -32.26
C ARG A 1110 -39.35 27.29 -32.13
N THR A 1111 -39.61 26.20 -31.42
CA THR A 1111 -38.64 25.15 -31.16
C THR A 1111 -38.95 23.92 -32.02
N ASN A 1112 -37.90 23.20 -32.41
CA ASN A 1112 -38.05 22.02 -33.24
C ASN A 1112 -36.92 21.06 -32.90
N LEU A 1113 -37.22 20.09 -32.04
CA LEU A 1113 -36.25 19.09 -31.60
C LEU A 1113 -36.72 17.71 -32.04
N ASN A 1114 -35.87 17.00 -32.77
CA ASN A 1114 -36.21 15.68 -33.27
C ASN A 1114 -34.94 14.92 -33.60
N GLY A 1115 -35.08 13.61 -33.81
CA GLY A 1115 -33.96 12.78 -34.17
C GLY A 1115 -34.38 11.34 -34.33
N VAL A 1116 -33.40 10.49 -34.62
CA VAL A 1116 -33.62 9.07 -34.83
C VAL A 1116 -32.69 8.30 -33.91
N TYR A 1117 -33.08 7.07 -33.59
CA TYR A 1117 -32.35 6.24 -32.63
C TYR A 1117 -32.41 4.79 -33.10
N VAL A 1118 -31.30 4.28 -33.60
CA VAL A 1118 -31.21 2.93 -34.15
C VAL A 1118 -30.35 2.08 -33.23
N GLU A 1119 -30.86 0.91 -32.87
CA GLU A 1119 -30.13 -0.01 -32.00
C GLU A 1119 -30.25 -1.43 -32.55
N GLY A 1120 -29.14 -2.13 -32.59
CA GLY A 1120 -29.14 -3.51 -33.05
C GLY A 1120 -28.18 -4.35 -32.22
N ALA A 1121 -28.54 -5.62 -32.07
CA ALA A 1121 -27.77 -6.54 -31.24
C ALA A 1121 -27.49 -7.83 -31.97
N TYR A 1122 -26.24 -8.29 -31.88
CA TYR A 1122 -25.84 -9.61 -32.35
C TYR A 1122 -25.32 -10.40 -31.15
N GLN A 1123 -25.90 -11.58 -30.93
CA GLN A 1123 -25.63 -12.35 -29.72
C GLN A 1123 -25.86 -11.47 -28.49
N ASP A 1124 -24.78 -11.06 -27.83
CA ASP A 1124 -24.85 -10.15 -26.69
C ASP A 1124 -24.05 -8.88 -26.93
N LEU A 1125 -23.77 -8.56 -28.19
CA LEU A 1125 -23.04 -7.34 -28.55
C LEU A 1125 -24.04 -6.34 -29.13
N ILE A 1126 -24.09 -5.16 -28.55
CA ILE A 1126 -25.13 -4.16 -28.85
C ILE A 1126 -24.49 -2.99 -29.56
N PHE A 1127 -25.04 -2.61 -30.72
CA PHE A 1127 -24.64 -1.41 -31.44
C PHE A 1127 -25.71 -0.35 -31.24
N SER A 1128 -25.30 0.87 -30.90
CA SER A 1128 -26.22 1.97 -30.67
C SER A 1128 -25.81 3.16 -31.52
N TYR A 1129 -26.77 3.72 -32.25
CA TYR A 1129 -26.55 4.91 -33.06
C TYR A 1129 -27.69 5.88 -32.85
N GLY A 1130 -27.37 7.17 -32.92
CA GLY A 1130 -28.40 8.19 -32.78
C GLY A 1130 -27.94 9.57 -33.20
N THR A 1131 -28.72 10.24 -34.03
CA THR A 1131 -28.44 11.60 -34.47
C THR A 1131 -29.65 12.48 -34.18
N TYR A 1132 -29.39 13.70 -33.70
CA TYR A 1132 -30.45 14.58 -33.26
C TYR A 1132 -30.16 16.00 -33.73
N THR A 1133 -31.19 16.84 -33.68
CA THR A 1133 -31.09 18.20 -34.18
C THR A 1133 -32.05 19.09 -33.42
N LEU A 1134 -31.55 20.21 -32.91
CA LEU A 1134 -32.35 21.17 -32.17
C LEU A 1134 -32.20 22.54 -32.81
N SER A 1135 -33.32 23.18 -33.12
CA SER A 1135 -33.34 24.51 -33.70
C SER A 1135 -34.38 25.35 -32.99
N GLN A 1136 -34.07 26.64 -32.79
CA GLN A 1136 -34.98 27.56 -32.13
C GLN A 1136 -34.85 28.91 -32.82
N LYS A 1137 -35.77 29.19 -33.74
CA LYS A 1137 -35.77 30.44 -34.48
C LYS A 1137 -36.99 31.26 -34.11
N ASP A 1138 -36.78 32.55 -33.89
CA ASP A 1138 -37.87 33.45 -33.55
C ASP A 1138 -38.75 33.68 -34.78
N LEU A 1139 -39.72 34.57 -34.62
CA LEU A 1139 -40.56 34.96 -35.75
C LEU A 1139 -39.70 35.63 -36.81
N ASN A 1140 -40.19 35.61 -38.05
CA ASN A 1140 -39.54 36.04 -39.29
C ASN A 1140 -38.30 35.22 -39.62
N GLY A 1141 -37.99 34.17 -38.87
CA GLY A 1141 -37.00 33.18 -39.28
C GLY A 1141 -35.55 33.54 -39.11
N VAL A 1142 -35.09 33.73 -37.88
CA VAL A 1142 -33.68 33.93 -37.59
C VAL A 1142 -33.23 32.81 -36.67
N GLU A 1143 -32.37 31.92 -37.18
CA GLU A 1143 -31.97 30.74 -36.44
C GLU A 1143 -31.02 31.09 -35.31
N TYR A 1144 -31.22 30.45 -34.15
CA TYR A 1144 -30.39 30.67 -32.98
C TYR A 1144 -29.80 29.39 -32.41
N GLY A 1145 -29.89 28.27 -33.14
CA GLY A 1145 -29.54 26.99 -32.55
C GLY A 1145 -28.06 26.85 -32.20
N SER A 1146 -27.18 27.26 -33.11
CA SER A 1146 -25.75 26.98 -32.93
C SER A 1146 -25.15 27.79 -31.80
N GLY A 1147 -25.69 28.97 -31.52
CA GLY A 1147 -25.16 29.83 -30.48
C GLY A 1147 -24.06 30.75 -30.93
N ILE A 1148 -23.62 30.66 -32.18
CA ILE A 1148 -22.61 31.55 -32.75
C ILE A 1148 -23.19 32.45 -33.83
N ASN A 1149 -24.52 32.47 -33.97
CA ASN A 1149 -25.21 33.35 -34.91
C ASN A 1149 -24.73 33.15 -36.34
N ASN A 1150 -24.54 31.89 -36.73
CA ASN A 1150 -24.17 31.55 -38.09
C ASN A 1150 -25.34 31.04 -38.92
N GLY A 1151 -26.54 31.00 -38.33
CA GLY A 1151 -27.71 30.52 -39.05
C GLY A 1151 -27.88 29.01 -39.08
N GLN A 1152 -27.10 28.27 -38.30
CA GLN A 1152 -27.19 26.82 -38.28
C GLN A 1152 -27.79 26.33 -36.98
N PRO A 1153 -28.53 25.23 -37.00
CA PRO A 1153 -29.08 24.67 -35.76
C PRO A 1153 -28.03 23.87 -35.00
N ALA A 1154 -28.33 23.61 -33.73
CA ALA A 1154 -27.50 22.72 -32.94
C ALA A 1154 -27.68 21.28 -33.41
N ARG A 1155 -26.66 20.47 -33.17
CA ARG A 1155 -26.70 19.09 -33.64
C ARG A 1155 -25.89 18.20 -32.72
N GLY A 1156 -26.16 16.90 -32.79
CA GLY A 1156 -25.44 15.94 -31.97
C GLY A 1156 -25.54 14.57 -32.58
N GLN A 1157 -24.52 13.74 -32.33
CA GLN A 1157 -24.46 12.41 -32.87
C GLN A 1157 -23.62 11.54 -31.95
N THR A 1158 -23.97 10.25 -31.88
CA THR A 1158 -23.27 9.33 -30.98
C THR A 1158 -23.37 7.91 -31.53
N PHE A 1159 -22.24 7.23 -31.60
CA PHE A 1159 -22.16 5.81 -31.93
C PHE A 1159 -21.47 5.08 -30.80
N LYS A 1160 -22.02 3.94 -30.41
CA LYS A 1160 -21.54 3.23 -29.24
C LYS A 1160 -21.69 1.73 -29.42
N ILE A 1161 -20.69 0.99 -28.99
CA ILE A 1161 -20.70 -0.47 -28.98
C ILE A 1161 -20.56 -0.94 -27.54
N SER A 1162 -21.49 -1.76 -27.09
CA SER A 1162 -21.55 -2.22 -25.72
C SER A 1162 -21.39 -3.73 -25.66
N TYR A 1163 -20.68 -4.22 -24.65
CA TYR A 1163 -20.45 -5.64 -24.48
C TYR A 1163 -20.19 -5.91 -23.01
N LYS A 1164 -21.07 -6.69 -22.38
CA LYS A 1164 -20.97 -6.97 -20.95
C LYS A 1164 -20.45 -8.39 -20.74
N VAL A 1165 -19.41 -8.52 -19.94
CA VAL A 1165 -18.77 -9.80 -19.68
C VAL A 1165 -18.68 -10.02 -18.17
N ASN A 1166 -18.88 -11.26 -17.76
CA ASN A 1166 -18.77 -11.66 -16.36
C ASN A 1166 -17.85 -12.87 -16.24
N PHE A 1167 -17.02 -12.87 -15.20
CA PHE A 1167 -16.09 -13.97 -14.99
C PHE A 1167 -16.81 -15.23 -14.52
N PHE B 215 -26.45 -72.68 10.66
CA PHE B 215 -26.33 -71.96 9.41
C PHE B 215 -27.11 -70.65 9.45
N VAL B 216 -27.17 -69.96 8.31
CA VAL B 216 -27.84 -68.66 8.22
C VAL B 216 -28.86 -68.72 7.09
N GLN B 217 -30.01 -68.09 7.32
CA GLN B 217 -31.09 -68.09 6.35
C GLN B 217 -30.80 -67.10 5.22
N ARG B 218 -31.56 -67.25 4.13
CA ARG B 218 -31.39 -66.39 2.97
C ARG B 218 -31.79 -64.95 3.27
N SER B 219 -32.81 -64.75 4.10
CA SER B 219 -33.28 -63.39 4.39
C SER B 219 -32.20 -62.56 5.06
N ASP B 220 -31.48 -63.15 6.02
CA ASP B 220 -30.42 -62.40 6.71
C ASP B 220 -29.30 -62.03 5.75
N PHE B 221 -28.93 -62.95 4.85
CA PHE B 221 -27.88 -62.66 3.88
C PHE B 221 -28.31 -61.53 2.93
N ASP B 222 -29.56 -61.58 2.45
CA ASP B 222 -30.04 -60.52 1.57
C ASP B 222 -30.18 -59.20 2.31
N ALA B 223 -30.55 -59.25 3.60
CA ALA B 223 -30.63 -58.02 4.39
C ALA B 223 -29.26 -57.36 4.52
N LEU B 224 -28.22 -58.17 4.73
CA LEU B 224 -26.87 -57.61 4.79
C LEU B 224 -26.39 -57.13 3.43
N GLY B 225 -26.87 -57.74 2.35
CA GLY B 225 -26.50 -57.29 1.02
C GLY B 225 -26.94 -55.87 0.73
N GLY B 226 -28.08 -55.46 1.27
CA GLY B 226 -28.54 -54.09 1.09
C GLY B 226 -27.63 -53.08 1.76
N ARG B 227 -27.14 -53.39 2.96
CA ARG B 227 -26.25 -52.49 3.67
C ARG B 227 -24.94 -52.31 2.92
N VAL B 228 -24.39 -53.40 2.39
CA VAL B 228 -23.13 -53.32 1.65
C VAL B 228 -23.30 -52.45 0.41
N THR B 229 -24.41 -52.65 -0.32
CA THR B 229 -24.68 -51.85 -1.51
C THR B 229 -24.88 -50.38 -1.14
N THR B 230 -25.60 -50.12 -0.04
CA THR B 230 -25.84 -48.74 0.37
C THR B 230 -24.54 -48.04 0.72
N VAL B 231 -23.64 -48.72 1.44
CA VAL B 231 -22.37 -48.12 1.82
C VAL B 231 -21.52 -47.83 0.59
N GLU B 232 -21.56 -48.73 -0.40
CA GLU B 232 -20.81 -48.52 -1.64
C GLU B 232 -21.23 -47.23 -2.33
N THR B 233 -22.50 -46.85 -2.21
CA THR B 233 -22.94 -45.59 -2.78
C THR B 233 -22.45 -44.40 -1.95
N ARG B 234 -22.54 -44.51 -0.62
CA ARG B 234 -22.18 -43.39 0.24
C ARG B 234 -20.69 -43.10 0.18
N VAL B 235 -19.85 -44.13 0.11
CA VAL B 235 -18.40 -43.92 0.12
C VAL B 235 -17.96 -43.14 -1.11
N GLU B 236 -18.74 -43.21 -2.20
CA GLU B 236 -18.41 -42.43 -3.39
C GLU B 236 -19.12 -41.08 -3.38
N THR B 237 -20.33 -41.01 -2.84
CA THR B 237 -21.01 -39.73 -2.70
C THR B 237 -20.25 -38.81 -1.75
N VAL B 238 -19.77 -39.35 -0.63
CA VAL B 238 -19.00 -38.54 0.31
C VAL B 238 -17.71 -38.03 -0.33
N ASN B 239 -17.01 -38.91 -1.06
CA ASN B 239 -15.80 -38.49 -1.73
C ASN B 239 -16.08 -37.43 -2.78
N ASN B 240 -17.16 -37.59 -3.54
CA ASN B 240 -17.50 -36.61 -4.57
C ASN B 240 -17.96 -35.30 -3.96
N SER B 241 -18.73 -35.36 -2.87
CA SER B 241 -19.22 -34.15 -2.24
C SER B 241 -18.08 -33.31 -1.67
N LEU B 242 -17.11 -33.95 -1.03
CA LEU B 242 -15.98 -33.22 -0.46
C LEU B 242 -15.00 -32.76 -1.53
N THR B 243 -14.84 -33.53 -2.60
CA THR B 243 -13.97 -33.10 -3.69
C THR B 243 -14.50 -31.85 -4.38
N GLY B 244 -15.83 -31.68 -4.41
CA GLY B 244 -16.39 -30.47 -4.97
C GLY B 244 -16.09 -29.24 -4.14
N ARG B 245 -16.13 -29.37 -2.82
CA ARG B 245 -15.88 -28.23 -1.96
C ARG B 245 -14.40 -27.87 -1.93
N ILE B 246 -13.53 -28.86 -2.01
CA ILE B 246 -12.09 -28.59 -2.01
C ILE B 246 -11.68 -27.89 -3.31
N ALA B 247 -12.28 -28.30 -4.42
CA ALA B 247 -11.94 -27.69 -5.71
C ALA B 247 -12.26 -26.20 -5.72
N ALA B 248 -13.40 -25.82 -5.15
CA ALA B 248 -13.75 -24.40 -5.09
C ALA B 248 -12.78 -23.62 -4.20
N LEU B 249 -12.35 -24.24 -3.09
CA LEU B 249 -11.41 -23.57 -2.20
C LEU B 249 -10.06 -23.35 -2.88
N GLU B 250 -9.59 -24.34 -3.65
CA GLU B 250 -8.30 -24.20 -4.33
C GLU B 250 -8.37 -23.16 -5.44
N ARG B 251 -9.55 -22.94 -6.02
CA ARG B 251 -9.70 -21.94 -7.05
C ARG B 251 -9.43 -20.54 -6.52
N ASN B 252 -9.90 -20.26 -5.31
CA ASN B 252 -9.74 -18.95 -4.68
C ASN B 252 -8.60 -18.93 -3.68
N ALA B 253 -7.53 -19.66 -3.94
CA ALA B 253 -6.42 -19.79 -3.01
C ALA B 253 -5.15 -19.15 -3.58
N PHE B 254 -4.28 -18.71 -2.67
CA PHE B 254 -3.02 -18.09 -3.03
C PHE B 254 -1.87 -19.04 -2.71
N SER B 255 -0.95 -19.18 -3.65
CA SER B 255 0.25 -19.98 -3.44
C SER B 255 1.36 -19.07 -2.96
N VAL B 256 1.69 -19.17 -1.67
CA VAL B 256 2.73 -18.33 -1.08
C VAL B 256 4.09 -18.90 -1.47
N LYS B 257 4.92 -18.07 -2.08
CA LYS B 257 6.25 -18.47 -2.55
C LYS B 257 7.29 -17.47 -2.05
N PRO B 258 7.76 -17.63 -0.82
CA PRO B 258 8.83 -16.77 -0.33
C PRO B 258 10.17 -17.12 -0.95
N SER B 259 11.11 -16.18 -0.85
CA SER B 259 12.44 -16.35 -1.42
C SER B 259 13.49 -15.90 -0.43
N LEU B 260 14.70 -16.45 -0.59
CA LEU B 260 15.81 -16.14 0.31
C LEU B 260 17.11 -16.24 -0.47
N THR B 261 18.01 -15.28 -0.24
CA THR B 261 19.31 -15.25 -0.88
C THR B 261 20.39 -15.11 0.19
N ILE B 262 21.57 -15.65 -0.11
CA ILE B 262 22.70 -15.63 0.81
C ILE B 262 23.97 -15.75 0.01
N GLY B 263 25.00 -15.00 0.41
CA GLY B 263 26.27 -15.03 -0.28
C GLY B 263 27.21 -13.92 0.11
N TYR B 264 28.51 -14.17 0.01
CA TYR B 264 29.55 -13.21 0.37
C TYR B 264 30.37 -12.88 -0.87
N SER B 265 30.85 -11.64 -0.93
CA SER B 265 31.62 -11.20 -2.09
C SER B 265 32.52 -10.03 -1.70
N VAL B 266 33.72 -10.02 -2.28
CA VAL B 266 34.66 -8.91 -2.14
C VAL B 266 35.47 -8.83 -3.42
N SER B 267 35.72 -7.61 -3.88
CA SER B 267 36.43 -7.43 -5.15
C SER B 267 37.22 -6.12 -5.11
N ARG B 268 38.46 -6.19 -5.59
CA ARG B 268 39.35 -5.04 -5.64
C ARG B 268 40.02 -4.98 -7.00
N THR B 269 40.22 -3.77 -7.52
CA THR B 269 40.89 -3.61 -8.80
C THR B 269 41.49 -2.22 -8.88
N SER B 270 42.69 -2.15 -9.47
CA SER B 270 43.32 -0.86 -9.73
C SER B 270 42.69 -0.17 -10.94
N ARG B 271 42.29 -0.95 -11.95
CA ARG B 271 41.59 -0.44 -13.11
C ARG B 271 40.66 -1.54 -13.59
N ASN B 272 39.48 -1.16 -14.05
CA ASN B 272 38.44 -2.12 -14.41
C ASN B 272 38.64 -2.57 -15.86
N PHE B 273 38.82 -3.87 -16.07
CA PHE B 273 39.01 -4.41 -17.41
C PHE B 273 38.22 -5.71 -17.52
N ASP B 274 38.23 -6.29 -18.71
CA ASP B 274 37.42 -7.45 -19.05
C ASP B 274 38.26 -8.71 -19.12
N VAL B 275 37.72 -9.81 -18.60
CA VAL B 275 38.39 -11.11 -18.62
C VAL B 275 37.56 -12.19 -19.31
N ASP B 276 36.37 -11.86 -19.80
CA ASP B 276 35.56 -12.85 -20.51
C ASP B 276 36.15 -13.24 -21.84
N ARG B 277 37.15 -12.51 -22.33
CA ARG B 277 37.82 -12.85 -23.59
C ARG B 277 38.89 -13.92 -23.41
N LEU B 278 39.12 -14.37 -22.18
CA LEU B 278 40.10 -15.42 -21.91
C LEU B 278 39.50 -16.81 -21.82
N PHE B 279 38.18 -16.92 -21.65
CA PHE B 279 37.55 -18.19 -21.38
C PHE B 279 37.24 -18.93 -22.68
N PRO B 280 37.15 -20.26 -22.62
CA PRO B 280 36.90 -21.03 -23.84
C PRO B 280 35.52 -20.75 -24.43
N LEU B 281 35.44 -20.92 -25.75
CA LEU B 281 34.20 -20.70 -26.49
C LEU B 281 33.54 -22.03 -26.78
N ASN B 282 32.26 -22.14 -26.43
CA ASN B 282 31.52 -23.37 -26.66
C ASN B 282 31.23 -23.55 -28.16
N ALA B 283 30.67 -24.72 -28.49
CA ALA B 283 30.36 -25.03 -29.88
C ALA B 283 29.31 -24.10 -30.45
N ASP B 284 28.40 -23.60 -29.61
CA ASP B 284 27.37 -22.67 -30.07
C ASP B 284 27.86 -21.23 -30.17
N GLY B 285 29.09 -20.96 -29.75
CA GLY B 285 29.67 -19.63 -29.87
C GLY B 285 29.60 -18.77 -28.64
N THR B 286 29.22 -19.31 -27.48
CA THR B 286 29.15 -18.57 -26.24
C THR B 286 30.31 -18.95 -25.33
N VAL B 287 30.85 -17.97 -24.62
CA VAL B 287 31.97 -18.22 -23.74
C VAL B 287 31.51 -19.02 -22.52
N ALA B 288 32.46 -19.74 -21.92
CA ALA B 288 32.16 -20.56 -20.76
C ALA B 288 31.76 -19.68 -19.57
N ASN B 289 30.85 -20.21 -18.75
CA ASN B 289 30.38 -19.48 -17.59
C ASN B 289 31.48 -19.37 -16.53
N ASN B 290 31.46 -18.26 -15.81
CA ASN B 290 32.36 -18.06 -14.68
C ASN B 290 31.65 -17.20 -13.64
N ALA B 291 32.18 -17.22 -12.42
CA ALA B 291 31.56 -16.51 -11.31
C ALA B 291 31.90 -15.03 -11.28
N PHE B 292 32.79 -14.56 -12.15
CA PHE B 292 33.26 -13.18 -12.14
C PHE B 292 32.85 -12.46 -13.42
N THR B 293 31.61 -12.65 -13.87
CA THR B 293 31.13 -12.02 -15.10
C THR B 293 30.03 -11.02 -14.78
N SER B 294 30.35 -9.74 -14.94
CA SER B 294 29.33 -8.68 -14.95
C SER B 294 29.02 -8.29 -16.39
N GLY B 295 28.52 -9.27 -17.15
CA GLY B 295 28.35 -9.12 -18.57
C GLY B 295 26.89 -8.92 -18.96
N GLY B 296 26.65 -7.87 -19.74
CA GLY B 296 25.33 -7.61 -20.26
C GLY B 296 25.18 -8.01 -21.72
N ILE B 297 24.55 -9.14 -21.98
CA ILE B 297 24.32 -9.61 -23.34
C ILE B 297 23.05 -8.95 -23.86
N ASP B 298 23.17 -8.26 -24.99
CA ASP B 298 22.03 -7.58 -25.61
C ASP B 298 22.17 -7.71 -27.12
N THR B 299 21.39 -8.61 -27.71
CA THR B 299 21.44 -8.82 -29.15
C THR B 299 20.88 -7.63 -29.92
N ASP B 300 20.08 -6.78 -29.28
CA ASP B 300 19.51 -5.63 -29.97
C ASP B 300 20.58 -4.59 -30.29
N THR B 301 21.46 -4.31 -29.33
CA THR B 301 22.51 -3.31 -29.51
C THR B 301 23.87 -3.93 -29.77
N GLY B 302 23.95 -5.24 -29.93
CA GLY B 302 25.20 -5.90 -30.19
C GLY B 302 26.13 -6.04 -29.00
N ALA B 303 25.65 -5.74 -27.80
CA ALA B 303 26.48 -5.88 -26.62
C ALA B 303 26.75 -7.35 -26.32
N GLN B 304 27.92 -7.61 -25.75
CA GLN B 304 28.33 -8.96 -25.39
C GLN B 304 29.03 -8.92 -24.05
N ARG B 305 29.27 -10.11 -23.49
CA ARG B 305 29.89 -10.21 -22.18
C ARG B 305 31.35 -9.78 -22.18
N ARG B 306 31.98 -9.64 -23.34
CA ARG B 306 33.37 -9.24 -23.43
C ARG B 306 33.54 -7.74 -23.57
N ASP B 307 32.47 -6.96 -23.52
CA ASP B 307 32.51 -5.52 -23.74
C ASP B 307 32.44 -4.73 -22.44
N PHE B 308 32.49 -5.39 -21.28
CA PHE B 308 32.30 -4.71 -20.01
C PHE B 308 33.29 -5.23 -18.98
N GLY B 309 33.66 -4.37 -18.04
CA GLY B 309 34.55 -4.77 -16.98
C GLY B 309 33.87 -5.70 -15.99
N ASP B 310 34.71 -6.41 -15.21
CA ASP B 310 34.20 -7.48 -14.37
C ASP B 310 34.79 -7.51 -12.96
N PHE B 311 35.53 -6.49 -12.54
CA PHE B 311 36.32 -6.61 -11.32
C PHE B 311 35.90 -5.70 -10.18
N GLY B 312 35.11 -4.68 -10.43
CA GLY B 312 34.56 -3.86 -9.38
C GLY B 312 33.15 -4.29 -9.03
N ASN B 313 32.37 -3.34 -8.53
CA ASN B 313 30.93 -3.51 -8.41
C ASN B 313 30.19 -2.83 -9.56
N ALA B 314 30.92 -2.25 -10.51
CA ALA B 314 30.34 -1.57 -11.65
C ALA B 314 30.75 -2.25 -12.94
N SER B 315 29.88 -2.19 -13.94
CA SER B 315 30.13 -2.78 -15.24
C SER B 315 30.61 -1.69 -16.18
N ASP B 316 31.87 -1.32 -16.03
CA ASP B 316 32.45 -0.26 -16.84
C ASP B 316 32.72 -0.76 -18.26
N PRO B 317 32.14 -0.16 -19.29
CA PRO B 317 32.41 -0.61 -20.65
C PRO B 317 33.82 -0.25 -21.08
N VAL B 318 34.45 -1.17 -21.83
CA VAL B 318 35.78 -0.89 -22.36
C VAL B 318 35.72 0.23 -23.39
N VAL B 319 36.85 0.89 -23.60
CA VAL B 319 36.94 2.08 -24.43
C VAL B 319 38.02 1.86 -25.48
N ALA B 320 37.68 2.12 -26.75
CA ALA B 320 38.63 2.00 -27.83
C ALA B 320 39.60 3.16 -27.85
N GLY B 321 40.79 2.92 -28.40
CA GLY B 321 41.82 3.94 -28.50
C GLY B 321 42.79 3.90 -27.34
N ALA B 322 43.80 4.76 -27.43
CA ALA B 322 44.84 4.80 -26.41
C ALA B 322 44.29 5.19 -25.05
N ALA B 323 43.15 5.87 -24.99
CA ALA B 323 42.59 6.26 -23.70
C ALA B 323 42.10 5.05 -22.92
N GLY B 324 41.72 3.98 -23.61
CA GLY B 324 41.21 2.80 -22.94
C GLY B 324 42.00 1.55 -23.21
N LEU B 325 43.32 1.69 -23.35
CA LEU B 325 44.22 0.57 -23.61
C LEU B 325 43.83 -0.20 -24.88
N TYR B 326 43.29 0.50 -25.86
CA TYR B 326 42.89 -0.07 -27.15
C TYR B 326 41.84 -1.18 -26.95
N GLY B 327 40.76 -0.82 -26.29
CA GLY B 327 39.63 -1.72 -26.13
C GLY B 327 39.82 -2.83 -25.12
N PHE B 328 40.86 -2.77 -24.29
CA PHE B 328 41.13 -3.81 -23.33
C PHE B 328 40.78 -3.43 -21.89
N ALA B 329 40.52 -2.16 -21.61
CA ALA B 329 40.26 -1.71 -20.26
C ALA B 329 39.42 -0.46 -20.29
N ASP B 330 38.94 -0.06 -19.11
CA ASP B 330 38.14 1.15 -18.98
C ASP B 330 38.96 2.38 -19.36
N GLY B 331 38.32 3.34 -20.00
CA GLY B 331 39.03 4.47 -20.55
C GLY B 331 39.28 5.58 -19.54
N VAL B 332 40.40 6.28 -19.74
CA VAL B 332 40.74 7.42 -18.90
C VAL B 332 39.81 8.58 -19.23
N SER B 333 39.47 9.38 -18.20
CA SER B 333 38.63 10.54 -18.39
C SER B 333 38.99 11.60 -17.36
N TYR B 334 38.64 12.84 -17.68
CA TYR B 334 38.87 13.97 -16.79
C TYR B 334 37.56 14.72 -16.59
N THR B 335 37.47 15.41 -15.46
CA THR B 335 36.38 16.35 -15.21
C THR B 335 36.91 17.77 -15.30
N VAL B 336 36.15 18.65 -15.94
CA VAL B 336 36.57 20.01 -16.21
C VAL B 336 35.74 20.95 -15.35
N TYR B 337 36.41 21.89 -14.68
CA TYR B 337 35.78 22.79 -13.73
C TYR B 337 35.55 24.13 -14.41
N PHE B 338 34.29 24.43 -14.70
CA PHE B 338 33.93 25.71 -15.29
C PHE B 338 33.63 26.73 -14.20
N THR B 339 33.65 28.00 -14.58
CA THR B 339 33.27 29.06 -13.66
C THR B 339 31.75 29.03 -13.46
N ASP B 340 31.31 29.65 -12.36
CA ASP B 340 29.89 29.71 -11.98
C ASP B 340 29.33 28.32 -11.66
N GLY B 341 30.16 27.48 -11.04
CA GLY B 341 29.71 26.23 -10.48
C GLY B 341 29.11 25.22 -11.45
N SER B 342 29.76 25.00 -12.58
CA SER B 342 29.34 23.99 -13.54
C SER B 342 30.53 23.12 -13.92
N THR B 343 30.25 21.84 -14.19
CA THR B 343 31.28 20.88 -14.52
C THR B 343 30.84 20.04 -15.71
N ALA B 344 31.83 19.52 -16.44
CA ALA B 344 31.59 18.60 -17.55
C ALA B 344 32.66 17.53 -17.53
N THR B 345 32.46 16.49 -18.33
CA THR B 345 33.36 15.34 -18.36
C THR B 345 34.06 15.28 -19.72
N PHE B 346 35.39 15.23 -19.68
CA PHE B 346 36.21 15.06 -20.87
C PHE B 346 36.71 13.62 -20.92
N ASP B 347 36.45 12.95 -22.04
CA ASP B 347 36.68 11.51 -22.16
C ASP B 347 37.93 11.18 -22.97
N GLY B 348 39.00 11.94 -22.80
CA GLY B 348 40.23 11.68 -23.52
C GLY B 348 41.41 11.39 -22.63
N LEU B 349 42.60 11.29 -23.22
CA LEU B 349 43.82 11.01 -22.48
C LEU B 349 44.67 12.24 -22.22
N ASN B 350 44.62 13.23 -23.11
CA ASN B 350 45.38 14.46 -22.96
C ASN B 350 44.44 15.62 -22.71
N PRO B 351 44.58 16.36 -21.60
CA PRO B 351 43.68 17.48 -21.35
C PRO B 351 43.96 18.70 -22.23
N ALA B 352 45.05 18.70 -22.99
CA ALA B 352 45.38 19.80 -23.88
C ALA B 352 44.69 19.67 -25.23
N ASP B 353 43.66 18.83 -25.34
CA ASP B 353 42.93 18.66 -26.59
C ASP B 353 41.43 18.88 -26.40
N TYR B 354 41.01 19.52 -25.32
CA TYR B 354 39.61 19.78 -25.06
C TYR B 354 39.21 21.12 -25.65
N LYS B 355 38.11 21.13 -26.40
CA LYS B 355 37.55 22.37 -26.93
C LYS B 355 36.58 22.94 -25.89
N VAL B 356 36.72 24.23 -25.61
CA VAL B 356 35.88 24.92 -24.63
C VAL B 356 34.61 25.37 -25.34
N PRO B 357 33.43 24.94 -24.90
CA PRO B 357 32.19 25.42 -25.54
C PRO B 357 32.03 26.92 -25.36
N THR B 358 31.47 27.55 -26.38
CA THR B 358 31.28 29.00 -26.33
C THR B 358 30.30 29.38 -25.23
N GLY B 359 30.66 30.39 -24.45
CA GLY B 359 29.86 30.83 -23.33
C GLY B 359 30.31 30.31 -21.98
N LYS B 360 31.41 29.55 -21.93
CA LYS B 360 31.93 29.01 -20.68
C LYS B 360 33.43 29.21 -20.63
N VAL B 361 33.95 29.31 -19.41
CA VAL B 361 35.38 29.45 -19.16
C VAL B 361 35.75 28.58 -17.97
N ILE B 362 36.90 27.91 -18.05
CA ILE B 362 37.34 27.00 -17.01
C ILE B 362 37.95 27.78 -15.86
N ASP B 363 37.80 27.25 -14.65
CA ASP B 363 38.40 27.85 -13.47
C ASP B 363 39.76 27.21 -13.25
N THR B 364 40.82 28.00 -13.39
CA THR B 364 42.17 27.46 -13.32
C THR B 364 42.54 27.00 -11.91
N THR B 365 41.97 27.63 -10.87
CA THR B 365 42.37 27.32 -9.51
C THR B 365 42.00 25.89 -9.12
N LYS B 366 40.82 25.42 -9.50
CA LYS B 366 40.38 24.08 -9.12
C LYS B 366 41.09 23.03 -9.96
N GLY B 367 41.63 22.02 -9.29
CA GLY B 367 42.31 20.93 -9.98
C GLY B 367 43.59 21.40 -10.65
N ARG B 368 44.01 20.62 -11.64
CA ARG B 368 45.18 20.94 -12.46
C ARG B 368 44.71 21.74 -13.66
N ASN B 369 44.75 23.07 -13.53
CA ASN B 369 44.33 24.00 -14.58
C ASN B 369 42.88 23.74 -15.01
N GLY B 370 42.03 23.43 -14.02
CA GLY B 370 40.63 23.19 -14.28
C GLY B 370 40.28 21.76 -14.65
N PHE B 371 41.25 20.85 -14.73
CA PHE B 371 41.03 19.48 -15.14
C PHE B 371 41.33 18.56 -13.96
N GLY B 372 40.33 17.77 -13.55
CA GLY B 372 40.47 16.84 -12.45
C GLY B 372 40.45 15.41 -12.95
N PHE B 373 41.49 14.66 -12.59
CA PHE B 373 41.57 13.26 -12.98
C PHE B 373 40.51 12.44 -12.26
N ASN B 374 39.84 11.56 -13.00
CA ASN B 374 38.86 10.65 -12.43
C ASN B 374 39.53 9.33 -12.10
N ASN B 375 39.47 8.94 -10.82
CA ASN B 375 40.15 7.73 -10.38
C ASN B 375 39.53 6.50 -11.01
N LEU B 376 40.36 5.49 -11.24
CA LEU B 376 39.97 4.28 -11.95
C LEU B 376 39.74 3.08 -11.03
N ALA B 377 40.22 3.15 -9.79
CA ALA B 377 40.07 2.02 -8.87
C ALA B 377 38.60 1.80 -8.51
N ARG B 378 38.21 0.53 -8.43
CA ARG B 378 36.87 0.15 -8.02
C ARG B 378 36.98 -0.81 -6.84
N TYR B 379 36.13 -0.61 -5.84
CA TYR B 379 36.19 -1.39 -4.61
C TYR B 379 34.79 -1.87 -4.24
N LYS B 380 34.68 -3.16 -3.90
CA LYS B 380 33.48 -3.74 -3.34
C LYS B 380 33.88 -4.36 -2.01
N GLU B 381 33.52 -3.69 -0.92
CA GLU B 381 33.94 -4.13 0.40
C GLU B 381 33.24 -5.44 0.78
N GLY B 382 34.01 -6.34 1.38
CA GLY B 382 33.51 -7.67 1.70
C GLY B 382 32.33 -7.68 2.64
N SER B 383 31.25 -8.35 2.23
CA SER B 383 30.05 -8.46 3.05
C SER B 383 29.20 -9.61 2.55
N THR B 384 28.36 -10.12 3.44
CA THR B 384 27.36 -11.13 3.09
C THR B 384 25.99 -10.48 3.08
N ASP B 385 25.22 -10.75 2.02
CA ASP B 385 23.93 -10.12 1.81
C ASP B 385 22.83 -11.16 1.92
N ILE B 386 21.84 -10.89 2.76
CA ILE B 386 20.67 -11.74 2.91
C ILE B 386 19.46 -10.97 2.39
N GLY B 387 18.82 -11.49 1.35
CA GLY B 387 17.67 -10.85 0.78
C GLY B 387 16.41 -11.68 0.93
N ILE B 388 15.35 -11.08 1.47
CA ILE B 388 14.09 -11.77 1.72
C ILE B 388 13.01 -11.10 0.87
N SER B 389 12.32 -11.90 0.08
CA SER B 389 11.20 -11.42 -0.73
C SER B 389 10.08 -12.45 -0.68
N LEU B 390 8.87 -12.01 -0.98
CA LEU B 390 7.71 -12.88 -0.92
C LEU B 390 6.70 -12.42 -1.97
N GLY B 391 5.91 -13.37 -2.46
CA GLY B 391 4.90 -13.07 -3.46
C GLY B 391 3.80 -14.09 -3.45
N PHE B 392 2.59 -13.63 -3.72
CA PHE B 392 1.41 -14.50 -3.81
C PHE B 392 0.98 -14.63 -5.26
N ASP B 393 0.76 -15.87 -5.70
CA ASP B 393 0.28 -16.14 -7.05
C ASP B 393 -0.96 -17.01 -6.96
N THR B 394 -2.02 -16.59 -7.64
CA THR B 394 -3.26 -17.35 -7.67
C THR B 394 -3.19 -18.43 -8.75
N SER B 395 -4.25 -19.23 -8.82
CA SER B 395 -4.35 -20.27 -9.83
C SER B 395 -4.78 -19.66 -11.16
N GLY B 396 -4.97 -20.51 -12.16
CA GLY B 396 -5.29 -20.05 -13.49
C GLY B 396 -6.73 -20.25 -13.92
N GLN B 397 -7.63 -20.43 -12.96
CA GLN B 397 -9.04 -20.62 -13.29
C GLN B 397 -9.67 -19.36 -13.89
N PHE B 398 -9.11 -18.18 -13.61
CA PHE B 398 -9.67 -16.92 -14.12
C PHE B 398 -9.09 -16.59 -15.49
N SER B 399 -9.38 -17.46 -16.45
CA SER B 399 -8.91 -17.31 -17.82
C SER B 399 -10.03 -17.46 -18.82
N GLN B 400 -11.26 -17.14 -18.43
CA GLN B 400 -12.41 -17.26 -19.31
C GLN B 400 -13.53 -16.38 -18.79
N VAL B 401 -14.23 -15.71 -19.70
CA VAL B 401 -15.36 -14.85 -19.35
C VAL B 401 -16.55 -15.23 -20.24
N THR B 402 -17.74 -14.87 -19.78
CA THR B 402 -18.97 -15.12 -20.52
C THR B 402 -19.75 -13.82 -20.66
N SER B 403 -20.55 -13.74 -21.72
CA SER B 403 -21.26 -12.51 -22.02
C SER B 403 -22.44 -12.32 -21.06
N GLY B 404 -22.99 -11.11 -21.07
CA GLY B 404 -24.11 -10.78 -20.22
C GLY B 404 -25.19 -10.05 -21.00
N THR B 405 -26.37 -10.01 -20.41
CA THR B 405 -27.52 -9.38 -21.06
C THR B 405 -27.35 -7.87 -21.09
N GLY B 406 -27.93 -7.26 -22.12
CA GLY B 406 -27.86 -5.81 -22.27
C GLY B 406 -28.81 -5.35 -23.35
N GLY B 407 -28.95 -4.02 -23.43
CA GLY B 407 -29.83 -3.41 -24.41
C GLY B 407 -30.80 -2.43 -23.80
N SER B 408 -31.30 -1.50 -24.61
CA SER B 408 -32.25 -0.49 -24.15
C SER B 408 -33.63 -0.68 -24.77
N LEU B 409 -33.72 -0.71 -26.10
CA LEU B 409 -34.99 -0.98 -26.75
C LEU B 409 -35.45 -2.42 -26.53
N PHE B 410 -34.53 -3.31 -26.16
CA PHE B 410 -34.84 -4.72 -25.97
C PHE B 410 -33.79 -5.31 -25.05
N SER B 411 -34.11 -6.47 -24.48
CA SER B 411 -33.21 -7.20 -23.62
C SER B 411 -32.83 -8.52 -24.28
N THR B 412 -31.52 -8.77 -24.38
CA THR B 412 -31.00 -9.98 -24.97
C THR B 412 -30.79 -11.05 -23.91
N ALA B 413 -30.76 -12.30 -24.37
CA ALA B 413 -30.50 -13.42 -23.46
C ALA B 413 -29.01 -13.48 -23.13
N GLY B 414 -28.70 -13.62 -21.84
CA GLY B 414 -27.31 -13.65 -21.42
C GLY B 414 -26.65 -14.99 -21.64
N ARG B 415 -25.34 -14.99 -21.44
CA ARG B 415 -24.53 -16.21 -21.50
C ARG B 415 -24.65 -16.91 -22.85
N LEU B 416 -24.39 -16.16 -23.92
CA LEU B 416 -24.42 -16.69 -25.28
C LEU B 416 -23.03 -16.93 -25.85
N GLN B 417 -21.97 -16.39 -25.23
CA GLN B 417 -20.63 -16.51 -25.77
C GLN B 417 -19.64 -16.57 -24.63
N VAL B 418 -18.60 -17.38 -24.80
CA VAL B 418 -17.50 -17.48 -23.84
C VAL B 418 -16.22 -17.07 -24.55
N ASN B 419 -15.46 -16.17 -23.92
CA ASN B 419 -14.25 -15.61 -24.51
C ASN B 419 -13.06 -15.96 -23.64
N GLN B 420 -11.99 -16.44 -24.27
CA GLN B 420 -10.76 -16.76 -23.57
C GLN B 420 -9.90 -15.51 -23.46
N ILE B 421 -9.43 -15.22 -22.25
CA ILE B 421 -8.61 -14.05 -21.99
C ILE B 421 -7.31 -14.50 -21.35
N ASP B 422 -6.30 -13.63 -21.39
CA ASP B 422 -4.98 -13.90 -20.87
C ASP B 422 -4.65 -12.87 -19.79
N LEU B 423 -5.04 -13.17 -18.56
CA LEU B 423 -4.73 -12.35 -17.40
C LEU B 423 -3.71 -13.06 -16.53
N ASN B 424 -2.64 -12.36 -16.19
CA ASN B 424 -1.60 -12.87 -15.29
C ASN B 424 -1.48 -11.87 -14.15
N PHE B 425 -2.30 -12.07 -13.10
CA PHE B 425 -2.35 -11.16 -11.97
C PHE B 425 -1.96 -11.87 -10.69
N GLY B 426 -1.42 -11.11 -9.75
CA GLY B 426 -1.02 -11.63 -8.47
C GLY B 426 -0.50 -10.51 -7.60
N LEU B 427 -0.39 -10.80 -6.31
CA LEU B 427 0.07 -9.82 -5.34
C LEU B 427 1.59 -9.88 -5.21
N VAL B 428 2.21 -8.71 -5.14
CA VAL B 428 3.66 -8.59 -4.99
C VAL B 428 3.94 -7.65 -3.82
N THR B 429 5.08 -7.88 -3.17
CA THR B 429 5.44 -7.14 -1.96
C THR B 429 6.37 -5.97 -2.22
N GLY B 430 6.75 -5.73 -3.48
CA GLY B 430 7.66 -4.64 -3.76
C GLY B 430 7.66 -4.28 -5.23
N LEU B 431 8.28 -3.16 -5.53
CA LEU B 431 8.38 -2.67 -6.89
C LEU B 431 9.79 -2.87 -7.43
N PRO B 432 9.93 -3.25 -8.71
CA PRO B 432 11.27 -3.31 -9.31
C PRO B 432 11.81 -1.91 -9.54
N SER B 433 13.15 -1.84 -9.63
CA SER B 433 13.80 -0.56 -9.91
C SER B 433 13.47 -0.03 -11.30
N ASP B 434 12.92 -0.86 -12.17
CA ASP B 434 12.60 -0.48 -13.54
C ASP B 434 11.23 0.19 -13.67
N ALA B 435 10.40 0.11 -12.62
CA ALA B 435 9.07 0.70 -12.66
C ALA B 435 9.15 2.22 -12.57
N TYR B 436 8.06 2.88 -12.99
CA TYR B 436 7.97 4.33 -12.94
C TYR B 436 6.50 4.71 -12.87
N VAL B 437 6.25 6.02 -12.78
CA VAL B 437 4.91 6.58 -12.77
C VAL B 437 4.71 7.32 -14.08
N ASP B 438 3.77 6.84 -14.91
CA ASP B 438 3.49 7.43 -16.20
C ASP B 438 2.35 8.43 -16.06
N THR B 439 2.64 9.70 -16.35
CA THR B 439 1.66 10.76 -16.18
C THR B 439 0.97 11.19 -17.47
N ASN B 440 1.67 11.15 -18.60
CA ASN B 440 1.09 11.60 -19.86
C ASN B 440 0.40 10.50 -20.64
N GLY B 441 0.44 9.26 -20.16
CA GLY B 441 -0.28 8.17 -20.80
C GLY B 441 0.36 7.62 -22.05
N ASN B 442 1.56 8.07 -22.41
CA ASN B 442 2.21 7.58 -23.63
C ASN B 442 2.75 6.16 -23.49
N GLY B 443 2.77 5.60 -22.28
CA GLY B 443 3.28 4.27 -22.09
C GLY B 443 4.78 4.13 -22.06
N LYS B 444 5.51 5.25 -21.96
CA LYS B 444 6.96 5.23 -21.91
C LYS B 444 7.44 6.12 -20.76
N LYS B 445 8.63 5.83 -20.26
CA LYS B 445 9.22 6.60 -19.17
C LYS B 445 9.92 7.81 -19.76
N ASP B 446 9.22 8.94 -19.79
CA ASP B 446 9.82 10.17 -20.25
C ASP B 446 10.76 10.74 -19.18
N ASP B 447 11.52 11.75 -19.58
CA ASP B 447 12.46 12.38 -18.66
C ASP B 447 11.71 13.21 -17.62
N GLY B 448 12.05 13.02 -16.35
CA GLY B 448 11.45 13.73 -15.26
C GLY B 448 10.39 12.97 -14.50
N GLU B 449 9.84 11.90 -15.08
CA GLU B 449 8.82 11.12 -14.39
C GLU B 449 9.45 10.38 -13.22
N ALA B 450 8.77 10.43 -12.07
CA ALA B 450 9.31 9.85 -10.85
C ALA B 450 9.39 8.33 -10.95
N THR B 451 10.43 7.76 -10.36
CA THR B 451 10.61 6.32 -10.35
C THR B 451 9.63 5.66 -9.38
N GLY B 452 9.46 4.36 -9.54
CA GLY B 452 8.51 3.63 -8.72
C GLY B 452 8.90 3.59 -7.25
N ARG B 453 10.18 3.32 -6.97
CA ARG B 453 10.65 3.24 -5.59
C ARG B 453 10.81 4.61 -4.94
N GLY B 454 10.91 5.67 -5.73
CA GLY B 454 11.04 7.00 -5.16
C GLY B 454 9.76 7.60 -4.63
N THR B 455 8.61 7.09 -5.08
CA THR B 455 7.32 7.60 -4.61
C THR B 455 6.78 6.78 -3.45
N TYR B 456 7.00 5.47 -3.45
CA TYR B 456 6.58 4.58 -2.38
C TYR B 456 7.83 4.17 -1.62
N LEU B 457 8.17 4.95 -0.60
CA LEU B 457 9.37 4.67 0.19
C LEU B 457 9.23 3.37 0.95
N GLY B 458 10.30 2.60 1.01
CA GLY B 458 10.28 1.31 1.64
C GLY B 458 9.84 0.16 0.76
N SER B 459 9.58 0.41 -0.52
CA SER B 459 9.12 -0.62 -1.44
C SER B 459 10.27 -1.32 -2.16
N GLY B 460 11.51 -0.97 -1.87
CA GLY B 460 12.64 -1.62 -2.50
C GLY B 460 13.89 -0.77 -2.37
N GLY B 461 14.99 -1.34 -2.85
CA GLY B 461 16.27 -0.66 -2.82
C GLY B 461 16.93 -0.72 -1.46
N THR B 462 18.09 -0.06 -1.38
CA THR B 462 18.86 0.04 -0.14
C THR B 462 18.55 1.30 0.64
N ALA B 463 18.21 2.40 -0.02
CA ALA B 463 17.84 3.62 0.66
C ALA B 463 16.38 3.59 1.09
N ALA B 464 16.08 4.30 2.17
CA ALA B 464 14.72 4.47 2.67
C ALA B 464 14.06 3.12 2.97
N ILE B 465 14.63 2.43 3.96
CA ILE B 465 14.05 1.19 4.46
C ILE B 465 13.08 1.54 5.58
N LEU B 466 11.80 1.27 5.36
CA LEU B 466 10.77 1.53 6.36
C LEU B 466 10.80 0.38 7.37
N ARG B 467 11.30 0.66 8.57
CA ARG B 467 11.50 -0.38 9.58
C ARG B 467 10.95 0.09 10.91
N ASP B 468 11.18 -0.74 11.93
CA ASP B 468 10.65 -0.56 13.27
C ASP B 468 11.70 -1.14 14.20
N PRO B 469 12.06 -0.45 15.29
CA PRO B 469 12.91 -1.09 16.30
C PRO B 469 12.27 -2.38 16.80
N ALA B 470 13.14 -3.28 17.27
CA ALA B 470 12.86 -4.70 17.49
C ALA B 470 12.84 -5.50 16.20
N GLY B 471 13.41 -4.97 15.13
CA GLY B 471 13.72 -5.73 13.94
C GLY B 471 12.63 -5.82 12.88
N ASN B 472 11.45 -5.27 13.13
CA ASN B 472 10.37 -5.39 12.16
C ASN B 472 10.66 -4.53 10.93
N VAL B 473 10.34 -5.07 9.76
CA VAL B 473 10.50 -4.38 8.48
C VAL B 473 9.17 -4.45 7.73
N TYR B 474 8.73 -3.31 7.21
CA TYR B 474 7.45 -3.20 6.53
C TYR B 474 7.65 -2.88 5.06
N ARG B 475 6.89 -3.54 4.20
CA ARG B 475 6.91 -3.29 2.77
C ARG B 475 5.48 -3.22 2.26
N PRO B 476 5.14 -2.22 1.45
CA PRO B 476 3.77 -2.13 0.93
C PRO B 476 3.45 -3.29 -0.01
N VAL B 477 2.17 -3.64 -0.06
CA VAL B 477 1.68 -4.73 -0.90
C VAL B 477 1.01 -4.12 -2.13
N PHE B 478 1.37 -4.61 -3.31
CA PHE B 478 0.86 -4.09 -4.57
C PHE B 478 0.17 -5.20 -5.35
N PHE B 479 -0.75 -4.79 -6.22
CA PHE B 479 -1.48 -5.71 -7.09
C PHE B 479 -0.93 -5.55 -8.51
N ARG B 480 -0.28 -6.59 -9.00
CA ARG B 480 0.37 -6.59 -10.30
C ARG B 480 -0.45 -7.41 -11.28
N PHE B 481 -0.71 -6.84 -12.45
CA PHE B 481 -1.46 -7.54 -13.49
C PHE B 481 -0.95 -7.11 -14.85
N LYS B 482 -1.21 -7.95 -15.86
CA LYS B 482 -0.83 -7.65 -17.23
C LYS B 482 -1.76 -8.42 -18.16
N ASN B 483 -2.48 -7.72 -19.01
CA ASN B 483 -3.39 -8.34 -19.96
C ASN B 483 -2.75 -8.35 -21.35
N ALA B 484 -2.66 -9.54 -21.94
CA ALA B 484 -2.14 -9.70 -23.28
C ALA B 484 -3.24 -9.87 -24.32
N THR B 485 -4.50 -9.70 -23.93
CA THR B 485 -5.63 -9.85 -24.83
C THR B 485 -6.33 -8.50 -24.99
N THR B 486 -6.62 -8.14 -26.24
CA THR B 486 -7.36 -6.92 -26.55
C THR B 486 -8.51 -7.12 -27.52
N GLN B 487 -8.62 -8.29 -28.14
CA GLN B 487 -9.70 -8.59 -29.08
C GLN B 487 -10.79 -9.39 -28.38
N PHE B 488 -12.02 -9.25 -28.87
CA PHE B 488 -13.17 -9.97 -28.32
C PHE B 488 -14.09 -10.36 -29.46
N SER B 489 -14.02 -11.62 -29.88
CA SER B 489 -14.81 -12.11 -31.01
C SER B 489 -16.12 -12.70 -30.51
N VAL B 490 -17.22 -12.27 -31.11
CA VAL B 490 -18.55 -12.76 -30.75
C VAL B 490 -19.17 -13.40 -31.97
N GLY B 491 -20.06 -14.35 -31.74
CA GLY B 491 -20.75 -15.04 -32.80
C GLY B 491 -19.96 -16.21 -33.34
N ASN B 492 -20.63 -17.00 -34.17
CA ASN B 492 -20.06 -18.15 -34.85
C ASN B 492 -20.41 -18.08 -36.33
N ASN B 493 -19.94 -19.06 -37.09
CA ASN B 493 -20.14 -19.04 -38.53
C ASN B 493 -21.63 -18.95 -38.86
N PRO B 494 -22.01 -18.20 -39.91
CA PRO B 494 -21.15 -17.51 -40.86
C PRO B 494 -20.55 -16.19 -40.38
N VAL B 495 -21.29 -15.42 -39.57
CA VAL B 495 -20.93 -14.05 -39.25
C VAL B 495 -20.16 -14.01 -37.95
N ILE B 496 -18.94 -13.48 -37.99
CA ILE B 496 -18.08 -13.32 -36.83
C ILE B 496 -17.70 -11.85 -36.72
N VAL B 497 -17.93 -11.27 -35.55
CA VAL B 497 -17.67 -9.85 -35.30
C VAL B 497 -16.61 -9.75 -34.20
N THR B 498 -15.60 -8.91 -34.43
CA THR B 498 -14.48 -8.77 -33.51
C THR B 498 -14.35 -7.32 -33.07
N LEU B 499 -14.26 -7.11 -31.76
CA LEU B 499 -14.05 -5.80 -31.17
C LEU B 499 -12.70 -5.79 -30.48
N GLY B 500 -11.88 -4.79 -30.77
CA GLY B 500 -10.51 -4.77 -30.28
C GLY B 500 -9.99 -3.37 -30.09
N GLN B 501 -8.73 -3.30 -29.65
CA GLN B 501 -8.08 -2.05 -29.29
C GLN B 501 -7.00 -1.60 -30.26
N GLN B 502 -6.39 -2.52 -31.00
CA GLN B 502 -5.45 -2.14 -32.06
C GLN B 502 -5.67 -3.17 -33.18
N GLN B 503 -6.56 -2.84 -34.09
CA GLN B 503 -7.04 -3.81 -35.06
C GLN B 503 -6.03 -4.03 -36.16
N LYS B 504 -5.69 -5.29 -36.41
CA LYS B 504 -4.80 -5.67 -37.50
C LYS B 504 -5.65 -6.27 -38.63
N PHE B 505 -5.51 -5.71 -39.83
CA PHE B 505 -6.29 -6.19 -40.97
C PHE B 505 -5.46 -6.00 -42.23
N TYR B 506 -5.86 -6.72 -43.27
CA TYR B 506 -5.08 -6.74 -44.51
C TYR B 506 -6.02 -7.01 -45.67
N PHE B 507 -6.19 -6.01 -46.54
CA PHE B 507 -7.01 -6.17 -47.74
C PHE B 507 -6.19 -6.72 -48.90
N SER B 508 -5.14 -6.01 -49.29
CA SER B 508 -4.26 -6.44 -50.36
C SER B 508 -2.89 -5.83 -50.13
N ASP B 509 -1.99 -6.03 -51.10
CA ASP B 509 -0.61 -5.57 -50.96
C ASP B 509 -0.54 -4.05 -50.86
N TYR B 510 -1.35 -3.35 -51.66
CA TYR B 510 -1.27 -1.90 -51.77
C TYR B 510 -2.41 -1.18 -51.07
N VAL B 511 -3.37 -1.90 -50.50
CA VAL B 511 -4.54 -1.28 -49.85
C VAL B 511 -4.74 -1.97 -48.51
N PHE B 512 -4.83 -1.17 -47.44
CA PHE B 512 -4.93 -1.68 -46.07
C PHE B 512 -3.94 -2.81 -45.79
N ASP B 513 -2.65 -2.47 -45.81
CA ASP B 513 -1.61 -3.37 -45.31
C ASP B 513 -1.30 -2.92 -43.89
N ASN B 514 -2.23 -3.20 -42.97
CA ASN B 514 -2.13 -2.76 -41.58
C ASN B 514 -2.13 -3.94 -40.64
N ASN B 515 -1.45 -5.02 -41.01
CA ASN B 515 -1.36 -6.21 -40.18
C ASN B 515 -0.03 -6.32 -39.44
N TYR B 516 0.74 -5.23 -39.39
CA TYR B 516 2.00 -5.21 -38.65
C TYR B 516 1.81 -4.70 -37.23
N ASP B 517 1.30 -3.47 -37.08
CA ASP B 517 1.05 -2.88 -35.78
C ASP B 517 -0.40 -2.49 -35.53
N GLY B 518 -1.20 -2.35 -36.57
CA GLY B 518 -2.60 -1.97 -36.42
C GLY B 518 -2.82 -0.48 -36.66
N ARG B 519 -4.09 -0.10 -36.62
CA ARG B 519 -4.49 1.29 -36.87
C ARG B 519 -5.10 1.94 -35.62
N GLY B 520 -6.14 1.36 -35.05
CA GLY B 520 -6.78 1.98 -33.90
C GLY B 520 -8.01 1.23 -33.46
N ASP B 521 -8.87 1.95 -32.74
CA ASP B 521 -10.01 1.36 -32.06
C ASP B 521 -11.20 1.25 -33.01
N GLY B 522 -11.76 0.05 -33.12
CA GLY B 522 -12.91 -0.17 -33.98
C GLY B 522 -13.46 -1.58 -33.91
N PHE B 523 -14.03 -2.07 -35.01
CA PHE B 523 -14.55 -3.42 -35.06
C PHE B 523 -14.36 -3.98 -36.46
N THR B 524 -14.43 -5.31 -36.56
CA THR B 524 -14.24 -6.02 -37.81
C THR B 524 -15.28 -7.13 -37.90
N VAL B 525 -15.94 -7.24 -39.05
CA VAL B 525 -16.96 -8.26 -39.29
C VAL B 525 -16.52 -9.10 -40.49
N THR B 526 -16.69 -10.42 -40.35
CA THR B 526 -16.34 -11.36 -41.40
C THR B 526 -17.53 -12.27 -41.69
N VAL B 527 -17.95 -12.32 -42.95
CA VAL B 527 -19.07 -13.15 -43.38
C VAL B 527 -18.52 -14.19 -44.35
N ASP B 528 -18.74 -15.47 -44.03
CA ASP B 528 -18.23 -16.58 -44.83
C ASP B 528 -19.41 -17.37 -45.37
N GLY B 529 -19.50 -17.48 -46.70
CA GLY B 529 -20.61 -18.16 -47.32
C GLY B 529 -20.24 -19.51 -47.92
N SER B 530 -19.42 -20.27 -47.21
CA SER B 530 -19.04 -21.60 -47.69
C SER B 530 -20.25 -22.52 -47.74
N ASN B 531 -21.13 -22.44 -46.75
CA ASN B 531 -22.32 -23.28 -46.68
C ASN B 531 -23.52 -22.45 -47.14
N VAL B 532 -23.94 -22.69 -48.38
CA VAL B 532 -25.05 -21.98 -49.02
C VAL B 532 -25.39 -22.78 -50.27
N PRO B 533 -26.67 -22.94 -50.63
CA PRO B 533 -27.03 -23.86 -51.72
C PRO B 533 -26.37 -23.59 -53.06
N VAL B 534 -26.55 -22.39 -53.62
CA VAL B 534 -26.15 -22.16 -55.01
C VAL B 534 -24.67 -21.83 -55.13
N ILE B 535 -24.15 -20.95 -54.28
CA ILE B 535 -22.78 -20.46 -54.41
C ILE B 535 -21.88 -21.00 -53.30
N GLY B 536 -22.20 -22.18 -52.76
CA GLY B 536 -21.36 -22.76 -51.72
C GLY B 536 -20.05 -23.31 -52.21
N ALA B 537 -19.96 -23.63 -53.51
CA ALA B 537 -18.73 -24.18 -54.06
C ALA B 537 -17.70 -23.10 -54.39
N TRP B 538 -18.10 -21.84 -54.46
CA TRP B 538 -17.18 -20.76 -54.78
C TRP B 538 -16.59 -20.09 -53.55
N LYS B 539 -17.04 -20.47 -52.36
CA LYS B 539 -16.51 -19.96 -51.10
C LYS B 539 -16.48 -18.43 -51.03
N PRO B 540 -17.64 -17.77 -51.08
CA PRO B 540 -17.66 -16.31 -50.97
C PRO B 540 -17.27 -15.87 -49.56
N GLN B 541 -16.82 -14.62 -49.47
CA GLN B 541 -16.40 -14.06 -48.19
C GLN B 541 -16.42 -12.55 -48.29
N ILE B 542 -16.95 -11.89 -47.26
CA ILE B 542 -17.04 -10.44 -47.21
C ILE B 542 -16.46 -9.97 -45.89
N LYS B 543 -15.60 -8.95 -45.95
CA LYS B 543 -14.98 -8.36 -44.77
C LYS B 543 -15.45 -6.93 -44.60
N GLY B 544 -15.51 -6.47 -43.35
CA GLY B 544 -15.88 -5.10 -43.07
C GLY B 544 -15.03 -4.53 -41.94
N VAL B 545 -14.58 -3.29 -42.09
CA VAL B 545 -13.65 -2.69 -41.15
C VAL B 545 -14.10 -1.26 -40.84
N TYR B 546 -14.12 -0.93 -39.54
CA TYR B 546 -14.32 0.45 -39.09
C TYR B 546 -13.36 0.69 -37.93
N GLY B 547 -12.97 1.95 -37.76
CA GLY B 547 -12.10 2.27 -36.64
C GLY B 547 -11.76 3.75 -36.59
N SER B 548 -11.02 4.10 -35.55
CA SER B 548 -10.49 5.45 -35.36
C SER B 548 -8.99 5.35 -35.14
N ARG B 549 -8.23 6.17 -35.85
CA ARG B 549 -6.77 6.08 -35.82
C ARG B 549 -6.25 6.38 -34.41
N SER B 550 -5.59 5.38 -33.82
CA SER B 550 -4.90 5.49 -32.54
C SER B 550 -5.82 5.77 -31.37
N GLY B 551 -7.13 5.78 -31.59
CA GLY B 551 -8.05 6.07 -30.51
C GLY B 551 -7.88 7.51 -30.02
N LEU B 552 -7.65 7.66 -28.72
CA LEU B 552 -7.46 8.96 -28.12
C LEU B 552 -6.08 9.50 -28.49
N ASP B 553 -6.05 10.69 -29.08
CA ASP B 553 -4.80 11.29 -29.54
C ASP B 553 -4.79 12.78 -29.18
N GLY B 554 -3.59 13.32 -29.03
CA GLY B 554 -3.44 14.74 -28.83
C GLY B 554 -3.71 15.53 -30.09
N THR B 555 -3.84 16.85 -29.92
CA THR B 555 -4.17 17.71 -31.06
C THR B 555 -3.05 17.77 -32.09
N ALA B 556 -1.81 17.49 -31.70
CA ALA B 556 -0.66 17.58 -32.59
C ALA B 556 -0.31 16.26 -33.25
N GLU B 557 -1.04 15.20 -32.98
CA GLU B 557 -0.77 13.89 -33.55
C GLU B 557 -1.64 13.65 -34.78
N ALA B 558 -1.13 12.82 -35.69
CA ALA B 558 -1.79 12.59 -36.97
C ALA B 558 -3.12 11.86 -36.82
N GLY B 559 -3.36 11.21 -35.70
CA GLY B 559 -4.56 10.42 -35.54
C GLY B 559 -5.66 11.11 -34.75
N TYR B 560 -5.63 12.44 -34.71
CA TYR B 560 -6.66 13.20 -34.01
C TYR B 560 -7.85 13.40 -34.93
N GLY B 561 -8.96 12.76 -34.61
CA GLY B 561 -10.17 12.87 -35.41
C GLY B 561 -10.04 12.32 -36.82
N VAL B 562 -9.43 11.15 -36.96
CA VAL B 562 -9.25 10.50 -38.25
C VAL B 562 -9.85 9.10 -38.17
N TYR B 563 -10.74 8.78 -39.11
CA TYR B 563 -11.48 7.53 -39.09
C TYR B 563 -11.35 6.84 -40.44
N TYR B 564 -11.32 5.51 -40.41
CA TYR B 564 -11.18 4.71 -41.61
C TYR B 564 -12.30 3.68 -41.71
N ARG B 565 -12.56 3.25 -42.93
CA ARG B 565 -13.59 2.25 -43.19
C ARG B 565 -13.27 1.56 -44.50
N GLY B 566 -13.85 0.37 -44.69
CA GLY B 566 -13.61 -0.38 -45.91
C GLY B 566 -14.44 -1.64 -45.94
N VAL B 567 -14.39 -2.31 -47.08
CA VAL B 567 -15.16 -3.54 -47.31
C VAL B 567 -14.51 -4.27 -48.48
N ARG B 568 -14.56 -5.61 -48.43
CA ARG B 568 -13.93 -6.43 -49.45
C ARG B 568 -14.76 -7.68 -49.69
N ALA B 569 -15.01 -7.98 -50.97
CA ALA B 569 -15.65 -9.23 -51.38
C ALA B 569 -14.60 -10.16 -51.98
N GLN B 570 -14.98 -11.43 -52.14
CA GLN B 570 -14.01 -12.42 -52.56
C GLN B 570 -14.71 -13.71 -52.96
N ILE B 571 -14.23 -14.36 -54.03
CA ILE B 571 -14.68 -15.67 -54.44
C ILE B 571 -13.48 -16.49 -54.90
N THR B 572 -13.67 -17.80 -54.96
CA THR B 572 -12.63 -18.74 -55.42
C THR B 572 -13.27 -19.68 -56.45
N PRO B 573 -13.52 -19.19 -57.67
CA PRO B 573 -14.28 -19.98 -58.64
C PRO B 573 -13.64 -21.31 -59.01
N VAL B 574 -12.42 -21.30 -59.52
CA VAL B 574 -11.76 -22.49 -60.04
C VAL B 574 -10.41 -22.66 -59.36
N GLY B 575 -10.12 -23.89 -58.94
CA GLY B 575 -8.83 -24.19 -58.32
C GLY B 575 -8.58 -23.33 -57.10
N THR B 576 -7.35 -22.83 -57.01
CA THR B 576 -6.96 -21.91 -55.94
C THR B 576 -7.13 -20.45 -56.36
N LEU B 577 -7.51 -20.21 -57.62
CA LEU B 577 -7.56 -18.85 -58.15
C LEU B 577 -8.59 -18.00 -57.42
N THR B 578 -8.10 -17.06 -56.62
CA THR B 578 -8.95 -16.24 -55.76
C THR B 578 -9.03 -14.82 -56.32
N ALA B 579 -10.24 -14.35 -56.56
CA ALA B 579 -10.48 -13.00 -57.06
C ALA B 579 -11.29 -12.22 -56.05
N GLY B 580 -11.04 -10.91 -55.98
CA GLY B 580 -11.75 -10.07 -55.04
C GLY B 580 -11.64 -8.60 -55.41
N ILE B 581 -12.57 -7.82 -54.85
CA ILE B 581 -12.58 -6.37 -55.01
C ILE B 581 -12.76 -5.76 -53.63
N HIS B 582 -12.32 -4.52 -53.48
CA HIS B 582 -12.36 -3.87 -52.18
C HIS B 582 -12.47 -2.37 -52.33
N TYR B 583 -12.84 -1.72 -51.24
CA TYR B 583 -12.98 -0.27 -51.17
C TYR B 583 -12.37 0.21 -49.87
N ALA B 584 -11.81 1.42 -49.89
CA ALA B 584 -11.12 1.95 -48.72
C ALA B 584 -11.37 3.45 -48.62
N GLN B 585 -11.31 3.94 -47.39
CA GLN B 585 -11.61 5.34 -47.12
C GLN B 585 -10.99 5.72 -45.78
N GLU B 586 -10.50 6.94 -45.69
CA GLU B 586 -10.00 7.49 -44.44
C GLU B 586 -10.02 9.01 -44.53
N GLY B 587 -10.67 9.67 -43.58
CA GLY B 587 -10.76 11.11 -43.61
C GLY B 587 -10.88 11.76 -42.26
N ARG B 588 -11.12 13.07 -42.25
CA ARG B 588 -11.26 13.86 -41.03
C ARG B 588 -12.72 14.18 -40.78
N ASP B 589 -13.11 14.13 -39.51
CA ASP B 589 -14.44 14.60 -39.12
C ASP B 589 -14.38 16.11 -38.91
N MET B 590 -15.53 16.70 -38.53
CA MET B 590 -15.60 18.15 -38.39
C MET B 590 -14.76 18.68 -37.25
N PHE B 591 -14.37 17.82 -36.30
CA PHE B 591 -13.47 18.24 -35.22
C PHE B 591 -12.01 18.04 -35.58
N GLY B 592 -11.69 16.95 -36.27
CA GLY B 592 -10.32 16.73 -36.71
C GLY B 592 -9.88 17.74 -37.76
N ALA B 593 -10.79 18.11 -38.66
CA ALA B 593 -10.45 19.01 -39.76
C ALA B 593 -10.06 20.40 -39.29
N ALA B 594 -10.32 20.76 -38.03
CA ALA B 594 -10.06 22.11 -37.56
C ALA B 594 -8.97 22.20 -36.49
N GLN B 595 -8.54 21.08 -35.93
CA GLN B 595 -7.56 21.10 -34.84
C GLN B 595 -6.46 20.06 -34.99
N ASN B 596 -6.34 19.40 -36.14
CA ASN B 596 -5.37 18.32 -36.29
C ASN B 596 -3.94 18.84 -36.42
N THR B 597 -3.77 20.06 -36.94
CA THR B 597 -2.49 20.76 -37.09
C THR B 597 -1.34 19.85 -37.53
N THR B 598 -1.62 18.92 -38.43
CA THR B 598 -0.60 18.00 -38.93
C THR B 598 -0.76 17.91 -40.44
N SER B 599 -0.04 16.96 -41.05
CA SER B 599 -0.01 16.82 -42.50
C SER B 599 -0.91 15.71 -43.02
N THR B 600 -1.81 15.19 -42.18
CA THR B 600 -2.72 14.15 -42.62
C THR B 600 -3.66 14.70 -43.70
N PRO B 601 -3.87 13.99 -44.80
CA PRO B 601 -4.75 14.50 -45.85
C PRO B 601 -6.19 14.59 -45.37
N SER B 602 -6.96 15.45 -46.04
CA SER B 602 -8.36 15.64 -45.68
C SER B 602 -9.15 14.34 -45.81
N ASP B 603 -8.96 13.63 -46.92
CA ASP B 603 -9.53 12.30 -47.07
C ASP B 603 -8.81 11.55 -48.18
N VAL B 604 -8.81 10.22 -48.07
CA VAL B 604 -8.23 9.34 -49.08
C VAL B 604 -9.28 8.30 -49.45
N THR B 605 -9.49 8.09 -50.74
CA THR B 605 -10.43 7.10 -51.24
C THR B 605 -9.69 6.17 -52.18
N THR B 606 -9.72 4.87 -51.88
CA THR B 606 -8.96 3.89 -52.64
C THR B 606 -9.83 2.67 -52.91
N TYR B 607 -9.72 2.13 -54.12
CA TYR B 607 -10.42 0.91 -54.47
C TYR B 607 -9.62 0.19 -55.55
N GLY B 608 -9.85 -1.11 -55.65
CA GLY B 608 -9.13 -1.90 -56.64
C GLY B 608 -9.57 -3.35 -56.63
N ALA B 609 -8.75 -4.19 -57.25
CA ALA B 609 -9.04 -5.61 -57.35
C ALA B 609 -7.73 -6.37 -57.42
N ASP B 610 -7.81 -7.68 -57.16
CA ASP B 610 -6.64 -8.53 -57.23
C ASP B 610 -7.06 -9.94 -57.68
N LEU B 611 -6.06 -10.75 -58.00
CA LEU B 611 -6.32 -12.12 -58.46
C LEU B 611 -5.08 -12.95 -58.15
N HIS B 612 -5.15 -13.75 -57.09
CA HIS B 612 -4.04 -14.57 -56.63
C HIS B 612 -4.46 -16.02 -56.56
N GLY B 613 -3.65 -16.90 -57.12
CA GLY B 613 -3.92 -18.32 -57.03
C GLY B 613 -3.29 -19.10 -58.16
N LYS B 614 -3.50 -20.41 -58.11
CA LYS B 614 -2.96 -21.34 -59.09
C LYS B 614 -4.10 -22.10 -59.74
N ALA B 615 -4.20 -22.01 -61.07
CA ALA B 615 -5.25 -22.69 -61.81
C ALA B 615 -4.66 -23.31 -63.08
N PHE B 616 -5.11 -24.53 -63.39
CA PHE B 616 -4.71 -25.24 -64.59
C PHE B 616 -3.20 -25.45 -64.66
N GLY B 617 -2.56 -25.62 -63.50
CA GLY B 617 -1.12 -25.82 -63.45
C GLY B 617 -0.28 -24.58 -63.63
N VAL B 618 -0.90 -23.40 -63.68
CA VAL B 618 -0.19 -22.13 -63.86
C VAL B 618 -0.53 -21.23 -62.68
N GLU B 619 0.50 -20.69 -62.05
CA GLU B 619 0.34 -19.77 -60.93
C GLU B 619 0.40 -18.34 -61.45
N LEU B 620 -0.66 -17.57 -61.20
CA LEU B 620 -0.78 -16.22 -61.72
C LEU B 620 -1.16 -15.27 -60.60
N HIS B 621 -0.52 -14.10 -60.58
CA HIS B 621 -0.80 -13.07 -59.59
C HIS B 621 -0.96 -11.73 -60.29
N SER B 622 -1.91 -10.92 -59.80
CA SER B 622 -2.15 -9.61 -60.39
C SER B 622 -2.84 -8.74 -59.33
N GLU B 623 -2.82 -7.43 -59.57
CA GLU B 623 -3.45 -6.50 -58.67
C GLU B 623 -3.55 -5.14 -59.35
N TYR B 624 -4.68 -4.47 -59.16
CA TYR B 624 -4.90 -3.12 -59.63
C TYR B 624 -5.46 -2.29 -58.48
N ALA B 625 -5.04 -1.03 -58.40
CA ALA B 625 -5.46 -0.15 -57.31
C ALA B 625 -5.42 1.30 -57.78
N THR B 626 -6.43 2.06 -57.38
CA THR B 626 -6.54 3.47 -57.72
C THR B 626 -6.80 4.28 -56.45
N SER B 627 -6.14 5.43 -56.35
CA SER B 627 -6.21 6.25 -55.14
C SER B 627 -6.52 7.69 -55.50
N ARG B 628 -7.21 8.38 -54.60
CA ARG B 628 -7.52 9.80 -54.73
C ARG B 628 -7.27 10.47 -53.41
N VAL B 629 -6.29 11.38 -53.36
CA VAL B 629 -5.88 12.04 -52.13
C VAL B 629 -6.21 13.52 -52.25
N ARG B 630 -6.89 14.05 -51.23
CA ARG B 630 -7.20 15.46 -51.16
C ARG B 630 -6.39 16.09 -50.03
N PRO B 631 -5.47 17.01 -50.33
CA PRO B 631 -4.58 17.54 -49.28
C PRO B 631 -5.35 18.37 -48.26
N ASN B 632 -4.66 18.67 -47.16
CA ASN B 632 -5.28 19.41 -46.08
C ASN B 632 -5.45 20.89 -46.41
N THR B 633 -4.61 21.42 -47.31
CA THR B 633 -4.66 22.85 -47.62
C THR B 633 -5.98 23.21 -48.26
N ALA B 634 -6.40 24.47 -48.04
CA ALA B 634 -7.69 24.94 -48.53
C ALA B 634 -7.72 24.93 -50.05
N ASN B 635 -8.90 24.61 -50.59
CA ASN B 635 -9.20 24.53 -52.02
C ASN B 635 -8.07 23.89 -52.82
N ALA B 636 -7.52 22.78 -52.31
CA ALA B 636 -6.47 22.06 -53.01
C ALA B 636 -7.07 21.07 -53.99
N ALA B 637 -6.35 20.83 -55.08
CA ALA B 637 -6.81 19.90 -56.11
C ALA B 637 -6.62 18.46 -55.65
N VAL B 638 -7.49 17.59 -56.14
CA VAL B 638 -7.42 16.17 -55.82
C VAL B 638 -6.33 15.51 -56.66
N GLN B 639 -5.51 14.70 -56.02
CA GLN B 639 -4.41 14.02 -56.68
C GLN B 639 -4.77 12.55 -56.90
N THR B 640 -4.57 12.07 -58.12
CA THR B 640 -4.89 10.71 -58.50
C THR B 640 -3.62 9.94 -58.80
N SER B 641 -3.48 8.76 -58.20
CA SER B 641 -2.32 7.90 -58.43
C SER B 641 -2.76 6.46 -58.34
N ASN B 642 -2.34 5.64 -59.30
CA ASN B 642 -2.78 4.26 -59.38
C ASN B 642 -1.60 3.35 -59.64
N ALA B 643 -1.73 2.09 -59.23
CA ALA B 643 -0.69 1.09 -59.36
C ALA B 643 -1.27 -0.17 -59.98
N PHE B 644 -0.41 -0.94 -60.64
CA PHE B 644 -0.86 -2.14 -61.33
C PHE B 644 0.34 -3.05 -61.58
N TYR B 645 0.14 -4.35 -61.46
CA TYR B 645 1.17 -5.32 -61.79
C TYR B 645 0.51 -6.65 -62.11
N ALA B 646 1.26 -7.52 -62.78
CA ALA B 646 0.75 -8.83 -63.18
C ALA B 646 1.92 -9.77 -63.37
N ARG B 647 1.94 -10.87 -62.62
CA ARG B 647 3.06 -11.80 -62.62
C ARG B 647 2.58 -13.21 -62.96
N VAL B 648 3.54 -14.02 -63.41
CA VAL B 648 3.37 -15.47 -63.52
C VAL B 648 4.55 -16.08 -62.77
N ALA B 649 4.38 -16.32 -61.47
CA ALA B 649 5.47 -16.79 -60.64
C ALA B 649 4.90 -17.41 -59.38
N THR B 650 5.73 -18.21 -58.71
CA THR B 650 5.32 -18.88 -57.48
C THR B 650 5.44 -17.95 -56.29
N ARG B 651 4.50 -18.08 -55.35
CA ARG B 651 4.47 -17.27 -54.14
C ARG B 651 4.39 -18.18 -52.93
N LYS B 652 5.14 -17.83 -51.90
CA LYS B 652 5.18 -18.63 -50.68
C LYS B 652 4.14 -18.14 -49.68
N ASP B 653 3.92 -18.94 -48.64
CA ASP B 653 3.07 -18.50 -47.53
C ASP B 653 3.66 -17.29 -46.83
N ASN B 654 4.96 -17.07 -46.96
CA ASN B 654 5.61 -15.85 -46.50
C ASN B 654 5.20 -14.62 -47.32
N LEU B 655 4.50 -14.83 -48.43
CA LEU B 655 4.06 -13.79 -49.35
C LEU B 655 5.21 -13.16 -50.12
N ALA B 656 6.33 -13.86 -50.23
CA ALA B 656 7.46 -13.45 -51.03
C ALA B 656 7.63 -14.41 -52.20
N PHE B 657 7.88 -13.86 -53.39
CA PHE B 657 7.98 -14.70 -54.57
C PHE B 657 9.28 -15.50 -54.56
N ASP B 658 9.20 -16.74 -55.04
CA ASP B 658 10.33 -17.65 -54.94
C ASP B 658 11.32 -17.45 -56.08
N LEU B 659 10.82 -17.49 -57.33
CA LEU B 659 11.62 -17.28 -58.52
C LEU B 659 12.68 -18.36 -58.72
N ASN B 660 12.61 -19.43 -57.92
CA ASN B 660 13.45 -20.60 -58.10
C ASN B 660 12.68 -21.85 -58.48
N THR B 661 11.38 -21.90 -58.21
CA THR B 661 10.50 -22.98 -58.60
C THR B 661 9.65 -22.54 -59.79
N PRO B 662 9.62 -23.30 -60.88
CA PRO B 662 8.92 -22.85 -62.08
C PRO B 662 7.43 -22.64 -61.81
N ALA B 663 6.87 -21.61 -62.47
CA ALA B 663 5.44 -21.36 -62.37
C ALA B 663 4.66 -22.20 -63.36
N ALA B 664 5.18 -22.36 -64.58
CA ALA B 664 4.53 -23.16 -65.60
C ALA B 664 5.59 -23.98 -66.32
N LYS B 665 5.42 -25.30 -66.31
CA LYS B 665 6.38 -26.22 -66.91
C LYS B 665 5.79 -26.84 -68.17
N PHE B 666 6.61 -27.68 -68.81
CA PHE B 666 6.19 -28.42 -69.99
C PHE B 666 7.19 -29.54 -70.23
N GLY B 667 6.66 -30.72 -70.57
CA GLY B 667 7.54 -31.86 -70.77
C GLY B 667 8.03 -32.42 -69.45
N ASN B 668 9.08 -33.22 -69.55
CA ASN B 668 9.65 -33.89 -68.37
C ASN B 668 11.12 -33.50 -68.18
N ASP B 669 11.80 -34.17 -67.24
CA ASP B 669 13.17 -33.82 -66.93
C ASP B 669 14.10 -33.99 -68.13
N THR B 670 13.80 -34.95 -69.02
CA THR B 670 14.63 -35.15 -70.19
C THR B 670 14.49 -33.99 -71.17
N PHE B 671 13.29 -33.78 -71.69
CA PHE B 671 12.99 -32.66 -72.59
C PHE B 671 11.98 -31.75 -71.89
N GLY B 672 12.48 -30.72 -71.22
CA GLY B 672 11.60 -29.84 -70.49
C GLY B 672 11.90 -28.37 -70.70
N VAL B 673 10.85 -27.55 -70.72
CA VAL B 673 10.97 -26.09 -70.79
C VAL B 673 10.11 -25.52 -69.67
N SER B 674 10.73 -24.73 -68.79
CA SER B 674 10.04 -24.19 -67.63
C SER B 674 10.19 -22.68 -67.61
N LEU B 675 9.13 -22.01 -67.16
CA LEU B 675 9.10 -20.56 -67.02
C LEU B 675 9.12 -20.22 -65.53
N TYR B 676 10.05 -19.34 -65.15
CA TYR B 676 10.20 -18.95 -63.75
C TYR B 676 9.52 -17.64 -63.41
N ASP B 677 9.49 -16.69 -64.34
CA ASP B 677 8.88 -15.40 -64.08
C ASP B 677 8.51 -14.73 -65.38
N LEU B 678 7.40 -13.99 -65.36
CA LEU B 678 6.99 -13.16 -66.49
C LEU B 678 6.04 -12.11 -65.93
N ASN B 679 6.48 -10.85 -65.90
CA ASN B 679 5.76 -9.83 -65.17
C ASN B 679 5.73 -8.53 -65.95
N TYR B 680 4.73 -7.70 -65.63
CA TYR B 680 4.62 -6.32 -66.09
C TYR B 680 4.12 -5.48 -64.93
N ARG B 681 4.60 -4.24 -64.85
CA ARG B 681 4.28 -3.38 -63.72
C ARG B 681 4.16 -1.94 -64.19
N LYS B 682 3.40 -1.16 -63.42
CA LYS B 682 3.33 0.28 -63.64
C LYS B 682 2.90 0.93 -62.32
N ILE B 683 3.84 1.59 -61.65
CA ILE B 683 3.59 2.23 -60.37
C ILE B 683 3.69 3.74 -60.55
N ASP B 684 2.68 4.47 -60.09
CA ASP B 684 2.68 5.91 -60.26
C ASP B 684 3.68 6.57 -59.30
N ALA B 685 4.10 7.78 -59.66
CA ALA B 685 5.14 8.46 -58.90
C ALA B 685 4.66 8.89 -57.53
N GLY B 686 3.38 9.23 -57.39
CA GLY B 686 2.84 9.71 -56.14
C GLY B 686 2.17 8.67 -55.27
N TYR B 687 2.42 7.39 -55.51
CA TYR B 687 1.77 6.32 -54.75
C TYR B 687 2.68 5.91 -53.59
N ASN B 688 2.19 6.07 -52.38
CA ASN B 688 2.95 5.73 -51.17
C ASN B 688 2.00 5.10 -50.17
N ASN B 689 2.43 4.99 -48.92
CA ASN B 689 1.57 4.42 -47.89
C ASN B 689 0.34 5.28 -47.66
N VAL B 690 0.48 6.60 -47.74
CA VAL B 690 -0.66 7.50 -47.56
C VAL B 690 -1.69 7.27 -48.66
N ALA B 691 -1.24 7.15 -49.91
CA ALA B 691 -2.16 6.94 -51.02
C ALA B 691 -2.86 5.59 -50.92
N GLY B 692 -2.14 4.56 -50.51
CA GLY B 692 -2.70 3.24 -50.31
C GLY B 692 -3.30 2.98 -48.95
N ILE B 693 -3.19 3.94 -48.04
CA ILE B 693 -3.73 3.87 -46.68
C ILE B 693 -3.13 2.64 -46.01
N SER B 694 -1.80 2.57 -45.96
CA SER B 694 -1.09 1.51 -45.28
C SER B 694 -0.23 2.11 -44.16
N GLU B 695 0.57 1.26 -43.53
CA GLU B 695 1.46 1.73 -42.47
C GLU B 695 2.79 2.22 -43.02
N TYR B 696 3.42 1.44 -43.92
CA TYR B 696 4.74 1.75 -44.42
C TYR B 696 4.71 1.83 -45.94
N GLY B 697 5.47 2.77 -46.49
CA GLY B 697 5.43 3.10 -47.90
C GLY B 697 5.93 1.97 -48.77
N TYR B 698 6.03 2.29 -50.06
CA TYR B 698 6.40 1.32 -51.09
C TYR B 698 7.68 1.74 -51.80
N GLY B 699 8.65 2.26 -51.05
CA GLY B 699 9.95 2.53 -51.60
C GLY B 699 10.82 1.28 -51.65
N SER B 700 11.96 1.41 -52.31
CA SER B 700 12.88 0.29 -52.44
C SER B 700 13.40 -0.13 -51.07
N TYR B 701 13.43 -1.44 -50.82
CA TYR B 701 13.98 -1.95 -49.58
C TYR B 701 15.46 -1.62 -49.46
N SER B 702 16.21 -1.79 -50.54
CA SER B 702 17.59 -1.34 -50.62
C SER B 702 17.83 -0.78 -52.02
N ARG B 703 18.70 0.21 -52.10
CA ARG B 703 19.01 0.84 -53.38
C ARG B 703 20.23 0.23 -54.05
N THR B 704 20.86 -0.76 -53.43
CA THR B 704 22.03 -1.42 -54.00
C THR B 704 21.78 -2.85 -54.42
N SER B 705 20.88 -3.57 -53.75
CA SER B 705 20.55 -4.94 -54.10
C SER B 705 19.04 -5.05 -54.27
N ALA B 706 18.62 -5.64 -55.40
CA ALA B 706 17.21 -5.74 -55.76
C ALA B 706 16.54 -4.36 -55.68
N GLN B 707 17.02 -3.46 -56.53
CA GLN B 707 16.61 -2.06 -56.48
C GLN B 707 15.13 -1.88 -56.82
N ASN B 708 14.53 -2.82 -57.54
CA ASN B 708 13.16 -2.69 -58.01
C ASN B 708 12.13 -3.33 -57.08
N ILE B 709 12.56 -3.93 -55.97
CA ILE B 709 11.71 -4.74 -55.12
C ILE B 709 11.44 -3.99 -53.81
N ALA B 710 10.18 -3.92 -53.43
CA ALA B 710 9.76 -3.20 -52.23
C ALA B 710 9.50 -4.12 -51.04
N TYR B 711 9.77 -5.41 -51.16
CA TYR B 711 9.46 -6.35 -50.10
C TYR B 711 10.36 -6.08 -48.89
N ASN B 712 9.74 -5.70 -47.78
CA ASN B 712 10.46 -5.32 -46.56
C ASN B 712 10.07 -6.24 -45.42
N PRO B 713 10.90 -7.25 -45.10
CA PRO B 713 10.58 -8.12 -43.96
C PRO B 713 10.52 -7.38 -42.63
N ASP B 714 11.34 -6.34 -42.45
CA ASP B 714 11.40 -5.66 -41.16
C ASP B 714 10.12 -4.92 -40.84
N THR B 715 9.59 -4.17 -41.81
CA THR B 715 8.38 -3.38 -41.61
C THR B 715 7.12 -4.08 -42.09
N GLY B 716 7.23 -5.33 -42.52
CA GLY B 716 6.06 -6.09 -42.96
C GLY B 716 5.41 -5.57 -44.22
N VAL B 717 6.19 -5.19 -45.22
CA VAL B 717 5.69 -4.74 -46.50
C VAL B 717 5.82 -5.90 -47.48
N THR B 718 4.71 -6.31 -48.08
CA THR B 718 4.69 -7.45 -49.00
C THR B 718 4.48 -7.02 -50.45
N ALA B 719 4.57 -5.74 -50.75
CA ALA B 719 4.42 -5.29 -52.12
C ALA B 719 5.55 -5.84 -52.98
N PRO B 720 5.26 -6.33 -54.18
CA PRO B 720 6.32 -6.95 -55.00
C PRO B 720 7.21 -5.93 -55.70
N PHE B 721 6.69 -4.75 -56.01
CA PHE B 721 7.42 -3.76 -56.77
C PHE B 721 7.41 -2.42 -56.06
N ALA B 722 8.44 -1.62 -56.33
CA ALA B 722 8.74 -0.43 -55.54
C ALA B 722 8.52 0.84 -56.34
N ASN B 723 8.55 1.96 -55.63
CA ASN B 723 8.49 3.29 -56.20
C ASN B 723 9.92 3.84 -56.24
N LEU B 724 10.49 3.90 -57.43
CA LEU B 724 11.92 4.15 -57.58
C LEU B 724 12.28 5.58 -57.20
N ASP B 725 13.56 5.77 -56.86
CA ASP B 725 14.11 7.08 -56.55
C ASP B 725 15.26 7.39 -57.49
N ARG B 726 15.31 8.64 -57.96
CA ARG B 726 16.43 9.12 -58.75
C ARG B 726 17.33 9.99 -57.88
N GLN B 727 18.61 9.66 -57.86
CA GLN B 727 19.56 10.31 -56.97
C GLN B 727 20.43 11.29 -57.72
N ALA B 728 20.93 12.29 -57.00
CA ALA B 728 21.75 13.34 -57.59
C ALA B 728 22.61 13.96 -56.49
N TYR B 729 23.61 14.73 -56.92
CA TYR B 729 24.49 15.38 -55.97
C TYR B 729 23.75 16.45 -55.17
N THR B 730 24.26 16.72 -53.97
CA THR B 730 23.67 17.71 -53.07
C THR B 730 24.73 18.76 -52.73
N ASP B 731 24.33 20.04 -52.82
CA ASP B 731 25.21 21.16 -52.53
C ASP B 731 24.44 22.12 -51.62
N ALA B 732 24.56 21.93 -50.31
CA ALA B 732 23.83 22.76 -49.36
C ALA B 732 24.50 24.12 -49.18
N ASN B 733 25.80 24.13 -48.93
CA ASN B 733 26.53 25.37 -48.71
C ASN B 733 26.71 26.19 -49.99
N ASN B 734 26.40 25.61 -51.15
CA ASN B 734 26.51 26.30 -52.44
C ASN B 734 27.93 26.85 -52.65
N ASP B 735 28.93 26.02 -52.36
CA ASP B 735 30.33 26.38 -52.55
C ASP B 735 30.89 25.91 -53.88
N GLY B 736 30.06 25.31 -54.74
CA GLY B 736 30.50 24.80 -56.01
C GLY B 736 30.96 23.35 -56.00
N THR B 737 31.05 22.73 -54.83
CA THR B 737 31.46 21.34 -54.70
C THR B 737 30.36 20.55 -54.02
N SER B 738 30.06 19.36 -54.58
CA SER B 738 29.02 18.50 -54.03
C SER B 738 29.39 18.07 -52.62
N ASP B 739 28.41 18.13 -51.72
CA ASP B 739 28.64 17.79 -50.33
C ASP B 739 28.98 16.32 -50.16
N ARG B 740 29.87 16.03 -49.22
CA ARG B 740 30.24 14.66 -48.86
C ARG B 740 30.25 14.53 -47.36
N ASN B 741 30.03 13.30 -46.89
CA ASN B 741 30.01 13.04 -45.45
C ASN B 741 31.42 13.10 -44.88
N ALA B 742 31.51 12.89 -43.56
CA ALA B 742 32.81 12.91 -42.90
C ALA B 742 33.70 11.77 -43.36
N ASP B 743 33.12 10.63 -43.70
CA ASP B 743 33.86 9.45 -44.11
C ASP B 743 34.12 9.39 -45.62
N GLY B 744 33.76 10.44 -46.35
CA GLY B 744 33.99 10.48 -47.78
C GLY B 744 32.84 9.99 -48.64
N THR B 745 31.79 9.43 -48.03
CA THR B 745 30.63 9.02 -48.81
C THR B 745 29.86 10.24 -49.29
N VAL B 746 29.30 10.14 -50.50
CA VAL B 746 28.59 11.26 -51.09
C VAL B 746 27.24 11.42 -50.39
N VAL B 747 26.70 12.64 -50.43
CA VAL B 747 25.38 12.95 -49.89
C VAL B 747 24.46 13.18 -51.09
N ALA B 748 23.38 12.41 -51.16
CA ALA B 748 22.50 12.40 -52.31
C ALA B 748 21.11 12.86 -51.93
N THR B 749 20.42 13.49 -52.88
CA THR B 749 19.03 13.89 -52.73
C THR B 749 18.15 12.98 -53.58
N ASN B 750 17.02 12.58 -53.02
CA ASN B 750 16.15 11.57 -53.62
C ASN B 750 14.86 12.21 -54.10
N THR B 751 14.56 12.02 -55.37
CA THR B 751 13.27 12.38 -55.94
C THR B 751 12.57 11.09 -56.39
N LYS B 752 11.25 11.04 -56.17
CA LYS B 752 10.50 9.81 -56.40
C LYS B 752 9.93 9.80 -57.80
N ILE B 753 10.39 8.86 -58.61
CA ILE B 753 9.78 8.56 -59.89
C ILE B 753 9.01 7.25 -59.73
N GLY B 754 8.16 6.95 -60.70
CA GLY B 754 7.38 5.73 -60.66
C GLY B 754 8.22 4.51 -61.02
N GLN B 755 7.54 3.53 -61.60
CA GLN B 755 8.20 2.36 -62.16
C GLN B 755 7.33 1.79 -63.25
N MET B 756 7.95 1.34 -64.33
CA MET B 756 7.21 0.78 -65.46
C MET B 756 8.18 -0.06 -66.28
N GLY B 757 7.93 -1.37 -66.35
CA GLY B 757 8.80 -2.23 -67.11
C GLY B 757 8.30 -3.65 -67.07
N PHE B 758 9.04 -4.52 -67.76
CA PHE B 758 8.68 -5.93 -67.88
C PHE B 758 9.93 -6.78 -67.71
N GLY B 759 9.71 -8.05 -67.37
CA GLY B 759 10.80 -8.98 -67.17
C GLY B 759 10.37 -10.38 -67.53
N VAL B 760 11.37 -11.26 -67.66
CA VAL B 760 11.12 -12.66 -68.00
C VAL B 760 12.32 -13.47 -67.53
N LYS B 761 12.06 -14.73 -67.19
CA LYS B 761 13.11 -15.66 -66.81
C LYS B 761 12.65 -17.07 -67.15
N ALA B 762 13.50 -17.83 -67.85
CA ALA B 762 13.12 -19.16 -68.31
C ALA B 762 14.35 -20.05 -68.29
N ALA B 763 14.12 -21.33 -68.61
CA ALA B 763 15.19 -22.31 -68.69
C ALA B 763 14.71 -23.45 -69.58
N ALA B 764 15.63 -24.35 -69.90
CA ALA B 764 15.30 -25.47 -70.78
C ALA B 764 16.30 -26.59 -70.55
N ASN B 765 15.81 -27.72 -70.07
CA ASN B 765 16.63 -28.91 -69.87
C ASN B 765 16.55 -29.79 -71.11
N LEU B 766 17.69 -30.35 -71.51
CA LEU B 766 17.80 -31.13 -72.73
C LEU B 766 18.58 -32.39 -72.49
N GLY B 767 18.40 -33.01 -71.32
CA GLY B 767 19.16 -34.17 -70.94
C GLY B 767 20.34 -33.79 -70.07
N PRO B 768 21.54 -33.91 -70.61
CA PRO B 768 22.72 -33.41 -69.90
C PRO B 768 22.89 -31.91 -70.04
N VAL B 769 22.52 -31.39 -71.20
CA VAL B 769 22.70 -29.97 -71.51
C VAL B 769 21.55 -29.17 -70.91
N ALA B 770 21.87 -28.07 -70.25
CA ALA B 770 20.87 -27.15 -69.72
C ALA B 770 21.25 -25.73 -70.09
N ILE B 771 20.25 -24.90 -70.39
CA ILE B 771 20.46 -23.51 -70.74
C ILE B 771 19.44 -22.65 -69.98
N GLY B 772 19.74 -21.36 -69.89
CA GLY B 772 18.88 -20.43 -69.21
C GLY B 772 18.98 -19.06 -69.83
N GLY B 773 18.30 -18.10 -69.21
CA GLY B 773 18.32 -16.74 -69.70
C GLY B 773 17.33 -15.90 -68.92
N TYR B 774 17.51 -14.58 -69.04
CA TYR B 774 16.62 -13.65 -68.36
C TYR B 774 16.71 -12.31 -69.06
N TYR B 775 15.73 -11.45 -68.75
CA TYR B 775 15.68 -10.10 -69.30
C TYR B 775 14.79 -9.27 -68.40
N ASP B 776 15.15 -8.00 -68.21
CA ASP B 776 14.38 -7.12 -67.33
C ASP B 776 14.74 -5.69 -67.64
N THR B 777 13.73 -4.86 -67.88
CA THR B 777 13.91 -3.44 -68.16
C THR B 777 12.97 -2.63 -67.29
N SER B 778 13.38 -1.40 -67.00
CA SER B 778 12.60 -0.53 -66.13
C SER B 778 12.87 0.92 -66.50
N THR B 779 12.01 1.79 -66.01
CA THR B 779 12.13 3.24 -66.21
C THR B 779 11.15 3.91 -65.27
N GLY B 780 11.05 5.23 -65.39
CA GLY B 780 10.09 5.98 -64.62
C GLY B 780 8.67 5.76 -65.11
N ALA B 781 7.71 6.25 -64.33
CA ALA B 781 6.31 6.09 -64.72
C ALA B 781 5.98 6.87 -65.98
N ASN B 782 6.66 8.00 -66.21
CA ASN B 782 6.42 8.79 -67.40
C ASN B 782 6.96 8.13 -68.67
N GLY B 783 7.83 7.14 -68.52
CA GLY B 783 8.39 6.44 -69.66
C GLY B 783 9.64 7.05 -70.26
N ASP B 784 10.27 8.00 -69.58
CA ASP B 784 11.48 8.63 -70.11
C ASP B 784 12.64 7.63 -70.12
N ASN B 785 13.54 7.82 -71.07
CA ASN B 785 14.71 6.97 -71.21
C ASN B 785 15.90 7.44 -70.38
N ALA B 786 15.75 8.51 -69.61
CA ALA B 786 16.80 9.00 -68.74
C ALA B 786 16.83 8.27 -67.40
N ASN B 787 15.93 7.33 -67.18
CA ASN B 787 15.94 6.50 -65.98
C ASN B 787 15.95 5.02 -66.31
N ARG B 788 16.23 4.66 -67.56
CA ARG B 788 16.17 3.27 -67.99
C ARG B 788 17.33 2.47 -67.42
N MET B 789 17.03 1.29 -66.89
CA MET B 789 18.04 0.32 -66.46
C MET B 789 17.65 -1.04 -67.01
N THR B 790 18.45 -1.55 -67.95
CA THR B 790 18.18 -2.82 -68.60
C THR B 790 19.24 -3.84 -68.23
N GLU B 791 18.82 -5.03 -67.81
CA GLU B 791 19.72 -6.13 -67.53
C GLU B 791 19.31 -7.34 -68.36
N ALA B 792 20.31 -8.12 -68.78
CA ALA B 792 20.06 -9.33 -69.56
C ALA B 792 21.24 -10.26 -69.36
N GLY B 793 21.05 -11.52 -69.73
CA GLY B 793 22.12 -12.47 -69.59
C GLY B 793 21.68 -13.85 -70.03
N GLY B 794 22.56 -14.81 -69.79
CA GLY B 794 22.28 -16.19 -70.16
C GLY B 794 23.19 -17.12 -69.40
N SER B 795 23.17 -18.39 -69.81
CA SER B 795 24.00 -19.41 -69.19
C SER B 795 23.97 -20.65 -70.07
N ALA B 796 24.75 -21.65 -69.65
CA ALA B 796 24.80 -22.95 -70.31
C ALA B 796 25.46 -23.92 -69.34
N LYS B 797 25.28 -25.21 -69.61
CA LYS B 797 25.82 -26.23 -68.73
C LYS B 797 25.79 -27.57 -69.43
N VAL B 798 26.86 -28.34 -69.25
CA VAL B 798 26.92 -29.73 -69.70
C VAL B 798 27.59 -30.54 -68.60
N ALA B 799 27.04 -31.72 -68.30
CA ALA B 799 27.53 -32.51 -67.17
C ALA B 799 27.26 -33.98 -67.45
N TYR B 800 28.30 -34.71 -67.82
CA TYR B 800 28.24 -36.15 -68.00
C TYR B 800 29.20 -36.82 -67.02
N SER B 801 28.72 -37.83 -66.30
CA SER B 801 29.52 -38.59 -65.34
C SER B 801 29.94 -37.61 -64.23
N ILE B 802 31.23 -37.54 -63.88
CA ILE B 802 31.65 -36.66 -62.80
C ILE B 802 31.99 -35.25 -63.30
N PHE B 803 32.23 -35.08 -64.59
CA PHE B 803 32.69 -33.80 -65.11
C PHE B 803 31.55 -32.77 -65.14
N SER B 804 31.92 -31.54 -65.47
CA SER B 804 30.96 -30.44 -65.58
C SER B 804 31.62 -29.31 -66.37
N LEU B 805 30.78 -28.37 -66.80
CA LEU B 805 31.25 -27.21 -67.55
C LEU B 805 30.11 -26.20 -67.61
N ARG B 806 30.44 -24.93 -67.38
CA ARG B 806 29.43 -23.89 -67.28
C ARG B 806 29.91 -22.63 -68.01
N GLY B 807 28.93 -21.85 -68.49
CA GLY B 807 29.20 -20.57 -69.08
C GLY B 807 28.21 -19.55 -68.54
N THR B 808 28.58 -18.27 -68.69
CA THR B 808 27.75 -17.20 -68.15
C THR B 808 27.98 -15.94 -68.96
N TYR B 809 26.98 -15.05 -68.93
CA TYR B 809 27.08 -13.72 -69.52
C TYR B 809 26.11 -12.82 -68.78
N ASN B 810 26.51 -11.58 -68.56
CA ASN B 810 25.68 -10.63 -67.81
C ASN B 810 25.80 -9.26 -68.45
N THR B 811 24.90 -8.36 -68.06
CA THR B 811 24.81 -7.04 -68.69
C THR B 811 24.02 -6.11 -67.78
N LEU B 812 24.44 -4.85 -67.71
CA LEU B 812 23.73 -3.80 -67.01
C LEU B 812 23.94 -2.50 -67.76
N ASP B 813 22.86 -1.84 -68.14
CA ASP B 813 22.89 -0.60 -68.92
C ASP B 813 22.12 0.50 -68.22
N SER B 814 22.40 0.69 -66.93
CA SER B 814 21.64 1.62 -66.10
C SER B 814 21.97 3.05 -66.48
N ASN B 815 21.09 3.69 -67.25
CA ASN B 815 21.17 5.13 -67.43
C ASN B 815 20.76 5.88 -66.17
N ARG B 816 20.06 5.21 -65.27
CA ARG B 816 19.65 5.83 -64.01
C ARG B 816 20.86 6.04 -63.12
N PRO B 817 21.02 7.21 -62.52
CA PRO B 817 22.20 7.45 -61.67
C PRO B 817 22.23 6.51 -60.48
N GLN B 818 23.40 5.93 -60.22
CA GLN B 818 23.58 4.96 -59.16
C GLN B 818 24.89 5.25 -58.42
N ILE B 819 24.89 4.98 -57.12
CA ILE B 819 26.02 5.29 -56.25
C ILE B 819 26.99 4.11 -56.28
N TYR B 820 28.20 4.36 -56.79
CA TYR B 820 29.23 3.34 -56.83
C TYR B 820 30.59 4.02 -56.82
N ARG B 821 31.61 3.27 -56.42
CA ARG B 821 32.95 3.83 -56.38
C ARG B 821 33.58 3.81 -57.77
N ASP B 822 34.58 4.66 -57.95
CA ASP B 822 35.24 4.82 -59.23
C ASP B 822 36.55 4.02 -59.26
N ALA B 823 37.28 4.14 -60.37
CA ALA B 823 38.53 3.42 -60.51
C ALA B 823 39.55 3.85 -59.47
N ALA B 824 39.65 5.16 -59.22
CA ALA B 824 40.56 5.64 -58.19
C ALA B 824 40.11 5.20 -56.80
N GLY B 825 38.81 5.25 -56.54
CA GLY B 825 38.27 4.85 -55.25
C GLY B 825 37.35 5.88 -54.64
N THR B 826 36.98 6.89 -55.41
CA THR B 826 36.10 7.95 -54.94
C THR B 826 34.66 7.63 -55.32
N GLN B 827 33.76 7.74 -54.35
CA GLN B 827 32.35 7.42 -54.59
C GLN B 827 31.72 8.47 -55.50
N ILE B 828 31.03 8.02 -56.55
CA ILE B 828 30.44 8.91 -57.53
C ILE B 828 28.99 8.50 -57.77
N ILE B 829 28.30 9.30 -58.58
CA ILE B 829 26.92 9.06 -58.97
C ILE B 829 26.81 9.29 -60.47
N GLY B 830 26.34 8.29 -61.20
CA GLY B 830 26.18 8.46 -62.63
C GLY B 830 25.90 7.15 -63.33
N ASP B 831 26.06 7.19 -64.66
CA ASP B 831 25.80 6.05 -65.52
C ASP B 831 26.71 4.87 -65.14
N ALA B 832 26.28 3.67 -65.53
CA ALA B 832 27.03 2.46 -65.27
C ALA B 832 26.75 1.43 -66.34
N LYS B 833 27.81 0.79 -66.86
CA LYS B 833 27.70 -0.29 -67.81
C LYS B 833 28.64 -1.41 -67.39
N VAL B 834 28.13 -2.64 -67.33
CA VAL B 834 28.88 -3.79 -66.87
C VAL B 834 28.68 -4.95 -67.84
N ARG B 835 29.77 -5.64 -68.17
CA ARG B 835 29.72 -6.85 -68.99
C ARG B 835 30.61 -7.90 -68.36
N ARG B 836 30.03 -9.04 -67.99
CA ARG B 836 30.75 -10.11 -67.31
C ARG B 836 30.49 -11.43 -68.00
N TYR B 837 31.53 -12.26 -68.12
CA TYR B 837 31.39 -13.62 -68.61
C TYR B 837 32.36 -14.52 -67.86
N ALA B 838 31.90 -15.71 -67.50
CA ALA B 838 32.70 -16.64 -66.72
C ALA B 838 32.58 -18.05 -67.30
N VAL B 839 33.67 -18.81 -67.20
CA VAL B 839 33.72 -20.21 -67.59
C VAL B 839 34.30 -21.00 -66.43
N GLN B 840 33.57 -22.01 -65.97
CA GLN B 840 33.96 -22.79 -64.80
C GLN B 840 33.87 -24.27 -65.12
N ALA B 841 34.96 -24.99 -64.87
CA ALA B 841 35.01 -26.44 -65.02
C ALA B 841 35.15 -27.10 -63.65
N ASP B 842 34.67 -28.34 -63.57
CA ASP B 842 34.61 -29.06 -62.30
C ASP B 842 34.87 -30.54 -62.55
N VAL B 843 35.21 -31.24 -61.46
CA VAL B 843 35.39 -32.68 -61.49
C VAL B 843 35.28 -33.20 -60.06
N THR B 844 34.63 -34.35 -59.91
CA THR B 844 34.43 -34.99 -58.61
C THR B 844 34.87 -36.44 -58.72
N PRO B 845 36.15 -36.72 -58.47
CA PRO B 845 36.68 -38.06 -58.77
C PRO B 845 36.29 -39.11 -57.75
N GLY B 846 35.32 -38.80 -56.91
CA GLY B 846 34.87 -39.74 -55.89
C GLY B 846 35.37 -39.35 -54.51
N LEU B 847 34.97 -40.16 -53.54
CA LEU B 847 35.26 -39.90 -52.12
C LEU B 847 34.70 -38.52 -51.79
N GLY B 848 35.38 -37.79 -50.91
CA GLY B 848 35.03 -36.41 -50.64
C GLY B 848 35.74 -35.39 -51.50
N LEU B 849 36.56 -35.84 -52.44
CA LEU B 849 37.40 -34.94 -53.22
C LEU B 849 36.57 -34.09 -54.18
N PHE B 850 37.12 -32.94 -54.54
CA PHE B 850 36.54 -32.09 -55.57
C PHE B 850 37.63 -31.14 -56.06
N VAL B 851 37.62 -30.86 -57.36
CA VAL B 851 38.57 -29.96 -57.99
C VAL B 851 37.81 -29.02 -58.91
N GLY B 852 38.20 -27.74 -58.91
CA GLY B 852 37.54 -26.78 -59.77
C GLY B 852 38.43 -25.66 -60.25
N ALA B 853 38.39 -25.39 -61.55
CA ALA B 853 39.10 -24.27 -62.15
C ALA B 853 38.08 -23.31 -62.76
N TYR B 854 38.48 -22.05 -62.93
CA TYR B 854 37.54 -21.05 -63.41
C TYR B 854 38.29 -19.95 -64.15
N TYR B 855 37.52 -19.15 -64.87
CA TYR B 855 38.04 -17.97 -65.57
C TYR B 855 36.92 -16.95 -65.61
N ARG B 856 37.15 -15.77 -65.03
CA ARG B 856 36.13 -14.73 -64.95
C ARG B 856 36.67 -13.44 -65.53
N ASP B 857 35.77 -12.63 -66.07
CA ASP B 857 36.14 -11.38 -66.71
C ASP B 857 35.05 -10.35 -66.43
N VAL B 858 35.46 -9.16 -66.04
CA VAL B 858 34.54 -8.06 -65.75
C VAL B 858 35.03 -6.84 -66.51
N ASN B 859 34.11 -6.14 -67.18
CA ASN B 859 34.44 -4.99 -68.02
C ASN B 859 33.40 -3.92 -67.74
N VAL B 860 33.72 -3.00 -66.84
CA VAL B 860 32.81 -1.94 -66.44
C VAL B 860 33.17 -0.65 -67.16
N ASN B 861 32.17 0.02 -67.73
CA ASN B 861 32.33 1.31 -68.40
C ASN B 861 33.33 1.25 -69.54
N GLY B 862 33.43 0.09 -70.20
CA GLY B 862 34.25 -0.05 -71.39
C GLY B 862 35.69 -0.45 -71.16
N VAL B 863 36.14 -0.54 -69.91
CA VAL B 863 37.52 -0.92 -69.61
C VAL B 863 37.52 -2.08 -68.63
N ARG B 864 38.56 -2.90 -68.71
CA ARG B 864 38.71 -4.01 -67.79
C ARG B 864 38.88 -3.49 -66.37
N SER B 865 38.28 -4.19 -65.41
CA SER B 865 38.30 -3.77 -64.02
C SER B 865 38.60 -4.96 -63.13
N THR B 866 39.22 -4.68 -61.99
CA THR B 866 39.47 -5.73 -61.00
C THR B 866 38.16 -6.24 -60.41
N THR B 867 37.25 -5.34 -60.06
CA THR B 867 35.99 -5.67 -59.41
C THR B 867 34.85 -4.96 -60.13
N ASP B 868 33.68 -5.60 -60.14
CA ASP B 868 32.49 -4.97 -60.70
C ASP B 868 31.93 -3.89 -59.78
N ARG B 869 32.39 -3.81 -58.54
CA ARG B 869 32.04 -2.75 -57.59
C ARG B 869 30.55 -2.74 -57.26
N GLY B 870 29.93 -3.92 -57.24
CA GLY B 870 28.57 -4.07 -56.78
C GLY B 870 27.49 -3.66 -57.76
N LEU B 871 27.86 -3.32 -59.00
CA LEU B 871 26.87 -2.86 -59.96
C LEU B 871 25.98 -4.00 -60.44
N LEU B 872 26.50 -5.22 -60.51
CA LEU B 872 25.69 -6.34 -60.99
C LEU B 872 24.61 -6.73 -60.00
N GLY B 873 24.72 -6.32 -58.74
CA GLY B 873 23.72 -6.64 -57.74
C GLY B 873 22.49 -5.79 -57.74
N ARG B 874 22.41 -4.77 -58.61
CA ARG B 874 21.25 -3.90 -58.63
C ARG B 874 20.02 -4.62 -59.18
N GLY B 875 20.22 -5.68 -59.96
CA GLY B 875 19.10 -6.42 -60.50
C GLY B 875 18.52 -7.41 -59.53
N TYR B 876 17.44 -8.06 -59.97
CA TYR B 876 16.76 -9.07 -59.16
C TYR B 876 16.46 -10.34 -59.95
N LEU B 877 16.95 -10.46 -61.19
CA LEU B 877 16.69 -11.63 -62.01
C LEU B 877 17.94 -12.41 -62.38
N ALA B 878 19.13 -11.92 -62.05
CA ALA B 878 20.35 -12.64 -62.39
C ALA B 878 20.36 -14.02 -61.76
N SER B 879 20.73 -15.03 -62.55
CA SER B 879 20.64 -16.41 -62.12
C SER B 879 21.78 -17.21 -62.73
N SER B 880 22.06 -18.36 -62.11
CA SER B 880 23.13 -19.23 -62.57
C SER B 880 22.84 -20.66 -62.15
N PHE B 881 23.49 -21.60 -62.83
CA PHE B 881 23.36 -23.02 -62.53
C PHE B 881 24.35 -23.43 -61.44
N GLU B 882 24.14 -24.63 -60.90
CA GLU B 882 24.98 -25.15 -59.83
C GLU B 882 25.76 -26.36 -60.33
N PRO B 883 26.96 -26.58 -59.81
CA PRO B 883 27.74 -27.75 -60.23
C PRO B 883 27.08 -29.04 -59.79
N GLY B 884 27.31 -30.09 -60.58
CA GLY B 884 26.78 -31.41 -60.30
C GLY B 884 26.06 -31.97 -61.50
N VAL B 885 25.46 -33.15 -61.29
CA VAL B 885 24.72 -33.86 -62.33
C VAL B 885 23.32 -34.14 -61.81
N GLY B 886 22.31 -33.73 -62.57
CA GLY B 886 20.93 -33.96 -62.24
C GLY B 886 20.21 -32.78 -61.63
N ASN B 887 20.94 -31.79 -61.15
CA ASN B 887 20.35 -30.57 -60.57
C ASN B 887 20.56 -29.44 -61.57
N ASN B 888 19.59 -29.23 -62.44
CA ASN B 888 19.64 -28.19 -63.45
C ASN B 888 18.75 -26.99 -63.10
N ALA B 889 18.59 -26.71 -61.81
CA ALA B 889 17.78 -25.57 -61.39
C ALA B 889 18.49 -24.27 -61.70
N TYR B 890 17.73 -23.28 -62.17
CA TYR B 890 18.26 -21.98 -62.54
C TYR B 890 18.00 -21.02 -61.38
N ARG B 891 18.81 -21.18 -60.33
CA ARG B 891 18.61 -20.43 -59.10
C ARG B 891 19.09 -18.99 -59.24
N THR B 892 18.38 -18.08 -58.59
CA THR B 892 18.71 -16.67 -58.66
C THR B 892 20.04 -16.37 -57.98
N GLY B 893 20.71 -15.34 -58.47
CA GLY B 893 21.95 -14.89 -57.87
C GLY B 893 23.19 -15.40 -58.58
N LEU B 894 24.09 -14.49 -58.93
CA LEU B 894 25.35 -14.89 -59.53
C LEU B 894 26.20 -15.66 -58.52
N ARG B 895 26.92 -16.65 -59.00
CA ARG B 895 27.80 -17.45 -58.14
C ARG B 895 29.22 -16.87 -58.17
N CYS B 896 29.32 -15.60 -57.81
CA CYS B 896 30.60 -14.93 -57.69
C CYS B 896 31.40 -15.38 -56.48
N ALA B 897 30.78 -16.10 -55.55
CA ALA B 897 31.44 -16.56 -54.34
C ALA B 897 31.78 -18.04 -54.39
N ASP B 898 32.04 -18.57 -55.58
CA ASP B 898 32.41 -19.97 -55.77
C ASP B 898 33.90 -20.05 -56.08
N ASN B 899 34.61 -20.88 -55.32
CA ASN B 899 36.05 -21.11 -55.45
C ASN B 899 36.88 -19.86 -55.14
N ASN B 900 36.26 -18.81 -54.61
CA ASN B 900 37.02 -17.65 -54.20
C ASN B 900 37.72 -17.88 -52.87
N PHE B 901 38.67 -17.00 -52.58
CA PHE B 901 39.40 -16.99 -51.32
C PHE B 901 38.57 -16.27 -50.26
N GLY B 902 39.19 -16.01 -49.12
CA GLY B 902 38.54 -15.27 -48.05
C GLY B 902 39.27 -13.97 -47.78
N THR B 903 38.50 -12.94 -47.41
CA THR B 903 39.05 -11.63 -47.10
C THR B 903 38.67 -11.17 -45.70
N GLY B 904 38.49 -12.13 -44.79
CA GLY B 904 38.13 -11.79 -43.43
C GLY B 904 39.23 -11.06 -42.71
N THR B 905 38.83 -10.17 -41.80
CA THR B 905 39.77 -9.41 -40.98
C THR B 905 39.39 -9.39 -39.51
N ARG B 906 38.15 -9.69 -39.16
CA ARG B 906 37.65 -9.56 -37.81
C ARG B 906 37.46 -10.93 -37.18
N ASP B 907 37.51 -10.98 -35.85
CA ASP B 907 37.36 -12.22 -35.11
C ASP B 907 36.98 -11.88 -33.67
N ILE B 908 36.61 -12.91 -32.92
CA ILE B 908 36.22 -12.73 -31.53
C ILE B 908 37.10 -13.51 -30.56
N ASP B 909 37.75 -14.60 -30.98
CA ASP B 909 38.61 -15.33 -30.06
C ASP B 909 39.95 -14.63 -29.86
N GLY B 910 40.39 -13.85 -30.84
CA GLY B 910 41.62 -13.09 -30.73
C GLY B 910 42.82 -13.70 -31.42
N VAL B 911 42.68 -14.85 -32.06
CA VAL B 911 43.81 -15.49 -32.74
C VAL B 911 43.43 -15.85 -34.17
N GLY B 912 42.42 -15.18 -34.71
CA GLY B 912 42.03 -15.38 -36.10
C GLY B 912 40.88 -16.31 -36.34
N GLY B 913 40.18 -16.76 -35.29
CA GLY B 913 39.07 -17.67 -35.46
C GLY B 913 39.41 -19.15 -35.40
N VAL B 914 40.67 -19.49 -35.14
CA VAL B 914 41.04 -20.90 -35.08
C VAL B 914 40.58 -21.57 -33.80
N LEU B 915 40.31 -20.79 -32.75
CA LEU B 915 39.84 -21.33 -31.48
C LEU B 915 38.34 -21.14 -31.29
N ASN B 916 37.61 -20.89 -32.37
CA ASN B 916 36.16 -20.70 -32.31
C ASN B 916 35.48 -21.88 -32.96
N PRO B 917 34.90 -22.81 -32.19
CA PRO B 917 34.27 -23.99 -32.80
C PRO B 917 33.08 -23.67 -33.69
N ALA B 918 32.48 -22.49 -33.55
CA ALA B 918 31.29 -22.14 -34.30
C ALA B 918 31.60 -21.50 -35.65
N VAL B 919 32.88 -21.38 -36.02
CA VAL B 919 33.29 -20.75 -37.27
C VAL B 919 34.10 -21.75 -38.08
N ASN B 920 33.70 -21.96 -39.33
CA ASN B 920 34.42 -22.82 -40.26
C ASN B 920 35.30 -21.94 -41.14
N LEU B 921 36.61 -22.06 -40.98
CA LEU B 921 37.53 -21.23 -41.74
C LEU B 921 37.62 -21.66 -43.19
N ASP B 922 37.34 -22.92 -43.49
CA ASP B 922 37.41 -23.43 -44.85
C ASP B 922 36.21 -23.04 -45.69
N GLN B 923 35.18 -22.45 -45.09
CA GLN B 923 33.97 -22.05 -45.80
C GLN B 923 33.80 -20.54 -45.87
N SER B 924 34.88 -19.78 -45.65
CA SER B 924 34.84 -18.33 -45.72
C SER B 924 35.23 -17.90 -47.13
N ARG B 925 34.29 -17.33 -47.87
CA ARG B 925 34.50 -16.94 -49.25
C ARG B 925 33.97 -15.54 -49.48
N THR B 926 34.73 -14.73 -50.20
CA THR B 926 34.32 -13.37 -50.51
C THR B 926 33.27 -13.36 -51.62
N ALA B 927 32.34 -12.43 -51.52
CA ALA B 927 31.22 -12.34 -52.45
C ALA B 927 31.48 -11.41 -53.63
N THR B 928 32.58 -10.67 -53.63
CA THR B 928 32.85 -9.72 -54.71
C THR B 928 33.25 -10.46 -55.98
N CYS B 929 32.87 -9.89 -57.12
CA CYS B 929 33.17 -10.47 -58.42
C CYS B 929 34.50 -9.90 -58.92
N PHE B 930 35.52 -10.74 -58.98
CA PHE B 930 36.84 -10.34 -59.43
C PHE B 930 37.04 -10.67 -60.91
N THR B 931 38.18 -10.27 -61.44
CA THR B 931 38.62 -10.63 -62.78
C THR B 931 39.86 -11.49 -62.61
N SER B 932 39.65 -12.80 -62.46
CA SER B 932 40.72 -13.70 -62.09
C SER B 932 40.55 -15.04 -62.78
N TYR B 933 41.58 -15.87 -62.67
CA TYR B 933 41.55 -17.25 -63.10
C TYR B 933 42.41 -18.07 -62.17
N GLY B 934 41.97 -19.27 -61.84
CA GLY B 934 42.71 -20.08 -60.90
C GLY B 934 42.20 -21.51 -60.85
N VAL B 935 42.59 -22.19 -59.77
CA VAL B 935 42.24 -23.59 -59.56
C VAL B 935 42.12 -23.83 -58.07
N GLU B 936 41.21 -24.73 -57.68
CA GLU B 936 41.01 -25.04 -56.28
C GLU B 936 40.76 -26.54 -56.11
N ALA B 937 41.38 -27.13 -55.11
CA ALA B 937 41.16 -28.51 -54.73
C ALA B 937 40.86 -28.59 -53.25
N GLY B 938 40.04 -29.55 -52.87
CA GLY B 938 39.62 -29.65 -51.50
C GLY B 938 39.16 -31.03 -51.11
N HIS B 939 38.31 -31.07 -50.08
CA HIS B 939 37.81 -32.31 -49.49
C HIS B 939 36.68 -31.95 -48.54
N ALA B 940 35.68 -32.82 -48.47
CA ALA B 940 34.53 -32.64 -47.60
C ALA B 940 34.28 -33.94 -46.84
N GLY B 941 34.55 -33.93 -45.55
CA GLY B 941 34.38 -35.11 -44.73
C GLY B 941 32.98 -35.37 -44.23
N ASP B 942 32.03 -34.48 -44.50
CA ASP B 942 30.66 -34.68 -44.09
C ASP B 942 29.87 -35.58 -45.03
N ASN B 943 30.39 -35.86 -46.22
CA ASN B 943 29.71 -36.72 -47.17
C ASN B 943 29.71 -38.16 -46.67
N ALA B 944 28.74 -38.94 -47.16
CA ALA B 944 28.66 -40.34 -46.79
C ALA B 944 29.90 -41.10 -47.25
N ASN B 945 30.37 -40.81 -48.46
CA ASN B 945 31.60 -41.39 -48.98
C ASN B 945 32.71 -40.36 -48.85
N ALA B 946 33.75 -40.69 -48.10
CA ALA B 946 34.87 -39.79 -47.87
C ALA B 946 36.10 -40.59 -47.51
N LEU B 947 37.26 -40.16 -48.01
CA LEU B 947 38.51 -40.86 -47.73
C LEU B 947 38.83 -40.84 -46.25
N VAL B 948 38.70 -39.66 -45.62
CA VAL B 948 38.92 -39.49 -44.19
C VAL B 948 37.71 -38.80 -43.61
N LYS B 949 37.10 -39.43 -42.59
CA LYS B 949 35.90 -38.88 -41.99
C LYS B 949 36.25 -37.66 -41.12
N ASP B 950 35.38 -36.65 -41.17
CA ASP B 950 35.50 -35.45 -40.36
C ASP B 950 36.81 -34.70 -40.64
N LEU B 951 37.16 -34.59 -41.92
CA LEU B 951 38.32 -33.81 -42.36
C LEU B 951 37.87 -32.87 -43.46
N PHE B 952 38.08 -31.57 -43.25
CA PHE B 952 37.76 -30.54 -44.22
C PHE B 952 38.99 -29.71 -44.50
N PHE B 953 39.33 -29.55 -45.78
CA PHE B 953 40.46 -28.72 -46.15
C PHE B 953 40.31 -28.29 -47.59
N ARG B 954 41.05 -27.25 -47.96
CA ARG B 954 41.02 -26.72 -49.31
C ARG B 954 42.32 -25.98 -49.58
N VAL B 955 42.61 -25.77 -50.86
CA VAL B 955 43.81 -25.05 -51.28
C VAL B 955 43.57 -24.53 -52.68
N GLY B 956 44.04 -23.30 -52.94
CA GLY B 956 43.79 -22.67 -54.23
C GLY B 956 44.89 -21.70 -54.59
N TYR B 957 44.80 -21.21 -55.83
CA TYR B 957 45.79 -20.27 -56.35
C TYR B 957 45.14 -19.50 -57.49
N SER B 958 44.95 -18.19 -57.31
CA SER B 958 44.27 -17.36 -58.29
C SER B 958 45.09 -16.12 -58.58
N ARG B 959 44.95 -15.61 -59.81
CA ARG B 959 45.65 -14.41 -60.25
C ARG B 959 44.63 -13.35 -60.62
N VAL B 960 44.67 -12.21 -59.93
CA VAL B 960 43.71 -11.14 -60.11
C VAL B 960 44.27 -10.13 -61.11
N TYR B 961 43.38 -9.43 -61.79
CA TYR B 961 43.77 -8.43 -62.78
C TYR B 961 43.94 -7.07 -62.11
N VAL B 962 45.12 -6.47 -62.27
CA VAL B 962 45.43 -5.16 -61.72
C VAL B 962 45.89 -4.26 -62.85
N PRO B 963 45.21 -3.15 -63.13
CA PRO B 963 45.63 -2.28 -64.24
C PRO B 963 46.97 -1.62 -63.95
N THR B 964 47.55 -1.05 -65.01
CA THR B 964 48.88 -0.45 -64.90
C THR B 964 48.92 0.61 -63.81
N THR B 965 47.99 1.56 -63.84
CA THR B 965 47.83 2.55 -62.79
C THR B 965 46.44 2.41 -62.20
N ALA B 966 46.08 3.35 -61.33
CA ALA B 966 44.77 3.30 -60.69
C ALA B 966 43.64 3.48 -61.70
N THR B 967 43.82 4.37 -62.68
CA THR B 967 42.80 4.68 -63.66
C THR B 967 43.28 4.45 -65.09
N ALA B 968 44.16 3.47 -65.27
CA ALA B 968 44.66 3.17 -66.60
C ALA B 968 43.72 2.21 -67.33
N THR B 969 43.98 2.02 -68.62
CA THR B 969 43.22 1.10 -69.46
C THR B 969 43.93 -0.25 -69.60
N THR B 970 45.22 -0.24 -69.91
CA THR B 970 45.97 -1.48 -70.05
C THR B 970 46.35 -2.04 -68.70
N GLY B 971 46.75 -3.31 -68.70
CA GLY B 971 47.13 -3.97 -67.47
C GLY B 971 47.41 -5.44 -67.72
N ASP B 972 47.60 -6.17 -66.62
CA ASP B 972 47.87 -7.59 -66.69
C ASP B 972 47.51 -8.22 -65.35
N PHE B 973 47.50 -9.56 -65.33
CA PHE B 973 47.18 -10.32 -64.12
C PHE B 973 48.41 -10.35 -63.21
N SER B 974 48.73 -9.18 -62.65
CA SER B 974 49.88 -9.07 -61.76
C SER B 974 49.59 -9.64 -60.38
N GLY B 975 48.34 -9.57 -59.92
CA GLY B 975 48.02 -10.08 -58.60
C GLY B 975 48.18 -11.59 -58.52
N SER B 976 48.37 -12.06 -57.29
CA SER B 976 48.55 -13.49 -57.06
C SER B 976 48.15 -13.79 -55.62
N VAL B 977 47.33 -14.82 -55.44
CA VAL B 977 46.84 -15.22 -54.13
C VAL B 977 47.06 -16.72 -53.97
N THR B 978 47.59 -17.12 -52.82
CA THR B 978 47.70 -18.53 -52.46
C THR B 978 47.16 -18.71 -51.06
N TYR B 979 46.22 -19.64 -50.91
CA TYR B 979 45.53 -19.81 -49.64
C TYR B 979 45.29 -21.30 -49.39
N GLY B 980 45.04 -21.62 -48.12
CA GLY B 980 44.74 -22.97 -47.73
C GLY B 980 44.15 -23.00 -46.34
N ASP B 981 43.25 -23.96 -46.11
CA ASP B 981 42.56 -24.08 -44.84
C ASP B 981 42.49 -25.56 -44.47
N ALA B 982 42.18 -25.81 -43.20
CA ALA B 982 42.04 -27.18 -42.72
C ALA B 982 41.20 -27.18 -41.46
N ARG B 983 40.69 -28.37 -41.12
CA ARG B 983 39.89 -28.58 -39.93
C ARG B 983 39.73 -30.08 -39.73
N TYR B 984 39.89 -30.53 -38.49
CA TYR B 984 39.84 -31.96 -38.21
C TYR B 984 39.36 -32.18 -36.78
N ASP B 985 38.16 -32.73 -36.63
CA ASP B 985 37.58 -33.05 -35.34
C ASP B 985 37.62 -34.56 -35.15
N ARG B 986 38.07 -35.00 -33.97
CA ARG B 986 38.27 -36.40 -33.70
C ARG B 986 38.06 -36.67 -32.22
N LYS B 987 37.82 -37.93 -31.88
CA LYS B 987 37.70 -38.38 -30.50
C LYS B 987 38.63 -39.56 -30.30
N VAL B 988 39.80 -39.31 -29.71
CA VAL B 988 40.76 -40.36 -29.39
C VAL B 988 40.62 -40.69 -27.91
N GLY B 989 40.34 -41.95 -27.60
CA GLY B 989 40.09 -42.33 -26.22
C GLY B 989 38.92 -41.57 -25.64
N VAL B 990 39.16 -40.91 -24.50
CA VAL B 990 38.14 -40.07 -23.87
C VAL B 990 38.29 -38.60 -24.24
N ALA B 991 39.29 -38.25 -25.05
CA ALA B 991 39.59 -36.87 -25.38
C ALA B 991 39.01 -36.51 -26.73
N ASN B 992 38.33 -35.36 -26.80
CA ASN B 992 37.80 -34.82 -28.04
C ASN B 992 38.78 -33.76 -28.55
N VAL B 993 39.49 -34.05 -29.63
CA VAL B 993 40.55 -33.20 -30.14
C VAL B 993 40.04 -32.49 -31.39
N ARG B 994 40.24 -31.17 -31.44
CA ARG B 994 39.90 -30.37 -32.60
C ARG B 994 41.07 -29.43 -32.90
N LEU B 995 41.49 -29.38 -34.16
CA LEU B 995 42.52 -28.45 -34.59
C LEU B 995 42.14 -27.84 -35.92
N ALA B 996 42.64 -26.63 -36.17
CA ALA B 996 42.32 -25.90 -37.39
C ALA B 996 43.54 -25.09 -37.81
N GLY B 997 43.48 -24.56 -39.03
CA GLY B 997 44.57 -23.77 -39.55
C GLY B 997 44.12 -22.95 -40.74
N SER B 998 44.98 -22.03 -41.15
CA SER B 998 44.70 -21.17 -42.30
C SER B 998 46.02 -20.62 -42.82
N PHE B 999 45.97 -20.08 -44.03
CA PHE B 999 47.15 -19.51 -44.66
C PHE B 999 46.70 -18.56 -45.76
N SER B 1000 47.59 -17.61 -46.10
CA SER B 1000 47.31 -16.64 -47.15
C SER B 1000 48.60 -15.91 -47.48
N THR B 1001 48.76 -15.54 -48.75
CA THR B 1001 49.89 -14.73 -49.18
C THR B 1001 49.53 -14.03 -50.47
N THR B 1002 49.44 -12.70 -50.42
CA THR B 1002 49.06 -11.89 -51.57
C THR B 1002 50.02 -10.73 -51.72
N ASN B 1003 50.10 -10.22 -52.94
CA ASN B 1003 50.86 -9.00 -53.22
C ASN B 1003 49.96 -7.84 -53.64
N THR B 1004 48.65 -7.98 -53.47
CA THR B 1004 47.69 -6.93 -53.77
C THR B 1004 46.66 -6.85 -52.65
N GLN B 1005 46.03 -5.68 -52.51
CA GLN B 1005 44.99 -5.51 -51.52
C GLN B 1005 43.65 -5.98 -52.09
N LEU B 1006 42.95 -6.82 -51.34
CA LEU B 1006 41.67 -7.37 -51.75
C LEU B 1006 40.65 -7.08 -50.68
N ASP B 1007 39.57 -6.39 -51.06
CA ASP B 1007 38.52 -5.97 -50.12
C ASP B 1007 39.20 -5.14 -49.03
N SER B 1008 39.04 -5.48 -47.76
CA SER B 1008 39.68 -4.74 -46.68
C SER B 1008 40.91 -5.43 -46.13
N ARG B 1009 41.35 -6.52 -46.76
CA ARG B 1009 42.52 -7.26 -46.28
C ARG B 1009 43.77 -6.77 -47.00
N PRO B 1010 44.76 -6.24 -46.29
CA PRO B 1010 45.97 -5.73 -46.95
C PRO B 1010 46.84 -6.87 -47.46
N ALA B 1011 47.92 -6.49 -48.13
CA ALA B 1011 48.83 -7.46 -48.70
C ALA B 1011 49.71 -8.08 -47.61
N GLY B 1012 50.46 -9.11 -48.00
CA GLY B 1012 51.36 -9.78 -47.08
C GLY B 1012 50.82 -11.12 -46.61
N THR B 1013 51.74 -11.94 -46.10
CA THR B 1013 51.40 -13.29 -45.66
C THR B 1013 50.64 -13.26 -44.34
N ARG B 1014 50.04 -14.39 -44.00
CA ARG B 1014 49.20 -14.50 -42.82
C ARG B 1014 48.92 -15.98 -42.54
N GLY B 1015 48.93 -16.36 -41.27
CA GLY B 1015 48.67 -17.72 -40.88
C GLY B 1015 48.27 -17.83 -39.43
N ALA B 1016 47.60 -18.94 -39.11
CA ALA B 1016 47.12 -19.16 -37.75
C ALA B 1016 46.81 -20.64 -37.57
N VAL B 1017 47.07 -21.15 -36.36
CA VAL B 1017 46.78 -22.52 -35.99
C VAL B 1017 46.11 -22.53 -34.62
N GLY B 1018 45.43 -23.64 -34.32
CA GLY B 1018 44.74 -23.78 -33.06
C GLY B 1018 44.59 -25.23 -32.67
N LEU B 1019 44.12 -25.44 -31.44
CA LEU B 1019 43.94 -26.78 -30.89
C LEU B 1019 43.08 -26.73 -29.63
N ILE B 1020 42.07 -27.58 -29.55
CA ILE B 1020 41.18 -27.66 -28.39
C ILE B 1020 41.07 -29.11 -27.96
N VAL B 1021 41.27 -29.38 -26.67
CA VAL B 1021 41.20 -30.73 -26.12
C VAL B 1021 40.27 -30.71 -24.91
N ARG B 1022 39.31 -31.63 -24.90
CA ARG B 1022 38.42 -31.83 -23.76
C ARG B 1022 38.33 -33.33 -23.47
N THR B 1023 38.39 -33.69 -22.19
CA THR B 1023 38.39 -35.07 -21.77
C THR B 1023 37.22 -35.34 -20.83
N ASP B 1024 36.62 -36.51 -20.98
CA ASP B 1024 35.63 -36.99 -20.02
C ASP B 1024 36.32 -37.42 -18.73
N PRO B 1025 35.60 -37.49 -17.62
CA PRO B 1025 36.22 -37.90 -16.36
C PRO B 1025 36.82 -39.30 -16.46
N LEU B 1026 37.98 -39.46 -15.82
CA LEU B 1026 38.72 -40.72 -15.84
C LEU B 1026 38.32 -41.55 -14.63
N GLU B 1027 37.52 -42.60 -14.87
CA GLU B 1027 37.04 -43.45 -13.79
C GLU B 1027 38.12 -44.37 -13.22
N ASN B 1028 39.23 -44.56 -13.94
CA ASN B 1028 40.23 -45.55 -13.58
C ASN B 1028 41.29 -45.03 -12.63
N VAL B 1029 41.34 -43.73 -12.37
CA VAL B 1029 42.41 -43.13 -11.56
C VAL B 1029 41.83 -42.55 -10.28
N PRO B 1030 42.63 -42.32 -9.25
CA PRO B 1030 42.09 -41.73 -8.02
C PRO B 1030 41.47 -40.37 -8.28
N PHE B 1031 40.58 -39.99 -7.37
CA PHE B 1031 39.66 -38.84 -7.58
C PHE B 1031 38.86 -39.16 -8.85
N ARG B 1032 38.58 -38.17 -9.68
CA ARG B 1032 37.93 -38.41 -10.97
C ARG B 1032 38.21 -37.22 -11.88
N PRO B 1033 39.46 -37.01 -12.28
CA PRO B 1033 39.82 -35.77 -12.96
C PRO B 1033 39.37 -35.75 -14.41
N GLN B 1034 38.94 -34.59 -14.87
CA GLN B 1034 38.71 -34.32 -16.28
C GLN B 1034 39.48 -33.06 -16.64
N PHE B 1035 40.24 -33.12 -17.72
CA PHE B 1035 41.15 -32.06 -18.09
C PHE B 1035 40.59 -31.25 -19.26
N ASN B 1036 41.14 -30.04 -19.42
CA ASN B 1036 40.76 -29.15 -20.50
C ASN B 1036 42.01 -28.40 -20.95
N GLY B 1037 42.00 -27.95 -22.19
CA GLY B 1037 43.13 -27.22 -22.71
C GLY B 1037 42.91 -26.65 -24.09
N GLN B 1038 43.60 -25.56 -24.41
CA GLN B 1038 43.53 -24.95 -25.73
C GLN B 1038 44.78 -24.13 -25.94
N VAL B 1039 45.13 -23.93 -27.22
CA VAL B 1039 46.30 -23.14 -27.58
C VAL B 1039 46.10 -22.63 -28.99
N GLY B 1040 46.59 -21.42 -29.25
CA GLY B 1040 46.47 -20.82 -30.56
C GLY B 1040 47.55 -19.81 -30.86
N TYR B 1041 48.04 -19.80 -32.09
CA TYR B 1041 49.10 -18.89 -32.51
C TYR B 1041 48.67 -18.20 -33.80
N TYR B 1042 48.81 -16.89 -33.85
CA TYR B 1042 48.40 -16.10 -35.00
C TYR B 1042 49.50 -15.12 -35.36
N THR B 1043 49.92 -15.13 -36.62
CA THR B 1043 50.91 -14.19 -37.12
C THR B 1043 50.40 -13.59 -38.43
N ALA B 1044 50.86 -12.36 -38.71
CA ALA B 1044 50.40 -11.65 -39.90
C ALA B 1044 51.40 -10.56 -40.23
N ASP B 1045 51.98 -10.64 -41.42
CA ASP B 1045 52.87 -9.61 -41.94
C ASP B 1045 52.07 -8.77 -42.92
N ASN B 1046 51.92 -7.49 -42.62
CA ASN B 1046 51.05 -6.60 -43.38
C ASN B 1046 51.90 -5.63 -44.20
N ARG B 1047 51.73 -5.66 -45.52
CA ARG B 1047 52.42 -4.74 -46.42
C ARG B 1047 51.56 -3.51 -46.72
N VAL B 1048 51.10 -2.83 -45.67
CA VAL B 1048 50.29 -1.64 -45.87
C VAL B 1048 51.17 -0.48 -46.33
N ALA B 1049 50.55 0.45 -47.07
CA ALA B 1049 51.30 1.56 -47.66
C ALA B 1049 51.90 2.47 -46.60
N ALA B 1050 51.18 2.71 -45.51
CA ALA B 1050 51.65 3.63 -44.48
C ALA B 1050 52.92 3.15 -43.79
N GLY B 1051 53.24 1.86 -43.89
CA GLY B 1051 54.45 1.33 -43.28
C GLY B 1051 54.32 -0.11 -42.87
N ASN B 1052 55.32 -0.91 -43.21
CA ASN B 1052 55.25 -2.35 -42.96
C ASN B 1052 55.37 -2.64 -41.48
N TYR B 1053 54.43 -3.45 -40.95
CA TYR B 1053 54.46 -3.84 -39.56
C TYR B 1053 54.08 -5.30 -39.45
N ASN B 1054 54.09 -5.81 -38.21
CA ASN B 1054 53.82 -7.20 -37.92
C ASN B 1054 52.86 -7.30 -36.75
N ALA B 1055 51.93 -8.26 -36.81
CA ALA B 1055 50.96 -8.49 -35.77
C ALA B 1055 51.07 -9.92 -35.27
N ASN B 1056 50.95 -10.10 -33.95
CA ASN B 1056 51.10 -11.39 -33.32
C ASN B 1056 49.93 -11.64 -32.37
N ALA B 1057 49.75 -12.90 -32.00
CA ALA B 1057 48.78 -13.28 -30.99
C ALA B 1057 49.15 -14.65 -30.47
N THR B 1058 48.80 -14.90 -29.21
CA THR B 1058 49.05 -16.19 -28.58
C THR B 1058 48.10 -16.35 -27.41
N LYS B 1059 47.36 -17.46 -27.40
CA LYS B 1059 46.35 -17.72 -26.39
C LYS B 1059 46.48 -19.15 -25.92
N TYR B 1060 46.35 -19.38 -24.61
CA TYR B 1060 46.46 -20.71 -24.06
C TYR B 1060 45.56 -20.84 -22.85
N GLY B 1061 45.26 -22.08 -22.48
CA GLY B 1061 44.42 -22.36 -21.34
C GLY B 1061 44.65 -23.76 -20.82
N ALA B 1062 44.28 -23.96 -19.55
CA ALA B 1062 44.43 -25.25 -18.91
C ALA B 1062 43.51 -25.30 -17.71
N GLY B 1063 42.96 -26.48 -17.44
CA GLY B 1063 42.04 -26.64 -16.34
C GLY B 1063 41.85 -28.08 -15.90
N VAL B 1064 41.93 -28.32 -14.59
CA VAL B 1064 41.77 -29.65 -14.02
C VAL B 1064 40.63 -29.59 -13.01
N VAL B 1065 39.66 -30.51 -13.14
CA VAL B 1065 38.54 -30.59 -12.22
C VAL B 1065 38.57 -31.98 -11.58
N LEU B 1066 38.73 -32.02 -10.26
CA LEU B 1066 38.76 -33.27 -9.50
C LEU B 1066 37.33 -33.51 -8.98
N ASN B 1067 36.60 -34.40 -9.65
CA ASN B 1067 35.19 -34.61 -9.35
C ASN B 1067 34.96 -35.28 -8.01
N ASP B 1068 35.98 -35.85 -7.39
CA ASP B 1068 35.83 -36.51 -6.08
C ASP B 1068 37.06 -36.18 -5.25
N PHE B 1069 36.93 -35.25 -4.32
CA PHE B 1069 38.04 -34.85 -3.47
C PHE B 1069 38.01 -35.75 -2.24
N LEU B 1070 38.81 -35.43 -1.22
CA LEU B 1070 38.93 -36.32 -0.06
C LEU B 1070 37.59 -36.49 0.66
N LEU B 1071 36.86 -35.41 0.89
CA LEU B 1071 35.56 -35.52 1.51
C LEU B 1071 34.57 -36.14 0.53
N PRO B 1072 33.54 -36.84 1.04
CA PRO B 1072 32.65 -37.59 0.13
C PRO B 1072 31.96 -36.72 -0.92
N GLN B 1073 31.57 -35.50 -0.58
CA GLN B 1073 30.80 -34.64 -1.48
C GLN B 1073 31.54 -33.34 -1.78
N THR B 1074 32.84 -33.44 -2.07
CA THR B 1074 33.67 -32.27 -2.32
C THR B 1074 34.37 -32.41 -3.66
N LYS B 1075 34.40 -31.33 -4.44
CA LYS B 1075 35.12 -31.28 -5.69
C LYS B 1075 35.78 -29.92 -5.84
N ILE B 1076 36.92 -29.90 -6.52
CA ILE B 1076 37.73 -28.70 -6.67
C ILE B 1076 38.21 -28.59 -8.11
N GLY B 1077 38.20 -27.37 -8.64
CA GLY B 1077 38.67 -27.13 -9.99
C GLY B 1077 39.61 -25.94 -10.04
N VAL B 1078 40.47 -25.96 -11.05
CA VAL B 1078 41.43 -24.88 -11.29
C VAL B 1078 41.37 -24.53 -12.77
N ARG B 1079 41.81 -23.31 -13.09
CA ARG B 1079 41.75 -22.81 -14.46
C ARG B 1079 42.80 -21.73 -14.63
N TYR B 1080 43.64 -21.86 -15.65
CA TYR B 1080 44.67 -20.89 -15.97
C TYR B 1080 44.51 -20.45 -17.41
N ASP B 1081 44.52 -19.14 -17.64
CA ASP B 1081 44.35 -18.57 -18.97
C ASP B 1081 45.39 -17.48 -19.21
N GLY B 1082 45.67 -17.23 -20.48
CA GLY B 1082 46.64 -16.22 -20.85
C GLY B 1082 46.36 -15.70 -22.24
N TYR B 1083 46.99 -14.56 -22.54
CA TYR B 1083 46.83 -13.93 -23.86
C TYR B 1083 47.97 -12.95 -24.06
N MET B 1084 48.72 -13.10 -25.15
CA MET B 1084 49.81 -12.20 -25.50
C MET B 1084 49.60 -11.71 -26.92
N ALA B 1085 49.29 -10.42 -27.06
CA ALA B 1085 49.08 -9.80 -28.36
C ALA B 1085 50.21 -8.82 -28.65
N GLN B 1086 50.25 -8.36 -29.89
CA GLN B 1086 51.26 -7.40 -30.32
C GLN B 1086 50.77 -6.75 -31.60
N ASN B 1087 50.55 -5.44 -31.57
CA ASN B 1087 49.97 -4.70 -32.70
C ASN B 1087 48.57 -5.22 -33.04
N ARG B 1088 47.76 -5.42 -32.01
CA ARG B 1088 46.36 -5.78 -32.18
C ARG B 1088 45.51 -4.94 -31.24
N GLN B 1089 44.23 -4.78 -31.61
CA GLN B 1089 43.30 -3.98 -30.83
C GLN B 1089 41.93 -4.64 -30.85
N TYR B 1090 41.05 -4.15 -29.98
CA TYR B 1090 39.66 -4.59 -29.93
C TYR B 1090 38.76 -3.38 -30.02
N THR B 1091 37.84 -3.39 -31.00
CA THR B 1091 36.87 -2.31 -31.14
C THR B 1091 35.56 -2.74 -30.50
N PRO B 1092 35.07 -2.04 -29.48
CA PRO B 1092 33.86 -2.48 -28.79
C PRO B 1092 32.64 -2.42 -29.67
N PHE B 1093 31.53 -2.91 -29.12
CA PHE B 1093 30.29 -3.00 -29.88
C PHE B 1093 29.77 -1.62 -30.27
N ASP B 1094 29.20 -1.54 -31.47
CA ASP B 1094 28.51 -0.33 -31.91
C ASP B 1094 27.06 -0.39 -31.42
N GLY B 1095 26.55 0.77 -31.01
CA GLY B 1095 25.21 0.83 -30.44
C GLY B 1095 24.09 0.47 -31.40
N ASP B 1096 24.37 0.42 -32.71
CA ASP B 1096 23.34 0.10 -33.68
C ASP B 1096 22.98 -1.38 -33.68
N GLY B 1097 23.91 -2.25 -33.31
CA GLY B 1097 23.64 -3.68 -33.32
C GLY B 1097 24.81 -4.50 -33.80
N THR B 1098 25.91 -3.86 -34.17
CA THR B 1098 27.11 -4.54 -34.63
C THR B 1098 27.97 -4.92 -33.44
N GLN B 1099 28.40 -6.18 -33.40
CA GLN B 1099 29.21 -6.68 -32.31
C GLN B 1099 30.65 -6.20 -32.44
N GLY B 1100 31.42 -6.39 -31.36
CA GLY B 1100 32.82 -6.04 -31.37
C GLY B 1100 33.67 -7.09 -32.07
N TYR B 1101 34.94 -6.75 -32.27
CA TYR B 1101 35.84 -7.65 -32.97
C TYR B 1101 37.27 -7.23 -32.72
N PHE B 1102 38.19 -8.18 -32.90
CA PHE B 1102 39.62 -7.91 -32.87
C PHE B 1102 40.12 -7.62 -34.27
N SER B 1103 41.17 -6.81 -34.36
CA SER B 1103 41.72 -6.44 -35.66
C SER B 1103 43.16 -5.98 -35.47
N ASP B 1104 43.90 -5.97 -36.58
CA ASP B 1104 45.27 -5.50 -36.56
C ASP B 1104 45.32 -3.98 -36.56
N ALA B 1105 46.36 -3.44 -35.92
CA ALA B 1105 46.57 -2.00 -35.87
C ALA B 1105 48.04 -1.75 -35.55
N ASN B 1106 48.58 -0.69 -36.13
CA ASN B 1106 49.99 -0.33 -35.94
C ASN B 1106 50.13 0.66 -34.78
N ASN B 1107 49.70 0.21 -33.60
CA ASN B 1107 49.79 1.02 -32.40
C ASN B 1107 51.10 0.83 -31.64
N ASN B 1108 51.92 -0.14 -32.05
CA ASN B 1108 53.22 -0.39 -31.43
C ASN B 1108 53.09 -0.65 -29.93
N ARG B 1109 52.25 -1.62 -29.57
CA ARG B 1109 51.99 -1.94 -28.17
C ARG B 1109 51.85 -3.44 -28.00
N ARG B 1110 52.38 -3.95 -26.90
CA ARG B 1110 52.32 -5.37 -26.57
C ARG B 1110 51.44 -5.58 -25.35
N THR B 1111 50.43 -6.44 -25.50
CA THR B 1111 49.48 -6.72 -24.44
C THR B 1111 49.80 -8.06 -23.80
N ASN B 1112 49.50 -8.19 -22.51
CA ASN B 1112 49.77 -9.42 -21.78
C ASN B 1112 48.72 -9.54 -20.68
N LEU B 1113 47.67 -10.31 -20.94
CA LEU B 1113 46.56 -10.50 -20.02
C LEU B 1113 46.48 -11.97 -19.63
N ASN B 1114 46.50 -12.24 -18.33
CA ASN B 1114 46.46 -13.61 -17.83
C ASN B 1114 45.98 -13.60 -16.39
N GLY B 1115 45.72 -14.79 -15.87
CA GLY B 1115 45.27 -14.94 -14.50
C GLY B 1115 44.95 -16.38 -14.19
N VAL B 1116 44.51 -16.60 -12.94
CA VAL B 1116 44.15 -17.92 -12.45
C VAL B 1116 42.75 -17.85 -11.85
N TYR B 1117 42.05 -18.98 -11.90
CA TYR B 1117 40.66 -19.05 -11.46
C TYR B 1117 40.47 -20.36 -10.71
N VAL B 1118 40.34 -20.28 -9.39
CA VAL B 1118 40.22 -21.46 -8.53
C VAL B 1118 38.81 -21.51 -7.97
N GLU B 1119 38.15 -22.65 -8.11
CA GLU B 1119 36.79 -22.83 -7.61
C GLU B 1119 36.69 -24.19 -6.91
N GLY B 1120 36.13 -24.20 -5.71
CA GLY B 1120 35.94 -25.43 -4.98
C GLY B 1120 34.60 -25.40 -4.26
N ALA B 1121 34.00 -26.58 -4.15
CA ALA B 1121 32.66 -26.71 -3.59
C ALA B 1121 32.63 -27.78 -2.51
N TYR B 1122 31.97 -27.45 -1.41
CA TYR B 1122 31.67 -28.41 -0.35
C TYR B 1122 30.14 -28.54 -0.25
N GLN B 1123 29.64 -29.76 -0.39
CA GLN B 1123 28.21 -30.00 -0.49
C GLN B 1123 27.61 -29.14 -1.60
N ASP B 1124 26.87 -28.10 -1.22
CA ASP B 1124 26.31 -27.15 -2.18
C ASP B 1124 26.79 -25.73 -1.91
N LEU B 1125 27.93 -25.58 -1.26
CA LEU B 1125 28.53 -24.28 -0.97
C LEU B 1125 29.76 -24.10 -1.85
N ILE B 1126 29.77 -23.05 -2.66
CA ILE B 1126 30.77 -22.85 -3.70
C ILE B 1126 31.66 -21.68 -3.32
N PHE B 1127 32.97 -21.91 -3.32
CA PHE B 1127 33.96 -20.86 -3.13
C PHE B 1127 34.60 -20.52 -4.47
N SER B 1128 34.73 -19.24 -4.78
CA SER B 1128 35.29 -18.79 -6.03
C SER B 1128 36.39 -17.77 -5.77
N TYR B 1129 37.56 -17.99 -6.37
CA TYR B 1129 38.68 -17.06 -6.25
C TYR B 1129 39.31 -16.87 -7.61
N GLY B 1130 39.69 -15.63 -7.91
CA GLY B 1130 40.36 -15.34 -9.15
C GLY B 1130 41.14 -14.04 -9.13
N THR B 1131 42.40 -14.10 -9.52
CA THR B 1131 43.26 -12.91 -9.62
C THR B 1131 43.80 -12.80 -11.03
N TYR B 1132 43.79 -11.58 -11.57
CA TYR B 1132 44.16 -11.36 -12.97
C TYR B 1132 45.08 -10.15 -13.05
N THR B 1133 45.69 -9.98 -14.23
CA THR B 1133 46.67 -8.92 -14.44
C THR B 1133 46.71 -8.56 -15.91
N LEU B 1134 46.52 -7.28 -16.21
CA LEU B 1134 46.57 -6.77 -17.58
C LEU B 1134 47.66 -5.71 -17.68
N SER B 1135 48.55 -5.87 -18.65
CA SER B 1135 49.61 -4.90 -18.89
C SER B 1135 49.71 -4.62 -20.38
N GLN B 1136 49.97 -3.37 -20.72
CA GLN B 1136 50.09 -2.96 -22.12
C GLN B 1136 51.22 -1.93 -22.20
N LYS B 1137 52.42 -2.41 -22.53
CA LYS B 1137 53.58 -1.55 -22.67
C LYS B 1137 54.00 -1.47 -24.13
N ASP B 1138 54.32 -0.25 -24.58
CA ASP B 1138 54.79 -0.06 -25.93
C ASP B 1138 56.21 -0.58 -26.08
N LEU B 1139 56.79 -0.35 -27.26
CA LEU B 1139 58.19 -0.69 -27.47
C LEU B 1139 59.08 0.10 -26.52
N ASN B 1140 60.30 -0.39 -26.32
CA ASN B 1140 61.32 0.08 -25.38
C ASN B 1140 60.86 0.03 -23.92
N GLY B 1141 59.71 -0.57 -23.63
CA GLY B 1141 59.35 -0.91 -22.26
C GLY B 1141 58.86 0.23 -21.38
N VAL B 1142 57.72 0.83 -21.72
CA VAL B 1142 57.07 1.83 -20.88
C VAL B 1142 55.67 1.32 -20.58
N GLU B 1143 55.41 1.01 -19.31
CA GLU B 1143 54.15 0.40 -18.92
C GLU B 1143 53.04 1.43 -18.86
N TYR B 1144 51.85 1.04 -19.34
CA TYR B 1144 50.68 1.91 -19.36
C TYR B 1144 49.47 1.29 -18.70
N GLY B 1145 49.63 0.19 -17.97
CA GLY B 1145 48.48 -0.56 -17.49
C GLY B 1145 47.66 0.19 -16.46
N SER B 1146 48.32 0.82 -15.48
CA SER B 1146 47.58 1.38 -14.35
C SER B 1146 46.77 2.60 -14.75
N GLY B 1147 47.20 3.34 -15.76
CA GLY B 1147 46.52 4.55 -16.18
C GLY B 1147 46.97 5.81 -15.47
N ILE B 1148 47.82 5.70 -14.45
CA ILE B 1148 48.37 6.84 -13.75
C ILE B 1148 49.84 7.03 -14.06
N ASN B 1149 50.39 6.25 -15.01
CA ASN B 1149 51.78 6.36 -15.44
C ASN B 1149 52.75 6.21 -14.27
N ASN B 1150 52.49 5.24 -13.40
CA ASN B 1150 53.38 4.93 -12.30
C ASN B 1150 54.26 3.72 -12.58
N GLY B 1151 54.16 3.13 -13.76
CA GLY B 1151 54.96 1.97 -14.11
C GLY B 1151 54.39 0.64 -13.66
N GLN B 1152 53.16 0.60 -13.17
CA GLN B 1152 52.56 -0.64 -12.69
C GLN B 1152 51.43 -1.08 -13.62
N PRO B 1153 51.23 -2.37 -13.78
CA PRO B 1153 50.11 -2.85 -14.60
C PRO B 1153 48.79 -2.82 -13.83
N ALA B 1154 47.70 -2.96 -14.58
CA ALA B 1154 46.40 -3.09 -13.96
C ALA B 1154 46.26 -4.46 -13.30
N ARG B 1155 45.38 -4.53 -12.30
CA ARG B 1155 45.21 -5.77 -11.56
C ARG B 1155 43.78 -5.85 -11.04
N GLY B 1156 43.35 -7.07 -10.72
CA GLY B 1156 42.04 -7.29 -10.19
C GLY B 1156 41.98 -8.60 -9.43
N GLN B 1157 41.09 -8.65 -8.44
CA GLN B 1157 40.95 -9.83 -7.60
C GLN B 1157 39.52 -9.88 -7.08
N THR B 1158 39.00 -11.09 -6.90
CA THR B 1158 37.64 -11.27 -6.43
C THR B 1158 37.53 -12.60 -5.68
N PHE B 1159 36.93 -12.56 -4.51
CA PHE B 1159 36.61 -13.76 -3.73
C PHE B 1159 35.11 -13.76 -3.46
N LYS B 1160 34.48 -14.91 -3.68
CA LYS B 1160 33.03 -15.00 -3.62
C LYS B 1160 32.62 -16.34 -3.03
N ILE B 1161 31.62 -16.31 -2.14
CA ILE B 1161 31.01 -17.50 -1.57
C ILE B 1161 29.55 -17.51 -1.97
N SER B 1162 29.13 -18.59 -2.64
CA SER B 1162 27.78 -18.69 -3.18
C SER B 1162 27.04 -19.83 -2.50
N TYR B 1163 25.75 -19.63 -2.26
CA TYR B 1163 24.91 -20.63 -1.60
C TYR B 1163 23.47 -20.38 -2.03
N LYS B 1164 22.89 -21.32 -2.75
CA LYS B 1164 21.54 -21.20 -3.28
C LYS B 1164 20.60 -22.08 -2.48
N VAL B 1165 19.51 -21.49 -1.99
CA VAL B 1165 18.54 -22.20 -1.16
C VAL B 1165 17.16 -22.03 -1.74
N ASN B 1166 16.30 -23.04 -1.52
CA ASN B 1166 14.91 -23.02 -1.95
C ASN B 1166 14.03 -23.45 -0.80
N PHE B 1167 12.88 -22.82 -0.67
CA PHE B 1167 11.94 -23.13 0.39
C PHE B 1167 11.23 -24.46 0.14
N PHE C 215 -31.39 -71.37 2.63
CA PHE C 215 -30.05 -71.01 3.06
C PHE C 215 -29.27 -70.38 1.91
N VAL C 216 -28.00 -70.07 2.16
CA VAL C 216 -27.15 -69.41 1.18
C VAL C 216 -25.89 -70.23 0.98
N GLN C 217 -25.44 -70.30 -0.28
CA GLN C 217 -24.27 -71.08 -0.64
C GLN C 217 -22.99 -70.35 -0.24
N ARG C 218 -21.88 -71.11 -0.23
CA ARG C 218 -20.60 -70.54 0.15
C ARG C 218 -20.11 -69.51 -0.88
N SER C 219 -20.39 -69.73 -2.16
CA SER C 219 -19.91 -68.82 -3.19
C SER C 219 -20.49 -67.42 -3.02
N ASP C 220 -21.78 -67.33 -2.71
CA ASP C 220 -22.40 -66.02 -2.50
C ASP C 220 -21.80 -65.30 -1.31
N PHE C 221 -21.55 -66.03 -0.21
CA PHE C 221 -20.95 -65.42 0.96
C PHE C 221 -19.53 -64.95 0.67
N ASP C 222 -18.75 -65.74 -0.05
CA ASP C 222 -17.39 -65.34 -0.40
C ASP C 222 -17.39 -64.16 -1.37
N ALA C 223 -18.36 -64.12 -2.28
CA ALA C 223 -18.47 -62.99 -3.20
C ALA C 223 -18.75 -61.70 -2.45
N LEU C 224 -19.62 -61.75 -1.44
CA LEU C 224 -19.89 -60.57 -0.63
C LEU C 224 -18.69 -60.18 0.23
N GLY C 225 -17.88 -61.16 0.63
CA GLY C 225 -16.69 -60.85 1.40
C GLY C 225 -15.69 -60.01 0.64
N GLY C 226 -15.61 -60.23 -0.68
CA GLY C 226 -14.72 -59.40 -1.48
C GLY C 226 -15.14 -57.95 -1.54
N ARG C 227 -16.45 -57.70 -1.65
CA ARG C 227 -16.93 -56.33 -1.67
C ARG C 227 -16.64 -55.62 -0.36
N VAL C 228 -16.84 -56.29 0.77
CA VAL C 228 -16.59 -55.68 2.08
C VAL C 228 -15.12 -55.33 2.22
N THR C 229 -14.23 -56.24 1.82
CA THR C 229 -12.80 -55.96 1.89
C THR C 229 -12.41 -54.82 0.97
N THR C 230 -12.99 -54.78 -0.24
CA THR C 230 -12.67 -53.71 -1.18
C THR C 230 -13.10 -52.36 -0.64
N VAL C 231 -14.28 -52.27 -0.03
CA VAL C 231 -14.75 -51.01 0.51
C VAL C 231 -13.88 -50.56 1.68
N GLU C 232 -13.44 -51.51 2.50
CA GLU C 232 -12.56 -51.17 3.61
C GLU C 232 -11.27 -50.49 3.13
N THR C 233 -10.79 -50.85 1.94
CA THR C 233 -9.63 -50.19 1.38
C THR C 233 -9.97 -48.78 0.88
N ARG C 234 -11.12 -48.65 0.20
CA ARG C 234 -11.48 -47.36 -0.38
C ARG C 234 -11.82 -46.33 0.69
N VAL C 235 -12.47 -46.75 1.77
CA VAL C 235 -12.87 -45.81 2.81
C VAL C 235 -11.65 -45.17 3.47
N GLU C 236 -10.50 -45.85 3.44
CA GLU C 236 -9.27 -45.28 3.97
C GLU C 236 -8.45 -44.57 2.90
N THR C 237 -8.48 -45.07 1.66
CA THR C 237 -7.82 -44.37 0.57
C THR C 237 -8.45 -43.00 0.34
N VAL C 238 -9.77 -42.92 0.37
CA VAL C 238 -10.46 -41.66 0.18
C VAL C 238 -10.11 -40.69 1.31
N ASN C 239 -10.10 -41.18 2.54
CA ASN C 239 -9.75 -40.33 3.68
C ASN C 239 -8.32 -39.82 3.57
N ASN C 240 -7.39 -40.71 3.17
CA ASN C 240 -6.00 -40.29 3.02
C ASN C 240 -5.82 -39.34 1.85
N SER C 241 -6.52 -39.60 0.74
CA SER C 241 -6.39 -38.73 -0.43
C SER C 241 -6.87 -37.32 -0.15
N LEU C 242 -8.00 -37.18 0.53
CA LEU C 242 -8.52 -35.86 0.84
C LEU C 242 -7.74 -35.17 1.94
N THR C 243 -7.21 -35.92 2.90
CA THR C 243 -6.39 -35.33 3.95
C THR C 243 -5.11 -34.73 3.37
N GLY C 244 -4.59 -35.32 2.28
CA GLY C 244 -3.41 -34.75 1.65
C GLY C 244 -3.69 -33.41 0.99
N ARG C 245 -4.87 -33.27 0.37
CA ARG C 245 -5.20 -32.02 -0.31
C ARG C 245 -5.54 -30.92 0.69
N ILE C 246 -6.19 -31.28 1.80
CA ILE C 246 -6.54 -30.27 2.81
C ILE C 246 -5.28 -29.77 3.50
N ALA C 247 -4.30 -30.64 3.74
CA ALA C 247 -3.07 -30.23 4.41
C ALA C 247 -2.32 -29.20 3.57
N ALA C 248 -2.27 -29.39 2.25
CA ALA C 248 -1.61 -28.42 1.39
C ALA C 248 -2.35 -27.08 1.40
N LEU C 249 -3.69 -27.13 1.43
CA LEU C 249 -4.46 -25.89 1.45
C LEU C 249 -4.23 -25.11 2.73
N GLU C 250 -4.15 -25.80 3.87
CA GLU C 250 -3.94 -25.12 5.14
C GLU C 250 -2.55 -24.53 5.24
N ARG C 251 -1.57 -25.10 4.53
CA ARG C 251 -0.22 -24.57 4.57
C ARG C 251 -0.16 -23.18 3.93
N ASN C 252 -0.91 -22.96 2.85
CA ASN C 252 -0.93 -21.69 2.14
C ASN C 252 -2.15 -20.84 2.52
N ALA C 253 -2.57 -20.89 3.78
CA ALA C 253 -3.77 -20.20 4.23
C ALA C 253 -3.42 -19.09 5.21
N PHE C 254 -4.25 -18.05 5.22
CA PHE C 254 -4.10 -16.91 6.11
C PHE C 254 -5.15 -16.99 7.22
N SER C 255 -4.72 -16.83 8.46
CA SER C 255 -5.63 -16.83 9.60
C SER C 255 -6.06 -15.40 9.90
N VAL C 256 -7.29 -15.07 9.54
CA VAL C 256 -7.82 -13.72 9.76
C VAL C 256 -8.19 -13.57 11.22
N LYS C 257 -7.62 -12.55 11.87
CA LYS C 257 -7.86 -12.28 13.29
C LYS C 257 -8.17 -10.81 13.49
N PRO C 258 -9.43 -10.41 13.28
CA PRO C 258 -9.81 -9.02 13.53
C PRO C 258 -9.86 -8.71 15.01
N SER C 259 -9.79 -7.42 15.33
CA SER C 259 -9.79 -6.94 16.70
C SER C 259 -10.77 -5.80 16.86
N LEU C 260 -11.25 -5.61 18.09
CA LEU C 260 -12.22 -4.57 18.39
C LEU C 260 -12.03 -4.11 19.84
N THR C 261 -12.09 -2.80 20.05
CA THR C 261 -11.97 -2.21 21.37
C THR C 261 -13.15 -1.29 21.62
N ILE C 262 -13.49 -1.13 22.91
CA ILE C 262 -14.62 -0.31 23.31
C ILE C 262 -14.40 0.11 24.76
N GLY C 263 -14.75 1.36 25.06
CA GLY C 263 -14.61 1.87 26.41
C GLY C 263 -14.78 3.38 26.51
N TYR C 264 -15.17 3.85 27.69
CA TYR C 264 -15.41 5.26 27.95
C TYR C 264 -14.46 5.72 29.04
N SER C 265 -14.07 7.00 28.98
CA SER C 265 -13.13 7.53 29.95
C SER C 265 -13.25 9.05 30.00
N VAL C 266 -13.27 9.59 31.22
CA VAL C 266 -13.21 11.03 31.45
C VAL C 266 -12.33 11.26 32.67
N SER C 267 -11.50 12.30 32.61
CA SER C 267 -10.56 12.57 33.70
C SER C 267 -10.29 14.05 33.79
N ARG C 268 -10.31 14.57 35.03
CA ARG C 268 -10.05 15.97 35.30
C ARG C 268 -9.07 16.08 36.46
N THR C 269 -8.22 17.10 36.40
CA THR C 269 -7.27 17.34 37.48
C THR C 269 -6.81 18.79 37.46
N SER C 270 -6.68 19.37 38.66
CA SER C 270 -6.12 20.71 38.78
C SER C 270 -4.60 20.69 38.59
N ARG C 271 -3.94 19.68 39.15
CA ARG C 271 -2.50 19.48 38.96
C ARG C 271 -2.27 17.98 38.92
N ASN C 272 -1.35 17.55 38.05
CA ASN C 272 -1.12 16.13 37.82
C ASN C 272 -0.16 15.59 38.88
N PHE C 273 -0.60 14.57 39.61
CA PHE C 273 0.22 13.95 40.65
C PHE C 273 0.03 12.44 40.59
N ASP C 274 0.85 11.73 41.36
CA ASP C 274 0.89 10.27 41.33
C ASP C 274 0.15 9.69 42.53
N VAL C 275 -0.60 8.61 42.29
CA VAL C 275 -1.34 7.92 43.32
C VAL C 275 -0.97 6.45 43.44
N ASP C 276 -0.04 5.97 42.63
CA ASP C 276 0.39 4.58 42.73
C ASP C 276 1.19 4.29 44.00
N ARG C 277 1.59 5.33 44.74
CA ARG C 277 2.30 5.16 45.99
C ARG C 277 1.38 4.91 47.17
N LEU C 278 0.05 4.90 46.94
CA LEU C 278 -0.91 4.63 48.00
C LEU C 278 -1.38 3.18 48.03
N PHE C 279 -1.14 2.42 46.97
CA PHE C 279 -1.72 1.10 46.84
C PHE C 279 -0.85 0.05 47.53
N PRO C 280 -1.45 -1.07 47.94
CA PRO C 280 -0.69 -2.10 48.65
C PRO C 280 0.40 -2.71 47.77
N LEU C 281 1.46 -3.16 48.43
CA LEU C 281 2.60 -3.78 47.76
C LEU C 281 2.48 -5.30 47.88
N ASN C 282 2.56 -6.00 46.75
CA ASN C 282 2.46 -7.45 46.76
C ASN C 282 3.75 -8.05 47.33
N ALA C 283 3.72 -9.38 47.54
CA ALA C 283 4.85 -10.07 48.12
C ALA C 283 6.08 -10.01 47.23
N ASP C 284 5.89 -9.92 45.92
CA ASP C 284 7.00 -9.84 44.98
C ASP C 284 7.55 -8.43 44.82
N GLY C 285 6.94 -7.44 45.48
CA GLY C 285 7.43 -6.08 45.42
C GLY C 285 6.77 -5.17 44.42
N THR C 286 5.64 -5.57 43.83
CA THR C 286 4.93 -4.75 42.86
C THR C 286 3.63 -4.25 43.47
N VAL C 287 3.26 -3.01 43.13
CA VAL C 287 2.04 -2.43 43.67
C VAL C 287 0.82 -3.10 43.04
N ALA C 288 -0.30 -3.02 43.75
CA ALA C 288 -1.54 -3.61 43.27
C ALA C 288 -2.05 -2.88 42.04
N ASN C 289 -2.69 -3.63 41.14
CA ASN C 289 -3.23 -3.06 39.92
C ASN C 289 -4.41 -2.16 40.21
N ASN C 290 -4.57 -1.13 39.38
CA ASN C 290 -5.72 -0.24 39.45
C ASN C 290 -6.02 0.28 38.05
N ALA C 291 -7.21 0.84 37.89
CA ALA C 291 -7.66 1.32 36.60
C ALA C 291 -7.13 2.70 36.25
N PHE C 292 -6.44 3.37 37.16
CA PHE C 292 -5.98 4.73 36.93
C PHE C 292 -4.46 4.83 36.98
N THR C 293 -3.75 3.91 36.33
CA THR C 293 -2.29 3.90 36.35
C THR C 293 -1.76 4.16 34.95
N SER C 294 -1.26 5.37 34.74
CA SER C 294 -0.49 5.69 33.53
C SER C 294 1.01 5.59 33.84
N GLY C 295 1.40 4.41 34.32
CA GLY C 295 2.74 4.19 34.81
C GLY C 295 3.60 3.42 33.83
N GLY C 296 4.75 3.99 33.50
CA GLY C 296 5.69 3.32 32.64
C GLY C 296 6.82 2.64 33.40
N ILE C 297 6.73 1.33 33.57
CA ILE C 297 7.76 0.56 34.25
C ILE C 297 8.89 0.30 33.25
N ASP C 298 10.11 0.69 33.63
CA ASP C 298 11.28 0.51 32.78
C ASP C 298 12.46 0.16 33.67
N THR C 299 12.84 -1.12 33.66
CA THR C 299 13.97 -1.56 34.48
C THR C 299 15.30 -1.05 33.94
N ASP C 300 15.38 -0.67 32.66
CA ASP C 300 16.63 -0.17 32.11
C ASP C 300 17.01 1.17 32.70
N THR C 301 16.05 2.09 32.83
CA THR C 301 16.30 3.42 33.36
C THR C 301 15.86 3.59 34.79
N GLY C 302 15.40 2.52 35.45
CA GLY C 302 14.97 2.62 36.82
C GLY C 302 13.61 3.25 37.02
N ALA C 303 12.86 3.50 35.95
CA ALA C 303 11.54 4.09 36.08
C ALA C 303 10.57 3.09 36.70
N GLN C 304 9.60 3.63 37.45
CA GLN C 304 8.58 2.81 38.10
C GLN C 304 7.23 3.49 37.92
N ARG C 305 6.19 2.78 38.34
CA ARG C 305 4.83 3.30 38.19
C ARG C 305 4.52 4.44 39.15
N ARG C 306 5.35 4.67 40.15
CA ARG C 306 5.13 5.73 41.12
C ARG C 306 5.83 7.03 40.73
N ASP C 307 6.47 7.09 39.57
CA ASP C 307 7.23 8.25 39.15
C ASP C 307 6.49 9.12 38.14
N PHE C 308 5.22 8.83 37.85
CA PHE C 308 4.50 9.55 36.82
C PHE C 308 3.09 9.87 37.29
N GLY C 309 2.56 10.98 36.79
CA GLY C 309 1.19 11.35 37.10
C GLY C 309 0.18 10.42 36.43
N ASP C 310 -1.04 10.45 36.97
CA ASP C 310 -2.04 9.46 36.57
C ASP C 310 -3.44 10.04 36.34
N PHE C 311 -3.60 11.36 36.30
CA PHE C 311 -4.94 11.93 36.37
C PHE C 311 -5.39 12.67 35.12
N GLY C 312 -4.48 13.06 34.24
CA GLY C 312 -4.86 13.61 32.96
C GLY C 312 -4.88 12.55 31.88
N ASN C 313 -4.64 12.98 30.64
CA ASN C 313 -4.32 12.06 29.56
C ASN C 313 -2.84 12.03 29.27
N ALA C 314 -2.03 12.72 30.09
CA ALA C 314 -0.59 12.76 29.93
C ALA C 314 0.08 12.15 31.16
N SER C 315 1.23 11.52 30.93
CA SER C 315 2.01 10.90 32.01
C SER C 315 3.11 11.88 32.42
N ASP C 316 2.72 12.89 33.18
CA ASP C 316 3.67 13.91 33.61
C ASP C 316 4.56 13.37 34.72
N PRO C 317 5.88 13.32 34.53
CA PRO C 317 6.75 12.83 35.61
C PRO C 317 6.79 13.80 36.77
N VAL C 318 6.89 13.24 37.98
CA VAL C 318 7.02 14.07 39.16
C VAL C 318 8.39 14.78 39.15
N VAL C 319 8.46 15.87 39.91
CA VAL C 319 9.65 16.72 39.92
C VAL C 319 10.10 16.90 41.36
N ALA C 320 11.40 16.69 41.61
CA ALA C 320 11.97 16.87 42.94
C ALA C 320 12.13 18.35 43.25
N GLY C 321 12.16 18.66 44.54
CA GLY C 321 12.33 20.02 44.99
C GLY C 321 11.01 20.74 45.19
N ALA C 322 11.11 21.97 45.67
CA ALA C 322 9.93 22.77 45.98
C ALA C 322 9.09 23.06 44.74
N ALA C 323 9.68 22.97 43.55
CA ALA C 323 8.93 23.25 42.33
C ALA C 323 7.89 22.17 42.06
N GLY C 324 8.15 20.94 42.49
CA GLY C 324 7.24 19.85 42.23
C GLY C 324 6.67 19.22 43.49
N LEU C 325 6.47 20.04 44.53
CA LEU C 325 5.92 19.58 45.81
C LEU C 325 6.79 18.46 46.40
N TYR C 326 8.10 18.56 46.19
CA TYR C 326 9.08 17.61 46.74
C TYR C 326 8.80 16.19 46.26
N GLY C 327 8.72 16.03 44.94
CA GLY C 327 8.57 14.72 44.34
C GLY C 327 7.19 14.12 44.41
N PHE C 328 6.17 14.88 44.81
CA PHE C 328 4.82 14.36 44.94
C PHE C 328 3.89 14.78 43.81
N ALA C 329 4.30 15.74 42.98
CA ALA C 329 3.41 16.26 41.94
C ALA C 329 4.25 16.84 40.82
N ASP C 330 3.59 17.08 39.68
CA ASP C 330 4.25 17.67 38.53
C ASP C 330 4.76 19.07 38.87
N GLY C 331 5.93 19.41 38.35
CA GLY C 331 6.62 20.63 38.74
C GLY C 331 6.17 21.86 37.98
N VAL C 332 6.27 23.01 38.65
CA VAL C 332 5.95 24.28 38.03
C VAL C 332 7.04 24.65 37.04
N SER C 333 6.65 25.33 35.96
CA SER C 333 7.59 25.77 34.95
C SER C 333 7.06 27.03 34.29
N TYR C 334 7.97 27.78 33.67
CA TYR C 334 7.63 29.00 32.95
C TYR C 334 8.22 28.94 31.55
N THR C 335 7.60 29.69 30.64
CA THR C 335 8.14 29.90 29.31
C THR C 335 8.73 31.30 29.21
N VAL C 336 9.84 31.42 28.50
CA VAL C 336 10.61 32.66 28.43
C VAL C 336 10.44 33.23 27.02
N TYR C 337 9.98 34.47 26.95
CA TYR C 337 9.71 35.14 25.67
C TYR C 337 10.93 35.97 25.29
N PHE C 338 11.70 35.47 24.34
CA PHE C 338 12.86 36.18 23.84
C PHE C 338 12.46 37.10 22.68
N THR C 339 13.32 38.06 22.39
CA THR C 339 13.13 38.92 21.23
C THR C 339 13.45 38.12 19.96
N ASP C 340 12.93 38.61 18.83
CA ASP C 340 13.11 37.98 17.52
C ASP C 340 12.41 36.62 17.45
N GLY C 341 11.25 36.51 18.10
CA GLY C 341 10.38 35.37 17.94
C GLY C 341 10.95 34.02 18.33
N SER C 342 11.59 33.95 19.49
CA SER C 342 12.10 32.69 20.03
C SER C 342 11.65 32.55 21.48
N THR C 343 11.47 31.30 21.91
CA THR C 343 11.01 31.01 23.26
C THR C 343 11.83 29.88 23.86
N ALA C 344 11.91 29.88 25.19
CA ALA C 344 12.59 28.83 25.94
C ALA C 344 11.81 28.55 27.21
N THR C 345 12.00 27.35 27.76
CA THR C 345 11.26 26.89 28.92
C THR C 345 12.16 26.93 30.15
N PHE C 346 11.69 27.59 31.19
CA PHE C 346 12.38 27.65 32.48
C PHE C 346 11.66 26.70 33.44
N ASP C 347 12.41 25.76 34.00
CA ASP C 347 11.84 24.67 34.79
C ASP C 347 11.96 24.91 36.30
N GLY C 348 11.81 26.15 36.75
CA GLY C 348 11.91 26.44 38.16
C GLY C 348 10.66 27.03 38.76
N LEU C 349 10.74 27.47 40.01
CA LEU C 349 9.61 28.05 40.72
C LEU C 349 9.64 29.57 40.77
N ASN C 350 10.83 30.16 40.85
CA ASN C 350 10.97 31.61 40.92
C ASN C 350 11.56 32.13 39.61
N PRO C 351 10.88 33.03 38.90
CA PRO C 351 11.43 33.53 37.63
C PRO C 351 12.58 34.49 37.81
N ALA C 352 12.87 34.93 39.04
CA ALA C 352 13.99 35.83 39.30
C ALA C 352 15.31 35.09 39.47
N ASP C 353 15.36 33.81 39.09
CA ASP C 353 16.59 33.03 39.19
C ASP C 353 17.01 32.46 37.84
N TYR C 354 16.45 32.96 36.74
CA TYR C 354 16.81 32.47 35.42
C TYR C 354 18.02 33.23 34.87
N LYS C 355 19.00 32.49 34.38
CA LYS C 355 20.14 33.08 33.70
C LYS C 355 19.80 33.25 32.22
N VAL C 356 20.10 34.42 31.68
CA VAL C 356 19.84 34.73 30.28
C VAL C 356 21.04 34.27 29.46
N PRO C 357 20.86 33.38 28.49
CA PRO C 357 21.99 32.96 27.65
C PRO C 357 22.54 34.14 26.85
N THR C 358 23.86 34.12 26.63
CA THR C 358 24.50 35.18 25.88
C THR C 358 24.01 35.20 24.43
N GLY C 359 23.70 36.39 23.93
CA GLY C 359 23.19 36.55 22.60
C GLY C 359 21.68 36.64 22.49
N LYS C 360 20.96 36.62 23.62
CA LYS C 360 19.51 36.70 23.63
C LYS C 360 19.07 37.70 24.68
N VAL C 361 17.90 38.30 24.45
CA VAL C 361 17.30 39.25 25.38
C VAL C 361 15.80 38.98 25.43
N ILE C 362 15.24 39.04 26.63
CA ILE C 362 13.82 38.74 26.81
C ILE C 362 12.98 39.95 26.43
N ASP C 363 11.78 39.69 25.92
CA ASP C 363 10.84 40.76 25.57
C ASP C 363 9.95 41.02 26.78
N THR C 364 10.08 42.21 27.36
CA THR C 364 9.34 42.53 28.57
C THR C 364 7.85 42.66 28.32
N THR C 365 7.45 43.03 27.09
CA THR C 365 6.04 43.27 26.80
C THR C 365 5.21 42.01 26.94
N LYS C 366 5.71 40.89 26.40
CA LYS C 366 4.95 39.64 26.42
C LYS C 366 4.96 39.02 27.80
N GLY C 367 3.78 38.64 28.30
CA GLY C 367 3.68 38.00 29.59
C GLY C 367 4.09 38.92 30.73
N ARG C 368 4.48 38.30 31.83
CA ARG C 368 4.99 39.02 33.00
C ARG C 368 6.51 39.11 32.86
N ASN C 369 6.98 40.21 32.28
CA ASN C 369 8.40 40.46 32.07
C ASN C 369 9.05 39.35 31.26
N GLY C 370 8.33 38.85 30.25
CA GLY C 370 8.83 37.81 29.40
C GLY C 370 8.65 36.40 29.91
N PHE C 371 8.01 36.21 31.05
CA PHE C 371 7.83 34.90 31.66
C PHE C 371 6.35 34.57 31.72
N GLY C 372 5.95 33.53 31.00
CA GLY C 372 4.57 33.08 30.96
C GLY C 372 4.39 31.78 31.73
N PHE C 373 3.45 31.81 32.67
CA PHE C 373 3.16 30.63 33.47
C PHE C 373 2.55 29.53 32.61
N ASN C 374 3.04 28.30 32.78
CA ASN C 374 2.51 27.14 32.10
C ASN C 374 1.44 26.51 32.97
N ASN C 375 0.21 26.43 32.45
CA ASN C 375 -0.90 25.91 33.23
C ASN C 375 -0.68 24.43 33.55
N LEU C 376 -1.18 24.02 34.72
CA LEU C 376 -0.96 22.68 35.23
C LEU C 376 -2.18 21.77 35.10
N ALA C 377 -3.35 22.33 34.83
CA ALA C 377 -4.55 21.52 34.72
C ALA C 377 -4.50 20.63 33.48
N ARG C 378 -4.97 19.39 33.63
CA ARG C 378 -5.07 18.44 32.53
C ARG C 378 -6.51 17.96 32.42
N TYR C 379 -7.01 17.87 31.20
CA TYR C 379 -8.39 17.50 30.95
C TYR C 379 -8.45 16.42 29.88
N LYS C 380 -9.25 15.40 30.12
CA LYS C 380 -9.57 14.38 29.13
C LYS C 380 -11.10 14.37 29.01
N GLU C 381 -11.61 14.94 27.92
CA GLU C 381 -13.05 15.08 27.76
C GLU C 381 -13.69 13.72 27.57
N GLY C 382 -14.86 13.54 28.18
CA GLY C 382 -15.55 12.27 28.14
C GLY C 382 -15.93 11.82 26.74
N SER C 383 -15.48 10.63 26.37
CA SER C 383 -15.78 10.09 25.05
C SER C 383 -15.54 8.59 25.05
N THR C 384 -16.35 7.88 24.27
CA THR C 384 -16.17 6.44 24.07
C THR C 384 -15.44 6.21 22.75
N ASP C 385 -14.49 5.28 22.78
CA ASP C 385 -13.59 5.04 21.65
C ASP C 385 -13.79 3.62 21.14
N ILE C 386 -14.06 3.49 19.85
CA ILE C 386 -14.16 2.20 19.19
C ILE C 386 -13.01 2.09 18.21
N GLY C 387 -12.13 1.12 18.43
CA GLY C 387 -10.96 0.90 17.58
C GLY C 387 -11.06 -0.44 16.89
N ILE C 388 -10.91 -0.42 15.57
CA ILE C 388 -11.00 -1.61 14.73
C ILE C 388 -9.65 -1.81 14.07
N SER C 389 -9.08 -3.01 14.23
CA SER C 389 -7.83 -3.37 13.59
C SER C 389 -7.95 -4.81 13.10
N LEU C 390 -7.10 -5.16 12.14
CA LEU C 390 -7.14 -6.49 11.54
C LEU C 390 -5.74 -6.88 11.10
N GLY C 391 -5.49 -8.18 11.09
CA GLY C 391 -4.20 -8.69 10.65
C GLY C 391 -4.34 -10.11 10.16
N PHE C 392 -3.48 -10.47 9.20
CA PHE C 392 -3.45 -11.82 8.64
C PHE C 392 -2.17 -12.50 9.10
N ASP C 393 -2.31 -13.70 9.66
CA ASP C 393 -1.17 -14.50 10.10
C ASP C 393 -1.17 -15.83 9.36
N THR C 394 -0.04 -16.17 8.78
CA THR C 394 0.11 -17.43 8.07
C THR C 394 0.54 -18.54 9.05
N SER C 395 0.62 -19.76 8.52
CA SER C 395 1.06 -20.89 9.32
C SER C 395 2.58 -20.87 9.46
N GLY C 396 3.11 -21.89 10.12
CA GLY C 396 4.54 -21.94 10.39
C GLY C 396 5.30 -22.97 9.58
N GLN C 397 4.72 -23.43 8.47
CA GLN C 397 5.40 -24.42 7.64
C GLN C 397 6.63 -23.85 6.94
N PHE C 398 6.70 -22.53 6.77
CA PHE C 398 7.84 -21.90 6.10
C PHE C 398 8.93 -21.58 7.12
N SER C 399 9.52 -22.67 7.64
CA SER C 399 10.58 -22.55 8.63
C SER C 399 11.73 -23.50 8.32
N GLN C 400 11.93 -23.82 7.04
CA GLN C 400 13.00 -24.72 6.65
C GLN C 400 13.30 -24.52 5.17
N VAL C 401 14.58 -24.56 4.81
CA VAL C 401 15.02 -24.40 3.43
C VAL C 401 15.97 -25.53 3.09
N THR C 402 16.14 -25.76 1.79
CA THR C 402 17.05 -26.78 1.29
C THR C 402 17.98 -26.17 0.25
N SER C 403 19.16 -26.74 0.13
CA SER C 403 20.18 -26.20 -0.77
C SER C 403 19.82 -26.49 -2.22
N GLY C 404 20.52 -25.80 -3.12
CA GLY C 404 20.30 -25.97 -4.54
C GLY C 404 21.62 -26.11 -5.28
N THR C 405 21.52 -26.61 -6.51
CA THR C 405 22.70 -26.83 -7.32
C THR C 405 23.32 -25.51 -7.76
N GLY C 406 24.64 -25.53 -7.96
CA GLY C 406 25.34 -24.35 -8.39
C GLY C 406 26.77 -24.68 -8.79
N GLY C 407 27.43 -23.70 -9.38
CA GLY C 407 28.81 -23.87 -9.81
C GLY C 407 29.03 -23.49 -11.26
N SER C 408 30.26 -23.16 -11.62
CA SER C 408 30.60 -22.77 -12.98
C SER C 408 31.50 -23.81 -13.65
N LEU C 409 32.65 -24.13 -13.04
CA LEU C 409 33.50 -25.18 -13.58
C LEU C 409 32.86 -26.56 -13.46
N PHE C 410 31.87 -26.71 -12.58
CA PHE C 410 31.21 -27.99 -12.36
C PHE C 410 29.83 -27.72 -11.78
N SER C 411 28.99 -28.75 -11.81
CA SER C 411 27.65 -28.67 -11.26
C SER C 411 27.54 -29.67 -10.11
N THR C 412 27.09 -29.18 -8.95
CA THR C 412 26.90 -30.00 -7.76
C THR C 412 25.48 -30.54 -7.71
N ALA C 413 25.33 -31.65 -6.97
CA ALA C 413 24.02 -32.24 -6.79
C ALA C 413 23.20 -31.39 -5.82
N GLY C 414 21.94 -31.14 -6.18
CA GLY C 414 21.09 -30.32 -5.35
C GLY C 414 20.49 -31.08 -4.19
N ARG C 415 19.85 -30.32 -3.28
CA ARG C 415 19.12 -30.87 -2.14
C ARG C 415 20.02 -31.75 -1.27
N LEU C 416 21.20 -31.22 -0.92
CA LEU C 416 22.14 -31.94 -0.09
C LEU C 416 22.09 -31.53 1.38
N GLN C 417 21.44 -30.42 1.70
CA GLN C 417 21.43 -29.91 3.07
C GLN C 417 20.11 -29.19 3.33
N VAL C 418 19.60 -29.33 4.54
CA VAL C 418 18.39 -28.63 4.98
C VAL C 418 18.75 -27.74 6.16
N ASN C 419 18.36 -26.47 6.08
CA ASN C 419 18.71 -25.48 7.09
C ASN C 419 17.44 -24.94 7.74
N GLN C 420 17.43 -24.90 9.07
CA GLN C 420 16.31 -24.35 9.81
C GLN C 420 16.47 -22.84 9.95
N ILE C 421 15.42 -22.11 9.60
CA ILE C 421 15.42 -20.66 9.64
C ILE C 421 14.26 -20.18 10.50
N ASP C 422 14.34 -18.92 10.90
CA ASP C 422 13.35 -18.31 11.79
C ASP C 422 12.80 -17.05 11.14
N LEU C 423 11.75 -17.21 10.33
CA LEU C 423 11.04 -16.09 9.75
C LEU C 423 9.67 -15.98 10.41
N ASN C 424 9.31 -14.77 10.83
CA ASN C 424 7.99 -14.46 11.36
C ASN C 424 7.42 -13.36 10.47
N PHE C 425 6.61 -13.74 9.48
CA PHE C 425 6.08 -12.79 8.51
C PHE C 425 4.57 -12.92 8.45
N GLY C 426 3.93 -11.83 8.04
CA GLY C 426 2.49 -11.78 7.91
C GLY C 426 2.07 -10.39 7.46
N LEU C 427 0.83 -10.31 6.99
CA LEU C 427 0.28 -9.06 6.51
C LEU C 427 -0.32 -8.26 7.66
N VAL C 428 -0.10 -6.95 7.63
CA VAL C 428 -0.61 -6.04 8.64
C VAL C 428 -1.32 -4.90 7.93
N THR C 429 -2.30 -4.29 8.61
CA THR C 429 -3.13 -3.26 8.02
C THR C 429 -2.71 -1.85 8.40
N GLY C 430 -1.67 -1.70 9.23
CA GLY C 430 -1.24 -0.37 9.63
C GLY C 430 0.13 -0.41 10.25
N LEU C 431 0.70 0.78 10.43
CA LEU C 431 2.02 0.94 11.00
C LEU C 431 1.93 1.42 12.44
N PRO C 432 2.79 0.94 13.32
CA PRO C 432 2.83 1.47 14.68
C PRO C 432 3.44 2.87 14.70
N SER C 433 3.19 3.57 15.81
CA SER C 433 3.78 4.90 15.98
C SER C 433 5.29 4.85 16.12
N ASP C 434 5.87 3.67 16.36
CA ASP C 434 7.31 3.54 16.55
C ASP C 434 8.05 3.39 15.24
N ALA C 435 7.35 3.18 14.13
CA ALA C 435 8.00 2.96 12.85
C ALA C 435 8.62 4.26 12.32
N TYR C 436 9.60 4.10 11.44
CA TYR C 436 10.27 5.23 10.81
C TYR C 436 10.89 4.77 9.50
N VAL C 437 11.40 5.74 8.74
CA VAL C 437 12.08 5.48 7.47
C VAL C 437 13.57 5.71 7.70
N ASP C 438 14.35 4.63 7.59
CA ASP C 438 15.79 4.68 7.81
C ASP C 438 16.49 4.89 6.47
N THR C 439 17.02 6.10 6.26
CA THR C 439 17.64 6.45 4.99
C THR C 439 19.14 6.17 4.96
N ASN C 440 19.83 6.34 6.09
CA ASN C 440 21.28 6.17 6.12
C ASN C 440 21.71 4.73 6.36
N GLY C 441 20.78 3.83 6.66
CA GLY C 441 21.10 2.42 6.77
C GLY C 441 21.76 1.98 8.05
N ASN C 442 21.86 2.86 9.06
CA ASN C 442 22.52 2.48 10.30
C ASN C 442 21.65 1.62 11.20
N GLY C 443 20.36 1.48 10.88
CA GLY C 443 19.46 0.71 11.72
C GLY C 443 18.91 1.43 12.91
N LYS C 444 19.09 2.75 13.01
CA LYS C 444 18.59 3.53 14.12
C LYS C 444 17.85 4.75 13.59
N LYS C 445 16.93 5.26 14.39
CA LYS C 445 16.14 6.43 14.03
C LYS C 445 16.92 7.69 14.40
N ASP C 446 17.59 8.28 13.41
CA ASP C 446 18.31 9.52 13.63
C ASP C 446 17.34 10.70 13.65
N ASP C 447 17.85 11.88 13.96
CA ASP C 447 17.03 13.08 14.01
C ASP C 447 16.71 13.55 12.60
N GLY C 448 15.44 13.83 12.34
CA GLY C 448 14.99 14.32 11.07
C GLY C 448 14.37 13.27 10.16
N GLU C 449 14.62 11.99 10.43
CA GLU C 449 14.05 10.93 9.60
C GLU C 449 12.54 10.87 9.81
N ALA C 450 11.80 10.77 8.71
CA ALA C 450 10.35 10.84 8.75
C ALA C 450 9.76 9.64 9.47
N THR C 451 8.69 9.88 10.23
CA THR C 451 8.00 8.80 10.92
C THR C 451 7.24 7.94 9.93
N GLY C 452 6.88 6.73 10.38
CA GLY C 452 6.19 5.79 9.51
C GLY C 452 4.81 6.28 9.09
N ARG C 453 4.04 6.80 10.05
CA ARG C 453 2.69 7.27 9.75
C ARG C 453 2.66 8.60 9.03
N GLY C 454 3.76 9.35 9.05
CA GLY C 454 3.80 10.63 8.36
C GLY C 454 4.00 10.53 6.87
N THR C 455 4.54 9.40 6.39
CA THR C 455 4.75 9.22 4.95
C THR C 455 3.60 8.48 4.28
N TYR C 456 2.96 7.56 4.99
CA TYR C 456 1.80 6.82 4.48
C TYR C 456 0.58 7.31 5.24
N LEU C 457 -0.06 8.34 4.70
CA LEU C 457 -1.22 8.93 5.35
C LEU C 457 -2.38 7.94 5.37
N GLY C 458 -3.07 7.88 6.50
CA GLY C 458 -4.15 6.93 6.69
C GLY C 458 -3.73 5.58 7.24
N SER C 459 -2.46 5.39 7.53
CA SER C 459 -1.96 4.12 8.06
C SER C 459 -2.07 4.02 9.57
N GLY C 460 -2.55 5.06 10.24
CA GLY C 460 -2.70 5.03 11.67
C GLY C 460 -2.82 6.42 12.24
N GLY C 461 -3.04 6.46 13.56
CA GLY C 461 -3.16 7.72 14.27
C GLY C 461 -4.54 8.32 14.14
N THR C 462 -4.69 9.52 14.73
CA THR C 462 -5.94 10.25 14.67
C THR C 462 -5.95 11.26 13.54
N ALA C 463 -4.80 11.84 13.21
CA ALA C 463 -4.71 12.77 12.10
C ALA C 463 -4.62 12.03 10.78
N ALA C 464 -5.17 12.66 9.73
CA ALA C 464 -5.08 12.16 8.35
C ALA C 464 -5.70 10.76 8.24
N ILE C 465 -7.00 10.71 8.47
CA ILE C 465 -7.77 9.49 8.26
C ILE C 465 -8.25 9.48 6.82
N LEU C 466 -7.74 8.54 6.03
CA LEU C 466 -8.14 8.40 4.64
C LEU C 466 -9.46 7.64 4.61
N ARG C 467 -10.53 8.31 4.18
CA ARG C 467 -11.86 7.74 4.23
C ARG C 467 -12.65 8.15 3.00
N ASP C 468 -13.95 7.89 3.03
CA ASP C 468 -14.85 8.03 1.91
C ASP C 468 -16.22 8.33 2.51
N PRO C 469 -16.95 9.31 1.98
CA PRO C 469 -18.35 9.47 2.38
C PRO C 469 -19.13 8.19 2.12
N ALA C 470 -20.18 8.00 2.92
CA ALA C 470 -20.94 6.75 3.12
C ALA C 470 -20.20 5.81 4.07
N GLY C 471 -19.23 6.31 4.84
CA GLY C 471 -18.69 5.59 5.97
C GLY C 471 -17.48 4.72 5.71
N ASN C 472 -17.06 4.57 4.45
CA ASN C 472 -15.93 3.70 4.16
C ASN C 472 -14.63 4.30 4.67
N VAL C 473 -13.76 3.44 5.19
CA VAL C 473 -12.43 3.84 5.68
C VAL C 473 -11.40 2.91 5.04
N TYR C 474 -10.34 3.49 4.52
CA TYR C 474 -9.29 2.75 3.82
C TYR C 474 -7.98 2.85 4.58
N ARG C 475 -7.29 1.71 4.69
CA ARG C 475 -5.97 1.64 5.30
C ARG C 475 -5.06 0.81 4.41
N PRO C 476 -3.83 1.26 4.15
CA PRO C 476 -2.92 0.47 3.31
C PRO C 476 -2.52 -0.83 3.98
N VAL C 477 -2.21 -1.82 3.15
CA VAL C 477 -1.80 -3.14 3.60
C VAL C 477 -0.30 -3.27 3.45
N PHE C 478 0.38 -3.68 4.51
CA PHE C 478 1.83 -3.81 4.54
C PHE C 478 2.24 -5.25 4.79
N PHE C 479 3.47 -5.58 4.39
CA PHE C 479 4.04 -6.90 4.60
C PHE C 479 5.13 -6.77 5.67
N ARG C 480 4.88 -7.36 6.83
CA ARG C 480 5.78 -7.28 7.97
C ARG C 480 6.54 -8.59 8.13
N PHE C 481 7.85 -8.50 8.31
CA PHE C 481 8.67 -9.69 8.52
C PHE C 481 9.86 -9.33 9.41
N LYS C 482 10.44 -10.36 10.02
CA LYS C 482 11.61 -10.19 10.86
C LYS C 482 12.36 -11.51 10.91
N ASN C 483 13.60 -11.52 10.44
CA ASN C 483 14.42 -12.72 10.44
C ASN C 483 15.39 -12.66 11.62
N ALA C 484 15.36 -13.70 12.45
CA ALA C 484 16.28 -13.81 13.58
C ALA C 484 17.44 -14.75 13.27
N THR C 485 17.54 -15.25 12.04
CA THR C 485 18.59 -16.17 11.64
C THR C 485 19.55 -15.46 10.68
N THR C 486 20.85 -15.60 10.95
CA THR C 486 21.88 -15.03 10.10
C THR C 486 22.99 -16.02 9.74
N GLN C 487 23.06 -17.17 10.39
CA GLN C 487 24.06 -18.18 10.11
C GLN C 487 23.48 -19.28 9.23
N PHE C 488 24.35 -19.96 8.49
CA PHE C 488 23.94 -21.05 7.62
C PHE C 488 25.03 -22.12 7.63
N SER C 489 24.86 -23.13 8.48
CA SER C 489 25.84 -24.18 8.63
C SER C 489 25.58 -25.29 7.61
N VAL C 490 26.61 -25.62 6.85
CA VAL C 490 26.51 -26.67 5.84
C VAL C 490 27.49 -27.79 6.20
N GLY C 491 27.15 -28.99 5.79
CA GLY C 491 27.98 -30.15 6.03
C GLY C 491 27.71 -30.81 7.38
N ASN C 492 28.26 -32.01 7.52
CA ASN C 492 28.18 -32.79 8.74
C ASN C 492 29.58 -33.19 9.16
N ASN C 493 29.68 -33.88 10.29
CA ASN C 493 30.99 -34.23 10.83
C ASN C 493 31.78 -35.04 9.80
N PRO C 494 33.11 -34.86 9.73
CA PRO C 494 33.94 -34.02 10.59
C PRO C 494 33.88 -32.51 10.32
N VAL C 495 33.76 -32.12 9.06
CA VAL C 495 33.94 -30.73 8.64
C VAL C 495 32.59 -30.03 8.57
N ILE C 496 32.45 -28.93 9.30
CA ILE C 496 31.24 -28.10 9.28
C ILE C 496 31.66 -26.68 8.97
N VAL C 497 31.00 -26.08 7.97
CA VAL C 497 31.32 -24.72 7.52
C VAL C 497 30.09 -23.85 7.75
N THR C 498 30.30 -22.68 8.34
CA THR C 498 29.23 -21.76 8.69
C THR C 498 29.45 -20.43 7.99
N LEU C 499 28.41 -19.92 7.33
CA LEU C 499 28.43 -18.62 6.67
C LEU C 499 27.41 -17.73 7.38
N GLY C 500 27.86 -16.58 7.88
CA GLY C 500 27.00 -15.75 8.69
C GLY C 500 27.27 -14.27 8.47
N GLN C 501 26.51 -13.45 9.19
CA GLN C 501 26.52 -12.01 9.02
C GLN C 501 27.17 -11.24 10.17
N GLN C 502 27.19 -11.81 11.37
CA GLN C 502 27.94 -11.21 12.48
C GLN C 502 28.51 -12.39 13.27
N GLN C 503 29.73 -12.79 12.90
CA GLN C 503 30.28 -14.06 13.35
C GLN C 503 30.82 -13.93 14.76
N LYS C 504 30.39 -14.84 15.64
CA LYS C 504 30.86 -14.90 17.01
C LYS C 504 31.85 -16.06 17.15
N PHE C 505 33.04 -15.77 17.68
CA PHE C 505 34.07 -16.78 17.82
C PHE C 505 34.95 -16.41 19.01
N TYR C 506 35.71 -17.40 19.47
CA TYR C 506 36.50 -17.25 20.70
C TYR C 506 37.67 -18.22 20.63
N PHE C 507 38.89 -17.67 20.53
CA PHE C 507 40.09 -18.48 20.54
C PHE C 507 40.60 -18.74 21.95
N SER C 508 40.86 -17.66 22.69
CA SER C 508 41.31 -17.77 24.07
C SER C 508 40.93 -16.50 24.82
N ASP C 509 41.35 -16.42 26.08
CA ASP C 509 40.96 -15.28 26.92
C ASP C 509 41.56 -13.98 26.41
N TYR C 510 42.86 -13.96 26.16
CA TYR C 510 43.57 -12.74 25.78
C TYR C 510 43.73 -12.58 24.28
N VAL C 511 43.34 -13.57 23.48
CA VAL C 511 43.59 -13.56 22.05
C VAL C 511 42.29 -13.82 21.30
N PHE C 512 41.86 -12.85 20.50
CA PHE C 512 40.91 -13.08 19.41
C PHE C 512 39.56 -13.55 19.94
N ASP C 513 39.12 -12.96 21.05
CA ASP C 513 37.87 -13.29 21.72
C ASP C 513 36.81 -12.29 21.27
N ASN C 514 35.89 -12.74 20.42
CA ASN C 514 34.86 -11.87 19.85
C ASN C 514 33.51 -12.58 19.86
N ASN C 515 33.15 -13.17 21.00
CA ASN C 515 31.91 -13.93 21.11
C ASN C 515 30.79 -13.15 21.80
N TYR C 516 30.94 -11.84 21.96
CA TYR C 516 29.90 -11.04 22.59
C TYR C 516 28.95 -10.45 21.56
N ASP C 517 29.47 -9.66 20.63
CA ASP C 517 28.67 -9.10 19.54
C ASP C 517 29.12 -9.52 18.15
N GLY C 518 30.33 -10.04 18.00
CA GLY C 518 30.84 -10.44 16.70
C GLY C 518 31.71 -9.36 16.08
N ARG C 519 32.28 -9.71 14.93
CA ARG C 519 33.18 -8.81 14.20
C ARG C 519 32.61 -8.37 12.86
N GLY C 520 32.27 -9.31 11.98
CA GLY C 520 31.78 -8.93 10.68
C GLY C 520 31.47 -10.11 9.80
N ASP C 521 31.41 -9.84 8.50
CA ASP C 521 30.92 -10.80 7.52
C ASP C 521 32.03 -11.73 7.07
N GLY C 522 31.79 -13.05 7.18
CA GLY C 522 32.77 -14.01 6.76
C GLY C 522 32.31 -15.46 6.87
N PHE C 523 33.21 -16.37 7.20
CA PHE C 523 32.85 -17.77 7.34
C PHE C 523 33.74 -18.41 8.40
N THR C 524 33.28 -19.54 8.93
CA THR C 524 33.99 -20.29 9.95
C THR C 524 33.94 -21.78 9.62
N VAL C 525 35.08 -22.45 9.69
CA VAL C 525 35.19 -23.87 9.43
C VAL C 525 35.70 -24.57 10.67
N THR C 526 35.10 -25.71 11.00
CA THR C 526 35.49 -26.50 12.16
C THR C 526 35.72 -27.95 11.72
N VAL C 527 36.89 -28.47 12.04
CA VAL C 527 37.25 -29.86 11.72
C VAL C 527 37.45 -30.59 13.03
N ASP C 528 36.68 -31.66 13.23
CA ASP C 528 36.73 -32.46 14.45
C ASP C 528 37.21 -33.86 14.11
N GLY C 529 38.29 -34.29 14.75
CA GLY C 529 38.88 -35.58 14.45
C GLY C 529 38.72 -36.60 15.55
N SER C 530 37.54 -36.65 16.16
CA SER C 530 37.28 -37.63 17.21
C SER C 530 37.32 -39.05 16.65
N ASN C 531 36.80 -39.24 15.44
CA ASN C 531 36.77 -40.55 14.79
C ASN C 531 37.90 -40.62 13.79
N VAL C 532 38.99 -41.30 14.15
CA VAL C 532 40.17 -41.47 13.32
C VAL C 532 41.00 -42.56 13.98
N PRO C 533 41.66 -43.45 13.23
CA PRO C 533 42.31 -44.62 13.86
C PRO C 533 43.35 -44.32 14.92
N VAL C 534 44.39 -43.56 14.57
CA VAL C 534 45.54 -43.42 15.47
C VAL C 534 45.31 -42.38 16.56
N ILE C 535 44.78 -41.21 16.21
CA ILE C 535 44.66 -40.11 17.15
C ILE C 535 43.20 -39.82 17.51
N GLY C 536 42.34 -40.85 17.46
CA GLY C 536 40.94 -40.65 17.82
C GLY C 536 40.70 -40.48 19.29
N ALA C 537 41.62 -40.95 20.13
CA ALA C 537 41.46 -40.85 21.58
C ALA C 537 41.85 -39.48 22.12
N TRP C 538 42.58 -38.68 21.35
CA TRP C 538 43.02 -37.36 21.79
C TRP C 538 42.07 -36.25 21.38
N LYS C 539 41.05 -36.56 20.59
CA LYS C 539 40.03 -35.60 20.17
C LYS C 539 40.63 -34.33 19.55
N PRO C 540 41.36 -34.43 18.45
CA PRO C 540 41.88 -33.22 17.79
C PRO C 540 40.76 -32.37 17.21
N GLN C 541 41.04 -31.09 17.09
CA GLN C 541 40.05 -30.14 16.56
C GLN C 541 40.79 -28.94 16.00
N ILE C 542 40.39 -28.50 14.81
CA ILE C 542 40.99 -27.36 14.13
C ILE C 542 39.89 -26.39 13.73
N LYS C 543 40.10 -25.11 14.02
CA LYS C 543 39.14 -24.06 13.68
C LYS C 543 39.77 -23.10 12.68
N GLY C 544 38.92 -22.50 11.86
CA GLY C 544 39.36 -21.51 10.89
C GLY C 544 38.39 -20.35 10.80
N VAL C 545 38.89 -19.13 10.70
CA VAL C 545 38.05 -17.94 10.73
C VAL C 545 38.52 -16.96 9.67
N TYR C 546 37.57 -16.41 8.90
CA TYR C 546 37.84 -15.32 7.99
C TYR C 546 36.64 -14.37 8.02
N GLY C 547 36.89 -13.09 7.79
CA GLY C 547 35.80 -12.14 7.76
C GLY C 547 36.29 -10.74 7.49
N SER C 548 35.34 -9.86 7.23
CA SER C 548 35.58 -8.43 7.05
C SER C 548 34.84 -7.67 8.14
N ARG C 549 35.53 -6.74 8.78
CA ARG C 549 34.99 -6.03 9.92
C ARG C 549 33.76 -5.22 9.53
N SER C 550 32.60 -5.59 10.10
CA SER C 550 31.34 -4.86 9.99
C SER C 550 30.79 -4.82 8.57
N GLY C 551 31.35 -5.58 7.64
CA GLY C 551 30.86 -5.54 6.27
C GLY C 551 31.05 -4.16 5.67
N LEU C 552 29.99 -3.63 5.07
CA LEU C 552 30.05 -2.27 4.53
C LEU C 552 30.19 -1.26 5.67
N ASP C 553 31.15 -0.36 5.52
CA ASP C 553 31.40 0.68 6.50
C ASP C 553 31.71 1.98 5.78
N GLY C 554 31.43 3.09 6.45
CA GLY C 554 31.79 4.38 5.91
C GLY C 554 33.28 4.61 5.97
N THR C 555 33.73 5.63 5.22
CA THR C 555 35.16 5.91 5.17
C THR C 555 35.71 6.37 6.52
N ALA C 556 34.87 6.87 7.41
CA ALA C 556 35.29 7.36 8.71
C ALA C 556 35.13 6.34 9.82
N GLU C 557 34.66 5.13 9.52
CA GLU C 557 34.48 4.10 10.52
C GLU C 557 35.72 3.23 10.61
N ALA C 558 35.93 2.64 11.79
CA ALA C 558 37.13 1.87 12.06
C ALA C 558 37.21 0.59 11.23
N GLY C 559 36.08 0.10 10.72
CA GLY C 559 36.10 -1.16 10.00
C GLY C 559 35.94 -1.01 8.50
N TYR C 560 36.57 0.01 7.93
CA TYR C 560 36.54 0.22 6.48
C TYR C 560 37.77 -0.44 5.88
N GLY C 561 37.55 -1.49 5.10
CA GLY C 561 38.66 -2.21 4.48
C GLY C 561 39.58 -2.90 5.48
N VAL C 562 39.03 -3.54 6.50
CA VAL C 562 39.80 -4.23 7.51
C VAL C 562 39.33 -5.68 7.57
N TYR C 563 40.27 -6.61 7.48
CA TYR C 563 39.97 -8.04 7.38
C TYR C 563 40.77 -8.80 8.41
N TYR C 564 40.18 -9.86 8.96
CA TYR C 564 40.82 -10.69 9.96
C TYR C 564 40.84 -12.14 9.51
N ARG C 565 41.74 -12.92 10.12
CA ARG C 565 41.87 -14.34 9.81
C ARG C 565 42.59 -15.02 10.98
N GLY C 566 42.30 -16.30 11.16
CA GLY C 566 42.90 -17.04 12.26
C GLY C 566 42.71 -18.53 12.10
N VAL C 567 43.42 -19.28 12.94
CA VAL C 567 43.37 -20.73 12.94
C VAL C 567 43.87 -21.22 14.29
N ARG C 568 43.23 -22.29 14.79
CA ARG C 568 43.56 -22.83 16.10
C ARG C 568 43.51 -24.35 16.07
N ALA C 569 44.53 -24.99 16.64
CA ALA C 569 44.57 -26.42 16.81
C ALA C 569 44.40 -26.76 18.30
N GLN C 570 44.06 -28.02 18.57
CA GLN C 570 43.70 -28.40 19.93
C GLN C 570 43.70 -29.92 20.07
N ILE C 571 44.17 -30.40 21.23
CA ILE C 571 44.10 -31.81 21.59
C ILE C 571 43.75 -31.92 23.07
N THR C 572 43.32 -33.11 23.47
CA THR C 572 42.98 -33.41 24.86
C THR C 572 43.65 -34.73 25.25
N PRO C 573 44.97 -34.71 25.49
CA PRO C 573 45.70 -35.96 25.70
C PRO C 573 45.24 -36.79 26.89
N VAL C 574 45.29 -36.22 28.08
CA VAL C 574 45.01 -36.96 29.32
C VAL C 574 43.93 -36.23 30.10
N GLY C 575 42.96 -36.99 30.61
CA GLY C 575 41.91 -36.42 31.43
C GLY C 575 41.14 -35.34 30.69
N THR C 576 40.88 -34.24 31.39
CA THR C 576 40.24 -33.07 30.81
C THR C 576 41.27 -32.07 30.29
N LEU C 577 42.55 -32.29 30.57
CA LEU C 577 43.61 -31.35 30.21
C LEU C 577 43.64 -31.07 28.72
N THR C 578 43.32 -29.84 28.33
CA THR C 578 43.21 -29.45 26.93
C THR C 578 44.32 -28.46 26.60
N ALA C 579 45.10 -28.78 25.57
CA ALA C 579 46.17 -27.93 25.09
C ALA C 579 45.89 -27.49 23.67
N GLY C 580 46.34 -26.28 23.32
CA GLY C 580 46.10 -25.76 22.00
C GLY C 580 47.00 -24.60 21.66
N ILE C 581 47.12 -24.32 20.36
CA ILE C 581 47.89 -23.20 19.85
C ILE C 581 47.04 -22.51 18.79
N HIS C 582 47.27 -21.21 18.61
CA HIS C 582 46.46 -20.45 17.68
C HIS C 582 47.27 -19.30 17.09
N TYR C 583 46.78 -18.77 15.98
CA TYR C 583 47.38 -17.66 15.27
C TYR C 583 46.27 -16.72 14.83
N ALA C 584 46.50 -15.41 14.99
CA ALA C 584 45.51 -14.41 14.64
C ALA C 584 46.16 -13.28 13.85
N GLN C 585 45.34 -12.58 13.07
CA GLN C 585 45.84 -11.55 12.18
C GLN C 585 44.69 -10.63 11.80
N GLU C 586 44.98 -9.33 11.71
CA GLU C 586 43.99 -8.36 11.22
C GLU C 586 44.74 -7.15 10.69
N GLY C 587 44.38 -6.72 9.48
CA GLY C 587 45.04 -5.59 8.88
C GLY C 587 44.22 -4.87 7.82
N ARG C 588 44.79 -3.82 7.25
CA ARG C 588 44.14 -3.03 6.21
C ARG C 588 44.56 -3.54 4.84
N ASP C 589 43.62 -3.53 3.89
CA ASP C 589 43.94 -3.81 2.52
C ASP C 589 44.41 -2.53 1.82
N MET C 590 44.63 -2.61 0.50
CA MET C 590 45.15 -1.46 -0.22
C MET C 590 44.15 -0.32 -0.31
N PHE C 591 42.85 -0.62 -0.18
CA PHE C 591 41.85 0.44 -0.16
C PHE C 591 41.64 0.97 1.25
N GLY C 592 41.71 0.09 2.25
CA GLY C 592 41.57 0.54 3.62
C GLY C 592 42.74 1.40 4.08
N ALA C 593 43.95 1.06 3.64
CA ALA C 593 45.14 1.76 4.09
C ALA C 593 45.20 3.21 3.60
N ALA C 594 44.34 3.61 2.67
CA ALA C 594 44.40 4.94 2.08
C ALA C 594 43.20 5.83 2.40
N GLN C 595 42.07 5.25 2.84
CA GLN C 595 40.86 6.03 3.05
C GLN C 595 40.19 5.75 4.39
N ASN C 596 40.85 5.04 5.31
CA ASN C 596 40.20 4.66 6.55
C ASN C 596 40.08 5.83 7.52
N THR C 597 40.99 6.80 7.43
CA THR C 597 41.02 8.05 8.23
C THR C 597 40.64 7.84 9.69
N THR C 598 41.07 6.73 10.28
CA THR C 598 40.81 6.45 11.69
C THR C 598 42.09 5.97 12.34
N SER C 599 41.99 5.46 13.56
CA SER C 599 43.14 5.06 14.35
C SER C 599 43.39 3.56 14.34
N THR C 600 42.75 2.82 13.43
CA THR C 600 42.96 1.39 13.34
C THR C 600 44.41 1.11 12.91
N PRO C 601 45.11 0.20 13.58
CA PRO C 601 46.50 -0.08 13.20
C PRO C 601 46.59 -0.69 11.81
N SER C 602 47.77 -0.54 11.20
CA SER C 602 47.99 -1.08 9.87
C SER C 602 47.81 -2.60 9.84
N ASP C 603 48.38 -3.30 10.82
CA ASP C 603 48.12 -4.72 10.96
C ASP C 603 48.49 -5.15 12.38
N VAL C 604 47.83 -6.22 12.84
CA VAL C 604 48.10 -6.83 14.14
C VAL C 604 48.32 -8.32 13.93
N THR C 605 49.41 -8.84 14.49
CA THR C 605 49.71 -10.26 14.42
C THR C 605 49.84 -10.80 15.83
N THR C 606 49.04 -11.81 16.16
CA THR C 606 49.01 -12.38 17.50
C THR C 606 49.01 -13.89 17.42
N TYR C 607 49.76 -14.53 18.31
CA TYR C 607 49.76 -15.98 18.43
C TYR C 607 50.08 -16.35 19.86
N GLY C 608 49.70 -17.56 20.25
CA GLY C 608 49.96 -17.99 21.61
C GLY C 608 49.53 -19.42 21.81
N ALA C 609 49.37 -19.78 23.09
CA ALA C 609 48.99 -21.13 23.47
C ALA C 609 48.33 -21.07 24.84
N ASP C 610 47.64 -22.16 25.19
CA ASP C 610 46.99 -22.25 26.49
C ASP C 610 46.91 -23.72 26.90
N LEU C 611 46.53 -23.94 28.16
CA LEU C 611 46.43 -25.30 28.71
C LEU C 611 45.41 -25.25 29.84
N HIS C 612 44.20 -25.70 29.56
CA HIS C 612 43.11 -25.69 30.53
C HIS C 612 42.58 -27.09 30.72
N GLY C 613 42.37 -27.48 31.97
CA GLY C 613 41.79 -28.78 32.25
C GLY C 613 42.11 -29.24 33.66
N LYS C 614 41.70 -30.47 33.94
CA LYS C 614 41.87 -31.10 35.25
C LYS C 614 42.47 -32.49 35.03
N ALA C 615 43.67 -32.72 35.55
CA ALA C 615 44.35 -34.00 35.39
C ALA C 615 44.95 -34.43 36.71
N PHE C 616 44.81 -35.73 37.02
CA PHE C 616 45.37 -36.34 38.22
C PHE C 616 44.86 -35.66 39.50
N GLY C 617 43.62 -35.22 39.48
CA GLY C 617 43.02 -34.58 40.63
C GLY C 617 43.44 -33.14 40.87
N VAL C 618 44.17 -32.54 39.95
CA VAL C 618 44.65 -31.17 40.07
C VAL C 618 44.15 -30.38 38.87
N GLU C 619 43.51 -29.24 39.12
CA GLU C 619 43.03 -28.37 38.07
C GLU C 619 44.07 -27.28 37.79
N LEU C 620 44.47 -27.16 36.54
CA LEU C 620 45.52 -26.23 36.14
C LEU C 620 45.08 -25.44 34.92
N HIS C 621 45.33 -24.13 34.96
CA HIS C 621 45.02 -23.23 33.86
C HIS C 621 46.23 -22.37 33.57
N SER C 622 46.49 -22.13 32.28
CA SER C 622 47.63 -21.32 31.87
C SER C 622 47.36 -20.77 30.49
N GLU C 623 48.11 -19.74 30.12
CA GLU C 623 47.97 -19.12 28.81
C GLU C 623 49.17 -18.21 28.55
N TYR C 624 49.68 -18.25 27.33
CA TYR C 624 50.73 -17.37 26.88
C TYR C 624 50.33 -16.76 25.55
N ALA C 625 50.66 -15.49 25.35
CA ALA C 625 50.24 -14.78 24.14
C ALA C 625 51.25 -13.69 23.82
N THR C 626 51.54 -13.52 22.53
CA THR C 626 52.46 -12.50 22.04
C THR C 626 51.79 -11.73 20.91
N SER C 627 51.98 -10.41 20.91
CA SER C 627 51.34 -9.54 19.93
C SER C 627 52.36 -8.59 19.31
N ARG C 628 52.09 -8.19 18.07
CA ARG C 628 52.92 -7.22 17.35
C ARG C 628 52.00 -6.28 16.60
N VAL C 629 52.01 -5.01 17.01
CA VAL C 629 51.11 -4.00 16.45
C VAL C 629 51.93 -2.99 15.67
N ARG C 630 51.53 -2.74 14.43
CA ARG C 630 52.16 -1.73 13.59
C ARG C 630 51.21 -0.55 13.43
N PRO C 631 51.54 0.63 13.92
CA PRO C 631 50.60 1.75 13.87
C PRO C 631 50.34 2.21 12.44
N ASN C 632 49.26 2.96 12.28
CA ASN C 632 48.84 3.45 10.97
C ASN C 632 49.75 4.55 10.44
N THR C 633 50.46 5.25 11.32
CA THR C 633 51.31 6.36 10.89
C THR C 633 52.46 5.87 10.01
N ALA C 634 52.99 6.78 9.20
CA ALA C 634 54.06 6.43 8.28
C ALA C 634 55.30 5.98 9.06
N ASN C 635 56.03 5.03 8.46
CA ASN C 635 57.30 4.48 8.91
C ASN C 635 57.41 4.40 10.44
N ALA C 636 56.38 3.87 11.08
CA ALA C 636 56.38 3.73 12.53
C ALA C 636 56.95 2.38 12.94
N ALA C 637 57.52 2.35 14.14
CA ALA C 637 58.11 1.12 14.66
C ALA C 637 57.04 0.15 15.14
N VAL C 638 57.38 -1.13 15.09
CA VAL C 638 56.46 -2.18 15.53
C VAL C 638 56.52 -2.30 17.04
N GLN C 639 55.36 -2.33 17.68
CA GLN C 639 55.27 -2.44 19.14
C GLN C 639 54.95 -3.87 19.51
N THR C 640 55.77 -4.45 20.38
CA THR C 640 55.61 -5.83 20.83
C THR C 640 55.15 -5.84 22.28
N SER C 641 54.10 -6.60 22.56
CA SER C 641 53.57 -6.73 23.91
C SER C 641 53.02 -8.14 24.08
N ASN C 642 53.33 -8.76 25.21
CA ASN C 642 52.96 -10.14 25.48
C ASN C 642 52.37 -10.27 26.87
N ALA C 643 51.53 -11.29 27.04
CA ALA C 643 50.85 -11.56 28.30
C ALA C 643 51.03 -13.03 28.65
N PHE C 644 51.01 -13.33 29.96
CA PHE C 644 51.22 -14.69 30.43
C PHE C 644 50.66 -14.83 31.83
N TYR C 645 50.08 -16.00 32.12
CA TYR C 645 49.63 -16.30 33.47
C TYR C 645 49.54 -17.81 33.62
N ALA C 646 49.51 -18.27 34.87
CA ALA C 646 49.47 -19.70 35.17
C ALA C 646 48.86 -19.90 36.55
N ARG C 647 47.68 -20.49 36.60
CA ARG C 647 46.95 -20.66 37.84
C ARG C 647 46.82 -22.14 38.20
N VAL C 648 46.54 -22.39 39.47
CA VAL C 648 46.08 -23.70 39.95
C VAL C 648 44.81 -23.42 40.74
N ALA C 649 43.67 -23.45 40.07
CA ALA C 649 42.41 -23.10 40.71
C ALA C 649 41.26 -23.67 39.88
N THR C 650 40.09 -23.73 40.51
CA THR C 650 38.90 -24.26 39.85
C THR C 650 38.24 -23.18 39.00
N ARG C 651 37.65 -23.60 37.88
CA ARG C 651 36.96 -22.70 36.97
C ARG C 651 35.57 -23.24 36.69
N LYS C 652 34.61 -22.34 36.59
CA LYS C 652 33.22 -22.71 36.35
C LYS C 652 32.91 -22.69 34.85
N ASP C 653 31.76 -23.26 34.50
CA ASP C 653 31.26 -23.15 33.13
C ASP C 653 30.99 -21.71 32.74
N ASN C 654 30.79 -20.83 33.72
CA ASN C 654 30.70 -19.40 33.49
C ASN C 654 32.02 -18.79 33.07
N LEU C 655 33.12 -19.56 33.15
CA LEU C 655 34.48 -19.13 32.82
C LEU C 655 35.03 -18.15 33.84
N ALA C 656 34.49 -18.14 35.06
CA ALA C 656 35.00 -17.36 36.16
C ALA C 656 35.54 -18.29 37.23
N PHE C 657 36.67 -17.92 37.83
CA PHE C 657 37.30 -18.77 38.83
C PHE C 657 36.51 -18.74 40.13
N ASP C 658 36.42 -19.91 40.78
CA ASP C 658 35.59 -20.03 41.98
C ASP C 658 36.32 -19.55 43.22
N LEU C 659 37.53 -20.07 43.46
CA LEU C 659 38.37 -19.73 44.60
C LEU C 659 37.75 -20.11 45.94
N ASN C 660 36.63 -20.85 45.93
CA ASN C 660 36.04 -21.37 47.15
C ASN C 660 36.08 -22.89 47.22
N THR C 661 36.23 -23.57 46.08
CA THR C 661 36.41 -25.02 46.02
C THR C 661 37.87 -25.35 45.79
N PRO C 662 38.47 -26.22 46.59
CA PRO C 662 39.91 -26.46 46.47
C PRO C 662 40.28 -27.02 45.11
N ALA C 663 41.45 -26.60 44.61
CA ALA C 663 41.96 -27.15 43.35
C ALA C 663 42.65 -28.48 43.57
N ALA C 664 43.49 -28.57 44.61
CA ALA C 664 44.18 -29.80 44.95
C ALA C 664 44.05 -30.03 46.45
N LYS C 665 43.62 -31.23 46.82
CA LYS C 665 43.39 -31.58 48.21
C LYS C 665 44.39 -32.66 48.64
N PHE C 666 44.27 -33.06 49.90
CA PHE C 666 45.10 -34.13 50.45
C PHE C 666 44.49 -34.56 51.78
N GLY C 667 44.51 -35.86 52.03
CA GLY C 667 43.92 -36.35 53.26
C GLY C 667 42.40 -36.29 53.23
N ASN C 668 41.81 -36.35 54.41
CA ASN C 668 40.36 -36.36 54.55
C ASN C 668 39.90 -35.24 55.49
N ASP C 669 38.61 -35.25 55.86
CA ASP C 669 38.07 -34.17 56.68
C ASP C 669 38.75 -34.05 58.03
N THR C 670 39.25 -35.17 58.57
CA THR C 670 39.93 -35.11 59.87
C THR C 670 41.27 -34.39 59.74
N PHE C 671 42.19 -34.94 58.96
CA PHE C 671 43.49 -34.34 58.70
C PHE C 671 43.57 -34.04 57.20
N GLY C 672 43.19 -32.83 56.82
CA GLY C 672 43.18 -32.44 55.42
C GLY C 672 43.86 -31.11 55.20
N VAL C 673 44.56 -31.00 54.07
CA VAL C 673 45.18 -29.77 53.63
C VAL C 673 44.78 -29.52 52.19
N SER C 674 44.17 -28.37 51.93
CA SER C 674 43.65 -28.05 50.60
C SER C 674 44.22 -26.74 50.12
N LEU C 675 44.48 -26.67 48.82
CA LEU C 675 44.99 -25.47 48.16
C LEU C 675 43.88 -24.88 47.31
N TYR C 676 43.62 -23.59 47.48
CA TYR C 676 42.56 -22.91 46.75
C TYR C 676 43.06 -22.14 45.54
N ASP C 677 44.27 -21.59 45.60
CA ASP C 677 44.79 -20.81 44.49
C ASP C 677 46.31 -20.72 44.60
N LEU C 678 46.96 -20.71 43.43
CA LEU C 678 48.40 -20.50 43.35
C LEU C 678 48.68 -20.06 41.93
N ASN C 679 49.08 -18.79 41.75
CA ASN C 679 49.13 -18.22 40.42
C ASN C 679 50.34 -17.31 40.28
N TYR C 680 50.72 -17.07 39.02
CA TYR C 680 51.74 -16.11 38.64
C TYR C 680 51.30 -15.46 37.33
N ARG C 681 51.52 -14.16 37.20
CA ARG C 681 51.03 -13.42 36.06
C ARG C 681 52.07 -12.40 35.62
N LYS C 682 52.01 -12.03 34.33
CA LYS C 682 52.83 -10.95 33.81
C LYS C 682 52.13 -10.38 32.57
N ILE C 683 51.47 -9.23 32.74
CA ILE C 683 50.76 -8.57 31.66
C ILE C 683 51.53 -7.32 31.28
N ASP C 684 51.79 -7.16 29.99
CA ASP C 684 52.55 -5.99 29.54
C ASP C 684 51.66 -4.75 29.52
N ALA C 685 52.31 -3.58 29.58
CA ALA C 685 51.57 -2.33 29.69
C ALA C 685 50.84 -2.00 28.39
N GLY C 686 51.33 -2.49 27.26
CA GLY C 686 50.75 -2.16 25.98
C GLY C 686 49.76 -3.18 25.46
N TYR C 687 49.28 -4.06 26.32
CA TYR C 687 48.34 -5.10 25.92
C TYR C 687 46.91 -4.63 26.22
N ASN C 688 46.07 -4.63 25.19
CA ASN C 688 44.68 -4.23 25.30
C ASN C 688 43.88 -5.02 24.28
N ASN C 689 42.65 -4.58 24.00
CA ASN C 689 41.82 -5.27 23.03
C ASN C 689 42.41 -5.19 21.63
N VAL C 690 43.04 -4.06 21.30
CA VAL C 690 43.63 -3.90 19.98
C VAL C 690 44.78 -4.90 19.79
N ALA C 691 45.64 -5.02 20.80
CA ALA C 691 46.78 -5.93 20.68
C ALA C 691 46.34 -7.39 20.69
N GLY C 692 45.20 -7.69 21.30
CA GLY C 692 44.66 -9.03 21.34
C GLY C 692 43.62 -9.34 20.28
N ILE C 693 43.25 -8.36 19.45
CA ILE C 693 42.23 -8.51 18.43
C ILE C 693 40.94 -9.00 19.06
N SER C 694 40.53 -8.36 20.15
CA SER C 694 39.28 -8.65 20.83
C SER C 694 38.33 -7.47 20.70
N GLU C 695 37.18 -7.57 21.37
CA GLU C 695 36.22 -6.49 21.36
C GLU C 695 36.47 -5.47 22.49
N TYR C 696 36.66 -5.96 23.71
CA TYR C 696 36.79 -5.10 24.87
C TYR C 696 38.12 -5.35 25.57
N GLY C 697 38.71 -4.29 26.10
CA GLY C 697 40.05 -4.32 26.62
C GLY C 697 40.17 -5.11 27.90
N TYR C 698 41.37 -5.09 28.46
CA TYR C 698 41.70 -5.88 29.64
C TYR C 698 42.06 -4.99 30.82
N GLY C 699 41.31 -3.90 30.99
CA GLY C 699 41.47 -3.07 32.17
C GLY C 699 40.72 -3.63 33.36
N SER C 700 40.97 -3.03 34.52
CA SER C 700 40.31 -3.47 35.75
C SER C 700 38.80 -3.28 35.65
N TYR C 701 38.06 -4.30 36.08
CA TYR C 701 36.60 -4.17 36.10
C TYR C 701 36.16 -3.07 37.06
N SER C 702 36.75 -3.03 38.25
CA SER C 702 36.55 -1.94 39.19
C SER C 702 37.88 -1.61 39.85
N ARG C 703 38.07 -0.34 40.16
CA ARG C 703 39.31 0.11 40.80
C ARG C 703 39.22 0.13 42.31
N THR C 704 38.07 -0.22 42.88
CA THR C 704 37.89 -0.24 44.33
C THR C 704 37.72 -1.64 44.90
N SER C 705 37.20 -2.59 44.12
CA SER C 705 37.02 -3.96 44.57
C SER C 705 37.63 -4.90 43.53
N ALA C 706 38.47 -5.82 44.00
CA ALA C 706 39.21 -6.74 43.13
C ALA C 706 39.93 -5.97 42.03
N GLN C 707 40.87 -5.13 42.47
CA GLN C 707 41.55 -4.20 41.57
C GLN C 707 42.40 -4.93 40.52
N ASN C 708 42.81 -6.16 40.78
CA ASN C 708 43.69 -6.90 39.89
C ASN C 708 42.94 -7.80 38.90
N ILE C 709 41.62 -7.80 38.93
CA ILE C 709 40.80 -8.75 38.16
C ILE C 709 40.13 -8.01 37.02
N ALA C 710 40.24 -8.56 35.81
CA ALA C 710 39.66 -7.97 34.61
C ALA C 710 38.36 -8.62 34.18
N TYR C 711 37.83 -9.56 34.96
CA TYR C 711 36.63 -10.29 34.56
C TYR C 711 35.44 -9.34 34.56
N ASN C 712 34.87 -9.09 33.39
CA ASN C 712 33.76 -8.15 33.23
C ASN C 712 32.54 -8.89 32.70
N PRO C 713 31.57 -9.22 33.54
CA PRO C 713 30.35 -9.87 33.05
C PRO C 713 29.57 -9.05 32.05
N ASP C 714 29.58 -7.72 32.18
CA ASP C 714 28.75 -6.88 31.32
C ASP C 714 29.23 -6.91 29.87
N THR C 715 30.54 -6.80 29.65
CA THR C 715 31.10 -6.77 28.31
C THR C 715 31.62 -8.13 27.86
N GLY C 716 31.41 -9.17 28.65
CA GLY C 716 31.83 -10.50 28.26
C GLY C 716 33.33 -10.70 28.16
N VAL C 717 34.09 -10.13 29.09
CA VAL C 717 35.53 -10.31 29.15
C VAL C 717 35.82 -11.39 30.20
N THR C 718 36.49 -12.47 29.78
CA THR C 718 36.79 -13.58 30.66
C THR C 718 38.25 -13.64 31.07
N ALA C 719 39.02 -12.60 30.79
CA ALA C 719 40.42 -12.59 31.17
C ALA C 719 40.53 -12.59 32.70
N PRO C 720 41.41 -13.40 33.29
CA PRO C 720 41.48 -13.46 34.76
C PRO C 720 42.23 -12.31 35.40
N PHE C 721 43.15 -11.67 34.69
CA PHE C 721 43.99 -10.63 35.28
C PHE C 721 43.96 -9.38 34.40
N ALA C 722 44.23 -8.24 35.02
CA ALA C 722 43.96 -6.94 34.43
C ALA C 722 45.24 -6.18 34.14
N ASN C 723 45.08 -5.10 33.37
CA ASN C 723 46.15 -4.15 33.08
C ASN C 723 45.94 -2.95 33.99
N LEU C 724 46.79 -2.83 35.01
CA LEU C 724 46.52 -1.90 36.10
C LEU C 724 46.67 -0.45 35.67
N ASP C 725 46.13 0.44 36.48
CA ASP C 725 46.19 1.87 36.27
C ASP C 725 46.86 2.53 37.46
N ARG C 726 47.71 3.52 37.20
CA ARG C 726 48.27 4.37 38.24
C ARG C 726 47.61 5.73 38.16
N GLN C 727 47.01 6.16 39.26
CA GLN C 727 46.22 7.39 39.27
C GLN C 727 47.00 8.52 39.93
N ALA C 728 46.67 9.74 39.54
CA ALA C 728 47.36 10.92 40.04
C ALA C 728 46.42 12.12 39.96
N TYR C 729 46.80 13.19 40.65
CA TYR C 729 45.99 14.40 40.65
C TYR C 729 45.99 15.04 39.26
N THR C 730 44.91 15.77 38.96
CA THR C 730 44.75 16.44 37.68
C THR C 730 44.59 17.94 37.91
N ASP C 731 45.33 18.74 37.14
CA ASP C 731 45.29 20.21 37.22
C ASP C 731 45.19 20.74 35.79
N ALA C 732 43.96 20.92 35.31
CA ALA C 732 43.76 21.35 33.93
C ALA C 732 43.99 22.85 33.78
N ASN C 733 43.22 23.66 34.50
CA ASN C 733 43.36 25.11 34.39
C ASN C 733 44.67 25.62 35.00
N ASN C 734 45.40 24.79 35.72
CA ASN C 734 46.73 25.13 36.24
C ASN C 734 46.68 26.34 37.16
N ASP C 735 45.89 26.24 38.22
CA ASP C 735 45.84 27.24 39.27
C ASP C 735 46.69 26.87 40.47
N GLY C 736 47.40 25.75 40.42
CA GLY C 736 48.16 25.26 41.55
C GLY C 736 47.39 24.34 42.47
N THR C 737 46.09 24.14 42.24
CA THR C 737 45.26 23.26 43.05
C THR C 737 44.69 22.16 42.17
N SER C 738 44.71 20.92 42.69
CA SER C 738 44.21 19.78 41.95
C SER C 738 42.71 19.91 41.71
N ASP C 739 42.29 19.59 40.48
CA ASP C 739 40.90 19.75 40.10
C ASP C 739 40.02 18.75 40.85
N ARG C 740 38.81 19.18 41.20
CA ARG C 740 37.81 18.35 41.83
C ARG C 740 36.48 18.54 41.14
N ASN C 741 35.63 17.52 41.21
CA ASN C 741 34.31 17.60 40.58
C ASN C 741 33.40 18.50 41.39
N ALA C 742 32.15 18.64 40.92
CA ALA C 742 31.19 19.50 41.59
C ALA C 742 30.81 18.96 42.97
N ASP C 743 30.82 17.64 43.14
CA ASP C 743 30.42 17.01 44.39
C ASP C 743 31.58 16.81 45.36
N GLY C 744 32.77 17.33 45.03
CA GLY C 744 33.93 17.19 45.88
C GLY C 744 34.81 16.00 45.57
N THR C 745 34.39 15.12 44.67
CA THR C 745 35.24 13.99 44.28
C THR C 745 36.42 14.48 43.46
N VAL C 746 37.57 13.83 43.64
CA VAL C 746 38.78 14.25 42.94
C VAL C 746 38.71 13.81 41.49
N VAL C 747 39.39 14.55 40.62
CA VAL C 747 39.53 14.21 39.21
C VAL C 747 40.91 13.60 39.01
N ALA C 748 40.95 12.37 38.49
CA ALA C 748 42.19 11.62 38.40
C ALA C 748 42.54 11.34 36.94
N THR C 749 43.83 11.23 36.68
CA THR C 749 44.35 10.85 35.38
C THR C 749 44.95 9.45 35.45
N ASN C 750 44.68 8.66 34.44
CA ASN C 750 45.03 7.24 34.43
C ASN C 750 46.13 6.98 33.42
N THR C 751 47.21 6.34 33.87
CA THR C 751 48.26 5.84 33.00
C THR C 751 48.30 4.33 33.10
N LYS C 752 48.67 3.68 32.01
CA LYS C 752 48.60 2.22 31.89
C LYS C 752 49.93 1.61 32.29
N ILE C 753 49.96 0.94 33.42
CA ILE C 753 51.08 0.07 33.79
C ILE C 753 50.61 -1.37 33.66
N GLY C 754 51.56 -2.28 33.57
CA GLY C 754 51.25 -3.69 33.42
C GLY C 754 50.82 -4.31 34.73
N GLN C 755 51.17 -5.58 34.89
CA GLN C 755 50.95 -6.30 36.13
C GLN C 755 51.89 -7.49 36.19
N MET C 756 52.48 -7.74 37.35
CA MET C 756 53.38 -8.87 37.51
C MET C 756 53.47 -9.20 39.00
N GLY C 757 52.93 -10.35 39.38
CA GLY C 757 52.95 -10.74 40.77
C GLY C 757 52.54 -12.18 40.93
N PHE C 758 52.40 -12.58 42.20
CA PHE C 758 52.03 -13.95 42.54
C PHE C 758 51.13 -13.94 43.75
N GLY C 759 50.39 -15.04 43.92
CA GLY C 759 49.49 -15.18 45.06
C GLY C 759 49.39 -16.61 45.48
N VAL C 760 48.72 -16.82 46.62
CA VAL C 760 48.54 -18.16 47.17
C VAL C 760 47.40 -18.09 48.18
N LYS C 761 46.71 -19.21 48.36
CA LYS C 761 45.63 -19.33 49.34
C LYS C 761 45.45 -20.80 49.68
N ALA C 762 45.51 -21.12 50.97
CA ALA C 762 45.44 -22.50 51.42
C ALA C 762 44.64 -22.56 52.70
N ALA C 763 44.42 -23.78 53.19
CA ALA C 763 43.70 -24.02 54.43
C ALA C 763 44.09 -25.40 54.94
N ALA C 764 43.76 -25.66 56.21
CA ALA C 764 44.10 -26.92 56.84
C ALA C 764 43.06 -27.24 57.90
N ASN C 765 42.47 -28.43 57.81
CA ASN C 765 41.48 -28.91 58.77
C ASN C 765 42.12 -29.95 59.65
N LEU C 766 41.99 -29.79 60.97
CA LEU C 766 42.63 -30.66 61.95
C LEU C 766 41.60 -31.19 62.93
N GLY C 767 40.42 -31.54 62.43
CA GLY C 767 39.35 -32.01 63.28
C GLY C 767 38.39 -30.88 63.63
N PRO C 768 38.40 -30.46 64.89
CA PRO C 768 37.60 -29.28 65.26
C PRO C 768 38.29 -27.97 64.88
N VAL C 769 39.62 -27.96 64.95
CA VAL C 769 40.41 -26.77 64.70
C VAL C 769 40.63 -26.63 63.20
N ALA C 770 40.39 -25.43 62.67
CA ALA C 770 40.65 -25.11 61.28
C ALA C 770 41.42 -23.81 61.19
N ILE C 771 42.38 -23.75 60.28
CA ILE C 771 43.20 -22.56 60.07
C ILE C 771 43.27 -22.27 58.58
N GLY C 772 43.64 -21.03 58.25
CA GLY C 772 43.75 -20.62 56.87
C GLY C 772 44.83 -19.59 56.65
N GLY C 773 44.88 -19.02 55.45
CA GLY C 773 45.86 -18.00 55.14
C GLY C 773 45.89 -17.65 53.67
N TYR C 774 46.46 -16.49 53.34
CA TYR C 774 46.56 -16.07 51.96
C TYR C 774 47.71 -15.07 51.83
N TYR C 775 48.14 -14.86 50.60
CA TYR C 775 49.19 -13.90 50.29
C TYR C 775 49.06 -13.51 48.83
N ASP C 776 49.37 -12.26 48.53
CA ASP C 776 49.26 -11.76 47.17
C ASP C 776 50.03 -10.46 47.04
N THR C 777 50.84 -10.34 45.99
CA THR C 777 51.61 -9.14 45.74
C THR C 777 51.55 -8.81 44.26
N SER C 778 51.69 -7.52 43.94
CA SER C 778 51.59 -7.06 42.56
C SER C 778 52.42 -5.81 42.41
N THR C 779 52.70 -5.46 41.15
CA THR C 779 53.44 -4.26 40.79
C THR C 779 53.27 -4.04 39.30
N GLY C 780 53.96 -3.03 38.77
CA GLY C 780 53.94 -2.79 37.36
C GLY C 780 54.72 -3.84 36.58
N ALA C 781 54.53 -3.84 35.27
CA ALA C 781 55.21 -4.81 34.43
C ALA C 781 56.72 -4.62 34.47
N ASN C 782 57.19 -3.38 34.64
CA ASN C 782 58.61 -3.12 34.69
C ASN C 782 59.24 -3.59 36.01
N GLY C 783 58.43 -3.96 36.99
CA GLY C 783 58.95 -4.42 38.27
C GLY C 783 59.26 -3.33 39.27
N ASP C 784 58.87 -2.09 39.01
CA ASP C 784 59.17 -1.00 39.92
C ASP C 784 58.43 -1.19 41.24
N ASN C 785 59.07 -0.75 42.32
CA ASN C 785 58.52 -0.89 43.67
C ASN C 785 57.57 0.24 44.02
N ALA C 786 57.43 1.25 43.16
CA ALA C 786 56.56 2.39 43.41
C ALA C 786 55.09 2.10 43.10
N ASN C 787 54.77 0.89 42.63
CA ASN C 787 53.40 0.48 42.38
C ASN C 787 53.05 -0.80 43.13
N ARG C 788 53.84 -1.16 44.13
CA ARG C 788 53.65 -2.42 44.83
C ARG C 788 52.44 -2.36 45.75
N MET C 789 51.59 -3.38 45.69
CA MET C 789 50.48 -3.57 46.63
C MET C 789 50.55 -5.00 47.14
N THR C 790 50.73 -5.15 48.45
CA THR C 790 50.86 -6.46 49.07
C THR C 790 49.76 -6.63 50.11
N GLU C 791 49.05 -7.75 50.05
CA GLU C 791 48.07 -8.11 51.06
C GLU C 791 48.36 -9.50 51.59
N ALA C 792 48.18 -9.67 52.91
CA ALA C 792 48.41 -10.95 53.55
C ALA C 792 47.54 -11.02 54.79
N GLY C 793 47.28 -12.24 55.25
CA GLY C 793 46.47 -12.42 56.43
C GLY C 793 46.31 -13.88 56.76
N GLY C 794 45.47 -14.13 57.76
CA GLY C 794 45.23 -15.48 58.21
C GLY C 794 43.91 -15.58 58.94
N SER C 795 43.71 -16.70 59.61
CA SER C 795 42.49 -16.94 60.36
C SER C 795 42.70 -18.15 61.26
N ALA C 796 41.68 -18.45 62.06
CA ALA C 796 41.68 -19.62 62.94
C ALA C 796 40.25 -19.86 63.36
N LYS C 797 39.98 -21.08 63.85
CA LYS C 797 38.63 -21.44 64.24
C LYS C 797 38.67 -22.70 65.09
N VAL C 798 37.86 -22.72 66.13
CA VAL C 798 37.62 -23.91 66.95
C VAL C 798 36.14 -23.97 67.26
N ALA C 799 35.54 -25.15 67.10
CA ALA C 799 34.10 -25.28 67.25
C ALA C 799 33.79 -26.69 67.73
N TYR C 800 33.47 -26.82 69.02
CA TYR C 800 33.02 -28.07 69.61
C TYR C 800 31.61 -27.90 70.14
N SER C 801 30.74 -28.84 69.81
CA SER C 801 29.33 -28.84 70.25
C SER C 801 28.68 -27.61 69.65
N ILE C 802 28.03 -26.75 70.44
CA ILE C 802 27.35 -25.58 69.90
C ILE C 802 28.24 -24.35 69.87
N PHE C 803 29.34 -24.34 70.62
CA PHE C 803 30.17 -23.17 70.74
C PHE C 803 31.00 -22.95 69.48
N SER C 804 31.66 -21.80 69.42
CA SER C 804 32.53 -21.45 68.31
C SER C 804 33.46 -20.32 68.74
N LEU C 805 34.51 -20.12 67.96
CA LEU C 805 35.49 -19.06 68.23
C LEU C 805 36.33 -18.85 66.99
N ARG C 806 36.53 -17.59 66.62
CA ARG C 806 37.24 -17.27 65.38
C ARG C 806 38.22 -16.14 65.61
N GLY C 807 39.31 -16.17 64.85
CA GLY C 807 40.26 -15.08 64.85
C GLY C 807 40.61 -14.69 63.42
N THR C 808 41.12 -13.47 63.26
CA THR C 808 41.39 -12.97 61.93
C THR C 808 42.54 -11.96 62.02
N TYR C 809 43.20 -11.75 60.87
CA TYR C 809 44.22 -10.74 60.73
C TYR C 809 44.30 -10.37 59.25
N ASN C 810 44.52 -9.09 58.97
CA ASN C 810 44.54 -8.61 57.59
C ASN C 810 45.61 -7.54 57.46
N THR C 811 45.95 -7.22 56.22
CA THR C 811 47.06 -6.31 55.95
C THR C 811 46.97 -5.82 54.52
N LEU C 812 47.21 -4.52 54.33
CA LEU C 812 47.34 -3.92 53.01
C LEU C 812 48.50 -2.93 53.05
N ASP C 813 49.36 -2.98 52.04
CA ASP C 813 50.56 -2.16 51.98
C ASP C 813 50.70 -1.52 50.60
N SER C 814 49.62 -0.91 50.12
CA SER C 814 49.56 -0.39 48.76
C SER C 814 50.41 0.87 48.63
N ASN C 815 51.63 0.72 48.13
CA ASN C 815 52.40 1.88 47.69
C ASN C 815 51.79 2.53 46.46
N ARG C 816 50.99 1.79 45.72
CA ARG C 816 50.33 2.33 44.55
C ARG C 816 49.27 3.35 44.97
N PRO C 817 49.20 4.51 44.32
CA PRO C 817 48.20 5.51 44.72
C PRO C 817 46.78 5.00 44.52
N GLN C 818 45.95 5.22 45.54
CA GLN C 818 44.57 4.76 45.54
C GLN C 818 43.66 5.85 46.08
N ILE C 819 42.43 5.86 45.61
CA ILE C 819 41.46 6.90 45.93
C ILE C 819 40.67 6.47 47.16
N TYR C 820 40.78 7.23 48.25
CA TYR C 820 40.05 6.96 49.47
C TYR C 820 39.89 8.25 50.24
N ARG C 821 38.92 8.27 51.15
CA ARG C 821 38.66 9.46 51.94
C ARG C 821 39.60 9.51 53.14
N ASP C 822 40.00 10.73 53.49
CA ASP C 822 40.92 10.94 54.60
C ASP C 822 40.17 10.98 55.93
N ALA C 823 40.90 11.27 57.01
CA ALA C 823 40.30 11.28 58.33
C ALA C 823 39.24 12.37 58.44
N ALA C 824 39.52 13.55 57.92
CA ALA C 824 38.53 14.63 57.96
C ALA C 824 37.31 14.30 57.11
N GLY C 825 37.52 13.71 55.93
CA GLY C 825 36.43 13.37 55.05
C GLY C 825 36.62 13.85 53.63
N THR C 826 37.83 14.31 53.31
CA THR C 826 38.16 14.81 51.99
C THR C 826 38.84 13.70 51.18
N GLN C 827 38.35 13.50 49.96
CA GLN C 827 38.88 12.44 49.12
C GLN C 827 40.30 12.77 48.68
N ILE C 828 41.22 11.81 48.81
CA ILE C 828 42.62 12.01 48.49
C ILE C 828 43.11 10.84 47.66
N ILE C 829 44.36 10.95 47.19
CA ILE C 829 45.04 9.93 46.41
C ILE C 829 46.43 9.76 46.97
N GLY C 830 46.78 8.54 47.37
CA GLY C 830 48.11 8.29 47.88
C GLY C 830 48.23 6.93 48.53
N ASP C 831 49.33 6.76 49.26
CA ASP C 831 49.65 5.52 49.94
C ASP C 831 48.55 5.15 50.94
N ALA C 832 48.51 3.86 51.29
CA ALA C 832 47.53 3.35 52.23
C ALA C 832 48.08 2.12 52.93
N LYS C 833 47.93 2.08 54.26
CA LYS C 833 48.30 0.92 55.07
C LYS C 833 47.16 0.61 56.01
N VAL C 834 46.75 -0.65 56.05
CA VAL C 834 45.62 -1.09 56.88
C VAL C 834 46.02 -2.34 57.65
N ARG C 835 45.66 -2.37 58.93
CA ARG C 835 45.86 -3.56 59.76
C ARG C 835 44.58 -3.80 60.55
N ARG C 836 44.01 -4.99 60.40
CA ARG C 836 42.75 -5.34 61.04
C ARG C 836 42.85 -6.71 61.70
N TYR C 837 42.24 -6.84 62.88
CA TYR C 837 42.13 -8.12 63.54
C TYR C 837 40.82 -8.16 64.30
N ALA C 838 40.14 -9.31 64.24
CA ALA C 838 38.82 -9.46 64.85
C ALA C 838 38.73 -10.80 65.57
N VAL C 839 37.95 -10.81 66.65
CA VAL C 839 37.66 -12.02 67.43
C VAL C 839 36.17 -12.10 67.60
N GLN C 840 35.58 -13.25 67.24
CA GLN C 840 34.14 -13.43 67.28
C GLN C 840 33.80 -14.75 67.97
N ALA C 841 32.89 -14.68 68.94
CA ALA C 841 32.39 -15.86 69.63
C ALA C 841 30.92 -16.07 69.29
N ASP C 842 30.50 -17.33 69.38
CA ASP C 842 29.16 -17.72 68.95
C ASP C 842 28.64 -18.82 69.87
N VAL C 843 27.32 -18.99 69.88
CA VAL C 843 26.67 -20.07 70.61
C VAL C 843 25.28 -20.26 70.03
N THR C 844 24.87 -21.51 69.90
CA THR C 844 23.55 -21.88 69.36
C THR C 844 22.90 -22.84 70.33
N PRO C 845 22.17 -22.34 71.32
CA PRO C 845 21.68 -23.22 72.40
C PRO C 845 20.49 -24.07 72.00
N GLY C 846 20.23 -24.17 70.71
CA GLY C 846 19.12 -24.96 70.21
C GLY C 846 17.96 -24.10 69.74
N LEU C 847 16.93 -24.77 69.26
CA LEU C 847 15.76 -24.12 68.66
C LEU C 847 16.26 -23.21 67.54
N GLY C 848 15.61 -22.07 67.34
CA GLY C 848 16.09 -21.08 66.41
C GLY C 848 16.99 -20.02 67.00
N LEU C 849 17.32 -20.15 68.29
CA LEU C 849 18.09 -19.12 68.98
C LEU C 849 19.52 -19.07 68.48
N PHE C 850 20.15 -17.91 68.64
CA PHE C 850 21.56 -17.73 68.37
C PHE C 850 22.04 -16.48 69.08
N VAL C 851 23.26 -16.52 69.61
CA VAL C 851 23.87 -15.39 70.29
C VAL C 851 25.30 -15.24 69.79
N GLY C 852 25.73 -13.99 69.63
CA GLY C 852 27.07 -13.74 69.15
C GLY C 852 27.68 -12.43 69.63
N ALA C 853 28.90 -12.51 70.15
CA ALA C 853 29.66 -11.34 70.56
C ALA C 853 30.90 -11.23 69.69
N TYR C 854 31.42 -10.01 69.56
CA TYR C 854 32.54 -9.78 68.66
C TYR C 854 33.40 -8.64 69.18
N TYR C 855 34.61 -8.56 68.65
CA TYR C 855 35.53 -7.45 68.93
C TYR C 855 36.36 -7.24 67.67
N ARG C 856 36.33 -6.02 67.14
CA ARG C 856 37.04 -5.69 65.91
C ARG C 856 37.90 -4.46 66.12
N ASP C 857 38.98 -4.36 65.35
CA ASP C 857 39.93 -3.27 65.49
C ASP C 857 40.55 -3.00 64.14
N VAL C 858 40.51 -1.73 63.71
CA VAL C 858 41.05 -1.30 62.43
C VAL C 858 42.04 -0.19 62.67
N ASN C 859 43.20 -0.27 62.03
CA ASN C 859 44.30 0.68 62.26
C ASN C 859 44.86 1.06 60.90
N VAL C 860 44.36 2.17 60.33
CA VAL C 860 44.77 2.63 59.01
C VAL C 860 45.82 3.72 59.16
N ASN C 861 46.91 3.60 58.40
CA ASN C 861 47.98 4.59 58.36
C ASN C 861 48.60 4.85 59.73
N GLY C 862 48.60 3.83 60.59
CA GLY C 862 49.25 3.92 61.89
C GLY C 862 48.42 4.47 63.01
N VAL C 863 47.16 4.85 62.75
CA VAL C 863 46.30 5.41 63.79
C VAL C 863 44.99 4.63 63.80
N ARG C 864 44.42 4.48 64.99
CA ARG C 864 43.11 3.84 65.12
C ARG C 864 42.06 4.64 64.36
N SER C 865 41.15 3.92 63.69
CA SER C 865 40.15 4.57 62.86
C SER C 865 38.79 3.95 63.12
N THR C 866 37.74 4.75 62.90
CA THR C 866 36.39 4.22 62.99
C THR C 866 36.08 3.25 61.86
N THR C 867 36.52 3.58 60.65
CA THR C 867 36.23 2.79 59.46
C THR C 867 37.53 2.60 58.69
N ASP C 868 37.60 1.52 57.91
CA ASP C 868 38.76 1.28 57.06
C ASP C 868 38.67 2.02 55.72
N ARG C 869 37.58 2.74 55.47
CA ARG C 869 37.39 3.55 54.27
C ARG C 869 37.45 2.72 53.00
N GLY C 870 37.10 1.43 53.11
CA GLY C 870 37.02 0.57 51.94
C GLY C 870 38.34 0.11 51.39
N LEU C 871 39.44 0.33 52.10
CA LEU C 871 40.76 -0.02 51.56
C LEU C 871 40.99 -1.53 51.56
N LEU C 872 40.33 -2.27 52.45
CA LEU C 872 40.55 -3.71 52.51
C LEU C 872 39.91 -4.44 51.34
N GLY C 873 39.01 -3.80 50.61
CA GLY C 873 38.36 -4.41 49.48
C GLY C 873 39.13 -4.38 48.18
N ARG C 874 40.31 -3.75 48.16
CA ARG C 874 41.08 -3.67 46.93
C ARG C 874 41.63 -5.02 46.52
N GLY C 875 41.91 -5.90 47.48
CA GLY C 875 42.41 -7.22 47.16
C GLY C 875 41.32 -8.17 46.72
N TYR C 876 41.75 -9.34 46.24
CA TYR C 876 40.82 -10.35 45.76
C TYR C 876 41.01 -11.71 46.43
N LEU C 877 41.90 -11.82 47.42
CA LEU C 877 42.18 -13.09 48.08
C LEU C 877 41.75 -13.12 49.54
N ALA C 878 41.27 -12.00 50.08
CA ALA C 878 40.85 -11.97 51.49
C ALA C 878 39.75 -12.99 51.73
N SER C 879 39.88 -13.76 52.81
CA SER C 879 38.97 -14.85 53.06
C SER C 879 38.74 -15.00 54.55
N SER C 880 37.63 -15.64 54.90
CA SER C 880 37.28 -15.87 56.29
C SER C 880 36.42 -17.13 56.39
N PHE C 881 36.37 -17.69 57.60
CA PHE C 881 35.53 -18.84 57.87
C PHE C 881 34.11 -18.41 58.18
N GLU C 882 33.25 -19.40 58.41
CA GLU C 882 31.85 -19.14 58.74
C GLU C 882 31.47 -19.88 60.02
N PRO C 883 30.56 -19.33 60.81
CA PRO C 883 30.19 -19.98 62.08
C PRO C 883 29.48 -21.30 61.85
N GLY C 884 29.66 -22.21 62.81
CA GLY C 884 29.05 -23.51 62.77
C GLY C 884 30.06 -24.61 63.03
N VAL C 885 29.56 -25.84 62.97
CA VAL C 885 30.38 -27.04 63.19
C VAL C 885 30.28 -27.92 61.94
N GLY C 886 31.42 -28.28 61.39
CA GLY C 886 31.50 -29.13 60.22
C GLY C 886 31.70 -28.40 58.91
N ASN C 887 31.45 -27.09 58.88
CA ASN C 887 31.63 -26.29 57.68
C ASN C 887 32.87 -25.40 57.83
N ASN C 888 34.03 -25.97 57.50
CA ASN C 888 35.31 -25.28 57.62
C ASN C 888 35.81 -24.74 56.29
N ALA C 889 34.90 -24.32 55.42
CA ALA C 889 35.29 -23.76 54.13
C ALA C 889 35.91 -22.37 54.31
N TYR C 890 36.96 -22.11 53.54
CA TYR C 890 37.68 -20.83 53.61
C TYR C 890 37.19 -19.96 52.45
N ARG C 891 35.98 -19.42 52.63
CA ARG C 891 35.33 -18.67 51.57
C ARG C 891 35.94 -17.26 51.44
N THR C 892 35.94 -16.76 50.21
CA THR C 892 36.48 -15.42 49.95
C THR C 892 35.60 -14.35 50.58
N GLY C 893 36.23 -13.23 50.94
CA GLY C 893 35.52 -12.09 51.47
C GLY C 893 35.57 -11.99 52.97
N LEU C 894 35.88 -10.81 53.49
CA LEU C 894 35.86 -10.58 54.92
C LEU C 894 34.44 -10.62 55.45
N ARG C 895 34.28 -11.11 56.67
CA ARG C 895 32.97 -11.18 57.32
C ARG C 895 32.73 -9.92 58.14
N CYS C 896 32.87 -8.77 57.47
CA CYS C 896 32.64 -7.47 58.10
C CYS C 896 31.16 -7.17 58.27
N ALA C 897 30.27 -7.92 57.62
CA ALA C 897 28.84 -7.67 57.68
C ALA C 897 28.11 -8.66 58.58
N ASP C 898 28.80 -9.22 59.57
CA ASP C 898 28.21 -10.17 60.51
C ASP C 898 27.97 -9.48 61.84
N ASN C 899 26.75 -9.60 62.35
CA ASN C 899 26.29 -9.02 63.61
C ASN C 899 26.29 -7.49 63.61
N ASN C 900 26.49 -6.86 62.45
CA ASN C 900 26.39 -5.42 62.38
C ASN C 900 24.93 -4.97 62.37
N PHE C 901 24.76 -3.67 62.59
CA PHE C 901 23.46 -3.01 62.54
C PHE C 901 23.14 -2.64 61.09
N GLY C 902 22.07 -1.87 60.90
CA GLY C 902 21.69 -1.41 59.59
C GLY C 902 21.78 0.12 59.52
N THR C 903 22.17 0.61 58.34
CA THR C 903 22.30 2.04 58.11
C THR C 903 21.46 2.49 56.92
N GLY C 904 20.32 1.84 56.71
CA GLY C 904 19.46 2.20 55.60
C GLY C 904 18.77 3.54 55.83
N THR C 905 18.49 4.22 54.73
CA THR C 905 17.80 5.51 54.77
C THR C 905 16.70 5.62 53.73
N ARG C 906 16.69 4.76 52.72
CA ARG C 906 15.77 4.86 51.60
C ARG C 906 14.74 3.75 51.66
N ASP C 907 13.52 4.06 51.22
CA ASP C 907 12.43 3.09 51.20
C ASP C 907 11.44 3.51 50.12
N ILE C 908 10.57 2.57 49.75
CA ILE C 908 9.60 2.81 48.69
C ILE C 908 8.16 2.79 49.18
N ASP C 909 7.86 2.15 50.30
CA ASP C 909 6.48 2.13 50.80
C ASP C 909 6.08 3.44 51.45
N GLY C 910 7.04 4.24 51.91
CA GLY C 910 6.76 5.53 52.50
C GLY C 910 6.80 5.58 54.01
N VAL C 911 6.90 4.44 54.69
CA VAL C 911 6.93 4.41 56.14
C VAL C 911 8.16 3.67 56.67
N GLY C 912 9.19 3.51 55.85
CA GLY C 912 10.43 2.93 56.28
C GLY C 912 10.63 1.45 55.95
N GLY C 913 9.75 0.86 55.17
CA GLY C 913 9.89 -0.53 54.77
C GLY C 913 9.13 -1.53 55.59
N VAL C 914 8.28 -1.09 56.52
CA VAL C 914 7.52 -2.03 57.34
C VAL C 914 6.27 -2.54 56.62
N LEU C 915 5.83 -1.85 55.56
CA LEU C 915 4.68 -2.29 54.77
C LEU C 915 5.10 -2.91 53.45
N ASN C 916 6.36 -3.34 53.34
CA ASN C 916 6.88 -3.94 52.12
C ASN C 916 7.16 -5.42 52.38
N PRO C 917 6.30 -6.34 51.93
CA PRO C 917 6.54 -7.76 52.19
C PRO C 917 7.81 -8.31 51.57
N ALA C 918 8.36 -7.65 50.55
CA ALA C 918 9.53 -8.14 49.85
C ALA C 918 10.84 -7.75 50.51
N VAL C 919 10.80 -7.02 51.62
CA VAL C 919 12.00 -6.54 52.30
C VAL C 919 11.98 -7.06 53.74
N ASN C 920 13.07 -7.71 54.13
CA ASN C 920 13.25 -8.20 55.50
C ASN C 920 14.08 -7.17 56.26
N LEU C 921 13.47 -6.53 57.26
CA LEU C 921 14.15 -5.46 57.98
C LEU C 921 15.23 -5.99 58.90
N ASP C 922 15.09 -7.23 59.39
CA ASP C 922 16.05 -7.79 60.32
C ASP C 922 17.29 -8.34 59.63
N GLN C 923 17.29 -8.45 58.30
CA GLN C 923 18.44 -8.94 57.57
C GLN C 923 19.24 -7.83 56.90
N SER C 924 18.97 -6.58 57.25
CA SER C 924 19.70 -5.44 56.68
C SER C 924 20.92 -5.17 57.55
N ARG C 925 22.10 -5.36 56.99
CA ARG C 925 23.36 -5.19 57.71
C ARG C 925 24.32 -4.38 56.85
N THR C 926 24.99 -3.41 57.48
CA THR C 926 25.96 -2.59 56.78
C THR C 926 27.24 -3.37 56.52
N ALA C 927 27.84 -3.13 55.36
CA ALA C 927 29.01 -3.89 54.94
C ALA C 927 30.34 -3.25 55.35
N THR C 928 30.31 -2.05 55.90
CA THR C 928 31.55 -1.38 56.27
C THR C 928 32.18 -2.02 57.50
N CYS C 929 33.51 -1.98 57.56
CA CYS C 929 34.26 -2.55 58.66
C CYS C 929 34.49 -1.47 59.71
N PHE C 930 33.83 -1.61 60.87
CA PHE C 930 33.95 -0.65 61.94
C PHE C 930 35.00 -1.09 62.95
N THR C 931 35.23 -0.26 63.96
CA THR C 931 36.07 -0.58 65.10
C THR C 931 35.15 -0.59 66.32
N SER C 932 34.55 -1.74 66.60
CA SER C 932 33.50 -1.81 67.60
C SER C 932 33.54 -3.17 68.30
N TYR C 933 32.85 -3.23 69.44
CA TYR C 933 32.63 -4.48 70.15
C TYR C 933 31.20 -4.47 70.68
N GLY C 934 30.51 -5.59 70.54
CA GLY C 934 29.13 -5.66 70.94
C GLY C 934 28.66 -7.08 71.18
N VAL C 935 27.33 -7.23 71.14
CA VAL C 935 26.68 -8.52 71.36
C VAL C 935 25.33 -8.49 70.68
N GLU C 936 24.93 -9.63 70.12
CA GLU C 936 23.66 -9.72 69.41
C GLU C 936 22.97 -11.04 69.73
N ALA C 937 21.66 -10.97 69.93
CA ALA C 937 20.82 -12.14 70.13
C ALA C 937 19.64 -12.08 69.19
N GLY C 938 19.21 -13.23 68.71
CA GLY C 938 18.15 -13.27 67.74
C GLY C 938 17.39 -14.57 67.73
N HIS C 939 16.76 -14.86 66.59
CA HIS C 939 15.91 -16.02 66.40
C HIS C 939 15.63 -16.15 64.91
N ALA C 940 15.50 -17.40 64.46
CA ALA C 940 15.23 -17.70 63.05
C ALA C 940 14.12 -18.74 62.99
N GLY C 941 12.93 -18.31 62.61
CA GLY C 941 11.79 -19.19 62.52
C GLY C 941 11.72 -20.07 61.29
N ASP C 942 12.63 -19.88 60.33
CA ASP C 942 12.64 -20.71 59.14
C ASP C 942 13.35 -22.04 59.33
N ASN C 943 14.07 -22.22 60.44
CA ASN C 943 14.74 -23.48 60.71
C ASN C 943 13.72 -24.58 61.00
N ALA C 944 14.15 -25.82 60.79
CA ALA C 944 13.28 -26.95 61.06
C ALA C 944 12.91 -27.01 62.54
N ASN C 945 13.86 -26.75 63.42
CA ASN C 945 13.62 -26.67 64.85
C ASN C 945 13.60 -25.20 65.25
N ALA C 946 12.46 -24.76 65.80
CA ALA C 946 12.29 -23.38 66.20
C ALA C 946 11.25 -23.30 67.30
N LEU C 947 11.49 -22.42 68.28
CA LEU C 947 10.55 -22.27 69.39
C LEU C 947 9.20 -21.77 68.90
N VAL C 948 9.21 -20.74 68.06
CA VAL C 948 8.00 -20.18 67.46
C VAL C 948 8.17 -20.16 65.96
N LYS C 949 7.26 -20.81 65.25
CA LYS C 949 7.36 -20.88 63.79
C LYS C 949 7.02 -19.53 63.16
N ASP C 950 7.77 -19.19 62.10
CA ASP C 950 7.57 -17.96 61.34
C ASP C 950 7.72 -16.71 62.19
N LEU C 951 8.68 -16.72 63.12
CA LEU C 951 8.99 -15.55 63.92
C LEU C 951 10.47 -15.24 63.76
N PHE C 952 10.77 -14.02 63.30
CA PHE C 952 12.14 -13.57 63.12
C PHE C 952 12.34 -12.27 63.89
N PHE C 953 13.40 -12.21 64.68
CA PHE C 953 13.70 -10.99 65.42
C PHE C 953 15.17 -11.01 65.82
N ARG C 954 15.68 -9.82 66.16
CA ARG C 954 17.06 -9.68 66.61
C ARG C 954 17.16 -8.44 67.47
N VAL C 955 18.23 -8.38 68.27
CA VAL C 955 18.50 -7.23 69.12
C VAL C 955 19.99 -7.21 69.40
N GLY C 956 20.56 -6.00 69.41
CA GLY C 956 22.00 -5.87 69.58
C GLY C 956 22.38 -4.57 70.26
N TYR C 957 23.67 -4.47 70.58
CA TYR C 957 24.21 -3.28 71.25
C TYR C 957 25.70 -3.25 70.99
N SER C 958 26.18 -2.21 70.31
CA SER C 958 27.59 -2.11 69.95
C SER C 958 28.09 -0.71 70.27
N ARG C 959 29.40 -0.61 70.49
CA ARG C 959 30.06 0.64 70.81
C ARG C 959 31.16 0.90 69.80
N VAL C 960 31.04 1.98 69.05
CA VAL C 960 31.96 2.30 67.96
C VAL C 960 33.04 3.24 68.48
N TYR C 961 34.22 3.16 67.88
CA TYR C 961 35.36 3.99 68.27
C TYR C 961 35.28 5.33 67.54
N VAL C 962 35.39 6.41 68.31
CA VAL C 962 35.37 7.77 67.76
C VAL C 962 36.55 8.53 68.34
N PRO C 963 37.48 9.01 67.50
CA PRO C 963 38.65 9.72 68.03
C PRO C 963 38.26 11.04 68.68
N THR C 964 39.19 11.61 69.43
CA THR C 964 38.92 12.84 70.18
C THR C 964 38.45 13.95 69.25
N THR C 965 39.19 14.21 68.19
CA THR C 965 38.78 15.15 67.15
C THR C 965 38.69 14.40 65.82
N ALA C 966 38.45 15.14 64.74
CA ALA C 966 38.31 14.52 63.43
C ALA C 966 39.61 13.85 63.00
N THR C 967 40.75 14.49 63.24
CA THR C 967 42.04 13.99 62.80
C THR C 967 42.99 13.73 63.98
N ALA C 968 42.44 13.42 65.15
CA ALA C 968 43.26 13.16 66.31
C ALA C 968 43.77 11.72 66.30
N THR C 969 44.71 11.44 67.22
CA THR C 969 45.24 10.11 67.37
C THR C 969 44.55 9.35 68.51
N THR C 970 44.41 9.99 69.66
CA THR C 970 43.77 9.36 70.80
C THR C 970 42.25 9.37 70.65
N GLY C 971 41.58 8.58 71.48
CA GLY C 971 40.13 8.49 71.43
C GLY C 971 39.64 7.39 72.34
N ASP C 972 38.34 7.14 72.25
CA ASP C 972 37.70 6.09 73.05
C ASP C 972 36.41 5.68 72.36
N PHE C 973 35.86 4.55 72.82
CA PHE C 973 34.62 4.01 72.27
C PHE C 973 33.43 4.83 72.79
N SER C 974 33.36 6.07 72.29
CA SER C 974 32.29 6.97 72.71
C SER C 974 30.96 6.64 72.04
N GLY C 975 31.00 6.12 70.81
CA GLY C 975 29.77 5.80 70.11
C GLY C 975 29.00 4.68 70.79
N SER C 976 27.70 4.65 70.52
CA SER C 976 26.82 3.65 71.10
C SER C 976 25.62 3.46 70.19
N VAL C 977 25.29 2.20 69.89
CA VAL C 977 24.18 1.86 69.02
C VAL C 977 23.35 0.80 69.69
N THR C 978 22.03 0.97 69.67
CA THR C 978 21.10 -0.03 70.16
C THR C 978 20.00 -0.21 69.12
N TYR C 979 19.86 -1.43 68.61
CA TYR C 979 18.94 -1.69 67.51
C TYR C 979 18.16 -2.96 67.80
N GLY C 980 16.98 -3.05 67.19
CA GLY C 980 16.14 -4.22 67.31
C GLY C 980 15.14 -4.32 66.18
N ASP C 981 14.88 -5.53 65.71
CA ASP C 981 13.97 -5.74 64.60
C ASP C 981 13.06 -6.92 64.92
N ALA C 982 11.98 -7.04 64.16
CA ALA C 982 11.04 -8.13 64.35
C ALA C 982 10.25 -8.34 63.07
N ARG C 983 9.63 -9.52 62.97
CA ARG C 983 8.78 -9.88 61.85
C ARG C 983 8.01 -11.15 62.20
N TYR C 984 6.71 -11.17 61.91
CA TYR C 984 5.89 -12.32 62.30
C TYR C 984 4.75 -12.48 61.31
N ASP C 985 4.75 -13.58 60.57
CA ASP C 985 3.72 -13.90 59.60
C ASP C 985 2.89 -15.05 60.13
N ARG C 986 1.56 -14.92 60.06
CA ARG C 986 0.66 -15.91 60.63
C ARG C 986 -0.63 -15.92 59.83
N LYS C 987 -1.38 -17.01 59.99
CA LYS C 987 -2.70 -17.15 59.39
C LYS C 987 -3.68 -17.57 60.48
N VAL C 988 -4.45 -16.61 60.99
CA VAL C 988 -5.48 -16.87 61.98
C VAL C 988 -6.84 -16.90 61.28
N GLY C 989 -7.53 -18.02 61.39
CA GLY C 989 -8.79 -18.17 60.68
C GLY C 989 -8.58 -18.06 59.19
N VAL C 990 -9.32 -17.15 58.55
CA VAL C 990 -9.16 -16.86 57.13
C VAL C 990 -8.26 -15.68 56.86
N ALA C 991 -7.76 -15.02 57.92
CA ALA C 991 -6.98 -13.80 57.79
C ALA C 991 -5.49 -14.14 57.83
N ASN C 992 -4.73 -13.55 56.89
CA ASN C 992 -3.28 -13.68 56.86
C ASN C 992 -2.69 -12.39 57.43
N VAL C 993 -2.22 -12.47 58.67
CA VAL C 993 -1.73 -11.30 59.41
C VAL C 993 -0.22 -11.26 59.34
N ARG C 994 0.32 -10.09 59.02
CA ARG C 994 1.76 -9.86 59.01
C ARG C 994 2.06 -8.52 59.66
N LEU C 995 2.99 -8.52 60.62
CA LEU C 995 3.41 -7.28 61.27
C LEU C 995 4.92 -7.27 61.40
N ALA C 996 5.48 -6.06 61.40
CA ALA C 996 6.92 -5.88 61.48
C ALA C 996 7.22 -4.65 62.32
N GLY C 997 8.49 -4.50 62.68
CA GLY C 997 8.92 -3.36 63.48
C GLY C 997 10.40 -3.17 63.37
N SER C 998 10.86 -2.04 63.90
CA SER C 998 12.28 -1.71 63.90
C SER C 998 12.55 -0.67 64.98
N PHE C 999 13.82 -0.49 65.30
CA PHE C 999 14.23 0.48 66.31
C PHE C 999 15.70 0.79 66.11
N SER C 1000 16.11 1.94 66.62
CA SER C 1000 17.50 2.39 66.54
C SER C 1000 17.67 3.61 67.41
N THR C 1001 18.87 3.76 67.98
CA THR C 1001 19.21 4.95 68.76
C THR C 1001 20.72 5.06 68.84
N THR C 1002 21.26 6.14 68.26
CA THR C 1002 22.70 6.34 68.20
C THR C 1002 23.01 7.78 68.58
N ASN C 1003 24.24 8.00 69.03
CA ASN C 1003 24.74 9.34 69.28
C ASN C 1003 25.88 9.71 68.33
N THR C 1004 26.11 8.91 67.29
CA THR C 1004 27.11 9.20 66.28
C THR C 1004 26.51 8.92 64.90
N GLN C 1005 27.07 9.55 63.88
CA GLN C 1005 26.64 9.33 62.51
C GLN C 1005 27.39 8.13 61.93
N LEU C 1006 26.65 7.19 61.37
CA LEU C 1006 27.20 5.98 60.79
C LEU C 1006 26.76 5.87 59.33
N ASP C 1007 27.73 5.75 58.43
CA ASP C 1007 27.47 5.71 56.99
C ASP C 1007 26.69 6.98 56.62
N SER C 1008 25.50 6.88 56.06
CA SER C 1008 24.70 8.05 55.73
C SER C 1008 23.54 8.28 56.69
N ARG C 1009 23.46 7.52 57.78
CA ARG C 1009 22.36 7.66 58.72
C ARG C 1009 22.75 8.62 59.83
N PRO C 1010 22.02 9.71 60.03
CA PRO C 1010 22.38 10.66 61.09
C PRO C 1010 22.09 10.13 62.48
N ALA C 1011 22.45 10.88 63.51
CA ALA C 1011 22.24 10.45 64.88
C ALA C 1011 20.76 10.59 65.27
N GLY C 1012 20.45 10.14 66.48
CA GLY C 1012 19.11 10.22 67.01
C GLY C 1012 18.32 8.94 66.83
N THR C 1013 17.23 8.83 67.58
CA THR C 1013 16.42 7.63 67.60
C THR C 1013 15.56 7.54 66.34
N ARG C 1014 14.95 6.37 66.15
CA ARG C 1014 14.15 6.08 64.96
C ARG C 1014 13.39 4.78 65.19
N GLY C 1015 12.14 4.74 64.73
CA GLY C 1015 11.33 3.54 64.87
C GLY C 1015 10.21 3.53 63.87
N ALA C 1016 9.70 2.32 63.60
CA ALA C 1016 8.63 2.14 62.64
C ALA C 1016 7.93 0.82 62.91
N VAL C 1017 6.60 0.81 62.73
CA VAL C 1017 5.79 -0.40 62.89
C VAL C 1017 4.82 -0.48 61.72
N GLY C 1018 4.33 -1.69 61.47
CA GLY C 1018 3.40 -1.92 60.37
C GLY C 1018 2.52 -3.12 60.64
N LEU C 1019 1.53 -3.29 59.76
CA LEU C 1019 0.57 -4.39 59.88
C LEU C 1019 -0.21 -4.54 58.58
N ILE C 1020 -0.30 -5.78 58.07
CA ILE C 1020 -1.04 -6.06 56.84
C ILE C 1020 -1.97 -7.24 57.10
N VAL C 1021 -3.23 -7.08 56.74
CA VAL C 1021 -4.26 -8.11 56.94
C VAL C 1021 -4.95 -8.37 55.61
N ARG C 1022 -5.05 -9.65 55.24
CA ARG C 1022 -5.80 -10.08 54.06
C ARG C 1022 -6.64 -11.28 54.43
N THR C 1023 -7.89 -11.28 53.97
CA THR C 1023 -8.84 -12.33 54.29
C THR C 1023 -9.39 -12.97 53.02
N ASP C 1024 -9.59 -14.29 53.08
CA ASP C 1024 -10.30 -14.99 52.03
C ASP C 1024 -11.79 -14.71 52.12
N PRO C 1025 -12.54 -14.93 51.04
CA PRO C 1025 -13.98 -14.65 51.07
C PRO C 1025 -14.69 -15.48 52.13
N LEU C 1026 -15.67 -14.86 52.80
CA LEU C 1026 -16.42 -15.50 53.86
C LEU C 1026 -17.68 -16.13 53.28
N GLU C 1027 -17.69 -17.45 53.18
CA GLU C 1027 -18.83 -18.15 52.58
C GLU C 1027 -20.02 -18.23 53.52
N ASN C 1028 -19.82 -17.99 54.81
CA ASN C 1028 -20.86 -18.18 55.82
C ASN C 1028 -21.79 -16.99 55.97
N VAL C 1029 -21.45 -15.84 55.41
CA VAL C 1029 -22.21 -14.61 55.63
C VAL C 1029 -22.87 -14.18 54.32
N PRO C 1030 -23.89 -13.32 54.35
CA PRO C 1030 -24.50 -12.87 53.10
C PRO C 1030 -23.49 -12.16 52.21
N PHE C 1031 -23.75 -12.23 50.91
CA PHE C 1031 -22.79 -11.87 49.85
C PHE C 1031 -21.57 -12.77 50.05
N ARG C 1032 -20.39 -12.36 49.61
CA ARG C 1032 -19.16 -13.12 49.86
C ARG C 1032 -18.02 -12.14 50.11
N PRO C 1033 -18.07 -11.39 51.21
CA PRO C 1033 -17.11 -10.30 51.40
C PRO C 1033 -15.73 -10.80 51.78
N GLN C 1034 -14.71 -10.19 51.18
CA GLN C 1034 -13.33 -10.38 51.57
C GLN C 1034 -12.72 -9.02 51.84
N PHE C 1035 -12.05 -8.88 52.98
CA PHE C 1035 -11.58 -7.59 53.45
C PHE C 1035 -10.07 -7.47 53.26
N ASN C 1036 -9.60 -6.22 53.31
CA ASN C 1036 -8.19 -5.91 53.22
C ASN C 1036 -7.91 -4.72 54.12
N GLY C 1037 -6.66 -4.58 54.53
CA GLY C 1037 -6.29 -3.48 55.41
C GLY C 1037 -4.81 -3.45 55.65
N GLN C 1038 -4.32 -2.26 55.98
CA GLN C 1038 -2.92 -2.06 56.32
C GLN C 1038 -2.79 -0.75 57.07
N VAL C 1039 -1.76 -0.66 57.89
CA VAL C 1039 -1.49 0.54 58.67
C VAL C 1039 -0.01 0.59 58.99
N GLY C 1040 0.57 1.78 58.96
CA GLY C 1040 1.97 1.95 59.26
C GLY C 1040 2.28 3.26 59.93
N TYR C 1041 3.29 3.28 60.80
CA TYR C 1041 3.71 4.48 61.49
C TYR C 1041 5.23 4.53 61.49
N TYR C 1042 5.77 5.74 61.33
CA TYR C 1042 7.21 5.93 61.25
C TYR C 1042 7.58 7.28 61.86
N THR C 1043 8.43 7.25 62.88
CA THR C 1043 8.94 8.46 63.50
C THR C 1043 10.46 8.41 63.53
N ALA C 1044 11.08 9.58 63.53
CA ALA C 1044 12.54 9.67 63.50
C ALA C 1044 12.97 11.04 64.01
N ASP C 1045 13.74 11.05 65.09
CA ASP C 1045 14.31 12.28 65.63
C ASP C 1045 15.76 12.36 65.17
N ASN C 1046 16.05 13.31 64.28
CA ASN C 1046 17.37 13.41 63.66
C ASN C 1046 18.17 14.52 64.33
N ARG C 1047 19.32 14.16 64.88
CA ARG C 1047 20.23 15.13 65.50
C ARG C 1047 21.30 15.58 64.50
N VAL C 1048 20.86 16.07 63.34
CA VAL C 1048 21.81 16.53 62.34
C VAL C 1048 22.45 17.85 62.77
N ALA C 1049 23.65 18.11 62.25
CA ALA C 1049 24.41 19.27 62.67
C ALA C 1049 23.72 20.58 62.29
N ALA C 1050 23.09 20.63 61.12
CA ALA C 1050 22.45 21.86 60.66
C ALA C 1050 21.28 22.26 61.54
N GLY C 1051 20.71 21.34 62.31
CA GLY C 1051 19.62 21.65 63.21
C GLY C 1051 18.70 20.46 63.41
N ASN C 1052 18.35 20.18 64.65
CA ASN C 1052 17.56 19.00 64.96
C ASN C 1052 16.12 19.18 64.46
N TYR C 1053 15.63 18.16 63.74
CA TYR C 1053 14.28 18.18 63.21
C TYR C 1053 13.65 16.80 63.41
N ASN C 1054 12.34 16.74 63.19
CA ASN C 1054 11.58 15.52 63.40
C ASN C 1054 10.85 15.16 62.11
N ALA C 1055 10.83 13.86 61.79
CA ALA C 1055 10.16 13.36 60.59
C ALA C 1055 9.11 12.34 60.99
N ASN C 1056 7.95 12.41 60.32
CA ASN C 1056 6.82 11.56 60.63
C ASN C 1056 6.29 10.91 59.35
N ALA C 1057 5.50 9.87 59.54
CA ALA C 1057 4.82 9.21 58.44
C ALA C 1057 3.65 8.42 58.99
N THR C 1058 2.62 8.25 58.17
CA THR C 1058 1.45 7.48 58.53
C THR C 1058 0.72 7.06 57.27
N LYS C 1059 0.48 5.76 57.12
CA LYS C 1059 -0.14 5.21 55.93
C LYS C 1059 -1.18 4.19 56.36
N TYR C 1060 -2.36 4.24 55.75
CA TYR C 1060 -3.43 3.33 56.09
C TYR C 1060 -4.23 3.00 54.84
N GLY C 1061 -4.95 1.88 54.90
CA GLY C 1061 -5.78 1.44 53.80
C GLY C 1061 -6.89 0.55 54.28
N ALA C 1062 -7.90 0.40 53.43
CA ALA C 1062 -9.05 -0.45 53.73
C ALA C 1062 -9.79 -0.74 52.44
N GLY C 1063 -10.33 -1.96 52.34
CA GLY C 1063 -11.05 -2.36 51.14
C GLY C 1063 -11.96 -3.54 51.35
N VAL C 1064 -13.18 -3.44 50.83
CA VAL C 1064 -14.18 -4.50 50.93
C VAL C 1064 -14.64 -4.85 49.51
N VAL C 1065 -14.65 -6.15 49.21
CA VAL C 1065 -15.11 -6.64 47.92
C VAL C 1065 -16.26 -7.61 48.17
N LEU C 1066 -17.43 -7.29 47.63
CA LEU C 1066 -18.61 -8.14 47.76
C LEU C 1066 -18.70 -9.00 46.49
N ASN C 1067 -18.27 -10.25 46.59
CA ASN C 1067 -18.16 -11.12 45.43
C ASN C 1067 -19.51 -11.53 44.86
N ASP C 1068 -20.60 -11.33 45.58
CA ASP C 1068 -21.93 -11.69 45.10
C ASP C 1068 -22.90 -10.60 45.55
N PHE C 1069 -23.24 -9.71 44.62
CA PHE C 1069 -24.15 -8.61 44.92
C PHE C 1069 -25.57 -9.08 44.62
N LEU C 1070 -26.54 -8.16 44.59
CA LEU C 1070 -27.94 -8.54 44.44
C LEU C 1070 -28.18 -9.29 43.13
N LEU C 1071 -27.67 -8.77 42.01
CA LEU C 1071 -27.85 -9.47 40.76
C LEU C 1071 -26.96 -10.72 40.74
N PRO C 1072 -27.35 -11.75 39.98
CA PRO C 1072 -26.60 -13.02 40.03
C PRO C 1072 -25.13 -12.89 39.65
N GLN C 1073 -24.79 -12.05 38.67
CA GLN C 1073 -23.42 -11.94 38.18
C GLN C 1073 -22.87 -10.54 38.40
N THR C 1074 -23.11 -9.97 39.57
CA THR C 1074 -22.68 -8.62 39.90
C THR C 1074 -21.83 -8.64 41.15
N LYS C 1075 -20.72 -7.90 41.11
CA LYS C 1075 -19.85 -7.73 42.27
C LYS C 1075 -19.36 -6.29 42.32
N ILE C 1076 -19.13 -5.80 43.53
CA ILE C 1076 -18.73 -4.42 43.76
C ILE C 1076 -17.57 -4.41 44.76
N GLY C 1077 -16.78 -3.35 44.72
CA GLY C 1077 -15.66 -3.21 45.63
C GLY C 1077 -15.38 -1.75 45.91
N VAL C 1078 -14.84 -1.49 47.10
CA VAL C 1078 -14.48 -0.14 47.53
C VAL C 1078 -13.06 -0.19 48.07
N ARG C 1079 -12.41 0.97 48.09
CA ARG C 1079 -11.03 1.07 48.53
C ARG C 1079 -10.75 2.48 49.02
N TYR C 1080 -10.19 2.60 50.21
CA TYR C 1080 -9.81 3.89 50.78
C TYR C 1080 -8.35 3.85 51.18
N ASP C 1081 -7.60 4.88 50.78
CA ASP C 1081 -6.18 4.96 51.07
C ASP C 1081 -5.83 6.35 51.57
N GLY C 1082 -4.70 6.45 52.27
CA GLY C 1082 -4.27 7.73 52.80
C GLY C 1082 -2.78 7.71 53.12
N TYR C 1083 -2.23 8.90 53.26
CA TYR C 1083 -0.81 9.05 53.58
C TYR C 1083 -0.57 10.43 54.16
N MET C 1084 -0.10 10.50 55.39
CA MET C 1084 0.24 11.75 56.05
C MET C 1084 1.73 11.73 56.38
N ALA C 1085 2.46 12.68 55.82
CA ALA C 1085 3.90 12.80 56.05
C ALA C 1085 4.22 14.14 56.68
N GLN C 1086 5.46 14.28 57.13
CA GLN C 1086 5.93 15.52 57.73
C GLN C 1086 7.45 15.51 57.69
N ASN C 1087 8.03 16.48 56.98
CA ASN C 1087 9.49 16.56 56.80
C ASN C 1087 10.03 15.32 56.07
N ARG C 1088 9.32 14.89 55.03
CA ARG C 1088 9.77 13.80 54.17
C ARG C 1088 9.61 14.22 52.71
N GLN C 1089 10.39 13.58 51.85
CA GLN C 1089 10.39 13.90 50.43
C GLN C 1089 10.55 12.62 49.63
N TYR C 1090 10.35 12.73 48.32
CA TYR C 1090 10.56 11.63 47.38
C TYR C 1090 11.45 12.11 46.25
N THR C 1091 12.56 11.40 46.02
CA THR C 1091 13.45 11.73 44.92
C THR C 1091 13.16 10.81 43.74
N PRO C 1092 12.73 11.35 42.60
CA PRO C 1092 12.34 10.48 41.48
C PRO C 1092 13.52 9.69 40.93
N PHE C 1093 13.20 8.79 40.02
CA PHE C 1093 14.19 7.87 39.48
C PHE C 1093 15.27 8.63 38.71
N ASP C 1094 16.51 8.15 38.84
CA ASP C 1094 17.61 8.66 38.04
C ASP C 1094 17.62 7.94 36.70
N GLY C 1095 17.92 8.68 35.63
CA GLY C 1095 17.91 8.10 34.30
C GLY C 1095 18.96 7.03 34.06
N ASP C 1096 19.93 6.89 34.96
CA ASP C 1096 20.99 5.90 34.77
C ASP C 1096 20.50 4.48 35.05
N GLY C 1097 19.51 4.32 35.92
CA GLY C 1097 19.01 2.99 36.25
C GLY C 1097 18.68 2.83 37.71
N THR C 1098 18.88 3.88 38.50
CA THR C 1098 18.59 3.86 39.92
C THR C 1098 17.14 4.27 40.16
N GLN C 1099 16.44 3.50 40.98
CA GLN C 1099 15.04 3.76 41.27
C GLN C 1099 14.91 4.92 42.27
N GLY C 1100 13.68 5.40 42.41
CA GLY C 1100 13.40 6.45 43.38
C GLY C 1100 13.24 5.90 44.79
N TYR C 1101 13.13 6.83 45.74
CA TYR C 1101 13.03 6.43 47.14
C TYR C 1101 12.51 7.60 47.95
N PHE C 1102 12.03 7.29 49.15
CA PHE C 1102 11.63 8.28 50.14
C PHE C 1102 12.77 8.50 51.14
N SER C 1103 12.89 9.73 51.61
CA SER C 1103 13.95 10.06 52.56
C SER C 1103 13.53 11.27 53.38
N ASP C 1104 14.23 11.46 54.50
CA ASP C 1104 13.97 12.59 55.36
C ASP C 1104 14.60 13.86 54.81
N ALA C 1105 13.92 14.98 55.01
CA ALA C 1105 14.43 16.27 54.59
C ALA C 1105 13.81 17.34 55.47
N ASN C 1106 14.61 18.35 55.83
CA ASN C 1106 14.15 19.43 56.70
C ASN C 1106 13.53 20.55 55.87
N ASN C 1107 12.45 20.21 55.16
CA ASN C 1107 11.75 21.18 54.32
C ASN C 1107 10.60 21.87 55.04
N ASN C 1108 10.25 21.43 56.25
CA ASN C 1108 9.20 22.05 57.05
C ASN C 1108 7.87 22.08 56.32
N ARG C 1109 7.44 20.93 55.83
CA ARG C 1109 6.19 20.83 55.07
C ARG C 1109 5.46 19.55 55.46
N ARG C 1110 4.15 19.66 55.61
CA ARG C 1110 3.28 18.54 55.96
C ARG C 1110 2.46 18.14 54.74
N THR C 1111 2.52 16.86 54.38
CA THR C 1111 1.81 16.33 53.22
C THR C 1111 0.60 15.53 53.67
N ASN C 1112 -0.42 15.50 52.81
CA ASN C 1112 -1.65 14.78 53.12
C ASN C 1112 -2.27 14.35 51.79
N LEU C 1113 -2.06 13.09 51.41
CA LEU C 1113 -2.57 12.55 50.17
C LEU C 1113 -3.50 11.38 50.47
N ASN C 1114 -4.72 11.44 49.95
CA ASN C 1114 -5.70 10.39 50.21
C ASN C 1114 -6.77 10.44 49.12
N GLY C 1115 -7.63 9.43 49.13
CA GLY C 1115 -8.71 9.36 48.17
C GLY C 1115 -9.46 8.06 48.30
N VAL C 1116 -10.48 7.90 47.45
CA VAL C 1116 -11.33 6.73 47.45
C VAL C 1116 -11.34 6.14 46.04
N TYR C 1117 -11.58 4.83 45.97
CA TYR C 1117 -11.52 4.09 44.71
C TYR C 1117 -12.66 3.07 44.71
N VAL C 1118 -13.70 3.34 43.93
CA VAL C 1118 -14.88 2.49 43.87
C VAL C 1118 -14.92 1.81 42.51
N GLU C 1119 -15.08 0.49 42.51
CA GLU C 1119 -15.13 -0.28 41.28
C GLU C 1119 -16.25 -1.30 41.37
N GLY C 1120 -17.10 -1.34 40.35
CA GLY C 1120 -18.18 -2.30 40.30
C GLY C 1120 -18.33 -2.87 38.90
N ALA C 1121 -18.73 -4.14 38.84
CA ALA C 1121 -18.83 -4.86 37.57
C ALA C 1121 -20.19 -5.53 37.44
N TYR C 1122 -20.78 -5.38 36.27
CA TYR C 1122 -21.99 -6.11 35.90
C TYR C 1122 -21.64 -7.04 34.74
N GLN C 1123 -21.82 -8.34 34.94
CA GLN C 1123 -21.37 -9.35 33.98
C GLN C 1123 -19.88 -9.15 33.71
N ASP C 1124 -19.55 -8.65 32.51
CA ASP C 1124 -18.17 -8.36 32.14
C ASP C 1124 -17.95 -6.88 31.83
N LEU C 1125 -18.87 -6.02 32.28
CA LEU C 1125 -18.75 -4.58 32.11
C LEU C 1125 -18.32 -3.97 33.43
N ILE C 1126 -17.18 -3.28 33.42
CA ILE C 1126 -16.55 -2.79 34.65
C ILE C 1126 -16.66 -1.27 34.69
N PHE C 1127 -17.17 -0.74 35.79
CA PHE C 1127 -17.22 0.69 36.06
C PHE C 1127 -16.15 1.02 37.09
N SER C 1128 -15.32 2.01 36.79
CA SER C 1128 -14.26 2.43 37.69
C SER C 1128 -14.39 3.91 37.99
N TYR C 1129 -14.33 4.26 39.28
CA TYR C 1129 -14.41 5.64 39.72
C TYR C 1129 -13.35 5.88 40.78
N GLY C 1130 -12.82 7.10 40.81
CA GLY C 1130 -11.83 7.46 41.79
C GLY C 1130 -11.58 8.95 41.90
N THR C 1131 -11.59 9.47 43.12
CA THR C 1131 -11.29 10.88 43.38
C THR C 1131 -10.22 10.98 44.46
N TYR C 1132 -9.27 11.88 44.26
CA TYR C 1132 -8.11 11.98 45.13
C TYR C 1132 -7.79 13.44 45.40
N THR C 1133 -6.97 13.67 46.41
CA THR C 1133 -6.66 15.02 46.87
C THR C 1133 -5.28 15.03 47.51
N LEU C 1134 -4.42 15.94 47.06
CA LEU C 1134 -3.08 16.11 47.59
C LEU C 1134 -2.89 17.54 48.04
N SER C 1135 -2.48 17.71 49.30
CA SER C 1135 -2.22 19.03 49.87
C SER C 1135 -0.89 19.01 50.59
N GLN C 1136 -0.09 20.06 50.37
CA GLN C 1136 1.23 20.17 51.00
C GLN C 1136 1.37 21.60 51.51
N LYS C 1137 1.07 21.80 52.79
CA LYS C 1137 1.17 23.11 53.43
C LYS C 1137 2.29 23.10 54.45
N ASP C 1138 3.09 24.16 54.45
CA ASP C 1138 4.19 24.30 55.39
C ASP C 1138 3.62 24.61 56.77
N LEU C 1139 4.51 24.90 57.72
CA LEU C 1139 4.07 25.33 59.04
C LEU C 1139 3.31 26.64 58.94
N ASN C 1140 2.55 26.95 59.99
CA ASN C 1140 1.64 28.08 60.12
C ASN C 1140 0.55 28.09 59.04
N GLY C 1141 0.42 27.02 58.25
CA GLY C 1141 -0.74 26.83 57.40
C GLY C 1141 -0.83 27.68 56.15
N VAL C 1142 0.08 27.46 55.21
CA VAL C 1142 0.04 28.12 53.90
C VAL C 1142 -0.02 27.01 52.84
N GLU C 1143 -1.17 26.85 52.21
CA GLU C 1143 -1.37 25.75 51.27
C GLU C 1143 -0.59 26.00 49.98
N TYR C 1144 0.02 24.93 49.45
CA TYR C 1144 0.78 25.01 48.21
C TYR C 1144 0.34 23.99 47.17
N GLY C 1145 -0.80 23.34 47.37
CA GLY C 1145 -1.16 22.20 46.53
C GLY C 1145 -1.40 22.58 45.07
N SER C 1146 -2.16 23.65 44.84
CA SER C 1146 -2.60 23.94 43.48
C SER C 1146 -1.46 24.42 42.60
N GLY C 1147 -0.46 25.08 43.18
CA GLY C 1147 0.63 25.63 42.41
C GLY C 1147 0.42 27.04 41.89
N ILE C 1148 -0.77 27.59 42.06
CA ILE C 1148 -1.07 28.97 41.67
C ILE C 1148 -1.24 29.87 42.88
N ASN C 1149 -0.92 29.36 44.08
CA ASN C 1149 -0.96 30.13 45.32
C ASN C 1149 -2.33 30.75 45.56
N ASN C 1150 -3.38 29.97 45.35
CA ASN C 1150 -4.75 30.38 45.64
C ASN C 1150 -5.29 29.80 46.93
N GLY C 1151 -4.48 29.02 47.65
CA GLY C 1151 -4.92 28.42 48.89
C GLY C 1151 -5.70 27.13 48.74
N GLN C 1152 -5.71 26.53 47.56
CA GLN C 1152 -6.44 25.29 47.32
C GLN C 1152 -5.49 24.14 47.06
N PRO C 1153 -5.84 22.93 47.47
CA PRO C 1153 -4.98 21.76 47.20
C PRO C 1153 -5.19 21.25 45.78
N ALA C 1154 -4.27 20.39 45.35
CA ALA C 1154 -4.44 19.70 44.08
C ALA C 1154 -5.55 18.66 44.19
N ARG C 1155 -6.13 18.32 43.05
CA ARG C 1155 -7.25 17.39 43.04
C ARG C 1155 -7.27 16.64 41.71
N GLY C 1156 -7.94 15.50 41.72
CA GLY C 1156 -8.05 14.67 40.53
C GLY C 1156 -9.25 13.76 40.61
N GLN C 1157 -9.80 13.42 39.45
CA GLN C 1157 -10.99 12.58 39.38
C GLN C 1157 -10.99 11.87 38.04
N THR C 1158 -11.52 10.64 38.04
CA THR C 1158 -11.54 9.84 36.82
C THR C 1158 -12.70 8.85 36.88
N PHE C 1159 -13.47 8.78 35.80
CA PHE C 1159 -14.53 7.80 35.63
C PHE C 1159 -14.27 7.03 34.34
N LYS C 1160 -14.31 5.71 34.42
CA LYS C 1160 -13.94 4.87 33.30
C LYS C 1160 -14.86 3.67 33.21
N ILE C 1161 -15.31 3.36 31.99
CA ILE C 1161 -16.11 2.17 31.71
C ILE C 1161 -15.30 1.29 30.78
N SER C 1162 -15.06 0.04 31.19
CA SER C 1162 -14.23 -0.88 30.44
C SER C 1162 -15.06 -2.06 29.98
N TYR C 1163 -14.73 -2.57 28.78
CA TYR C 1163 -15.45 -3.70 28.21
C TYR C 1163 -14.51 -4.37 27.20
N LYS C 1164 -14.11 -5.61 27.48
CA LYS C 1164 -13.17 -6.33 26.65
C LYS C 1164 -13.91 -7.41 25.87
N VAL C 1165 -13.76 -7.39 24.54
CA VAL C 1165 -14.45 -8.32 23.66
C VAL C 1165 -13.43 -9.04 22.80
N ASN C 1166 -13.75 -10.29 22.46
CA ASN C 1166 -12.91 -11.10 21.59
C ASN C 1166 -13.78 -11.72 20.49
N PHE C 1167 -13.23 -11.79 19.29
CA PHE C 1167 -13.96 -12.34 18.15
C PHE C 1167 -14.07 -13.85 18.24
CA CA D . -30.03 14.15 -20.12
CA CA E . -12.31 17.49 7.02
CA CA F . -18.29 16.98 25.16
CA CA G . -17.95 15.98 18.66
CA CA H . -38.28 13.03 19.05
CA CA I . -37.14 50.24 4.03
CA CA J . 32.71 -8.77 -18.93
CA CA K . 5.59 9.16 -20.10
CA CA L . -8.28 9.05 -33.25
CA CA M . -3.07 7.01 -29.28
CA CA N . 2.08 -6.57 -43.91
CA CA O . 29.95 21.74 -50.49
CA CA P . 1.76 6.65 38.19
CA CA Q . 19.27 6.26 10.60
CA CA R . 34.71 -3.79 6.49
CA CA S . 28.81 -1.94 9.20
CA CA T . 34.27 -13.18 25.63
CA CA U . 42.43 23.76 39.35
#